data_8X6L
#
_entry.id   8X6L
#
loop_
_entity.id
_entity.type
_entity.pdbx_description
1 polymer 'Protein arginine N-methyltransferase 5'
2 polymer 'Methylosome protein WDR77'
3 non-polymer S-ADENOSYLMETHIONINE
4 non-polymer GLYCEROL
5 non-polymer 1-ethyl-8-[(2-methoxy-7-azaspiro[3.5]nonan-7-yl)carbonyl]-4-[2-oxidanylidene-2-[(3~{S})-1,2,3,4-tetrahydroisoquinolin-3-yl]ethyl]-2,3-dihydro-1,4-benzodiazepin-5-one
#
loop_
_entity_poly.entity_id
_entity_poly.type
_entity_poly.pdbx_seq_one_letter_code
_entity_poly.pdbx_strand_id
1 'polypeptide(L)'
;MAAMAVGGAGGSRVSSGRDLNCVPEIADTLGAVAKQGFDFLCMPVFHPRFKREFIQEPAKNRPGPQTRSDLLLSGRDWNT
LIVGKLSPWIRPDSKVEKIRRNSEAAMLQELNFGAYLGLPAFLLPLNQEDNTNLARVLTNHIHTGHHSSMFWMRVPLVAP
EDLRDDIIENAPTTHTEEYSGEEKTWMWWHNFRTLCDYSKRIAVALEIGADLPSNHVIDRWLGEPIKAAILPTSIFLTNK
KGFPVLSKMHQRLIFRLLKLEVQFIITGTNHHSEKEFCSYLQYLEYLSQNRPPPNAYELFAKGYEDYLQSPLQPLMDNLE
SQTYEVFEKDPIKYSQYQQAIYKCLLDRVPEEEKDTNVQVLMVLGAGRGPLVNASLRAAKQADRRIKLYAVEKNPNAVVT
LENWQFEEWGSQVTVVSSDMREWVAPEKADIIVSELLGSFADNELSPECLDGAQHFLKDDGVSIPGEYTSFLAPISSSKL
YNEVRACREKDRDPEAQFEMPYVVRLHNFHQLSAPQPCFTFSHPNRDPMIDNNRYCTLEFPVEVNTVLHGFAGYFETVLY
QDITLSIRPETHSPGMFSWFPILFPIKQPITVREGQTICVRFWRCSNSKKVWYEWAVTAPVCSAIHNPTGRSYTIGL
;
A,C,E,F
2 'polypeptide(L)'
;MRKETPPPLVPPAAREWNLPPNAPACMERQLEAARYRSDGALLLGASSLSGRCWAGSLWLFKDPCAAPNEGFCSAGVQTE
AGVADLTWVGERGILVASDSGAVELWELDENETLIVSKFCKYEHDDIVSTVSVLSSGTQAVSGSKDICIKVWDLAQQVVL
SSYRAHAAQVTCVAASPHKDSVFLSCSEDNRILLWDTRCPKPASQIGCSAPGYLPTSLAWHPQQSEVFVFGDENGTVSLV
DTKSTSCVLSSAVHSQCVTGLVFSPHSVPFLASLSEDCSLAVLDSSLSELFRSQAHRDFVRDATWSPLNHSLLTTVGWDH
QVVHHVVPTEPLPAPGPASVTE
;
B,D,G,H
#
# COMPACT_ATOMS: atom_id res chain seq x y z
N ARG A 13 -36.12 15.73 -20.58
CA ARG A 13 -36.80 14.44 -20.45
C ARG A 13 -36.14 13.54 -19.42
N VAL A 14 -36.91 12.56 -18.94
CA VAL A 14 -36.42 11.53 -18.04
C VAL A 14 -36.55 10.19 -18.73
N SER A 15 -35.51 9.39 -18.65
CA SER A 15 -35.48 8.09 -19.29
C SER A 15 -36.73 7.31 -18.91
N SER A 16 -37.08 6.31 -19.70
CA SER A 16 -38.19 5.44 -19.37
C SER A 16 -38.28 4.31 -20.37
N GLY A 17 -38.43 3.09 -19.88
CA GLY A 17 -38.44 1.94 -20.74
C GLY A 17 -39.51 0.95 -20.35
N ARG A 18 -39.92 0.16 -21.31
CA ARG A 18 -40.97 -0.82 -21.13
C ARG A 18 -40.38 -2.09 -20.56
N ASP A 19 -40.98 -2.59 -19.49
CA ASP A 19 -40.67 -3.91 -18.99
C ASP A 19 -41.54 -4.93 -19.72
N LEU A 20 -40.91 -5.93 -20.31
CA LEU A 20 -41.61 -6.92 -21.08
C LEU A 20 -41.38 -8.30 -20.48
N ASN A 21 -42.25 -9.23 -20.88
CA ASN A 21 -42.04 -10.64 -20.63
C ASN A 21 -42.47 -11.44 -21.85
N CYS A 22 -42.88 -10.75 -22.91
CA CYS A 22 -43.30 -11.36 -24.16
C CYS A 22 -42.62 -10.60 -25.28
N VAL A 23 -41.51 -11.14 -25.76
CA VAL A 23 -40.82 -10.62 -26.93
C VAL A 23 -40.67 -11.77 -27.91
N PRO A 24 -41.66 -12.02 -28.74
CA PRO A 24 -41.53 -13.10 -29.73
C PRO A 24 -40.45 -12.78 -30.74
N GLU A 25 -40.45 -11.55 -31.23
CA GLU A 25 -39.43 -11.07 -32.17
C GLU A 25 -38.73 -9.88 -31.53
N ILE A 26 -37.42 -10.03 -31.29
CA ILE A 26 -36.69 -9.01 -30.55
C ILE A 26 -36.66 -7.70 -31.32
N ALA A 27 -36.40 -7.78 -32.63
CA ALA A 27 -36.31 -6.58 -33.45
C ALA A 27 -37.66 -5.88 -33.57
N ASP A 28 -38.72 -6.64 -33.86
CA ASP A 28 -40.04 -6.04 -33.96
C ASP A 28 -40.44 -5.36 -32.66
N THR A 29 -40.25 -6.05 -31.54
CA THR A 29 -40.64 -5.51 -30.25
C THR A 29 -39.87 -4.24 -29.92
N LEU A 30 -38.56 -4.25 -30.13
CA LEU A 30 -37.80 -3.06 -29.82
C LEU A 30 -38.19 -1.91 -30.73
N GLY A 31 -38.52 -2.21 -31.99
CA GLY A 31 -39.00 -1.16 -32.86
C GLY A 31 -40.31 -0.56 -32.36
N ALA A 32 -41.24 -1.42 -31.92
CA ALA A 32 -42.51 -0.92 -31.43
C ALA A 32 -42.32 -0.05 -30.19
N VAL A 33 -41.48 -0.48 -29.26
CA VAL A 33 -41.31 0.36 -28.07
C VAL A 33 -40.66 1.67 -28.49
N ALA A 34 -39.68 1.65 -29.39
CA ALA A 34 -39.06 2.91 -29.78
C ALA A 34 -40.09 3.85 -30.38
N LYS A 35 -40.98 3.35 -31.23
CA LYS A 35 -42.05 4.19 -31.75
C LYS A 35 -42.92 4.75 -30.63
N GLN A 36 -43.27 3.91 -29.64
CA GLN A 36 -44.08 4.40 -28.53
C GLN A 36 -43.38 5.50 -27.75
N GLY A 37 -42.08 5.64 -27.91
CA GLY A 37 -41.34 6.71 -27.28
C GLY A 37 -40.44 6.31 -26.15
N PHE A 38 -40.44 5.04 -25.76
CA PHE A 38 -39.57 4.59 -24.69
C PHE A 38 -38.12 4.79 -25.13
N ASP A 39 -37.20 4.74 -24.17
CA ASP A 39 -35.79 4.84 -24.52
C ASP A 39 -35.12 3.47 -24.53
N PHE A 40 -35.48 2.60 -23.60
CA PHE A 40 -34.81 1.32 -23.46
C PHE A 40 -35.87 0.25 -23.21
N LEU A 41 -35.43 -0.98 -23.00
CA LEU A 41 -36.32 -2.11 -22.85
C LEU A 41 -35.73 -3.08 -21.85
N CYS A 42 -36.55 -3.60 -20.95
CA CYS A 42 -36.13 -4.61 -19.99
C CYS A 42 -36.77 -5.93 -20.40
N MET A 43 -35.94 -6.86 -20.86
CA MET A 43 -36.42 -8.08 -21.49
C MET A 43 -35.71 -9.27 -20.87
N PRO A 44 -36.29 -10.47 -20.99
CA PRO A 44 -35.58 -11.67 -20.55
C PRO A 44 -34.58 -12.10 -21.60
N VAL A 45 -33.43 -12.60 -21.15
CA VAL A 45 -32.40 -13.02 -22.08
C VAL A 45 -32.50 -14.50 -22.42
N PHE A 46 -32.74 -15.37 -21.46
CA PHE A 46 -33.18 -16.73 -21.71
C PHE A 46 -34.68 -16.76 -21.52
N HIS A 47 -35.36 -17.61 -22.28
CA HIS A 47 -36.82 -17.59 -22.23
C HIS A 47 -37.30 -17.81 -20.80
N PRO A 48 -38.40 -17.18 -20.40
CA PRO A 48 -38.83 -17.28 -18.99
C PRO A 48 -39.17 -18.69 -18.53
N ARG A 49 -39.92 -19.44 -19.33
CA ARG A 49 -40.38 -20.76 -18.96
C ARG A 49 -39.41 -21.85 -19.37
N PHE A 50 -38.24 -21.49 -19.86
CA PHE A 50 -37.27 -22.46 -20.35
C PHE A 50 -36.42 -22.92 -19.18
N LYS A 51 -36.91 -23.94 -18.48
CA LYS A 51 -36.16 -24.46 -17.34
C LYS A 51 -35.03 -25.36 -17.82
N ARG A 52 -33.82 -24.93 -17.54
CA ARG A 52 -32.62 -25.64 -17.98
C ARG A 52 -31.97 -26.30 -16.77
N GLU A 53 -31.77 -27.61 -16.86
CA GLU A 53 -31.17 -28.36 -15.80
C GLU A 53 -29.69 -28.58 -16.08
N PHE A 54 -28.86 -28.34 -15.06
CA PHE A 54 -27.42 -28.44 -15.20
C PHE A 54 -26.79 -29.56 -14.41
N ILE A 55 -27.56 -30.55 -13.95
CA ILE A 55 -27.07 -31.54 -13.02
C ILE A 55 -27.18 -32.95 -13.59
N GLN A 56 -28.40 -33.41 -13.85
CA GLN A 56 -28.62 -34.82 -14.14
C GLN A 56 -29.33 -35.01 -15.48
N GLU A 57 -28.85 -36.00 -16.23
CA GLU A 57 -29.40 -36.42 -17.51
C GLU A 57 -30.78 -37.02 -17.32
N PRO A 58 -31.55 -37.16 -18.38
CA PRO A 58 -31.10 -36.74 -19.71
C PRO A 58 -31.45 -35.28 -20.01
N ALA A 59 -32.01 -34.57 -19.03
CA ALA A 59 -32.37 -33.17 -19.24
C ALA A 59 -31.14 -32.28 -19.29
N LYS A 60 -30.02 -32.75 -18.76
CA LYS A 60 -28.79 -31.96 -18.76
C LYS A 60 -28.31 -31.69 -20.18
N ASN A 61 -28.84 -32.42 -21.15
CA ASN A 61 -28.31 -32.43 -22.51
C ASN A 61 -29.30 -31.94 -23.55
N ARG A 62 -30.20 -31.01 -23.23
CA ARG A 62 -31.11 -30.54 -24.25
C ARG A 62 -30.27 -29.85 -25.32
N PRO A 63 -30.33 -30.28 -26.57
CA PRO A 63 -29.43 -29.70 -27.58
C PRO A 63 -29.70 -28.21 -27.70
N GLY A 64 -28.66 -27.46 -28.03
CA GLY A 64 -28.78 -26.04 -28.17
C GLY A 64 -29.63 -25.67 -29.36
N PRO A 65 -29.78 -24.38 -29.62
CA PRO A 65 -29.15 -23.33 -28.83
C PRO A 65 -29.78 -23.19 -27.45
N GLN A 66 -29.34 -22.19 -26.69
CA GLN A 66 -29.95 -21.92 -25.40
C GLN A 66 -30.86 -20.71 -25.44
N THR A 67 -30.57 -19.74 -26.30
CA THR A 67 -31.30 -18.48 -26.29
C THR A 67 -31.22 -17.85 -27.67
N ARG A 68 -31.78 -16.65 -27.81
CA ARG A 68 -31.67 -15.87 -29.02
C ARG A 68 -30.21 -15.57 -29.35
N SER A 69 -29.88 -15.66 -30.63
CA SER A 69 -28.51 -15.48 -31.04
C SER A 69 -28.04 -14.09 -30.64
N ASP A 70 -26.75 -13.98 -30.37
CA ASP A 70 -26.14 -12.70 -30.05
C ASP A 70 -26.35 -11.66 -31.13
N LEU A 71 -26.55 -12.10 -32.37
CA LEU A 71 -26.44 -11.20 -33.51
C LEU A 71 -27.75 -10.52 -33.86
N LEU A 72 -28.85 -10.84 -33.19
CA LEU A 72 -30.14 -10.24 -33.53
C LEU A 72 -30.10 -8.72 -33.42
N LEU A 73 -29.17 -8.17 -32.65
CA LEU A 73 -28.96 -6.74 -32.60
C LEU A 73 -27.46 -6.48 -32.69
N SER A 74 -27.12 -5.24 -33.00
CA SER A 74 -25.72 -4.86 -33.00
C SER A 74 -25.27 -4.52 -31.59
N GLY A 75 -23.98 -4.71 -31.34
CA GLY A 75 -23.40 -4.34 -30.06
C GLY A 75 -23.95 -3.04 -29.52
N ARG A 76 -24.23 -2.08 -30.38
CA ARG A 76 -24.76 -0.81 -29.92
C ARG A 76 -26.17 -0.94 -29.37
N ASP A 77 -27.04 -1.65 -30.09
CA ASP A 77 -28.39 -1.85 -29.56
C ASP A 77 -28.34 -2.62 -28.26
N TRP A 78 -27.61 -3.73 -28.22
CA TRP A 78 -27.48 -4.50 -26.98
C TRP A 78 -27.01 -3.61 -25.84
N ASN A 79 -26.03 -2.76 -26.11
CA ASN A 79 -25.40 -2.04 -25.02
C ASN A 79 -26.20 -0.85 -24.55
N THR A 80 -26.90 -0.18 -25.45
CA THR A 80 -27.56 1.06 -25.06
C THR A 80 -29.03 0.91 -24.76
N LEU A 81 -29.74 0.01 -25.45
CA LEU A 81 -31.18 -0.06 -25.24
C LEU A 81 -31.61 -1.09 -24.22
N ILE A 82 -31.10 -2.31 -24.28
CA ILE A 82 -31.70 -3.44 -23.60
C ILE A 82 -31.24 -3.44 -22.14
N VAL A 83 -32.07 -4.01 -21.29
CA VAL A 83 -31.72 -4.32 -19.90
C VAL A 83 -32.23 -5.73 -19.61
N GLY A 84 -31.37 -6.61 -19.16
CA GLY A 84 -31.74 -8.00 -19.02
C GLY A 84 -32.61 -8.24 -17.81
N LYS A 85 -33.14 -9.45 -17.73
CA LYS A 85 -33.94 -9.87 -16.58
C LYS A 85 -33.50 -11.27 -16.15
N LEU A 86 -33.48 -11.51 -14.84
CA LEU A 86 -33.14 -12.82 -14.33
C LEU A 86 -34.37 -13.70 -14.27
N SER A 87 -34.31 -14.83 -14.95
CA SER A 87 -35.51 -15.62 -15.23
C SER A 87 -36.33 -15.83 -13.97
N PRO A 88 -37.66 -15.87 -14.06
CA PRO A 88 -38.47 -16.11 -12.84
C PRO A 88 -38.17 -17.43 -12.15
N TRP A 89 -37.92 -18.51 -12.87
CA TRP A 89 -37.78 -19.82 -12.22
C TRP A 89 -36.55 -19.89 -11.33
N ILE A 90 -35.48 -19.19 -11.69
CA ILE A 90 -34.26 -19.16 -10.90
C ILE A 90 -34.62 -18.72 -9.48
N ARG A 91 -34.35 -19.58 -8.49
CA ARG A 91 -34.59 -19.26 -7.09
C ARG A 91 -33.42 -19.76 -6.25
N PRO A 92 -32.29 -19.05 -6.28
CA PRO A 92 -31.09 -19.56 -5.64
C PRO A 92 -31.20 -19.68 -4.13
N ASP A 93 -32.35 -19.41 -3.54
CA ASP A 93 -32.51 -19.55 -2.11
C ASP A 93 -33.63 -20.52 -1.73
N SER A 94 -34.15 -21.26 -2.70
CA SER A 94 -35.12 -22.29 -2.37
C SER A 94 -34.49 -23.29 -1.43
N LYS A 95 -35.33 -24.00 -0.68
CA LYS A 95 -34.81 -24.92 0.30
C LYS A 95 -34.34 -26.21 -0.33
N VAL A 96 -35.07 -26.75 -1.30
CA VAL A 96 -34.65 -27.96 -1.99
C VAL A 96 -33.19 -27.81 -2.41
N GLU A 97 -32.37 -28.78 -2.06
CA GLU A 97 -30.96 -28.72 -2.44
C GLU A 97 -30.82 -28.74 -3.96
N LYS A 98 -31.58 -29.60 -4.62
CA LYS A 98 -31.48 -29.66 -6.08
C LYS A 98 -31.78 -28.31 -6.70
N ILE A 99 -32.85 -27.65 -6.23
CA ILE A 99 -33.20 -26.36 -6.80
C ILE A 99 -32.17 -25.32 -6.44
N ARG A 100 -31.58 -25.42 -5.25
CA ARG A 100 -30.51 -24.49 -4.92
C ARG A 100 -29.37 -24.59 -5.91
N ARG A 101 -28.95 -25.82 -6.23
CA ARG A 101 -27.80 -25.99 -7.10
C ARG A 101 -28.12 -25.63 -8.54
N ASN A 102 -29.30 -26.03 -9.01
CA ASN A 102 -29.74 -25.64 -10.34
C ASN A 102 -29.82 -24.13 -10.46
N SER A 103 -30.35 -23.46 -9.44
CA SER A 103 -30.51 -22.02 -9.50
C SER A 103 -29.16 -21.32 -9.46
N GLU A 104 -28.23 -21.82 -8.66
CA GLU A 104 -26.89 -21.26 -8.69
C GLU A 104 -26.33 -21.29 -10.11
N ALA A 105 -26.39 -22.47 -10.74
CA ALA A 105 -25.84 -22.60 -12.09
C ALA A 105 -26.57 -21.71 -13.08
N ALA A 106 -27.90 -21.69 -13.03
CA ALA A 106 -28.67 -20.90 -13.98
C ALA A 106 -28.40 -19.42 -13.82
N MET A 107 -28.36 -18.93 -12.59
CA MET A 107 -28.11 -17.51 -12.37
C MET A 107 -26.72 -17.12 -12.84
N LEU A 108 -25.72 -17.96 -12.58
CA LEU A 108 -24.41 -17.65 -13.13
C LEU A 108 -24.48 -17.57 -14.65
N GLN A 109 -25.14 -18.55 -15.27
CA GLN A 109 -25.31 -18.54 -16.71
C GLN A 109 -25.88 -17.22 -17.18
N GLU A 110 -26.99 -16.81 -16.59
CA GLU A 110 -27.73 -15.68 -17.12
C GLU A 110 -26.95 -14.40 -16.92
N LEU A 111 -26.27 -14.26 -15.79
CA LEU A 111 -25.50 -13.05 -15.55
C LEU A 111 -24.31 -12.97 -16.49
N ASN A 112 -23.66 -14.11 -16.76
CA ASN A 112 -22.50 -14.08 -17.64
C ASN A 112 -22.91 -13.81 -19.09
N PHE A 113 -24.03 -14.37 -19.53
CA PHE A 113 -24.53 -14.04 -20.85
C PHE A 113 -24.96 -12.58 -20.95
N GLY A 114 -25.52 -12.03 -19.86
CA GLY A 114 -25.82 -10.61 -19.86
C GLY A 114 -24.59 -9.76 -20.02
N ALA A 115 -23.54 -10.08 -19.26
CA ALA A 115 -22.30 -9.30 -19.39
C ALA A 115 -21.68 -9.45 -20.77
N TYR A 116 -21.69 -10.66 -21.32
CA TYR A 116 -21.21 -10.88 -22.67
C TYR A 116 -21.96 -10.00 -23.68
N LEU A 117 -23.28 -10.10 -23.72
CA LEU A 117 -24.01 -9.19 -24.59
C LEU A 117 -23.66 -7.73 -24.34
N GLY A 118 -23.41 -7.36 -23.09
CA GLY A 118 -23.00 -6.00 -22.80
C GLY A 118 -24.04 -5.20 -22.06
N LEU A 119 -25.17 -5.81 -21.75
CA LEU A 119 -26.32 -5.07 -21.23
C LEU A 119 -25.87 -4.01 -20.23
N PRO A 120 -26.50 -2.85 -20.21
CA PRO A 120 -26.04 -1.80 -19.30
C PRO A 120 -26.62 -1.93 -17.91
N ALA A 121 -27.48 -2.91 -17.67
CA ALA A 121 -27.98 -3.17 -16.32
C ALA A 121 -28.85 -4.41 -16.33
N PHE A 122 -28.97 -5.03 -15.16
CA PHE A 122 -29.56 -6.35 -15.03
C PHE A 122 -30.55 -6.33 -13.88
N LEU A 123 -31.76 -6.87 -14.09
CA LEU A 123 -32.83 -6.74 -13.12
C LEU A 123 -33.04 -8.02 -12.31
N LEU A 124 -32.80 -7.92 -11.00
CA LEU A 124 -32.88 -9.05 -10.09
C LEU A 124 -33.91 -8.74 -9.00
N PRO A 125 -34.73 -9.72 -8.63
CA PRO A 125 -35.79 -9.43 -7.66
C PRO A 125 -35.38 -9.76 -6.23
N LEU A 126 -36.04 -9.12 -5.28
CA LEU A 126 -35.97 -9.47 -3.87
C LEU A 126 -37.39 -9.71 -3.40
N ASN A 127 -37.85 -10.95 -3.48
CA ASN A 127 -39.23 -11.27 -3.14
C ASN A 127 -39.33 -12.16 -1.90
N GLN A 128 -38.29 -12.22 -1.08
CA GLN A 128 -38.40 -12.90 0.20
C GLN A 128 -37.20 -12.50 1.04
N GLU A 129 -37.25 -12.90 2.31
CA GLU A 129 -36.24 -12.45 3.25
C GLU A 129 -34.91 -13.17 3.06
N ASP A 130 -34.96 -14.47 2.78
CA ASP A 130 -33.75 -15.30 2.73
C ASP A 130 -33.10 -15.10 1.38
N ASN A 131 -32.19 -14.13 1.27
CA ASN A 131 -31.52 -13.80 0.02
C ASN A 131 -30.01 -13.98 0.11
N THR A 132 -29.54 -14.82 1.03
CA THR A 132 -28.11 -14.91 1.27
C THR A 132 -27.39 -15.62 0.13
N ASN A 133 -27.92 -16.74 -0.32
CA ASN A 133 -27.27 -17.41 -1.44
C ASN A 133 -27.29 -16.53 -2.68
N LEU A 134 -28.36 -15.78 -2.89
CA LEU A 134 -28.43 -14.87 -4.02
C LEU A 134 -27.35 -13.82 -3.93
N ALA A 135 -27.17 -13.22 -2.76
CA ALA A 135 -26.11 -12.24 -2.61
C ALA A 135 -24.75 -12.87 -2.86
N ARG A 136 -24.54 -14.10 -2.39
CA ARG A 136 -23.24 -14.75 -2.60
C ARG A 136 -22.97 -14.97 -4.08
N VAL A 137 -23.92 -15.56 -4.79
CA VAL A 137 -23.70 -15.79 -6.21
C VAL A 137 -23.46 -14.48 -6.92
N LEU A 138 -24.18 -13.43 -6.54
CA LEU A 138 -24.04 -12.18 -7.25
C LEU A 138 -22.68 -11.55 -6.97
N THR A 139 -22.18 -11.65 -5.74
CA THR A 139 -20.88 -11.07 -5.48
C THR A 139 -19.77 -11.88 -6.15
N ASN A 140 -19.92 -13.19 -6.20
CA ASN A 140 -18.95 -14.00 -6.94
C ASN A 140 -18.97 -13.66 -8.41
N HIS A 141 -20.12 -13.24 -8.94
CA HIS A 141 -20.14 -12.80 -10.33
C HIS A 141 -19.54 -11.41 -10.49
N ILE A 142 -19.70 -10.55 -9.48
CA ILE A 142 -19.07 -9.24 -9.54
C ILE A 142 -17.57 -9.36 -9.48
N HIS A 143 -17.04 -10.43 -8.90
CA HIS A 143 -15.59 -10.60 -8.77
C HIS A 143 -15.03 -11.64 -9.74
N THR A 144 -15.58 -11.77 -10.93
CA THR A 144 -15.03 -12.68 -11.93
C THR A 144 -15.05 -11.98 -13.28
N GLY A 145 -13.88 -11.70 -13.82
CA GLY A 145 -13.77 -11.06 -15.11
C GLY A 145 -13.96 -9.56 -15.02
N HIS A 146 -13.72 -8.91 -16.14
CA HIS A 146 -13.86 -7.46 -16.26
C HIS A 146 -15.10 -7.21 -17.09
N HIS A 147 -16.14 -6.69 -16.43
CA HIS A 147 -17.40 -6.37 -17.08
C HIS A 147 -18.00 -5.15 -16.40
N SER A 148 -18.99 -4.54 -17.06
CA SER A 148 -19.53 -3.28 -16.57
C SER A 148 -21.05 -3.23 -16.52
N SER A 149 -21.73 -4.37 -16.61
CA SER A 149 -23.15 -4.39 -16.32
C SER A 149 -23.38 -3.88 -14.90
N MET A 150 -24.51 -3.21 -14.69
CA MET A 150 -24.92 -2.78 -13.37
C MET A 150 -26.26 -3.42 -13.01
N PHE A 151 -26.42 -3.79 -11.74
CA PHE A 151 -27.47 -4.71 -11.32
C PHE A 151 -28.55 -3.96 -10.55
N TRP A 152 -29.76 -3.95 -11.09
CA TRP A 152 -30.90 -3.29 -10.48
C TRP A 152 -31.71 -4.34 -9.72
N MET A 153 -31.71 -4.24 -8.40
CA MET A 153 -32.27 -5.27 -7.55
C MET A 153 -33.70 -4.92 -7.20
N ARG A 154 -34.61 -5.18 -8.14
CA ARG A 154 -36.03 -4.88 -8.02
C ARG A 154 -36.54 -5.32 -6.66
N VAL A 155 -37.16 -4.41 -5.92
CA VAL A 155 -37.67 -4.70 -4.58
C VAL A 155 -38.89 -3.83 -4.30
N PRO A 156 -40.06 -4.39 -4.06
CA PRO A 156 -41.26 -3.58 -3.91
C PRO A 156 -41.32 -2.80 -2.60
N LEU A 157 -42.04 -1.68 -2.64
CA LEU A 157 -42.22 -0.91 -1.41
C LEU A 157 -43.00 -1.70 -0.37
N VAL A 158 -44.10 -2.31 -0.78
CA VAL A 158 -44.96 -3.07 0.11
C VAL A 158 -44.99 -4.51 -0.40
N ALA A 159 -44.72 -5.46 0.47
CA ALA A 159 -44.49 -6.80 -0.01
C ALA A 159 -45.75 -7.36 -0.66
N PRO A 160 -45.62 -8.38 -1.50
CA PRO A 160 -46.82 -9.03 -2.04
C PRO A 160 -47.73 -9.56 -0.96
N GLU A 161 -47.16 -10.16 0.08
CA GLU A 161 -47.98 -10.75 1.13
C GLU A 161 -48.74 -9.69 1.91
N ASP A 162 -48.49 -8.43 1.66
CA ASP A 162 -49.27 -7.36 2.27
C ASP A 162 -50.03 -6.52 1.26
N LEU A 163 -49.81 -6.71 -0.04
CA LEU A 163 -50.66 -6.08 -1.03
C LEU A 163 -51.93 -6.86 -1.35
N ARG A 164 -52.08 -8.09 -0.85
CA ARG A 164 -53.13 -8.96 -1.35
C ARG A 164 -54.50 -8.57 -0.82
N ASP A 165 -55.53 -8.87 -1.61
CA ASP A 165 -56.91 -8.62 -1.20
C ASP A 165 -57.35 -9.63 -0.15
N ASP A 166 -58.09 -9.15 0.85
CA ASP A 166 -58.53 -10.00 1.96
C ASP A 166 -59.69 -10.88 1.49
N ILE A 167 -59.33 -12.05 0.96
CA ILE A 167 -60.30 -13.01 0.45
C ILE A 167 -60.07 -14.41 0.97
N ILE A 168 -59.02 -14.64 1.75
CA ILE A 168 -58.78 -15.95 2.35
C ILE A 168 -59.61 -16.02 3.62
N GLU A 169 -60.71 -16.75 3.57
CA GLU A 169 -61.68 -16.76 4.66
C GLU A 169 -61.10 -17.39 5.92
N ASN A 170 -59.97 -18.10 5.79
CA ASN A 170 -59.47 -18.92 6.88
C ASN A 170 -58.14 -18.45 7.45
N ALA A 171 -57.51 -17.43 6.88
CA ALA A 171 -56.19 -16.98 7.31
C ALA A 171 -56.02 -15.49 7.07
N PRO A 172 -56.91 -14.68 7.63
CA PRO A 172 -56.89 -13.25 7.34
C PRO A 172 -55.62 -12.59 7.85
N THR A 173 -55.22 -11.53 7.16
CA THR A 173 -53.99 -10.82 7.48
C THR A 173 -54.11 -10.15 8.84
N THR A 174 -52.96 -9.92 9.49
CA THR A 174 -52.92 -9.16 10.73
C THR A 174 -52.91 -7.66 10.41
N HIS A 175 -54.10 -7.06 10.41
CA HIS A 175 -54.28 -5.67 10.04
C HIS A 175 -53.80 -4.69 11.10
N THR A 176 -53.61 -5.15 12.33
CA THR A 176 -53.24 -4.24 13.41
C THR A 176 -51.91 -3.56 13.10
N GLU A 177 -51.57 -2.56 13.92
CA GLU A 177 -50.33 -1.82 13.76
C GLU A 177 -49.15 -2.79 13.70
N GLU A 178 -48.45 -2.79 12.58
CA GLU A 178 -47.20 -3.53 12.43
C GLU A 178 -46.18 -2.56 11.87
N TYR A 179 -45.53 -1.79 12.75
CA TYR A 179 -44.70 -0.69 12.28
C TYR A 179 -43.63 -1.17 11.33
N SER A 180 -42.68 -1.97 11.81
CA SER A 180 -41.62 -2.47 10.95
C SER A 180 -42.11 -3.64 10.11
N GLY A 181 -43.28 -4.19 10.46
CA GLY A 181 -43.94 -5.09 9.53
C GLY A 181 -44.29 -4.39 8.24
N GLU A 182 -44.37 -3.06 8.28
CA GLU A 182 -44.51 -2.24 7.09
C GLU A 182 -43.17 -1.87 6.47
N GLU A 183 -42.06 -2.12 7.17
CA GLU A 183 -40.71 -1.84 6.68
C GLU A 183 -39.95 -3.10 6.33
N LYS A 184 -40.59 -4.26 6.38
CA LYS A 184 -39.86 -5.48 6.09
C LYS A 184 -39.11 -5.40 4.78
N THR A 185 -39.65 -4.67 3.81
CA THR A 185 -39.03 -4.66 2.49
C THR A 185 -37.71 -3.91 2.50
N TRP A 186 -37.65 -2.75 3.15
CA TRP A 186 -36.38 -2.06 3.18
C TRP A 186 -35.33 -2.90 3.88
N MET A 187 -35.73 -3.66 4.90
N MET A 187 -35.73 -3.67 4.89
CA MET A 187 -34.78 -4.55 5.56
CA MET A 187 -34.74 -4.53 5.54
C MET A 187 -34.33 -5.65 4.62
C MET A 187 -34.32 -5.67 4.63
N TRP A 188 -35.23 -6.19 3.80
CA TRP A 188 -34.82 -7.15 2.79
C TRP A 188 -33.67 -6.58 1.98
N TRP A 189 -33.87 -5.37 1.47
CA TRP A 189 -32.85 -4.75 0.64
C TRP A 189 -31.60 -4.47 1.44
N HIS A 190 -31.75 -4.03 2.68
CA HIS A 190 -30.59 -3.69 3.47
C HIS A 190 -29.72 -4.91 3.74
N ASN A 191 -30.33 -6.04 4.05
CA ASN A 191 -29.57 -7.26 4.23
C ASN A 191 -28.91 -7.68 2.94
N PHE A 192 -29.63 -7.64 1.82
CA PHE A 192 -28.98 -8.01 0.57
C PHE A 192 -27.77 -7.13 0.33
N ARG A 193 -27.95 -5.83 0.45
CA ARG A 193 -26.85 -4.93 0.12
C ARG A 193 -25.68 -5.12 1.04
N THR A 194 -25.92 -5.29 2.35
CA THR A 194 -24.80 -5.46 3.27
C THR A 194 -24.06 -6.75 3.01
N LEU A 195 -24.78 -7.83 2.67
CA LEU A 195 -24.07 -9.04 2.27
C LEU A 195 -23.18 -8.77 1.09
N CYS A 196 -23.74 -8.21 0.02
CA CYS A 196 -22.94 -7.93 -1.17
C CYS A 196 -21.97 -6.79 -0.95
N ASP A 197 -21.87 -6.27 0.26
CA ASP A 197 -20.82 -5.34 0.63
C ASP A 197 -20.92 -4.03 -0.12
N TYR A 198 -22.08 -3.38 -0.03
CA TYR A 198 -22.26 -2.03 -0.55
C TYR A 198 -21.68 -1.85 -1.94
N SER A 199 -21.62 -2.92 -2.72
CA SER A 199 -20.93 -2.84 -3.99
C SER A 199 -21.54 -1.76 -4.84
N LYS A 200 -20.71 -0.90 -5.41
CA LYS A 200 -21.20 0.20 -6.22
C LYS A 200 -21.86 -0.28 -7.50
N ARG A 201 -21.98 -1.58 -7.69
CA ARG A 201 -22.63 -2.15 -8.85
C ARG A 201 -23.96 -2.79 -8.53
N ILE A 202 -24.48 -2.58 -7.32
CA ILE A 202 -25.81 -3.00 -6.93
C ILE A 202 -26.62 -1.76 -6.62
N ALA A 203 -27.74 -1.60 -7.29
CA ALA A 203 -28.62 -0.46 -7.10
C ALA A 203 -30.06 -0.92 -7.15
N VAL A 204 -30.95 -0.12 -6.57
CA VAL A 204 -32.32 -0.54 -6.33
C VAL A 204 -33.18 -0.13 -7.51
N ALA A 205 -34.28 -0.82 -7.71
CA ALA A 205 -35.33 -0.42 -8.65
C ALA A 205 -36.65 -0.45 -7.89
N LEU A 206 -36.95 0.63 -7.20
CA LEU A 206 -38.05 0.70 -6.26
C LEU A 206 -39.38 0.55 -6.98
N GLU A 207 -40.05 -0.59 -6.82
CA GLU A 207 -41.41 -0.74 -7.31
C GLU A 207 -42.33 0.23 -6.59
N ILE A 208 -43.35 0.73 -7.29
CA ILE A 208 -44.32 1.64 -6.69
C ILE A 208 -45.69 0.97 -6.73
N GLY A 209 -46.12 0.46 -5.59
CA GLY A 209 -47.45 -0.12 -5.49
C GLY A 209 -48.51 0.93 -5.31
N ALA A 210 -49.76 0.52 -5.52
CA ALA A 210 -50.86 1.49 -5.55
C ALA A 210 -50.95 2.26 -4.24
N ASP A 211 -50.65 1.63 -3.11
CA ASP A 211 -50.77 2.27 -1.82
C ASP A 211 -49.37 2.49 -1.24
N LEU A 212 -49.00 3.75 -1.05
CA LEU A 212 -47.69 4.07 -0.55
C LEU A 212 -47.59 3.80 0.95
N PRO A 213 -46.39 3.67 1.49
CA PRO A 213 -46.22 3.66 2.95
C PRO A 213 -46.14 5.09 3.49
N SER A 214 -45.84 5.17 4.78
CA SER A 214 -45.86 6.46 5.45
C SER A 214 -44.78 7.37 4.89
N ASN A 215 -44.74 8.60 5.40
CA ASN A 215 -43.78 9.58 4.93
C ASN A 215 -42.35 9.22 5.31
N HIS A 216 -42.15 8.71 6.52
CA HIS A 216 -40.79 8.41 6.96
C HIS A 216 -40.15 7.36 6.07
N VAL A 217 -40.89 6.31 5.73
CA VAL A 217 -40.31 5.26 4.90
C VAL A 217 -39.94 5.79 3.52
N ILE A 218 -40.80 6.58 2.90
CA ILE A 218 -40.45 7.10 1.58
C ILE A 218 -39.34 8.13 1.67
N ASP A 219 -39.06 8.61 2.88
CA ASP A 219 -37.79 9.29 3.08
C ASP A 219 -36.65 8.28 3.17
N ARG A 220 -36.93 7.11 3.74
CA ARG A 220 -35.97 6.01 3.80
C ARG A 220 -35.37 5.70 2.45
N TRP A 221 -36.19 5.27 1.50
CA TRP A 221 -35.67 4.78 0.25
C TRP A 221 -34.88 5.82 -0.52
N LEU A 222 -35.03 7.09 -0.22
CA LEU A 222 -34.04 8.04 -0.70
C LEU A 222 -32.79 7.93 0.15
N GLY A 223 -31.67 8.36 -0.39
CA GLY A 223 -30.41 7.95 0.17
C GLY A 223 -30.00 6.56 -0.22
N GLU A 224 -30.94 5.71 -0.57
CA GLU A 224 -30.71 4.40 -1.14
C GLU A 224 -30.56 4.50 -2.65
N PRO A 225 -29.54 3.94 -3.23
CA PRO A 225 -29.21 4.29 -4.61
C PRO A 225 -30.31 3.81 -5.52
N ILE A 226 -31.45 4.48 -5.50
CA ILE A 226 -32.56 4.13 -6.37
C ILE A 226 -32.15 4.48 -7.79
N LYS A 227 -32.15 3.49 -8.68
CA LYS A 227 -31.75 3.72 -10.06
C LYS A 227 -32.90 3.65 -11.05
N ALA A 228 -34.08 3.18 -10.63
CA ALA A 228 -35.23 3.17 -11.50
C ALA A 228 -36.46 2.80 -10.69
N ALA A 229 -37.49 3.63 -10.78
CA ALA A 229 -38.76 3.35 -10.14
C ALA A 229 -39.67 2.68 -11.14
N ILE A 230 -40.28 1.57 -10.74
CA ILE A 230 -41.04 0.72 -11.64
C ILE A 230 -42.51 0.95 -11.38
N LEU A 231 -43.17 1.63 -12.31
CA LEU A 231 -44.59 1.94 -12.17
C LEU A 231 -45.40 0.93 -12.95
N PRO A 232 -46.22 0.11 -12.33
CA PRO A 232 -47.15 -0.74 -13.09
C PRO A 232 -48.25 0.09 -13.72
N THR A 233 -48.86 -0.44 -14.79
CA THR A 233 -50.03 0.24 -15.32
C THR A 233 -51.27 -0.08 -14.52
N SER A 234 -51.12 -0.77 -13.39
CA SER A 234 -52.27 -1.01 -12.52
C SER A 234 -52.53 0.12 -11.55
N ILE A 235 -51.60 1.09 -11.43
CA ILE A 235 -51.80 2.18 -10.48
C ILE A 235 -52.26 3.47 -11.13
N PHE A 236 -52.39 3.50 -12.45
CA PHE A 236 -52.79 4.72 -13.13
C PHE A 236 -54.31 4.86 -13.09
N LEU A 237 -54.78 5.94 -12.49
CA LEU A 237 -56.21 6.22 -12.47
C LEU A 237 -56.69 6.66 -13.84
N THR A 238 -58.00 6.74 -13.99
CA THR A 238 -58.62 7.19 -15.23
C THR A 238 -59.29 8.55 -15.01
N ASN A 239 -59.00 9.48 -15.90
CA ASN A 239 -59.59 10.81 -15.82
C ASN A 239 -60.82 10.88 -16.71
N LYS A 240 -61.62 11.93 -16.52
CA LYS A 240 -62.91 12.04 -17.19
C LYS A 240 -62.77 12.01 -18.71
N LYS A 241 -61.67 12.52 -19.26
CA LYS A 241 -61.42 12.43 -20.69
C LYS A 241 -61.01 11.04 -21.13
N GLY A 242 -60.78 10.13 -20.19
CA GLY A 242 -60.43 8.76 -20.52
C GLY A 242 -58.95 8.46 -20.56
N PHE A 243 -58.12 9.21 -19.84
CA PHE A 243 -56.68 8.97 -19.88
C PHE A 243 -56.11 8.84 -18.47
N PRO A 244 -54.94 8.20 -18.33
CA PRO A 244 -54.39 7.93 -17.00
C PRO A 244 -53.83 9.19 -16.35
N VAL A 245 -54.04 9.28 -15.05
CA VAL A 245 -53.42 10.29 -14.20
C VAL A 245 -53.13 9.65 -12.85
N LEU A 246 -52.28 10.30 -12.06
CA LEU A 246 -51.87 9.75 -10.78
C LEU A 246 -52.31 10.66 -9.66
N SER A 247 -52.75 10.05 -8.56
CA SER A 247 -53.27 10.82 -7.44
C SER A 247 -52.22 11.81 -6.96
N LYS A 248 -52.65 12.71 -6.06
CA LYS A 248 -51.77 13.79 -5.63
C LYS A 248 -50.52 13.25 -4.94
N MET A 249 -50.68 12.27 -4.07
CA MET A 249 -49.53 11.72 -3.37
C MET A 249 -48.61 10.91 -4.27
N HIS A 250 -49.16 10.13 -5.19
CA HIS A 250 -48.33 9.47 -6.17
C HIS A 250 -47.53 10.49 -6.97
N GLN A 251 -48.15 11.61 -7.31
CA GLN A 251 -47.42 12.67 -8.00
C GLN A 251 -46.30 13.20 -7.11
N ARG A 252 -46.55 13.33 -5.81
CA ARG A 252 -45.51 13.77 -4.89
C ARG A 252 -44.31 12.83 -4.93
N LEU A 253 -44.58 11.52 -4.84
CA LEU A 253 -43.50 10.55 -4.93
C LEU A 253 -42.78 10.64 -6.26
N ILE A 254 -43.54 10.76 -7.36
CA ILE A 254 -42.94 10.78 -8.68
C ILE A 254 -42.08 12.02 -8.86
N PHE A 255 -42.45 13.12 -8.22
CA PHE A 255 -41.62 14.32 -8.29
C PHE A 255 -40.33 14.13 -7.50
N ARG A 256 -40.42 13.51 -6.32
CA ARG A 256 -39.19 13.19 -5.60
C ARG A 256 -38.26 12.37 -6.47
N LEU A 257 -38.77 11.29 -7.03
CA LEU A 257 -37.93 10.44 -7.87
C LEU A 257 -37.38 11.20 -9.06
N LEU A 258 -38.20 12.04 -9.71
CA LEU A 258 -37.71 12.84 -10.81
C LEU A 258 -36.53 13.71 -10.39
N LYS A 259 -36.62 14.37 -9.25
CA LYS A 259 -35.44 15.04 -8.73
C LYS A 259 -34.27 14.08 -8.70
N LEU A 260 -34.50 12.86 -8.25
CA LEU A 260 -33.39 11.91 -8.10
C LEU A 260 -32.90 11.35 -9.42
N GLU A 261 -33.37 11.88 -10.55
CA GLU A 261 -32.99 11.43 -11.89
C GLU A 261 -32.94 9.91 -11.99
N VAL A 262 -34.08 9.31 -11.73
CA VAL A 262 -34.28 7.88 -11.91
C VAL A 262 -34.80 7.61 -13.32
N GLN A 263 -34.77 6.35 -13.72
CA GLN A 263 -35.31 5.93 -15.00
C GLN A 263 -36.56 5.10 -14.82
N PHE A 264 -37.71 5.70 -15.11
CA PHE A 264 -39.01 5.09 -14.85
C PHE A 264 -39.32 4.00 -15.86
N ILE A 265 -39.96 2.94 -15.39
CA ILE A 265 -40.27 1.78 -16.23
C ILE A 265 -41.76 1.51 -16.13
N ILE A 266 -42.39 1.29 -17.27
CA ILE A 266 -43.83 1.02 -17.33
C ILE A 266 -44.05 -0.46 -17.51
N THR A 267 -44.09 -1.20 -16.41
CA THR A 267 -44.33 -2.63 -16.48
C THR A 267 -45.81 -2.92 -16.33
N GLY A 268 -46.24 -4.02 -16.91
CA GLY A 268 -47.63 -4.40 -16.91
C GLY A 268 -48.26 -4.29 -18.28
N THR A 269 -49.52 -4.70 -18.35
CA THR A 269 -50.26 -4.63 -19.61
C THR A 269 -50.98 -3.29 -19.70
N ASN A 270 -51.48 -3.00 -20.91
CA ASN A 270 -52.31 -1.81 -21.09
C ASN A 270 -53.68 -2.03 -20.46
N HIS A 271 -54.02 -1.18 -19.51
CA HIS A 271 -55.31 -1.24 -18.83
C HIS A 271 -56.28 -0.22 -19.38
N HIS A 272 -55.81 0.73 -20.18
CA HIS A 272 -56.66 1.69 -20.90
C HIS A 272 -56.76 1.19 -22.33
N SER A 273 -57.72 0.30 -22.58
CA SER A 273 -57.88 -0.25 -23.92
C SER A 273 -58.47 0.77 -24.88
N GLU A 274 -59.16 1.79 -24.38
CA GLU A 274 -59.67 2.84 -25.27
C GLU A 274 -58.56 3.54 -26.04
N LYS A 275 -57.45 3.85 -25.37
CA LYS A 275 -56.34 4.56 -25.98
C LYS A 275 -55.12 3.67 -26.09
N GLU A 276 -54.29 3.96 -27.09
CA GLU A 276 -53.04 3.25 -27.28
C GLU A 276 -52.16 3.40 -26.04
N PHE A 277 -51.07 2.63 -26.00
CA PHE A 277 -50.33 2.49 -24.75
C PHE A 277 -49.43 3.69 -24.46
N CYS A 278 -49.09 4.50 -25.45
CA CYS A 278 -48.11 5.55 -25.19
C CYS A 278 -48.60 6.57 -24.17
N SER A 279 -49.90 6.60 -23.89
CA SER A 279 -50.43 7.64 -23.02
C SER A 279 -49.73 7.66 -21.67
N TYR A 280 -49.31 6.50 -21.18
CA TYR A 280 -48.64 6.47 -19.89
C TYR A 280 -47.36 7.28 -19.93
N LEU A 281 -46.49 7.00 -20.90
CA LEU A 281 -45.23 7.74 -20.98
C LEU A 281 -45.50 9.20 -21.28
N GLN A 282 -46.55 9.50 -22.04
CA GLN A 282 -46.94 10.88 -22.22
C GLN A 282 -47.24 11.53 -20.88
N TYR A 283 -47.91 10.81 -19.99
CA TYR A 283 -48.22 11.35 -18.68
C TYR A 283 -46.96 11.59 -17.84
N LEU A 284 -46.00 10.66 -17.89
CA LEU A 284 -44.76 10.89 -17.16
C LEU A 284 -44.06 12.13 -17.67
N GLU A 285 -43.99 12.29 -18.99
CA GLU A 285 -43.39 13.50 -19.53
C GLU A 285 -44.14 14.75 -19.09
N TYR A 286 -45.48 14.68 -19.10
CA TYR A 286 -46.28 15.80 -18.65
C TYR A 286 -45.89 16.21 -17.24
N LEU A 287 -45.84 15.24 -16.33
CA LEU A 287 -45.50 15.55 -14.95
C LEU A 287 -44.08 16.11 -14.83
N SER A 288 -43.13 15.53 -15.57
CA SER A 288 -41.76 16.03 -15.51
C SER A 288 -41.70 17.47 -15.96
N GLN A 289 -42.46 17.82 -17.00
CA GLN A 289 -42.54 19.21 -17.43
C GLN A 289 -43.12 20.10 -16.34
N ASN A 290 -44.14 19.62 -15.63
CA ASN A 290 -44.85 20.46 -14.68
C ASN A 290 -44.22 20.50 -13.30
N ARG A 291 -43.18 19.71 -13.05
CA ARG A 291 -42.62 19.64 -11.72
C ARG A 291 -42.14 21.01 -11.27
N PRO A 292 -42.25 21.33 -9.99
CA PRO A 292 -41.88 22.66 -9.52
C PRO A 292 -40.46 23.01 -9.93
N PRO A 293 -40.25 24.22 -10.44
CA PRO A 293 -38.95 24.57 -11.01
C PRO A 293 -37.84 24.48 -9.98
N PRO A 294 -36.65 24.06 -10.39
CA PRO A 294 -35.49 24.10 -9.49
C PRO A 294 -35.17 25.55 -9.14
N ASN A 295 -34.66 25.75 -7.93
CA ASN A 295 -34.43 27.11 -7.48
C ASN A 295 -33.08 27.62 -7.97
N ALA A 296 -32.77 28.86 -7.57
CA ALA A 296 -31.51 29.48 -7.96
C ALA A 296 -30.32 28.66 -7.50
N TYR A 297 -30.34 28.21 -6.25
CA TYR A 297 -29.24 27.38 -5.76
C TYR A 297 -29.10 26.12 -6.59
N GLU A 298 -30.15 25.31 -6.64
CA GLU A 298 -30.05 24.05 -7.36
C GLU A 298 -29.59 24.22 -8.79
N LEU A 299 -29.95 25.33 -9.43
CA LEU A 299 -29.47 25.57 -10.79
C LEU A 299 -27.95 25.62 -10.82
N PHE A 300 -27.33 26.38 -9.91
CA PHE A 300 -25.87 26.40 -9.86
C PHE A 300 -25.31 25.04 -9.49
N ALA A 301 -25.93 24.37 -8.52
CA ALA A 301 -25.33 23.18 -7.96
C ALA A 301 -25.43 21.98 -8.90
N LYS A 302 -26.29 22.05 -9.92
CA LYS A 302 -26.43 20.91 -10.81
C LYS A 302 -25.09 20.56 -11.45
N GLY A 303 -24.81 19.26 -11.57
CA GLY A 303 -23.51 18.77 -12.03
C GLY A 303 -22.52 18.52 -10.92
N TYR A 304 -23.01 18.49 -9.69
CA TYR A 304 -22.25 18.55 -8.44
C TYR A 304 -22.85 17.65 -7.39
N GLU A 305 -23.87 16.88 -7.74
CA GLU A 305 -24.62 16.15 -6.74
C GLU A 305 -23.83 14.94 -6.24
N ASP A 306 -23.64 14.87 -4.92
CA ASP A 306 -22.98 13.73 -4.31
C ASP A 306 -21.57 13.53 -4.82
N TYR A 307 -20.91 14.63 -5.19
CA TYR A 307 -19.54 14.60 -5.68
C TYR A 307 -18.63 15.16 -4.61
N LEU A 308 -17.84 14.30 -3.98
CA LEU A 308 -17.01 14.68 -2.86
C LEU A 308 -15.79 15.47 -3.32
N GLN A 309 -15.52 16.56 -2.63
CA GLN A 309 -14.41 17.44 -2.95
C GLN A 309 -13.56 17.65 -1.72
N SER A 310 -12.27 17.41 -1.83
CA SER A 310 -11.41 17.62 -0.67
C SER A 310 -11.34 19.11 -0.34
N PRO A 311 -11.56 19.48 0.93
CA PRO A 311 -11.68 20.89 1.26
C PRO A 311 -10.39 21.63 0.91
N LEU A 312 -10.38 22.94 1.17
CA LEU A 312 -9.23 23.78 0.88
C LEU A 312 -8.26 23.83 2.06
N GLN A 313 -6.98 24.00 1.75
CA GLN A 313 -6.03 24.44 2.75
C GLN A 313 -6.06 25.95 2.77
N PRO A 314 -6.52 26.59 3.83
CA PRO A 314 -6.64 28.05 3.80
C PRO A 314 -5.31 28.78 3.78
N LEU A 315 -4.36 28.37 4.62
CA LEU A 315 -3.12 29.13 4.79
C LEU A 315 -1.93 28.51 4.07
N MET A 316 -2.03 27.25 3.66
CA MET A 316 -0.90 26.64 2.96
C MET A 316 -0.96 26.82 1.45
N ASP A 317 -2.14 26.97 0.86
CA ASP A 317 -2.23 27.14 -0.58
C ASP A 317 -2.71 28.52 -0.95
N ASN A 318 -2.38 28.91 -2.17
CA ASN A 318 -2.83 30.16 -2.76
C ASN A 318 -3.98 29.86 -3.69
N LEU A 319 -5.10 30.54 -3.48
CA LEU A 319 -6.25 30.29 -4.32
C LEU A 319 -5.99 30.79 -5.73
N GLU A 320 -6.27 29.94 -6.71
CA GLU A 320 -6.05 30.23 -8.10
C GLU A 320 -7.21 31.04 -8.67
N SER A 321 -6.95 31.73 -9.77
CA SER A 321 -7.85 32.81 -10.20
C SER A 321 -9.21 32.29 -10.65
N GLN A 322 -9.26 31.08 -11.21
CA GLN A 322 -10.57 30.51 -11.49
C GLN A 322 -11.45 30.49 -10.27
N THR A 323 -10.91 30.09 -9.12
CA THR A 323 -11.71 29.99 -7.91
C THR A 323 -12.26 31.35 -7.50
N TYR A 324 -11.40 32.35 -7.42
CA TYR A 324 -11.89 33.67 -7.07
C TYR A 324 -12.98 34.09 -8.05
N GLU A 325 -12.73 33.93 -9.34
CA GLU A 325 -13.70 34.38 -10.32
C GLU A 325 -15.04 33.71 -10.09
N VAL A 326 -15.05 32.39 -9.95
CA VAL A 326 -16.31 31.66 -9.86
C VAL A 326 -17.03 32.00 -8.58
N PHE A 327 -16.29 32.28 -7.51
CA PHE A 327 -16.96 32.65 -6.27
C PHE A 327 -17.23 34.13 -6.18
N GLU A 328 -16.94 34.89 -7.24
CA GLU A 328 -17.31 36.29 -7.25
C GLU A 328 -18.62 36.52 -7.96
N LYS A 329 -19.27 35.46 -8.42
CA LYS A 329 -20.59 35.53 -9.01
C LYS A 329 -21.71 35.22 -8.01
N ASP A 330 -21.35 34.99 -6.75
CA ASP A 330 -22.36 34.76 -5.72
C ASP A 330 -23.29 35.96 -5.63
N PRO A 331 -24.60 35.76 -5.66
CA PRO A 331 -25.53 36.90 -5.68
C PRO A 331 -25.90 37.45 -4.32
N ILE A 332 -25.55 36.79 -3.21
CA ILE A 332 -26.07 37.22 -1.92
C ILE A 332 -24.97 37.63 -0.93
N LYS A 333 -23.86 36.91 -0.92
CA LYS A 333 -22.84 37.19 0.09
C LYS A 333 -22.36 38.64 0.01
N TYR A 334 -22.14 39.15 -1.20
CA TYR A 334 -21.59 40.49 -1.33
C TYR A 334 -22.64 41.55 -1.05
N SER A 335 -23.89 41.29 -1.43
CA SER A 335 -24.96 42.18 -1.02
C SER A 335 -25.06 42.25 0.51
N GLN A 336 -24.99 41.09 1.15
CA GLN A 336 -25.06 41.07 2.61
C GLN A 336 -23.90 41.84 3.21
N TYR A 337 -22.68 41.66 2.68
CA TYR A 337 -21.53 42.35 3.22
C TYR A 337 -21.68 43.86 3.07
N GLN A 338 -22.14 44.31 1.90
CA GLN A 338 -22.36 45.73 1.69
C GLN A 338 -23.39 46.27 2.67
N GLN A 339 -24.48 45.53 2.88
CA GLN A 339 -25.52 45.99 3.79
C GLN A 339 -25.00 46.06 5.21
N ALA A 340 -24.24 45.05 5.63
CA ALA A 340 -23.69 45.04 6.97
C ALA A 340 -22.75 46.21 7.19
N ILE A 341 -21.87 46.48 6.23
CA ILE A 341 -20.95 47.60 6.37
C ILE A 341 -21.72 48.91 6.41
N TYR A 342 -22.72 49.04 5.56
CA TYR A 342 -23.56 50.23 5.58
C TYR A 342 -24.14 50.47 6.96
N LYS A 343 -24.74 49.43 7.53
CA LYS A 343 -25.39 49.59 8.83
C LYS A 343 -24.37 49.91 9.92
N CYS A 344 -23.22 49.23 9.91
CA CYS A 344 -22.21 49.49 10.94
C CYS A 344 -21.65 50.89 10.83
N LEU A 345 -21.45 51.38 9.61
CA LEU A 345 -20.94 52.74 9.43
C LEU A 345 -21.94 53.75 9.96
N LEU A 346 -23.22 53.59 9.60
CA LEU A 346 -24.23 54.48 10.15
C LEU A 346 -24.19 54.44 11.67
N ASP A 347 -24.16 53.23 12.23
CA ASP A 347 -24.19 53.09 13.67
C ASP A 347 -23.00 53.80 14.32
N ARG A 348 -21.81 53.63 13.76
CA ARG A 348 -20.60 54.17 14.39
C ARG A 348 -20.46 55.67 14.23
N VAL A 349 -20.98 56.24 13.14
CA VAL A 349 -20.89 57.69 12.97
C VAL A 349 -22.29 58.26 12.78
N PRO A 350 -22.72 59.19 13.63
CA PRO A 350 -24.04 59.79 13.45
C PRO A 350 -24.07 60.65 12.20
N GLU A 351 -25.23 61.27 11.98
CA GLU A 351 -25.39 62.14 10.83
C GLU A 351 -24.46 63.34 10.91
N GLU A 352 -24.40 64.00 12.06
CA GLU A 352 -23.75 65.31 12.11
C GLU A 352 -22.24 65.22 11.87
N GLU A 353 -21.58 64.17 12.36
CA GLU A 353 -20.14 64.00 12.14
C GLU A 353 -19.84 63.36 10.80
N LYS A 354 -20.84 63.21 9.93
CA LYS A 354 -20.64 62.53 8.66
C LYS A 354 -19.51 63.12 7.85
N ASP A 355 -18.95 64.26 8.26
CA ASP A 355 -17.88 64.90 7.52
C ASP A 355 -16.59 65.05 8.31
N THR A 356 -16.62 64.91 9.63
CA THR A 356 -15.42 65.07 10.43
C THR A 356 -14.82 63.74 10.88
N ASN A 357 -15.64 62.72 11.10
CA ASN A 357 -15.20 61.42 11.60
C ASN A 357 -14.91 60.54 10.41
N VAL A 358 -13.66 60.11 10.28
CA VAL A 358 -13.22 59.26 9.19
C VAL A 358 -12.97 57.86 9.71
N GLN A 359 -13.70 56.89 9.16
CA GLN A 359 -13.65 55.52 9.66
C GLN A 359 -12.70 54.69 8.82
N VAL A 360 -11.83 53.94 9.48
CA VAL A 360 -10.81 53.15 8.81
C VAL A 360 -11.21 51.68 8.92
N LEU A 361 -11.53 51.07 7.79
CA LEU A 361 -11.79 49.63 7.74
C LEU A 361 -10.45 48.96 7.56
N MET A 362 -10.44 47.64 7.64
CA MET A 362 -9.31 46.83 7.17
C MET A 362 -9.84 45.49 6.73
N VAL A 363 -10.20 45.37 5.46
CA VAL A 363 -10.67 44.10 4.93
C VAL A 363 -9.52 43.10 5.06
N LEU A 364 -9.73 42.03 5.82
CA LEU A 364 -8.70 41.02 6.03
C LEU A 364 -8.99 39.87 5.06
N GLY A 365 -8.03 39.56 4.21
CA GLY A 365 -8.28 38.60 3.17
C GLY A 365 -9.01 39.22 2.00
N ALA A 366 -8.39 40.22 1.36
CA ALA A 366 -9.10 40.99 0.35
C ALA A 366 -9.34 40.24 -0.94
N GLY A 367 -8.65 39.13 -1.17
CA GLY A 367 -8.88 38.41 -2.43
C GLY A 367 -8.57 39.28 -3.63
N ARG A 368 -9.41 39.20 -4.66
CA ARG A 368 -9.22 39.97 -5.87
C ARG A 368 -9.88 41.34 -5.83
N GLY A 369 -10.53 41.68 -4.72
CA GLY A 369 -11.06 43.01 -4.54
C GLY A 369 -12.55 43.15 -4.24
N PRO A 370 -13.31 42.05 -4.20
CA PRO A 370 -14.76 42.21 -4.11
C PRO A 370 -15.23 42.83 -2.81
N LEU A 371 -14.67 42.40 -1.68
CA LEU A 371 -15.03 43.03 -0.42
C LEU A 371 -14.68 44.51 -0.40
N VAL A 372 -13.57 44.90 -0.98
CA VAL A 372 -13.17 46.30 -0.92
C VAL A 372 -14.07 47.14 -1.82
N ASN A 373 -14.41 46.63 -3.00
CA ASN A 373 -15.41 47.35 -3.80
C ASN A 373 -16.72 47.49 -3.05
N ALA A 374 -17.19 46.41 -2.41
CA ALA A 374 -18.43 46.49 -1.66
C ALA A 374 -18.30 47.46 -0.49
N SER A 375 -17.14 47.51 0.17
CA SER A 375 -16.95 48.45 1.25
C SER A 375 -17.04 49.89 0.76
N LEU A 376 -16.42 50.19 -0.38
CA LEU A 376 -16.53 51.54 -0.93
C LEU A 376 -17.97 51.85 -1.33
N ARG A 377 -18.67 50.87 -1.92
CA ARG A 377 -20.08 51.09 -2.22
C ARG A 377 -20.88 51.41 -0.97
N ALA A 378 -20.64 50.68 0.11
CA ALA A 378 -21.36 50.93 1.35
C ALA A 378 -21.00 52.26 1.98
N ALA A 379 -19.74 52.67 1.90
CA ALA A 379 -19.38 53.98 2.40
C ALA A 379 -20.11 55.07 1.65
N LYS A 380 -20.21 54.95 0.32
CA LYS A 380 -21.02 55.92 -0.40
C LYS A 380 -22.48 55.84 -0.01
N GLN A 381 -23.03 54.64 0.15
CA GLN A 381 -24.41 54.51 0.57
C GLN A 381 -24.66 55.28 1.85
N ALA A 382 -23.85 55.03 2.87
CA ALA A 382 -24.03 55.60 4.19
C ALA A 382 -23.38 56.95 4.35
N ASP A 383 -22.89 57.56 3.28
CA ASP A 383 -22.39 58.92 3.30
C ASP A 383 -21.40 59.13 4.45
N ARG A 384 -20.43 58.23 4.51
CA ARG A 384 -19.41 58.31 5.53
C ARG A 384 -18.05 58.13 4.89
N ARG A 385 -17.06 58.83 5.42
CA ARG A 385 -15.72 58.82 4.88
C ARG A 385 -14.90 57.70 5.52
N ILE A 386 -14.28 56.88 4.68
CA ILE A 386 -13.54 55.72 5.14
C ILE A 386 -12.15 55.70 4.52
N LYS A 387 -11.25 54.99 5.19
CA LYS A 387 -9.90 54.74 4.73
C LYS A 387 -9.63 53.25 4.78
N LEU A 388 -9.78 52.57 3.66
CA LEU A 388 -9.64 51.12 3.63
C LEU A 388 -8.17 50.73 3.59
N TYR A 389 -7.86 49.61 4.24
CA TYR A 389 -6.70 48.82 3.91
C TYR A 389 -7.19 47.61 3.12
N ALA A 390 -6.29 46.68 2.83
CA ALA A 390 -6.66 45.37 2.33
C ALA A 390 -5.49 44.44 2.57
N VAL A 391 -5.56 43.64 3.62
CA VAL A 391 -4.54 42.65 3.86
C VAL A 391 -4.84 41.46 2.97
N GLU A 392 -3.88 41.03 2.17
CA GLU A 392 -4.10 39.89 1.29
C GLU A 392 -2.86 39.04 1.22
N LYS A 393 -2.91 37.88 1.86
CA LYS A 393 -1.74 37.01 1.95
C LYS A 393 -1.26 36.58 0.57
N ASN A 394 -2.17 36.17 -0.27
CA ASN A 394 -1.77 35.58 -1.54
C ASN A 394 -1.06 36.62 -2.38
N PRO A 395 0.26 36.54 -2.53
CA PRO A 395 0.96 37.60 -3.28
C PRO A 395 0.45 37.79 -4.69
N ASN A 396 0.05 36.71 -5.36
CA ASN A 396 -0.59 36.91 -6.65
C ASN A 396 -1.71 37.92 -6.53
N ALA A 397 -2.72 37.63 -5.72
CA ALA A 397 -3.84 38.55 -5.60
C ALA A 397 -3.40 39.89 -5.05
N VAL A 398 -2.22 39.97 -4.43
CA VAL A 398 -1.67 41.28 -4.14
C VAL A 398 -1.42 41.98 -5.46
N VAL A 399 -1.08 41.22 -6.49
CA VAL A 399 -0.89 41.82 -7.81
C VAL A 399 -2.18 42.47 -8.30
N THR A 400 -3.28 41.73 -8.23
CA THR A 400 -4.55 42.28 -8.69
C THR A 400 -4.99 43.47 -7.84
N LEU A 401 -4.74 43.42 -6.53
CA LEU A 401 -5.09 44.54 -5.69
C LEU A 401 -4.26 45.77 -6.04
N GLU A 402 -2.96 45.58 -6.27
CA GLU A 402 -2.15 46.71 -6.72
C GLU A 402 -2.70 47.32 -7.99
N ASN A 403 -3.12 46.48 -8.95
CA ASN A 403 -3.68 47.01 -10.19
C ASN A 403 -4.92 47.84 -9.93
N TRP A 404 -5.87 47.31 -9.15
CA TRP A 404 -7.01 48.14 -8.78
C TRP A 404 -6.56 49.43 -8.12
N GLN A 405 -5.65 49.34 -7.15
CA GLN A 405 -5.34 50.51 -6.33
C GLN A 405 -4.71 51.60 -7.17
N PHE A 406 -3.87 51.24 -8.13
CA PHE A 406 -3.32 52.22 -9.04
C PHE A 406 -4.38 52.77 -9.99
N GLU A 407 -5.16 51.89 -10.62
CA GLU A 407 -6.08 52.35 -11.63
C GLU A 407 -7.23 53.15 -11.06
N GLU A 408 -8.06 52.53 -10.22
CA GLU A 408 -9.38 53.04 -9.90
C GLU A 408 -9.48 53.55 -8.46
N TRP A 409 -9.11 52.70 -7.50
CA TRP A 409 -9.37 53.04 -6.10
C TRP A 409 -8.63 54.31 -5.68
N GLY A 410 -7.39 54.47 -6.10
CA GLY A 410 -6.68 55.67 -5.73
C GLY A 410 -6.14 55.59 -4.31
N SER A 411 -5.69 56.74 -3.82
CA SER A 411 -5.08 56.80 -2.49
C SER A 411 -6.07 56.44 -1.39
N GLN A 412 -7.37 56.46 -1.68
CA GLN A 412 -8.34 56.04 -0.70
C GLN A 412 -8.00 54.67 -0.13
N VAL A 413 -7.55 53.76 -0.98
CA VAL A 413 -7.28 52.38 -0.58
C VAL A 413 -5.79 52.22 -0.39
N THR A 414 -5.40 51.60 0.73
CA THR A 414 -4.06 51.07 0.87
C THR A 414 -4.12 49.61 0.49
N VAL A 415 -2.97 49.00 0.24
CA VAL A 415 -2.87 47.56 0.04
C VAL A 415 -1.67 47.06 0.81
N VAL A 416 -1.88 46.06 1.67
CA VAL A 416 -0.80 45.43 2.42
C VAL A 416 -0.62 44.03 1.89
N SER A 417 0.62 43.57 1.86
CA SER A 417 0.92 42.25 1.33
C SER A 417 1.58 41.44 2.44
N SER A 418 0.77 40.83 3.29
CA SER A 418 1.29 40.11 4.43
C SER A 418 0.15 39.45 5.19
N ASP A 419 0.51 38.50 6.04
CA ASP A 419 -0.46 37.84 6.89
C ASP A 419 -1.09 38.81 7.87
N MET A 420 -2.41 38.74 7.98
CA MET A 420 -3.10 39.50 9.02
C MET A 420 -2.48 39.25 10.39
N ARG A 421 -2.13 37.99 10.68
CA ARG A 421 -1.53 37.65 11.97
C ARG A 421 -0.17 38.29 12.18
N GLU A 422 0.57 38.62 11.12
CA GLU A 422 1.91 39.14 11.23
C GLU A 422 2.05 40.62 10.88
N TRP A 423 1.16 41.17 10.07
CA TRP A 423 1.32 42.55 9.67
C TRP A 423 1.32 43.46 10.90
N VAL A 424 2.09 44.53 10.83
CA VAL A 424 2.15 45.57 11.86
C VAL A 424 1.41 46.78 11.33
N ALA A 425 0.28 47.10 11.92
CA ALA A 425 -0.60 48.09 11.31
C ALA A 425 -0.15 49.50 11.64
N PRO A 426 -0.24 50.42 10.68
CA PRO A 426 0.11 51.82 10.95
C PRO A 426 -0.77 52.47 12.02
N GLU A 427 -2.08 52.40 11.82
CA GLU A 427 -3.05 52.95 12.76
C GLU A 427 -4.13 51.92 13.03
N LYS A 428 -4.69 51.98 14.23
CA LYS A 428 -5.67 50.98 14.61
C LYS A 428 -6.91 51.07 13.75
N ALA A 429 -7.76 50.05 13.85
CA ALA A 429 -8.91 49.89 12.97
C ALA A 429 -10.22 50.01 13.75
N ASP A 430 -11.25 50.45 13.05
CA ASP A 430 -12.57 50.55 13.67
C ASP A 430 -13.43 49.35 13.29
N ILE A 431 -13.62 49.13 12.00
CA ILE A 431 -14.33 47.97 11.49
C ILE A 431 -13.30 47.09 10.81
N ILE A 432 -13.57 45.80 10.71
CA ILE A 432 -12.72 44.93 9.90
C ILE A 432 -13.58 43.90 9.19
N VAL A 433 -13.94 44.21 7.94
CA VAL A 433 -14.70 43.31 7.09
C VAL A 433 -13.81 42.12 6.75
N SER A 434 -14.09 40.97 7.33
CA SER A 434 -13.30 39.80 6.98
C SER A 434 -14.21 38.67 6.56
N GLU A 435 -13.80 37.93 5.54
CA GLU A 435 -14.58 36.78 5.07
C GLU A 435 -13.66 35.58 4.98
N LEU A 436 -13.48 34.90 6.11
CA LEU A 436 -12.67 33.69 6.17
C LEU A 436 -13.49 32.53 6.71
N LEU A 437 -14.77 32.48 6.36
CA LEU A 437 -15.67 31.42 6.78
C LEU A 437 -15.56 30.26 5.80
N GLY A 438 -15.51 29.04 6.34
CA GLY A 438 -15.42 27.86 5.53
C GLY A 438 -16.77 27.18 5.36
N SER A 439 -16.72 26.01 4.74
CA SER A 439 -17.91 25.21 4.59
C SER A 439 -18.61 24.97 5.92
N PHE A 440 -17.83 24.81 6.99
CA PHE A 440 -18.29 24.42 8.32
C PHE A 440 -18.12 25.56 9.30
N ALA A 441 -17.80 26.75 8.80
CA ALA A 441 -17.88 27.98 9.56
C ALA A 441 -16.79 28.19 10.58
N ASP A 442 -16.00 27.19 10.89
CA ASP A 442 -14.78 27.44 11.64
C ASP A 442 -13.64 26.51 11.27
N ASN A 443 -13.82 25.69 10.24
CA ASN A 443 -12.75 24.81 9.80
C ASN A 443 -11.91 25.43 8.70
N GLU A 444 -11.78 26.75 8.68
CA GLU A 444 -10.78 27.39 7.84
C GLU A 444 -10.04 28.48 8.58
N LEU A 445 -9.76 28.30 9.85
CA LEU A 445 -8.89 29.20 10.57
C LEU A 445 -9.35 30.65 10.42
N SER A 446 -10.66 30.85 10.48
CA SER A 446 -11.16 32.18 10.77
C SER A 446 -10.96 32.55 12.23
N PRO A 447 -11.25 31.68 13.20
CA PRO A 447 -11.02 32.07 14.59
C PRO A 447 -9.57 32.42 14.86
N GLU A 448 -8.65 31.57 14.43
CA GLU A 448 -7.23 31.79 14.68
C GLU A 448 -6.75 33.07 14.01
N CYS A 449 -7.11 33.25 12.74
CA CYS A 449 -6.65 34.40 11.97
C CYS A 449 -7.19 35.70 12.53
N LEU A 450 -8.48 35.74 12.90
CA LEU A 450 -8.99 36.98 13.46
C LEU A 450 -8.52 37.19 14.88
N ASP A 451 -8.27 36.12 15.61
CA ASP A 451 -7.76 36.26 16.97
C ASP A 451 -6.35 36.84 16.95
N GLY A 452 -5.60 36.54 15.90
CA GLY A 452 -4.34 37.20 15.69
C GLY A 452 -4.43 38.57 15.08
N ALA A 453 -5.62 38.96 14.61
CA ALA A 453 -5.81 40.27 14.02
C ALA A 453 -6.44 41.27 14.96
N GLN A 454 -7.00 40.82 16.08
CA GLN A 454 -7.65 41.74 16.99
C GLN A 454 -6.67 42.58 17.80
N HIS A 455 -5.35 42.33 17.74
CA HIS A 455 -4.46 43.19 18.50
C HIS A 455 -4.40 44.59 17.92
N PHE A 456 -4.94 44.80 16.72
CA PHE A 456 -5.01 46.12 16.10
C PHE A 456 -6.44 46.58 15.87
N LEU A 457 -7.38 46.05 16.63
CA LEU A 457 -8.76 46.50 16.59
C LEU A 457 -9.07 47.27 17.86
N LYS A 458 -9.58 48.49 17.70
CA LYS A 458 -9.69 49.37 18.85
C LYS A 458 -10.57 48.73 19.92
N ASP A 459 -10.62 49.37 21.09
CA ASP A 459 -11.31 48.79 22.22
C ASP A 459 -12.81 48.72 21.99
N ASP A 460 -13.31 49.37 20.95
CA ASP A 460 -14.71 49.27 20.57
C ASP A 460 -14.88 49.02 19.08
N GLY A 461 -14.01 48.22 18.49
CA GLY A 461 -14.12 47.93 17.07
C GLY A 461 -15.25 46.96 16.81
N VAL A 462 -15.58 46.80 15.55
CA VAL A 462 -16.64 45.91 15.11
C VAL A 462 -16.04 44.92 14.12
N SER A 463 -16.26 43.64 14.33
CA SER A 463 -15.72 42.62 13.44
C SER A 463 -16.85 41.92 12.69
N ILE A 464 -16.75 41.93 11.36
CA ILE A 464 -17.78 41.37 10.49
C ILE A 464 -17.22 40.13 9.79
N PRO A 465 -17.70 38.92 10.09
CA PRO A 465 -18.85 38.64 10.93
C PRO A 465 -18.54 38.90 12.37
N GLY A 466 -19.58 39.09 13.18
CA GLY A 466 -19.38 39.22 14.61
C GLY A 466 -19.50 37.87 15.27
N GLU A 467 -20.13 36.94 14.56
CA GLU A 467 -20.27 35.59 15.05
C GLU A 467 -20.56 34.68 13.87
N TYR A 468 -20.44 33.39 14.13
CA TYR A 468 -20.73 32.36 13.15
C TYR A 468 -20.82 31.04 13.89
N THR A 469 -21.74 30.20 13.45
CA THR A 469 -22.02 28.96 14.16
C THR A 469 -21.91 27.82 13.18
N SER A 470 -21.74 26.62 13.69
CA SER A 470 -21.70 25.43 12.87
C SER A 470 -22.82 24.49 13.30
N PHE A 471 -23.20 23.60 12.40
CA PHE A 471 -24.38 22.78 12.63
C PHE A 471 -24.13 21.37 12.13
N LEU A 472 -24.57 20.38 12.89
CA LEU A 472 -24.46 18.97 12.52
C LEU A 472 -25.83 18.37 12.34
N ALA A 473 -25.95 17.47 11.37
CA ALA A 473 -27.15 16.73 11.17
C ALA A 473 -26.76 15.34 10.70
N PRO A 474 -27.10 14.30 11.44
CA PRO A 474 -26.62 12.97 11.08
C PRO A 474 -27.35 12.42 9.87
N ILE A 475 -26.60 12.17 8.80
CA ILE A 475 -27.20 11.73 7.55
C ILE A 475 -26.95 10.24 7.39
N SER A 476 -27.88 9.58 6.70
CA SER A 476 -27.68 8.25 6.18
C SER A 476 -27.51 8.34 4.68
N SER A 477 -26.54 7.63 4.13
CA SER A 477 -26.40 7.66 2.68
C SER A 477 -25.54 6.54 2.12
N SER A 478 -26.17 5.61 1.40
CA SER A 478 -25.39 4.59 0.69
C SER A 478 -24.51 5.17 -0.39
N LYS A 479 -25.04 6.10 -1.19
CA LYS A 479 -24.26 6.68 -2.27
C LYS A 479 -23.04 7.38 -1.73
N LEU A 480 -23.21 8.20 -0.69
CA LEU A 480 -22.09 8.97 -0.18
C LEU A 480 -21.13 8.12 0.65
N TYR A 481 -21.64 7.12 1.38
CA TYR A 481 -20.71 6.22 2.04
C TYR A 481 -19.86 5.50 1.04
N ASN A 482 -20.46 4.95 -0.01
CA ASN A 482 -19.65 4.25 -0.99
C ASN A 482 -18.75 5.22 -1.74
N GLU A 483 -19.13 6.51 -1.82
CA GLU A 483 -18.24 7.51 -2.38
C GLU A 483 -16.99 7.67 -1.54
N VAL A 484 -17.16 7.88 -0.23
CA VAL A 484 -16.00 7.99 0.65
C VAL A 484 -15.18 6.71 0.56
N ARG A 485 -15.86 5.58 0.49
CA ARG A 485 -15.21 4.28 0.44
C ARG A 485 -14.37 4.13 -0.82
N ALA A 486 -14.81 4.71 -1.93
CA ALA A 486 -14.02 4.70 -3.15
C ALA A 486 -13.10 5.91 -3.27
N CYS A 487 -12.87 6.62 -2.18
CA CYS A 487 -11.94 7.73 -2.13
C CYS A 487 -10.57 7.31 -1.63
N ARG A 488 -10.26 6.03 -1.73
CA ARG A 488 -8.97 5.53 -1.29
C ARG A 488 -7.87 5.99 -2.21
N GLU A 489 -6.67 6.18 -1.67
CA GLU A 489 -5.48 6.43 -2.47
C GLU A 489 -4.37 5.49 -2.05
N LYS A 490 -3.51 5.17 -3.02
CA LYS A 490 -2.27 4.52 -2.69
C LYS A 490 -1.41 5.44 -1.84
N ASP A 491 -0.51 4.85 -1.06
CA ASP A 491 0.48 5.60 -0.28
C ASP A 491 -0.11 6.29 0.94
N ARG A 492 -1.14 5.71 1.57
CA ARG A 492 -1.61 6.28 2.83
C ARG A 492 -2.45 5.24 3.57
N ASP A 493 -2.79 5.60 4.79
CA ASP A 493 -3.64 4.82 5.69
C ASP A 493 -4.80 4.17 4.95
N PRO A 494 -4.92 2.85 4.94
CA PRO A 494 -6.03 2.22 4.23
C PRO A 494 -7.40 2.62 4.74
N GLU A 495 -7.46 3.39 5.81
CA GLU A 495 -8.73 3.81 6.42
C GLU A 495 -8.69 5.26 6.84
N ALA A 496 -8.01 6.12 6.07
CA ALA A 496 -8.03 7.55 6.36
C ALA A 496 -8.98 8.28 5.45
N GLN A 497 -9.48 7.64 4.40
CA GLN A 497 -10.52 8.29 3.62
C GLN A 497 -11.79 8.49 4.43
N PHE A 498 -11.91 7.81 5.58
CA PHE A 498 -13.05 7.94 6.46
C PHE A 498 -12.81 8.89 7.62
N GLU A 499 -11.71 9.64 7.61
CA GLU A 499 -11.40 10.49 8.74
C GLU A 499 -11.24 11.95 8.35
N MET A 500 -11.63 12.36 7.15
CA MET A 500 -11.45 13.74 6.76
C MET A 500 -12.75 14.30 6.24
N PRO A 501 -13.03 15.57 6.48
CA PRO A 501 -14.23 16.20 5.92
C PRO A 501 -14.15 16.39 4.42
N TYR A 502 -15.28 16.16 3.78
CA TYR A 502 -15.42 16.32 2.34
C TYR A 502 -16.45 17.41 2.08
N VAL A 503 -16.09 18.40 1.27
CA VAL A 503 -17.05 19.40 0.82
C VAL A 503 -17.86 18.79 -0.29
N VAL A 504 -19.19 18.77 -0.15
CA VAL A 504 -20.02 18.08 -1.11
C VAL A 504 -21.42 18.68 -1.10
N ARG A 505 -22.04 18.72 -2.28
CA ARG A 505 -23.46 19.07 -2.35
C ARG A 505 -24.28 17.84 -2.02
N LEU A 506 -24.50 17.60 -0.73
CA LEU A 506 -25.24 16.43 -0.29
C LEU A 506 -26.61 16.39 -0.97
N HIS A 507 -26.81 15.38 -1.80
CA HIS A 507 -28.05 15.30 -2.56
C HIS A 507 -28.84 14.04 -2.24
N ASN A 508 -28.22 12.88 -2.40
CA ASN A 508 -28.92 11.60 -2.32
C ASN A 508 -28.66 10.99 -0.95
N PHE A 509 -29.53 11.33 0.01
CA PHE A 509 -29.30 10.98 1.39
C PHE A 509 -30.60 11.05 2.16
N HIS A 510 -30.50 10.95 3.48
CA HIS A 510 -31.64 11.01 4.38
C HIS A 510 -31.22 11.62 5.71
N GLN A 511 -31.36 12.92 5.85
CA GLN A 511 -31.07 13.55 7.13
C GLN A 511 -31.96 12.90 8.18
N LEU A 512 -31.33 12.26 9.17
CA LEU A 512 -32.06 11.53 10.19
C LEU A 512 -32.62 12.41 11.29
N SER A 513 -32.27 13.69 11.31
CA SER A 513 -32.75 14.49 12.42
C SER A 513 -32.43 15.95 12.13
N ALA A 514 -32.69 16.79 13.13
CA ALA A 514 -32.55 18.21 12.94
C ALA A 514 -31.14 18.66 13.29
N PRO A 515 -30.55 19.56 12.52
CA PRO A 515 -29.21 20.05 12.86
C PRO A 515 -29.23 20.77 14.19
N GLN A 516 -28.16 20.58 14.96
CA GLN A 516 -28.03 21.23 16.25
C GLN A 516 -26.70 21.97 16.33
N PRO A 517 -26.66 23.07 17.06
CA PRO A 517 -25.45 23.90 17.05
C PRO A 517 -24.26 23.16 17.63
N CYS A 518 -23.16 23.21 16.90
CA CYS A 518 -21.98 22.42 17.22
C CYS A 518 -20.90 23.31 17.85
N PHE A 519 -20.47 24.37 17.17
CA PHE A 519 -19.40 25.21 17.67
C PHE A 519 -19.70 26.67 17.38
N THR A 520 -19.90 27.44 18.43
CA THR A 520 -20.27 28.85 18.31
C THR A 520 -19.05 29.73 18.50
N PHE A 521 -18.73 30.50 17.47
CA PHE A 521 -17.63 31.45 17.54
C PHE A 521 -18.17 32.86 17.45
N SER A 522 -17.57 33.77 18.22
CA SER A 522 -17.92 35.17 18.21
C SER A 522 -16.65 36.01 18.20
N HIS A 523 -16.72 37.21 17.63
CA HIS A 523 -15.55 38.07 17.53
C HIS A 523 -15.89 39.51 17.89
N PRO A 524 -14.96 40.26 18.47
CA PRO A 524 -13.66 39.73 18.90
C PRO A 524 -13.76 38.95 20.20
N ASN A 525 -12.79 38.08 20.48
CA ASN A 525 -12.72 37.34 21.73
C ASN A 525 -11.90 38.15 22.71
N ARG A 526 -12.50 39.17 23.31
CA ARG A 526 -11.86 39.91 24.38
C ARG A 526 -11.91 39.16 25.71
N ASP A 527 -12.21 37.88 25.67
CA ASP A 527 -12.07 37.04 26.84
C ASP A 527 -10.61 37.02 27.27
N PRO A 528 -10.31 37.14 28.57
CA PRO A 528 -8.91 37.23 29.00
C PRO A 528 -8.05 36.04 28.57
N MET A 529 -8.65 34.87 28.43
CA MET A 529 -7.90 33.67 28.02
C MET A 529 -8.47 33.19 26.69
N ILE A 530 -7.76 33.46 25.60
CA ILE A 530 -8.20 33.03 24.27
C ILE A 530 -7.97 31.53 24.16
N ASP A 531 -9.04 30.77 23.96
CA ASP A 531 -8.95 29.34 23.75
C ASP A 531 -9.93 28.91 22.68
N ASN A 532 -9.40 28.35 21.59
CA ASN A 532 -10.17 27.99 20.41
C ASN A 532 -10.48 26.51 20.37
N ASN A 533 -10.29 25.79 21.46
CA ASN A 533 -10.60 24.37 21.52
C ASN A 533 -12.02 24.17 22.00
N ARG A 534 -12.72 23.24 21.37
CA ARG A 534 -14.15 23.08 21.58
C ARG A 534 -14.48 21.62 21.85
N TYR A 535 -15.42 21.40 22.77
CA TYR A 535 -15.95 20.06 23.02
C TYR A 535 -17.46 20.19 23.03
N CYS A 536 -18.16 19.22 22.43
CA CYS A 536 -19.59 19.33 22.19
C CYS A 536 -20.23 17.96 22.23
N THR A 537 -21.33 17.83 22.97
CA THR A 537 -22.10 16.59 23.04
C THR A 537 -23.49 16.83 22.47
N LEU A 538 -23.90 16.00 21.51
CA LEU A 538 -25.12 16.21 20.75
C LEU A 538 -25.94 14.94 20.71
N GLU A 539 -27.25 15.07 20.85
CA GLU A 539 -28.16 13.93 20.77
C GLU A 539 -29.18 14.20 19.68
N PHE A 540 -29.29 13.27 18.72
CA PHE A 540 -30.18 13.46 17.58
C PHE A 540 -31.26 12.39 17.61
N PRO A 541 -32.49 12.69 18.03
CA PRO A 541 -33.50 11.64 18.14
C PRO A 541 -33.78 11.01 16.79
N VAL A 542 -33.44 9.74 16.65
CA VAL A 542 -33.65 8.99 15.42
C VAL A 542 -34.94 8.22 15.57
N GLU A 543 -35.86 8.41 14.62
CA GLU A 543 -37.22 7.90 14.73
C GLU A 543 -37.60 7.04 13.54
N VAL A 544 -36.64 6.33 12.96
CA VAL A 544 -36.97 5.32 11.96
C VAL A 544 -35.76 4.42 11.80
N ASN A 545 -36.02 3.12 11.68
CA ASN A 545 -34.94 2.18 11.48
C ASN A 545 -34.15 2.55 10.24
N THR A 546 -32.84 2.64 10.38
CA THR A 546 -32.00 3.10 9.28
C THR A 546 -30.55 2.85 9.65
N VAL A 547 -29.64 3.38 8.84
CA VAL A 547 -28.21 3.30 9.12
C VAL A 547 -27.68 4.72 9.21
N LEU A 548 -26.58 4.90 9.91
CA LEU A 548 -25.97 6.23 9.98
C LEU A 548 -24.57 6.21 9.38
N HIS A 549 -24.39 6.93 8.28
CA HIS A 549 -23.14 6.91 7.54
C HIS A 549 -22.29 8.16 7.67
N GLY A 550 -22.71 9.16 8.43
CA GLY A 550 -21.88 10.32 8.65
C GLY A 550 -22.68 11.45 9.24
N PHE A 551 -21.96 12.48 9.65
CA PHE A 551 -22.57 13.69 10.18
C PHE A 551 -22.30 14.84 9.22
N ALA A 552 -23.34 15.42 8.67
CA ALA A 552 -23.18 16.55 7.77
C ALA A 552 -23.14 17.84 8.57
N GLY A 553 -22.39 18.80 8.08
CA GLY A 553 -22.21 20.08 8.76
C GLY A 553 -22.66 21.23 7.88
N TYR A 554 -23.18 22.28 8.53
CA TYR A 554 -23.61 23.49 7.86
C TYR A 554 -23.20 24.66 8.74
N PHE A 555 -23.74 25.84 8.47
CA PHE A 555 -23.42 26.96 9.33
C PHE A 555 -24.35 28.12 9.09
N GLU A 556 -24.55 28.92 10.14
CA GLU A 556 -25.19 30.21 10.04
C GLU A 556 -24.18 31.26 10.48
N THR A 557 -24.49 32.52 10.21
CA THR A 557 -23.59 33.59 10.56
C THR A 557 -24.37 34.83 10.93
N VAL A 558 -23.70 35.79 11.53
CA VAL A 558 -24.28 37.07 11.87
C VAL A 558 -23.31 38.15 11.45
N LEU A 559 -23.44 38.66 10.23
CA LEU A 559 -22.54 39.71 9.80
C LEU A 559 -22.69 40.92 10.70
N TYR A 560 -23.87 41.52 10.70
CA TYR A 560 -24.13 42.62 11.61
C TYR A 560 -25.45 42.32 12.28
N GLN A 561 -25.94 43.26 13.08
CA GLN A 561 -26.96 43.01 14.08
C GLN A 561 -27.95 41.94 13.63
N ASP A 562 -28.40 42.03 12.39
CA ASP A 562 -29.46 41.16 11.90
C ASP A 562 -29.18 40.57 10.52
N ILE A 563 -28.22 41.12 9.78
CA ILE A 563 -27.90 40.63 8.45
C ILE A 563 -27.14 39.33 8.62
N THR A 564 -27.59 38.27 7.95
CA THR A 564 -27.08 36.94 8.21
C THR A 564 -26.76 36.24 6.90
N LEU A 565 -25.89 35.26 6.99
CA LEU A 565 -25.59 34.34 5.92
C LEU A 565 -25.76 32.94 6.47
N SER A 566 -26.24 32.01 5.64
CA SER A 566 -26.45 30.67 6.14
C SER A 566 -26.61 29.70 4.99
N ILE A 567 -26.06 28.49 5.17
CA ILE A 567 -26.25 27.40 4.24
C ILE A 567 -27.02 26.26 4.85
N ARG A 568 -27.52 26.42 6.06
CA ARG A 568 -28.28 25.41 6.76
C ARG A 568 -29.64 25.25 6.11
N PRO A 569 -30.01 24.06 5.63
CA PRO A 569 -31.10 23.97 4.64
C PRO A 569 -32.41 24.62 5.08
N GLU A 570 -32.74 24.59 6.37
CA GLU A 570 -34.02 25.14 6.78
C GLU A 570 -34.06 26.66 6.66
N THR A 571 -32.92 27.33 6.84
CA THR A 571 -32.87 28.78 6.72
C THR A 571 -31.91 29.24 5.64
N HIS A 572 -31.67 28.39 4.64
CA HIS A 572 -30.63 28.66 3.65
C HIS A 572 -30.77 30.04 3.06
N SER A 573 -29.67 30.76 2.98
CA SER A 573 -29.69 32.04 2.30
C SER A 573 -29.98 31.79 0.82
N PRO A 574 -30.62 32.72 0.13
CA PRO A 574 -31.14 32.42 -1.20
C PRO A 574 -30.03 32.44 -2.25
N GLY A 575 -29.95 31.37 -3.02
CA GLY A 575 -29.01 31.32 -4.11
C GLY A 575 -27.57 31.56 -3.72
N MET A 576 -27.18 31.21 -2.51
CA MET A 576 -25.81 31.33 -2.04
C MET A 576 -25.07 30.05 -2.40
N PHE A 577 -24.26 30.11 -3.46
CA PHE A 577 -23.44 28.97 -3.83
C PHE A 577 -21.99 29.09 -3.38
N SER A 578 -21.67 30.07 -2.53
CA SER A 578 -20.29 30.25 -2.12
C SER A 578 -19.83 29.13 -1.19
N TRP A 579 -20.77 28.40 -0.61
CA TRP A 579 -20.47 27.34 0.35
C TRP A 579 -21.32 26.12 0.08
N PHE A 580 -20.71 24.97 -0.03
CA PHE A 580 -21.48 23.74 0.07
C PHE A 580 -21.42 23.19 1.48
N PRO A 581 -22.19 22.14 1.76
CA PRO A 581 -22.12 21.51 3.07
C PRO A 581 -20.78 20.85 3.27
N ILE A 582 -20.66 20.13 4.38
CA ILE A 582 -19.50 19.33 4.66
C ILE A 582 -19.97 17.95 5.09
N LEU A 583 -19.13 16.94 4.89
CA LEU A 583 -19.52 15.58 5.22
C LEU A 583 -18.42 14.95 6.07
N PHE A 584 -18.71 14.75 7.35
CA PHE A 584 -17.84 14.05 8.28
C PHE A 584 -18.21 12.58 8.24
N PRO A 585 -17.46 11.72 7.58
CA PRO A 585 -17.83 10.30 7.55
C PRO A 585 -17.56 9.65 8.91
N ILE A 586 -18.00 8.40 9.04
CA ILE A 586 -17.61 7.55 10.15
C ILE A 586 -17.27 6.17 9.62
N LYS A 587 -16.36 5.49 10.31
CA LYS A 587 -15.60 4.38 9.73
C LYS A 587 -16.48 3.21 9.35
N GLN A 588 -17.67 3.11 9.93
CA GLN A 588 -18.56 1.99 9.60
C GLN A 588 -20.01 2.43 9.71
N PRO A 589 -20.92 1.77 9.03
CA PRO A 589 -22.34 2.02 9.28
C PRO A 589 -22.68 1.70 10.72
N ILE A 590 -23.59 2.48 11.29
CA ILE A 590 -24.09 2.24 12.64
C ILE A 590 -25.57 1.93 12.56
N THR A 591 -25.91 0.66 12.42
CA THR A 591 -27.32 0.29 12.33
C THR A 591 -28.06 0.88 13.52
N VAL A 592 -29.04 1.72 13.25
CA VAL A 592 -29.76 2.43 14.29
C VAL A 592 -31.21 1.96 14.30
N ARG A 593 -31.77 1.78 15.48
CA ARG A 593 -33.16 1.39 15.63
C ARG A 593 -34.00 2.57 16.10
N GLU A 594 -35.23 2.62 15.61
CA GLU A 594 -36.04 3.81 15.76
C GLU A 594 -36.35 4.08 17.23
N GLY A 595 -36.40 5.36 17.58
CA GLY A 595 -36.67 5.77 18.94
C GLY A 595 -35.43 6.01 19.76
N GLN A 596 -34.29 5.48 19.34
CA GLN A 596 -33.02 5.63 20.04
C GLN A 596 -32.58 7.08 19.93
N THR A 597 -31.36 7.35 20.39
CA THR A 597 -30.79 8.67 20.23
C THR A 597 -29.32 8.54 19.85
N ILE A 598 -28.99 8.98 18.65
CA ILE A 598 -27.61 8.99 18.17
C ILE A 598 -26.87 10.08 18.93
N CYS A 599 -25.78 9.72 19.57
CA CYS A 599 -24.99 10.66 20.35
C CYS A 599 -23.62 10.78 19.70
N VAL A 600 -23.20 11.99 19.42
CA VAL A 600 -21.94 12.25 18.75
C VAL A 600 -21.21 13.33 19.53
N ARG A 601 -19.89 13.34 19.39
CA ARG A 601 -19.06 14.25 20.14
C ARG A 601 -18.04 14.84 19.19
N PHE A 602 -17.82 16.15 19.26
CA PHE A 602 -16.68 16.73 18.57
C PHE A 602 -15.75 17.40 19.56
N TRP A 603 -14.47 17.24 19.32
CA TRP A 603 -13.43 18.05 19.90
C TRP A 603 -12.78 18.81 18.75
N ARG A 604 -12.68 20.12 18.88
CA ARG A 604 -11.89 20.88 17.93
C ARG A 604 -10.52 21.11 18.52
N CYS A 605 -9.61 20.21 18.21
CA CYS A 605 -8.26 20.26 18.73
C CYS A 605 -7.42 21.18 17.85
N SER A 606 -6.49 21.87 18.48
CA SER A 606 -5.54 22.67 17.72
C SER A 606 -4.31 22.89 18.58
N ASN A 607 -3.14 22.78 17.96
CA ASN A 607 -1.90 23.02 18.69
C ASN A 607 -1.21 24.23 18.09
N SER A 608 0.02 24.50 18.52
CA SER A 608 0.71 25.69 18.02
C SER A 608 0.83 25.68 16.51
N LYS A 609 0.86 24.52 15.87
CA LYS A 609 1.10 24.45 14.44
C LYS A 609 -0.15 24.19 13.61
N LYS A 610 -1.12 23.46 14.13
CA LYS A 610 -2.13 22.89 13.25
C LYS A 610 -3.50 22.88 13.92
N VAL A 611 -4.51 22.46 13.16
CA VAL A 611 -5.87 22.34 13.64
C VAL A 611 -6.47 21.05 13.09
N TRP A 612 -7.54 20.57 13.71
CA TRP A 612 -8.17 19.34 13.27
C TRP A 612 -9.40 19.06 14.12
N TYR A 613 -10.29 18.21 13.61
CA TYR A 613 -11.51 17.83 14.30
C TYR A 613 -11.52 16.32 14.56
N GLU A 614 -11.97 15.94 15.75
CA GLU A 614 -12.03 14.54 16.14
C GLU A 614 -13.44 14.16 16.51
N TRP A 615 -13.99 13.18 15.81
CA TRP A 615 -15.41 12.89 15.94
C TRP A 615 -15.65 11.42 16.24
N ALA A 616 -16.63 11.16 17.11
CA ALA A 616 -16.95 9.81 17.52
C ALA A 616 -18.42 9.70 17.84
N VAL A 617 -18.97 8.50 17.70
CA VAL A 617 -20.34 8.19 18.10
C VAL A 617 -20.27 7.37 19.38
N THR A 618 -20.89 7.86 20.46
CA THR A 618 -20.88 7.14 21.72
C THR A 618 -22.20 6.45 22.07
N ALA A 619 -23.14 6.38 21.13
CA ALA A 619 -24.42 5.70 21.32
C ALA A 619 -25.16 5.78 20.00
N PRO A 620 -25.97 4.77 19.65
CA PRO A 620 -26.28 3.57 20.40
C PRO A 620 -25.11 2.62 20.49
N VAL A 621 -24.17 2.77 19.57
CA VAL A 621 -22.94 2.00 19.55
C VAL A 621 -21.79 2.97 19.82
N CYS A 622 -20.58 2.44 19.85
CA CYS A 622 -19.40 3.28 20.00
C CYS A 622 -18.50 3.08 18.78
N SER A 623 -18.03 4.18 18.22
CA SER A 623 -17.10 4.12 17.10
C SER A 623 -15.76 4.64 17.51
N ALA A 624 -14.73 4.23 16.79
CA ALA A 624 -13.38 4.65 17.10
C ALA A 624 -13.30 6.17 17.08
N ILE A 625 -12.48 6.75 17.97
CA ILE A 625 -12.28 8.18 17.87
C ILE A 625 -11.62 8.47 16.54
N HIS A 626 -12.37 9.09 15.64
CA HIS A 626 -11.90 9.31 14.29
C HIS A 626 -10.91 10.45 14.24
N ASN A 627 -9.87 10.27 13.47
CA ASN A 627 -8.93 11.36 13.30
C ASN A 627 -8.35 11.79 14.63
N PRO A 628 -7.79 10.87 15.42
CA PRO A 628 -7.10 11.29 16.65
C PRO A 628 -5.76 11.89 16.33
N THR A 629 -5.53 13.11 16.83
CA THR A 629 -4.31 13.86 16.64
C THR A 629 -4.19 14.38 15.22
N GLY A 630 -5.29 14.41 14.46
CA GLY A 630 -5.20 14.83 13.09
C GLY A 630 -4.28 13.99 12.25
N ARG A 631 -4.35 12.67 12.40
CA ARG A 631 -3.50 11.81 11.57
C ARG A 631 -4.02 11.73 10.15
N SER A 632 -5.29 12.06 9.93
CA SER A 632 -5.89 12.02 8.60
C SER A 632 -6.08 13.38 7.97
N TYR A 633 -6.60 14.35 8.70
CA TYR A 633 -6.93 15.65 8.14
C TYR A 633 -6.68 16.75 9.16
N THR A 634 -5.57 17.46 8.99
CA THR A 634 -5.28 18.63 9.80
C THR A 634 -5.14 19.82 8.87
N ILE A 635 -5.75 20.92 9.26
CA ILE A 635 -5.65 22.17 8.52
C ILE A 635 -4.36 22.83 8.95
N GLY A 636 -3.44 23.03 8.01
CA GLY A 636 -2.18 23.65 8.35
C GLY A 636 -2.35 25.13 8.63
N LEU A 637 -1.92 25.54 9.82
CA LEU A 637 -1.86 26.96 10.15
C LEU A 637 -0.95 27.68 9.17
N PRO B 24 -48.54 -22.73 -40.40
CA PRO B 24 -48.51 -24.19 -40.34
C PRO B 24 -47.24 -24.80 -40.93
N ALA B 25 -46.15 -24.02 -40.98
CA ALA B 25 -44.93 -24.49 -41.62
C ALA B 25 -44.29 -25.66 -40.89
N CYS B 26 -44.07 -25.53 -39.58
CA CYS B 26 -43.57 -26.63 -38.77
C CYS B 26 -43.97 -26.37 -37.33
N MET B 27 -44.34 -27.43 -36.62
CA MET B 27 -44.68 -27.34 -35.20
C MET B 27 -43.41 -27.02 -34.42
N GLU B 28 -43.51 -26.03 -33.54
CA GLU B 28 -42.33 -25.50 -32.88
C GLU B 28 -41.70 -26.58 -32.00
N ARG B 29 -40.40 -26.43 -31.72
CA ARG B 29 -39.66 -27.54 -31.13
C ARG B 29 -40.25 -27.99 -29.80
N GLN B 30 -40.76 -27.06 -29.00
CA GLN B 30 -41.14 -27.34 -27.61
C GLN B 30 -42.63 -27.63 -27.52
N LEU B 31 -42.98 -28.83 -27.07
CA LEU B 31 -44.38 -29.16 -26.78
C LEU B 31 -44.72 -28.74 -25.36
N GLU B 32 -45.91 -28.20 -25.17
CA GLU B 32 -46.32 -27.68 -23.87
C GLU B 32 -47.50 -28.43 -23.29
N ALA B 33 -48.59 -28.56 -24.05
CA ALA B 33 -49.77 -29.24 -23.56
C ALA B 33 -50.35 -30.12 -24.66
N ALA B 34 -51.01 -31.20 -24.25
CA ALA B 34 -51.69 -32.10 -25.16
C ALA B 34 -52.96 -32.58 -24.50
N ARG B 35 -54.09 -32.48 -25.19
CA ARG B 35 -55.37 -32.83 -24.62
C ARG B 35 -56.17 -33.63 -25.63
N TYR B 36 -56.59 -34.82 -25.25
CA TYR B 36 -57.43 -35.63 -26.11
C TYR B 36 -58.82 -35.02 -26.16
N ARG B 37 -59.39 -34.92 -27.36
CA ARG B 37 -60.79 -34.54 -27.46
C ARG B 37 -61.67 -35.76 -27.20
N SER B 38 -62.95 -35.50 -26.96
CA SER B 38 -63.87 -36.59 -26.66
C SER B 38 -64.01 -37.56 -27.83
N ASP B 39 -63.93 -37.05 -29.06
CA ASP B 39 -64.16 -37.90 -30.23
C ASP B 39 -62.96 -38.76 -30.59
N GLY B 40 -61.81 -38.55 -29.95
CA GLY B 40 -60.62 -39.33 -30.23
C GLY B 40 -59.48 -38.55 -30.83
N ALA B 41 -59.57 -37.22 -30.87
CA ALA B 41 -58.51 -36.41 -31.47
C ALA B 41 -57.57 -35.88 -30.39
N LEU B 42 -56.44 -35.36 -30.86
CA LEU B 42 -55.35 -34.87 -30.02
C LEU B 42 -55.17 -33.38 -30.27
N LEU B 43 -54.83 -32.64 -29.21
CA LEU B 43 -54.64 -31.21 -29.31
C LEU B 43 -53.26 -30.84 -28.78
N LEU B 44 -52.31 -30.61 -29.69
CA LEU B 44 -50.93 -30.35 -29.29
C LEU B 44 -50.72 -28.86 -29.13
N GLY B 45 -50.23 -28.47 -27.96
CA GLY B 45 -49.75 -27.12 -27.74
C GLY B 45 -48.25 -27.14 -27.81
N ALA B 46 -47.69 -26.24 -28.62
CA ALA B 46 -46.26 -26.24 -28.86
C ALA B 46 -45.78 -24.83 -29.10
N SER B 47 -44.88 -24.37 -28.24
CA SER B 47 -44.26 -23.05 -28.37
C SER B 47 -42.77 -23.24 -28.59
N SER B 48 -42.13 -22.22 -29.14
CA SER B 48 -40.68 -22.22 -29.36
C SER B 48 -40.03 -21.43 -28.23
N LEU B 49 -39.33 -22.14 -27.35
CA LEU B 49 -38.69 -21.52 -26.19
C LEU B 49 -37.24 -21.12 -26.45
N SER B 50 -36.76 -21.32 -27.67
CA SER B 50 -35.37 -21.09 -28.01
C SER B 50 -35.28 -20.73 -29.48
N GLY B 51 -34.20 -20.06 -29.84
CA GLY B 51 -34.06 -19.60 -31.20
C GLY B 51 -34.51 -18.17 -31.36
N ARG B 52 -34.50 -17.72 -32.62
CA ARG B 52 -34.77 -16.31 -32.90
C ARG B 52 -36.18 -15.91 -32.47
N CYS B 53 -37.18 -16.69 -32.86
CA CYS B 53 -38.58 -16.36 -32.66
CA CYS B 53 -38.58 -16.35 -32.65
C CYS B 53 -39.20 -17.27 -31.62
N TRP B 54 -39.74 -16.68 -30.56
CA TRP B 54 -40.43 -17.40 -29.49
C TRP B 54 -41.93 -17.26 -29.77
N ALA B 55 -42.46 -18.17 -30.57
CA ALA B 55 -43.83 -18.08 -31.04
C ALA B 55 -44.59 -19.30 -30.57
N GLY B 56 -45.90 -19.32 -30.83
CA GLY B 56 -46.74 -20.39 -30.35
C GLY B 56 -47.44 -21.07 -31.50
N SER B 57 -48.00 -22.24 -31.21
CA SER B 57 -48.75 -22.94 -32.24
C SER B 57 -49.52 -24.10 -31.63
N LEU B 58 -50.81 -24.15 -31.95
CA LEU B 58 -51.70 -25.21 -31.57
C LEU B 58 -51.71 -26.27 -32.65
N TRP B 59 -52.15 -27.48 -32.32
CA TRP B 59 -52.19 -28.53 -33.32
C TRP B 59 -53.27 -29.55 -32.98
N LEU B 60 -54.10 -29.87 -33.97
CA LEU B 60 -55.16 -30.85 -33.86
C LEU B 60 -54.84 -32.05 -34.74
N PHE B 61 -54.88 -33.24 -34.16
CA PHE B 61 -54.61 -34.48 -34.88
C PHE B 61 -55.84 -35.36 -34.77
N LYS B 62 -56.34 -35.82 -35.91
CA LYS B 62 -57.41 -36.82 -35.87
C LYS B 62 -56.85 -38.23 -35.79
N ASP B 63 -55.55 -38.40 -35.98
CA ASP B 63 -54.86 -39.66 -35.76
C ASP B 63 -53.62 -39.43 -34.92
N PRO B 64 -53.76 -39.20 -33.61
CA PRO B 64 -52.61 -38.70 -32.83
C PRO B 64 -51.36 -39.55 -32.97
N CYS B 65 -51.48 -40.80 -33.39
CA CYS B 65 -50.30 -41.60 -33.67
C CYS B 65 -49.42 -40.94 -34.71
N ALA B 66 -49.99 -40.28 -35.71
CA ALA B 66 -49.22 -39.61 -36.75
C ALA B 66 -48.46 -38.39 -36.24
N ALA B 67 -48.76 -37.91 -35.04
CA ALA B 67 -48.07 -36.73 -34.53
C ALA B 67 -46.67 -37.11 -34.07
N PRO B 68 -45.77 -36.13 -33.92
CA PRO B 68 -46.03 -34.72 -34.21
C PRO B 68 -45.57 -34.30 -35.60
N ASN B 69 -45.67 -35.18 -36.58
CA ASN B 69 -45.26 -34.85 -37.94
C ASN B 69 -46.27 -33.95 -38.60
N GLU B 70 -45.90 -32.68 -38.80
CA GLU B 70 -46.87 -31.66 -39.20
C GLU B 70 -47.63 -32.07 -40.46
N GLY B 71 -46.99 -32.84 -41.33
CA GLY B 71 -47.63 -33.20 -42.59
C GLY B 71 -48.93 -33.96 -42.41
N PHE B 72 -49.16 -34.51 -41.22
CA PHE B 72 -50.37 -35.29 -40.95
C PHE B 72 -51.30 -34.58 -39.97
N CYS B 73 -51.18 -33.27 -39.84
CA CYS B 73 -52.03 -32.52 -38.93
C CYS B 73 -53.29 -32.07 -39.65
N SER B 74 -54.44 -32.47 -39.10
CA SER B 74 -55.71 -32.06 -39.68
C SER B 74 -55.98 -30.57 -39.44
N ALA B 75 -55.24 -29.95 -38.54
CA ALA B 75 -55.46 -28.55 -38.21
C ALA B 75 -54.26 -28.02 -37.46
N GLY B 76 -54.12 -26.69 -37.46
CA GLY B 76 -53.04 -26.03 -36.77
C GLY B 76 -53.04 -24.55 -37.09
N VAL B 77 -52.41 -23.73 -36.25
CA VAL B 77 -52.40 -22.29 -36.45
C VAL B 77 -51.31 -21.69 -35.59
N GLN B 78 -50.90 -20.48 -35.93
CA GLN B 78 -49.92 -19.75 -35.15
C GLN B 78 -50.63 -18.82 -34.16
N THR B 79 -49.86 -18.26 -33.24
CA THR B 79 -50.31 -17.21 -32.33
C THR B 79 -49.27 -16.10 -32.30
N GLU B 80 -49.41 -15.21 -31.33
CA GLU B 80 -48.38 -14.18 -31.19
C GLU B 80 -47.21 -14.67 -30.37
N ALA B 81 -47.46 -15.40 -29.28
CA ALA B 81 -46.39 -15.90 -28.43
C ALA B 81 -46.76 -17.27 -27.89
N GLY B 82 -45.97 -17.74 -26.93
CA GLY B 82 -45.99 -19.13 -26.51
C GLY B 82 -47.22 -19.62 -25.79
N VAL B 83 -47.47 -20.93 -25.87
CA VAL B 83 -48.65 -21.55 -25.30
C VAL B 83 -48.20 -22.29 -24.05
N ALA B 84 -48.59 -21.78 -22.89
CA ALA B 84 -48.24 -22.37 -21.60
C ALA B 84 -49.15 -23.52 -21.21
N ASP B 85 -50.45 -23.37 -21.43
CA ASP B 85 -51.38 -24.46 -21.21
C ASP B 85 -52.65 -24.15 -21.98
N LEU B 86 -53.32 -25.20 -22.46
CA LEU B 86 -54.53 -25.03 -23.25
C LEU B 86 -55.54 -26.09 -22.84
N THR B 87 -56.81 -25.82 -23.13
CA THR B 87 -57.89 -26.68 -22.68
C THR B 87 -58.98 -26.73 -23.74
N TRP B 88 -59.74 -27.82 -23.73
CA TRP B 88 -60.92 -27.91 -24.56
C TRP B 88 -62.07 -27.14 -23.90
N VAL B 89 -62.78 -26.35 -24.68
CA VAL B 89 -64.04 -25.74 -24.25
C VAL B 89 -65.12 -26.28 -25.17
N GLY B 90 -65.88 -27.25 -24.67
CA GLY B 90 -66.86 -27.93 -25.50
C GLY B 90 -66.21 -28.93 -26.41
N GLU B 91 -66.47 -28.85 -27.71
CA GLU B 91 -65.90 -29.74 -28.69
C GLU B 91 -65.10 -29.04 -29.77
N ARG B 92 -65.33 -27.74 -29.99
CA ARG B 92 -64.62 -26.98 -31.02
C ARG B 92 -63.92 -25.76 -30.47
N GLY B 93 -64.01 -25.50 -29.17
CA GLY B 93 -63.31 -24.39 -28.55
C GLY B 93 -61.89 -24.77 -28.22
N ILE B 94 -61.10 -23.77 -27.84
CA ILE B 94 -59.72 -23.95 -27.43
C ILE B 94 -59.36 -22.81 -26.50
N LEU B 95 -58.82 -23.11 -25.34
CA LEU B 95 -58.36 -22.09 -24.41
C LEU B 95 -56.83 -22.11 -24.41
N VAL B 96 -56.23 -20.97 -24.68
CA VAL B 96 -54.78 -20.86 -24.85
C VAL B 96 -54.28 -19.71 -24.00
N ALA B 97 -53.19 -19.94 -23.28
CA ALA B 97 -52.57 -18.93 -22.44
C ALA B 97 -51.23 -18.56 -23.02
N SER B 98 -51.13 -17.37 -23.60
CA SER B 98 -49.90 -16.92 -24.22
C SER B 98 -48.85 -16.64 -23.16
N ASP B 99 -47.58 -16.67 -23.55
CA ASP B 99 -46.56 -16.10 -22.68
C ASP B 99 -46.83 -14.62 -22.42
N SER B 100 -47.53 -13.94 -23.33
CA SER B 100 -47.72 -12.50 -23.21
C SER B 100 -48.55 -12.16 -21.98
N GLY B 101 -49.56 -12.98 -21.72
CA GLY B 101 -50.45 -12.72 -20.61
C GLY B 101 -51.88 -12.47 -21.01
N ALA B 102 -52.27 -12.87 -22.21
CA ALA B 102 -53.63 -12.69 -22.68
C ALA B 102 -54.20 -14.04 -23.08
N VAL B 103 -55.33 -14.40 -22.50
CA VAL B 103 -56.03 -15.64 -22.82
C VAL B 103 -56.85 -15.39 -24.07
N GLU B 104 -56.80 -16.32 -25.02
CA GLU B 104 -57.48 -16.16 -26.29
C GLU B 104 -58.22 -17.45 -26.64
N LEU B 105 -59.38 -17.30 -27.28
CA LEU B 105 -60.27 -18.41 -27.56
C LEU B 105 -60.30 -18.68 -29.06
N TRP B 106 -59.91 -19.89 -29.44
CA TRP B 106 -59.73 -20.29 -30.83
C TRP B 106 -60.80 -21.27 -31.24
N GLU B 107 -61.93 -20.78 -31.71
CA GLU B 107 -62.99 -21.67 -32.14
C GLU B 107 -62.51 -22.46 -33.34
N LEU B 108 -62.35 -23.77 -33.16
CA LEU B 108 -62.06 -24.64 -34.29
C LEU B 108 -63.12 -24.47 -35.34
N ASP B 109 -62.70 -24.40 -36.60
CA ASP B 109 -63.67 -24.27 -37.68
C ASP B 109 -64.44 -25.57 -37.83
N GLU B 110 -65.69 -25.46 -38.27
CA GLU B 110 -66.57 -26.61 -38.36
C GLU B 110 -66.01 -27.72 -39.24
N ASN B 111 -65.15 -27.39 -40.21
CA ASN B 111 -64.58 -28.42 -41.06
C ASN B 111 -63.50 -29.22 -40.34
N GLU B 112 -63.05 -28.76 -39.17
CA GLU B 112 -61.92 -29.35 -38.50
C GLU B 112 -60.65 -29.17 -39.33
N THR B 113 -60.62 -28.10 -40.13
CA THR B 113 -59.51 -27.82 -41.03
C THR B 113 -58.82 -26.49 -40.76
N LEU B 114 -59.51 -25.52 -40.18
CA LEU B 114 -58.92 -24.21 -39.89
C LEU B 114 -59.22 -23.84 -38.45
N ILE B 115 -58.31 -23.06 -37.86
CA ILE B 115 -58.41 -22.63 -36.48
C ILE B 115 -58.49 -21.11 -36.47
N VAL B 116 -59.58 -20.56 -35.92
CA VAL B 116 -59.89 -19.15 -36.00
C VAL B 116 -59.91 -18.55 -34.61
N SER B 117 -59.14 -17.48 -34.42
CA SER B 117 -59.19 -16.73 -33.17
C SER B 117 -60.54 -16.06 -32.99
N LYS B 118 -61.04 -16.05 -31.76
CA LYS B 118 -62.26 -15.33 -31.42
C LYS B 118 -62.00 -14.07 -30.60
N PHE B 119 -61.28 -14.20 -29.48
CA PHE B 119 -60.81 -13.03 -28.77
C PHE B 119 -59.42 -13.32 -28.23
N CYS B 120 -58.68 -12.25 -27.97
CA CYS B 120 -57.39 -12.32 -27.31
C CYS B 120 -57.33 -11.11 -26.38
N LYS B 121 -57.78 -11.30 -25.13
CA LYS B 121 -57.94 -10.22 -24.19
C LYS B 121 -56.68 -10.09 -23.36
N TYR B 122 -55.96 -8.99 -23.51
CA TYR B 122 -54.75 -8.75 -22.73
C TYR B 122 -55.16 -8.37 -21.32
N GLU B 123 -55.26 -9.38 -20.46
CA GLU B 123 -55.79 -9.17 -19.14
C GLU B 123 -54.75 -9.27 -18.04
N HIS B 124 -53.76 -10.13 -18.16
CA HIS B 124 -52.81 -10.29 -17.08
C HIS B 124 -51.64 -9.34 -17.25
N ASP B 125 -50.87 -9.17 -16.19
CA ASP B 125 -49.70 -8.32 -16.19
C ASP B 125 -48.40 -9.10 -16.30
N ASP B 126 -48.45 -10.39 -16.59
CA ASP B 126 -47.24 -11.16 -16.79
C ASP B 126 -47.63 -12.59 -17.12
N ILE B 127 -46.62 -13.43 -17.40
CA ILE B 127 -46.81 -14.71 -18.06
C ILE B 127 -48.03 -15.43 -17.50
N VAL B 128 -48.89 -15.94 -18.40
CA VAL B 128 -50.01 -16.78 -18.01
C VAL B 128 -49.50 -18.20 -17.85
N SER B 129 -49.72 -18.81 -16.69
CA SER B 129 -49.12 -20.09 -16.37
C SER B 129 -50.12 -21.22 -16.30
N THR B 130 -51.42 -20.94 -16.22
CA THR B 130 -52.41 -22.00 -16.21
C THR B 130 -53.73 -21.48 -16.76
N VAL B 131 -54.56 -22.39 -17.25
CA VAL B 131 -55.96 -22.12 -17.52
C VAL B 131 -56.74 -23.40 -17.26
N SER B 132 -58.05 -23.26 -17.13
CA SER B 132 -58.91 -24.39 -16.85
C SER B 132 -60.35 -23.92 -16.88
N VAL B 133 -61.25 -24.81 -17.30
CA VAL B 133 -62.65 -24.47 -17.51
C VAL B 133 -63.46 -24.99 -16.33
N LEU B 134 -64.37 -24.16 -15.82
CA LEU B 134 -65.22 -24.59 -14.72
C LEU B 134 -66.02 -25.81 -15.14
N SER B 135 -66.65 -26.44 -14.16
CA SER B 135 -67.30 -27.73 -14.41
C SER B 135 -68.36 -27.63 -15.50
N SER B 136 -69.17 -26.58 -15.49
CA SER B 136 -70.22 -26.46 -16.48
C SER B 136 -69.66 -26.34 -17.88
N GLY B 137 -68.61 -25.53 -18.05
CA GLY B 137 -68.06 -25.25 -19.36
C GLY B 137 -68.39 -23.88 -19.89
N THR B 138 -68.68 -22.91 -19.04
CA THR B 138 -69.04 -21.57 -19.48
C THR B 138 -68.07 -20.50 -18.99
N GLN B 139 -67.23 -20.79 -18.02
CA GLN B 139 -66.36 -19.81 -17.43
C GLN B 139 -64.96 -20.39 -17.34
N ALA B 140 -63.99 -19.53 -17.10
CA ALA B 140 -62.60 -19.96 -17.09
C ALA B 140 -61.86 -19.26 -15.97
N VAL B 141 -60.75 -19.85 -15.57
CA VAL B 141 -59.86 -19.26 -14.59
C VAL B 141 -58.44 -19.37 -15.11
N SER B 142 -57.64 -18.35 -14.84
CA SER B 142 -56.25 -18.31 -15.27
C SER B 142 -55.40 -17.80 -14.13
N GLY B 143 -54.12 -18.10 -14.15
CA GLY B 143 -53.24 -17.61 -13.12
C GLY B 143 -51.90 -17.25 -13.67
N SER B 144 -51.45 -16.03 -13.44
CA SER B 144 -50.23 -15.56 -14.05
C SER B 144 -49.27 -15.09 -12.99
N LYS B 145 -47.99 -15.07 -13.33
CA LYS B 145 -46.98 -14.64 -12.37
C LYS B 145 -47.22 -13.21 -11.89
N ASP B 146 -48.22 -12.52 -12.43
CA ASP B 146 -48.86 -11.47 -11.67
C ASP B 146 -49.89 -12.12 -10.78
N ILE B 147 -49.60 -12.15 -9.49
CA ILE B 147 -50.16 -13.12 -8.56
C ILE B 147 -51.67 -13.26 -8.73
N CYS B 148 -52.30 -12.28 -9.35
CA CYS B 148 -53.75 -12.27 -9.49
C CYS B 148 -54.25 -13.45 -10.30
N ILE B 149 -55.34 -14.03 -9.82
CA ILE B 149 -56.11 -15.05 -10.51
C ILE B 149 -57.40 -14.40 -11.01
N LYS B 150 -57.85 -14.79 -12.19
CA LYS B 150 -59.03 -14.18 -12.77
C LYS B 150 -60.08 -15.24 -13.09
N VAL B 151 -61.27 -14.78 -13.48
CA VAL B 151 -62.37 -15.64 -13.89
C VAL B 151 -63.00 -15.06 -15.15
N TRP B 152 -63.24 -15.89 -16.15
CA TRP B 152 -63.69 -15.44 -17.46
C TRP B 152 -65.14 -15.84 -17.70
N ASP B 153 -65.82 -15.08 -18.57
CA ASP B 153 -67.07 -15.50 -19.16
C ASP B 153 -66.83 -15.71 -20.65
N LEU B 154 -66.76 -16.96 -21.08
CA LEU B 154 -66.37 -17.22 -22.46
C LEU B 154 -67.43 -16.74 -23.45
N ALA B 155 -68.71 -16.78 -23.07
CA ALA B 155 -69.76 -16.33 -23.97
C ALA B 155 -69.70 -14.82 -24.20
N GLN B 156 -69.58 -14.03 -23.13
CA GLN B 156 -69.59 -12.58 -23.22
C GLN B 156 -68.20 -11.98 -23.27
N GLN B 157 -67.16 -12.75 -22.93
CA GLN B 157 -65.77 -12.37 -23.23
C GLN B 157 -65.31 -11.16 -22.43
N VAL B 158 -65.47 -11.21 -21.11
CA VAL B 158 -64.75 -10.32 -20.19
C VAL B 158 -64.53 -11.07 -18.88
N VAL B 159 -63.82 -10.41 -17.97
CA VAL B 159 -63.45 -11.00 -16.69
C VAL B 159 -64.50 -10.63 -15.66
N LEU B 160 -65.06 -11.63 -14.99
CA LEU B 160 -66.09 -11.40 -13.98
C LEU B 160 -65.49 -11.09 -12.61
N SER B 161 -64.30 -11.61 -12.34
CA SER B 161 -63.70 -11.51 -11.01
C SER B 161 -62.19 -11.60 -11.12
N SER B 162 -61.49 -10.71 -10.44
CA SER B 162 -60.03 -10.64 -10.50
C SER B 162 -59.47 -10.61 -9.09
N TYR B 163 -59.30 -11.79 -8.49
CA TYR B 163 -58.88 -11.90 -7.09
C TYR B 163 -57.38 -11.92 -7.03
N ARG B 164 -56.79 -11.02 -6.26
CA ARG B 164 -55.35 -11.07 -5.99
C ARG B 164 -55.14 -11.72 -4.62
N ALA B 165 -55.29 -13.05 -4.58
CA ALA B 165 -55.27 -13.77 -3.31
C ALA B 165 -53.88 -14.17 -2.85
N HIS B 166 -53.12 -14.90 -3.67
CA HIS B 166 -51.82 -15.40 -3.26
C HIS B 166 -50.82 -14.26 -3.10
N ALA B 167 -49.59 -14.62 -2.73
CA ALA B 167 -48.53 -13.65 -2.53
C ALA B 167 -47.32 -13.89 -3.42
N ALA B 168 -47.35 -14.88 -4.29
CA ALA B 168 -46.33 -15.08 -5.31
C ALA B 168 -47.00 -15.62 -6.56
N GLN B 169 -46.23 -16.14 -7.50
CA GLN B 169 -46.83 -16.62 -8.73
C GLN B 169 -47.78 -17.77 -8.44
N VAL B 170 -48.81 -17.88 -9.25
CA VAL B 170 -49.75 -19.00 -9.16
C VAL B 170 -49.25 -20.14 -10.01
N THR B 171 -48.98 -21.29 -9.38
CA THR B 171 -48.31 -22.37 -10.09
C THR B 171 -49.29 -23.27 -10.82
N CYS B 172 -50.53 -23.33 -10.37
CA CYS B 172 -51.48 -24.21 -11.05
C CYS B 172 -52.90 -23.85 -10.66
N VAL B 173 -53.85 -24.44 -11.36
CA VAL B 173 -55.26 -24.32 -11.07
C VAL B 173 -55.95 -25.58 -11.62
N ALA B 174 -57.01 -26.01 -10.96
CA ALA B 174 -57.78 -27.17 -11.41
C ALA B 174 -59.24 -26.95 -11.08
N ALA B 175 -60.08 -26.85 -12.11
CA ALA B 175 -61.49 -26.60 -11.88
C ALA B 175 -62.19 -27.85 -11.37
N SER B 176 -63.19 -27.65 -10.53
CA SER B 176 -63.87 -28.79 -9.92
C SER B 176 -64.73 -29.50 -10.95
N PRO B 177 -64.49 -30.78 -11.18
CA PRO B 177 -65.26 -31.49 -12.23
C PRO B 177 -66.75 -31.48 -12.00
N HIS B 178 -67.19 -31.36 -10.74
CA HIS B 178 -68.60 -31.56 -10.42
C HIS B 178 -69.34 -30.32 -9.91
N LYS B 179 -68.66 -29.37 -9.28
CA LYS B 179 -69.32 -28.16 -8.79
C LYS B 179 -68.84 -26.96 -9.58
N ASP B 180 -69.77 -26.24 -10.19
CA ASP B 180 -69.40 -25.15 -11.07
C ASP B 180 -68.71 -24.01 -10.35
N SER B 181 -68.76 -23.97 -9.03
CA SER B 181 -68.20 -22.85 -8.30
C SER B 181 -66.97 -23.22 -7.49
N VAL B 182 -66.30 -24.30 -7.82
CA VAL B 182 -65.15 -24.76 -7.04
C VAL B 182 -63.97 -24.98 -7.96
N PHE B 183 -62.83 -24.40 -7.60
CA PHE B 183 -61.59 -24.67 -8.31
C PHE B 183 -60.47 -24.61 -7.29
N LEU B 184 -59.36 -25.26 -7.61
CA LEU B 184 -58.18 -25.22 -6.77
C LEU B 184 -57.11 -24.35 -7.42
N SER B 185 -56.12 -23.97 -6.60
CA SER B 185 -54.98 -23.25 -7.12
C SER B 185 -53.88 -23.24 -6.07
N CYS B 186 -52.73 -23.80 -6.42
CA CYS B 186 -51.59 -23.78 -5.54
C CYS B 186 -50.70 -22.64 -5.96
N SER B 187 -49.71 -22.32 -5.14
CA SER B 187 -48.85 -21.17 -5.38
C SER B 187 -47.41 -21.52 -5.05
N GLU B 188 -46.52 -20.55 -5.26
CA GLU B 188 -45.18 -20.68 -4.72
C GLU B 188 -45.02 -20.03 -3.37
N ASP B 189 -46.10 -19.48 -2.82
CA ASP B 189 -46.12 -19.08 -1.42
C ASP B 189 -46.81 -20.11 -0.55
N ASN B 190 -46.65 -21.39 -0.86
CA ASN B 190 -47.02 -22.53 -0.03
C ASN B 190 -48.48 -22.60 0.34
N ARG B 191 -49.33 -21.76 -0.23
CA ARG B 191 -50.76 -21.81 0.04
C ARG B 191 -51.42 -22.71 -0.99
N ILE B 192 -52.38 -23.52 -0.54
CA ILE B 192 -53.26 -24.24 -1.43
C ILE B 192 -54.68 -23.78 -1.11
N LEU B 193 -55.35 -23.21 -2.09
CA LEU B 193 -56.64 -22.57 -1.87
C LEU B 193 -57.73 -23.31 -2.63
N LEU B 194 -58.73 -23.79 -1.90
CA LEU B 194 -59.98 -24.23 -2.50
C LEU B 194 -60.92 -23.05 -2.58
N TRP B 195 -61.50 -22.82 -3.74
CA TRP B 195 -62.21 -21.58 -4.01
C TRP B 195 -63.68 -21.86 -4.25
N ASP B 196 -64.47 -20.79 -4.16
CA ASP B 196 -65.90 -20.86 -4.50
C ASP B 196 -66.31 -19.51 -5.07
N THR B 197 -67.09 -19.54 -6.14
CA THR B 197 -67.53 -18.30 -6.76
C THR B 197 -68.69 -17.63 -6.02
N ARG B 198 -69.29 -18.30 -5.04
CA ARG B 198 -70.44 -17.75 -4.34
C ARG B 198 -70.07 -16.93 -3.11
N CYS B 199 -69.23 -17.47 -2.24
CA CYS B 199 -69.02 -16.93 -0.92
C CYS B 199 -68.50 -15.48 -0.99
N PRO B 200 -68.87 -14.65 -0.01
CA PRO B 200 -68.30 -13.29 0.04
C PRO B 200 -66.80 -13.29 0.19
N LYS B 201 -66.22 -14.28 0.86
CA LYS B 201 -64.78 -14.45 0.91
C LYS B 201 -64.46 -15.79 0.26
N PRO B 202 -64.05 -15.80 -1.01
CA PRO B 202 -64.05 -17.08 -1.75
C PRO B 202 -62.91 -18.01 -1.37
N ALA B 203 -61.77 -17.47 -0.99
CA ALA B 203 -60.59 -18.31 -0.72
C ALA B 203 -60.84 -19.22 0.48
N SER B 204 -60.12 -20.32 0.52
CA SER B 204 -60.25 -21.26 1.63
C SER B 204 -58.97 -22.08 1.77
N GLN B 205 -58.08 -21.62 2.63
CA GLN B 205 -56.78 -22.27 2.80
C GLN B 205 -56.98 -23.68 3.34
N ILE B 206 -56.66 -24.68 2.54
CA ILE B 206 -56.85 -26.07 2.92
C ILE B 206 -55.58 -26.84 2.60
N GLY B 207 -54.72 -26.99 3.60
CA GLY B 207 -53.48 -27.72 3.42
C GLY B 207 -53.70 -29.15 2.98
N PRO B 211 -46.23 -25.65 5.80
CA PRO B 211 -44.79 -25.53 6.08
C PRO B 211 -44.00 -26.66 5.45
N GLY B 212 -44.59 -27.29 4.44
CA GLY B 212 -43.91 -28.37 3.76
C GLY B 212 -43.15 -27.91 2.54
N TYR B 213 -43.07 -28.81 1.56
CA TYR B 213 -42.47 -28.47 0.29
C TYR B 213 -43.48 -27.76 -0.62
N LEU B 214 -42.96 -26.89 -1.47
CA LEU B 214 -43.80 -26.03 -2.29
C LEU B 214 -44.69 -26.87 -3.22
N PRO B 215 -45.98 -26.58 -3.30
CA PRO B 215 -46.84 -27.36 -4.19
C PRO B 215 -46.70 -26.86 -5.63
N THR B 216 -46.87 -27.77 -6.58
CA THR B 216 -46.60 -27.49 -7.98
C THR B 216 -47.61 -28.06 -8.97
N SER B 217 -48.68 -28.69 -8.51
CA SER B 217 -49.69 -29.19 -9.42
C SER B 217 -50.89 -29.71 -8.66
N LEU B 218 -52.08 -29.56 -9.28
CA LEU B 218 -53.33 -29.95 -8.67
C LEU B 218 -54.18 -30.72 -9.67
N ALA B 219 -55.02 -31.62 -9.17
CA ALA B 219 -55.99 -32.30 -10.02
C ALA B 219 -57.04 -32.97 -9.14
N TRP B 220 -58.29 -32.58 -9.33
CA TRP B 220 -59.40 -33.13 -8.55
C TRP B 220 -59.61 -34.59 -8.88
N HIS B 221 -60.10 -35.33 -7.90
CA HIS B 221 -60.46 -36.72 -8.15
C HIS B 221 -61.69 -36.77 -9.04
N PRO B 222 -61.72 -37.64 -10.05
CA PRO B 222 -62.87 -37.64 -10.97
C PRO B 222 -64.13 -38.29 -10.40
N GLN B 223 -64.05 -39.05 -9.32
CA GLN B 223 -65.24 -39.75 -8.84
C GLN B 223 -65.67 -39.33 -7.44
N GLN B 224 -64.77 -39.41 -6.47
CA GLN B 224 -65.08 -38.97 -5.12
C GLN B 224 -64.69 -37.50 -5.01
N SER B 225 -65.64 -36.64 -5.35
CA SER B 225 -65.38 -35.28 -5.82
C SER B 225 -64.71 -34.38 -4.81
N GLU B 226 -64.53 -34.84 -3.57
CA GLU B 226 -63.92 -34.01 -2.56
C GLU B 226 -62.49 -34.42 -2.25
N VAL B 227 -61.87 -35.23 -3.10
CA VAL B 227 -60.46 -35.56 -3.01
C VAL B 227 -59.73 -34.81 -4.11
N PHE B 228 -58.60 -34.21 -3.76
CA PHE B 228 -57.73 -33.59 -4.75
C PHE B 228 -56.29 -33.84 -4.33
N VAL B 229 -55.40 -33.86 -5.32
CA VAL B 229 -54.01 -34.18 -5.07
C VAL B 229 -53.13 -33.05 -5.56
N PHE B 230 -52.25 -32.59 -4.67
CA PHE B 230 -51.25 -31.59 -5.01
C PHE B 230 -49.90 -32.27 -5.06
N GLY B 231 -49.16 -32.06 -6.14
CA GLY B 231 -47.80 -32.56 -6.27
C GLY B 231 -46.80 -31.49 -5.89
N ASP B 232 -45.82 -31.85 -5.07
CA ASP B 232 -44.92 -30.85 -4.53
C ASP B 232 -43.66 -30.74 -5.37
N GLU B 233 -42.80 -29.80 -4.98
CA GLU B 233 -41.54 -29.50 -5.65
C GLU B 233 -40.48 -30.55 -5.45
N ASN B 234 -40.69 -31.52 -4.55
CA ASN B 234 -39.69 -32.53 -4.28
C ASN B 234 -40.12 -33.92 -4.72
N GLY B 235 -41.11 -34.02 -5.58
CA GLY B 235 -41.46 -35.31 -6.13
C GLY B 235 -42.33 -36.16 -5.24
N THR B 236 -43.19 -35.53 -4.45
CA THR B 236 -44.07 -36.24 -3.55
C THR B 236 -45.51 -35.91 -3.91
N VAL B 237 -46.20 -36.86 -4.51
CA VAL B 237 -47.63 -36.73 -4.79
C VAL B 237 -48.37 -36.86 -3.48
N SER B 238 -49.33 -35.98 -3.24
CA SER B 238 -50.14 -36.04 -2.03
C SER B 238 -51.57 -36.43 -2.37
N LEU B 239 -52.38 -36.59 -1.33
CA LEU B 239 -53.80 -36.85 -1.47
C LEU B 239 -54.50 -36.27 -0.25
N VAL B 240 -54.94 -35.03 -0.34
CA VAL B 240 -55.50 -34.30 0.80
C VAL B 240 -57.01 -34.24 0.66
N ASP B 241 -57.70 -34.30 1.79
CA ASP B 241 -59.14 -34.12 1.85
C ASP B 241 -59.45 -32.67 2.24
N THR B 242 -60.34 -32.04 1.47
CA THR B 242 -60.61 -30.63 1.67
C THR B 242 -61.04 -30.33 3.10
N LYS B 243 -62.04 -31.06 3.60
CA LYS B 243 -62.60 -30.75 4.90
C LYS B 243 -61.83 -31.40 6.04
N SER B 244 -60.86 -32.26 5.76
CA SER B 244 -60.06 -32.89 6.81
C SER B 244 -58.65 -32.33 6.90
N THR B 245 -57.94 -32.23 5.78
CA THR B 245 -56.63 -31.60 5.70
C THR B 245 -55.56 -32.36 6.48
N SER B 246 -55.70 -33.67 6.63
CA SER B 246 -54.64 -34.52 7.15
C SER B 246 -53.94 -35.11 5.94
N CYS B 247 -52.64 -34.84 5.80
CA CYS B 247 -51.96 -35.36 4.63
C CYS B 247 -52.17 -36.87 4.62
N VAL B 248 -53.02 -37.35 3.72
CA VAL B 248 -53.52 -38.71 3.83
C VAL B 248 -52.49 -39.70 3.31
N LEU B 249 -52.16 -39.61 2.04
CA LEU B 249 -51.29 -40.59 1.43
C LEU B 249 -50.41 -39.90 0.40
N SER B 250 -49.10 -40.04 0.58
CA SER B 250 -48.13 -39.34 -0.24
C SER B 250 -46.95 -40.26 -0.51
N SER B 251 -46.31 -40.07 -1.66
CA SER B 251 -45.15 -40.86 -2.00
C SER B 251 -44.18 -40.01 -2.81
N ALA B 252 -42.89 -40.25 -2.58
CA ALA B 252 -41.83 -39.52 -3.30
C ALA B 252 -41.55 -40.24 -4.60
N VAL B 253 -42.57 -40.27 -5.47
CA VAL B 253 -42.45 -41.02 -6.72
C VAL B 253 -41.37 -40.44 -7.61
N HIS B 254 -41.22 -39.12 -7.62
CA HIS B 254 -40.26 -38.45 -8.49
C HIS B 254 -39.20 -37.75 -7.67
N SER B 255 -38.00 -37.71 -8.23
CA SER B 255 -36.89 -37.02 -7.59
C SER B 255 -36.80 -35.55 -7.97
N GLN B 256 -37.79 -35.02 -8.69
CA GLN B 256 -37.85 -33.62 -9.06
C GLN B 256 -39.30 -33.20 -9.27
N CYS B 257 -39.48 -31.89 -9.36
CA CYS B 257 -40.80 -31.25 -9.39
C CYS B 257 -41.81 -32.07 -10.17
N VAL B 258 -42.98 -32.26 -9.57
CA VAL B 258 -44.09 -32.94 -10.22
C VAL B 258 -44.85 -31.93 -11.08
N THR B 259 -44.68 -32.01 -12.40
CA THR B 259 -45.23 -30.98 -13.27
C THR B 259 -46.73 -31.14 -13.50
N GLY B 260 -47.26 -32.35 -13.45
CA GLY B 260 -48.67 -32.50 -13.72
C GLY B 260 -49.20 -33.82 -13.21
N LEU B 261 -50.50 -33.83 -12.92
CA LEU B 261 -51.20 -35.04 -12.50
C LEU B 261 -52.54 -35.09 -13.21
N VAL B 262 -52.86 -36.24 -13.78
CA VAL B 262 -54.06 -36.38 -14.60
C VAL B 262 -54.63 -37.78 -14.40
N PHE B 263 -55.82 -37.85 -13.81
CA PHE B 263 -56.41 -39.13 -13.45
C PHE B 263 -56.86 -39.88 -14.70
N SER B 264 -57.12 -41.18 -14.54
CA SER B 264 -57.52 -42.02 -15.66
C SER B 264 -59.03 -42.13 -15.75
N PRO B 265 -59.55 -42.45 -16.94
CA PRO B 265 -61.00 -42.57 -17.11
C PRO B 265 -61.60 -43.84 -16.52
N HIS B 266 -60.79 -44.77 -16.05
CA HIS B 266 -61.31 -45.97 -15.39
C HIS B 266 -62.12 -45.59 -14.16
N SER B 267 -63.20 -46.33 -13.92
CA SER B 267 -64.09 -46.03 -12.81
C SER B 267 -63.29 -45.84 -11.53
N VAL B 268 -62.36 -46.76 -11.27
CA VAL B 268 -61.35 -46.58 -10.24
C VAL B 268 -60.08 -46.09 -10.94
N PRO B 269 -59.83 -44.79 -10.98
CA PRO B 269 -58.82 -44.26 -11.89
C PRO B 269 -57.42 -44.29 -11.31
N PHE B 270 -56.45 -44.34 -12.21
CA PHE B 270 -55.04 -44.20 -11.85
C PHE B 270 -54.63 -42.75 -12.04
N LEU B 271 -53.50 -42.39 -11.44
CA LEU B 271 -53.01 -41.01 -11.47
C LEU B 271 -51.66 -41.00 -12.18
N ALA B 272 -51.54 -40.16 -13.21
CA ALA B 272 -50.30 -40.05 -13.98
C ALA B 272 -49.41 -39.00 -13.36
N SER B 273 -48.11 -39.26 -13.34
CA SER B 273 -47.19 -38.46 -12.54
C SER B 273 -45.93 -38.20 -13.36
N LEU B 274 -45.84 -37.01 -13.93
CA LEU B 274 -44.72 -36.63 -14.79
C LEU B 274 -43.98 -35.43 -14.23
N SER B 275 -42.67 -35.54 -14.15
CA SER B 275 -41.86 -34.59 -13.41
C SER B 275 -40.72 -34.08 -14.27
N GLU B 276 -40.01 -33.10 -13.75
CA GLU B 276 -38.87 -32.51 -14.44
C GLU B 276 -37.75 -33.51 -14.64
N ASP B 277 -37.80 -34.64 -13.95
CA ASP B 277 -36.80 -35.70 -14.07
C ASP B 277 -36.83 -36.35 -15.44
N CYS B 278 -37.85 -36.07 -16.24
CA CYS B 278 -38.05 -36.75 -17.51
C CYS B 278 -38.56 -38.17 -17.30
N SER B 279 -39.40 -38.34 -16.28
CA SER B 279 -39.91 -39.66 -15.94
C SER B 279 -41.41 -39.57 -15.69
N LEU B 280 -42.12 -40.59 -16.15
CA LEU B 280 -43.56 -40.70 -15.94
C LEU B 280 -43.89 -41.99 -15.20
N ALA B 281 -44.84 -41.89 -14.29
CA ALA B 281 -45.32 -43.04 -13.54
C ALA B 281 -46.82 -42.95 -13.38
N VAL B 282 -47.45 -44.07 -13.05
CA VAL B 282 -48.88 -44.12 -12.79
C VAL B 282 -49.08 -44.54 -11.34
N LEU B 283 -49.98 -43.84 -10.65
CA LEU B 283 -50.17 -44.01 -9.22
C LEU B 283 -51.61 -44.44 -8.95
N ASP B 284 -51.78 -45.27 -7.92
CA ASP B 284 -53.09 -45.77 -7.52
C ASP B 284 -53.57 -45.05 -6.25
N SER B 285 -54.67 -45.56 -5.69
CA SER B 285 -55.21 -45.02 -4.44
C SER B 285 -54.29 -45.25 -3.25
N SER B 286 -53.33 -46.17 -3.34
CA SER B 286 -52.32 -46.35 -2.32
C SER B 286 -51.00 -45.71 -2.71
N LEU B 287 -50.98 -44.95 -3.80
CA LEU B 287 -49.74 -44.41 -4.36
C LEU B 287 -48.69 -45.52 -4.55
N SER B 288 -49.16 -46.66 -5.05
CA SER B 288 -48.29 -47.73 -5.46
C SER B 288 -47.99 -47.63 -6.95
N GLU B 289 -46.71 -47.64 -7.28
CA GLU B 289 -46.27 -47.45 -8.65
C GLU B 289 -46.77 -48.60 -9.51
N LEU B 290 -47.36 -48.27 -10.66
CA LEU B 290 -47.68 -49.25 -11.67
C LEU B 290 -46.66 -49.22 -12.81
N PHE B 291 -46.51 -48.06 -13.44
CA PHE B 291 -45.74 -47.91 -14.66
C PHE B 291 -44.73 -46.77 -14.51
N ARG B 292 -43.54 -46.98 -15.05
CA ARG B 292 -42.51 -45.95 -15.04
C ARG B 292 -41.81 -45.97 -16.38
N SER B 293 -41.92 -44.87 -17.12
CA SER B 293 -41.36 -44.77 -18.46
C SER B 293 -40.34 -43.65 -18.49
N GLN B 294 -39.14 -43.97 -18.95
CA GLN B 294 -38.13 -42.97 -19.24
C GLN B 294 -38.11 -42.60 -20.72
N ALA B 295 -39.22 -42.80 -21.42
CA ALA B 295 -39.29 -42.63 -22.86
C ALA B 295 -38.80 -41.25 -23.27
N HIS B 296 -39.05 -40.25 -22.44
CA HIS B 296 -38.71 -38.88 -22.76
C HIS B 296 -37.29 -38.54 -22.31
N ARG B 297 -36.55 -37.88 -23.19
CA ARG B 297 -35.19 -37.44 -22.92
C ARG B 297 -35.11 -35.98 -22.57
N ASP B 298 -36.20 -35.39 -22.08
CA ASP B 298 -36.17 -34.07 -21.47
C ASP B 298 -37.47 -33.89 -20.69
N PHE B 299 -37.77 -32.66 -20.31
CA PHE B 299 -38.93 -32.43 -19.46
C PHE B 299 -40.18 -33.03 -20.09
N VAL B 300 -40.80 -33.96 -19.38
CA VAL B 300 -42.15 -34.39 -19.72
C VAL B 300 -43.07 -33.26 -19.27
N ARG B 301 -43.87 -32.75 -20.20
CA ARG B 301 -44.60 -31.51 -19.96
C ARG B 301 -46.09 -31.66 -19.78
N ASP B 302 -46.72 -32.68 -20.33
CA ASP B 302 -48.07 -32.98 -19.87
C ASP B 302 -48.58 -34.21 -20.61
N ALA B 303 -49.51 -34.89 -19.99
CA ALA B 303 -49.96 -36.19 -20.47
C ALA B 303 -51.47 -36.19 -20.60
N THR B 304 -52.00 -37.24 -21.21
CA THR B 304 -53.44 -37.42 -21.28
C THR B 304 -53.75 -38.88 -21.60
N TRP B 305 -54.93 -39.33 -21.19
CA TRP B 305 -55.32 -40.71 -21.42
C TRP B 305 -56.19 -40.81 -22.65
N SER B 306 -56.24 -42.00 -23.23
CA SER B 306 -57.00 -42.20 -24.46
C SER B 306 -58.49 -42.16 -24.17
N PRO B 307 -59.24 -41.24 -24.79
CA PRO B 307 -60.70 -41.31 -24.70
C PRO B 307 -61.28 -42.47 -25.48
N LEU B 308 -60.46 -43.23 -26.20
CA LEU B 308 -60.92 -44.46 -26.85
C LEU B 308 -60.38 -45.70 -26.15
N ASN B 309 -59.07 -45.81 -26.03
CA ASN B 309 -58.43 -46.99 -25.45
C ASN B 309 -57.92 -46.62 -24.06
N HIS B 310 -58.64 -47.06 -23.04
CA HIS B 310 -58.30 -46.65 -21.67
C HIS B 310 -56.98 -47.20 -21.20
N SER B 311 -56.39 -48.13 -21.93
CA SER B 311 -55.03 -48.58 -21.66
C SER B 311 -53.99 -47.74 -22.38
N LEU B 312 -54.41 -46.71 -23.10
CA LEU B 312 -53.54 -45.93 -23.98
C LEU B 312 -53.38 -44.51 -23.44
N LEU B 313 -52.15 -44.12 -23.19
CA LEU B 313 -51.82 -42.81 -22.63
C LEU B 313 -50.88 -42.10 -23.60
N THR B 314 -51.04 -40.78 -23.73
CA THR B 314 -50.20 -39.98 -24.62
C THR B 314 -49.43 -38.95 -23.80
N THR B 315 -48.14 -38.85 -24.04
CA THR B 315 -47.27 -37.92 -23.34
C THR B 315 -46.57 -37.02 -24.34
N VAL B 316 -46.43 -35.75 -23.99
CA VAL B 316 -45.72 -34.78 -24.82
C VAL B 316 -44.70 -34.06 -23.98
N GLY B 317 -43.49 -33.91 -24.53
CA GLY B 317 -42.39 -33.33 -23.80
C GLY B 317 -41.57 -32.38 -24.65
N TRP B 318 -40.51 -31.85 -24.03
CA TRP B 318 -39.62 -30.92 -24.69
C TRP B 318 -38.50 -31.62 -25.45
N ASP B 319 -38.51 -32.94 -25.49
CA ASP B 319 -37.72 -33.65 -26.49
C ASP B 319 -38.48 -33.84 -27.79
N HIS B 320 -39.55 -33.07 -27.98
CA HIS B 320 -40.38 -33.05 -29.18
C HIS B 320 -41.02 -34.40 -29.45
N GLN B 321 -40.82 -35.38 -28.60
CA GLN B 321 -41.42 -36.69 -28.81
C GLN B 321 -42.85 -36.68 -28.32
N VAL B 322 -43.68 -37.51 -28.93
CA VAL B 322 -45.01 -37.82 -28.43
C VAL B 322 -45.09 -39.33 -28.33
N VAL B 323 -44.71 -39.87 -27.17
CA VAL B 323 -44.60 -41.31 -26.99
C VAL B 323 -45.90 -41.84 -26.42
N HIS B 324 -46.49 -42.81 -27.11
CA HIS B 324 -47.72 -43.45 -26.69
C HIS B 324 -47.39 -44.61 -25.77
N HIS B 325 -48.01 -44.62 -24.59
CA HIS B 325 -47.73 -45.63 -23.59
C HIS B 325 -48.93 -46.57 -23.49
N VAL B 326 -48.63 -47.87 -23.43
CA VAL B 326 -49.62 -48.87 -23.06
C VAL B 326 -49.38 -49.19 -21.59
N VAL B 327 -50.33 -48.81 -20.75
CA VAL B 327 -50.19 -48.93 -19.30
C VAL B 327 -50.87 -50.23 -18.88
N PRO B 328 -50.37 -50.92 -17.85
CA PRO B 328 -51.00 -52.13 -17.31
C PRO B 328 -52.41 -51.87 -16.79
N ARG C 13 -6.36 20.51 -38.91
CA ARG C 13 -5.34 21.51 -38.59
C ARG C 13 -4.46 21.09 -37.43
N VAL C 14 -3.28 21.73 -37.36
CA VAL C 14 -2.35 21.54 -36.27
C VAL C 14 -2.18 22.86 -35.54
N SER C 15 -2.24 22.82 -34.21
CA SER C 15 -2.14 24.02 -33.40
C SER C 15 -0.92 24.81 -33.81
N SER C 16 -0.90 26.09 -33.48
CA SER C 16 0.28 26.91 -33.74
C SER C 16 0.07 28.28 -33.13
N GLY C 17 1.09 28.78 -32.44
CA GLY C 17 0.96 30.03 -31.75
C GLY C 17 2.20 30.87 -31.89
N ARG C 18 2.03 32.18 -31.76
CA ARG C 18 3.10 33.13 -31.91
C ARG C 18 3.85 33.26 -30.60
N ASP C 19 5.17 33.14 -30.67
CA ASP C 19 6.01 33.48 -29.54
C ASP C 19 6.33 34.96 -29.59
N LEU C 20 6.06 35.65 -28.50
CA LEU C 20 6.25 37.10 -28.44
C LEU C 20 7.24 37.43 -27.34
N ASN C 21 7.77 38.64 -27.41
CA ASN C 21 8.51 39.25 -26.33
C ASN C 21 8.15 40.72 -26.20
N CYS C 22 7.22 41.17 -27.04
CA CYS C 22 6.74 42.55 -27.03
C CYS C 22 5.23 42.51 -27.08
N VAL C 23 4.60 42.63 -25.92
CA VAL C 23 3.15 42.75 -25.82
C VAL C 23 2.87 44.01 -25.01
N PRO C 24 2.82 45.17 -25.65
CA PRO C 24 2.51 46.39 -24.92
C PRO C 24 1.09 46.35 -24.37
N GLU C 25 0.14 45.93 -25.20
CA GLU C 25 -1.24 45.77 -24.80
C GLU C 25 -1.63 44.31 -25.00
N ILE C 26 -1.98 43.65 -23.90
CA ILE C 26 -2.22 42.21 -23.95
C ILE C 26 -3.43 41.90 -24.82
N ALA C 27 -4.51 42.68 -24.66
CA ALA C 27 -5.73 42.44 -25.42
C ALA C 27 -5.52 42.72 -26.91
N ASP C 28 -4.90 43.85 -27.23
CA ASP C 28 -4.66 44.17 -28.64
C ASP C 28 -3.80 43.10 -29.29
N THR C 29 -2.71 42.70 -28.62
CA THR C 29 -1.80 41.72 -29.20
C THR C 29 -2.50 40.39 -29.42
N LEU C 30 -3.25 39.92 -28.43
CA LEU C 30 -3.91 38.65 -28.61
C LEU C 30 -4.96 38.72 -29.71
N GLY C 31 -5.62 39.87 -29.83
CA GLY C 31 -6.55 40.02 -30.94
C GLY C 31 -5.85 39.94 -32.28
N ALA C 32 -4.71 40.61 -32.40
CA ALA C 32 -3.97 40.58 -33.66
C ALA C 32 -3.52 39.16 -34.01
N VAL C 33 -2.99 38.42 -33.02
CA VAL C 33 -2.56 37.07 -33.36
C VAL C 33 -3.78 36.24 -33.75
N ALA C 34 -4.90 36.38 -33.05
CA ALA C 34 -6.06 35.59 -33.42
C ALA C 34 -6.49 35.88 -34.85
N LYS C 35 -6.49 37.15 -35.26
CA LYS C 35 -6.79 37.47 -36.65
C LYS C 35 -5.79 36.80 -37.59
N GLN C 36 -4.51 36.84 -37.25
CA GLN C 36 -3.51 36.20 -38.11
C GLN C 36 -3.75 34.70 -38.26
N GLY C 37 -4.53 34.12 -37.37
CA GLY C 37 -4.88 32.72 -37.46
C GLY C 37 -4.25 31.81 -36.44
N PHE C 38 -3.37 32.33 -35.60
CA PHE C 38 -2.75 31.51 -34.58
C PHE C 38 -3.83 31.00 -33.64
N ASP C 39 -3.51 29.99 -32.84
CA ASP C 39 -4.46 29.50 -31.85
C ASP C 39 -4.15 30.03 -30.46
N PHE C 40 -2.88 30.12 -30.11
CA PHE C 40 -2.47 30.50 -28.77
C PHE C 40 -1.31 31.47 -28.87
N LEU C 41 -0.78 31.87 -27.71
CA LEU C 41 0.26 32.88 -27.65
C LEU C 41 1.20 32.53 -26.50
N CYS C 42 2.50 32.65 -26.74
CA CYS C 42 3.51 32.45 -25.71
C CYS C 42 4.09 33.81 -25.36
N MET C 43 3.79 34.29 -24.16
CA MET C 43 4.10 35.66 -23.78
C MET C 43 4.80 35.65 -22.43
N PRO C 44 5.52 36.71 -22.09
CA PRO C 44 6.09 36.83 -20.75
C PRO C 44 5.03 37.31 -19.78
N VAL C 45 5.09 36.79 -18.56
CA VAL C 45 4.10 37.16 -17.55
C VAL C 45 4.57 38.34 -16.69
N PHE C 46 5.82 38.34 -16.26
CA PHE C 46 6.44 39.53 -15.73
C PHE C 46 7.30 40.13 -16.83
N HIS C 47 7.42 41.44 -16.85
CA HIS C 47 8.12 42.08 -17.96
C HIS C 47 9.53 41.50 -18.10
N PRO C 48 10.05 41.37 -19.31
CA PRO C 48 11.35 40.72 -19.48
C PRO C 48 12.51 41.43 -18.81
N ARG C 49 12.59 42.75 -18.94
CA ARG C 49 13.70 43.52 -18.41
C ARG C 49 13.45 44.00 -16.99
N PHE C 50 12.37 43.56 -16.36
CA PHE C 50 12.01 44.02 -15.03
C PHE C 50 12.72 43.14 -14.00
N LYS C 51 13.94 43.54 -13.68
CA LYS C 51 14.71 42.76 -12.71
C LYS C 51 14.24 43.09 -11.30
N ARG C 52 13.69 42.10 -10.63
CA ARG C 52 13.14 42.25 -9.30
C ARG C 52 14.07 41.57 -8.30
N GLU C 53 14.51 42.33 -7.31
CA GLU C 53 15.40 41.82 -6.28
C GLU C 53 14.61 41.44 -5.05
N PHE C 54 14.89 40.26 -4.52
CA PHE C 54 14.17 39.74 -3.36
C PHE C 54 15.00 39.62 -2.10
N ILE C 55 16.15 40.27 -2.02
CA ILE C 55 17.10 40.05 -0.94
C ILE C 55 17.37 41.32 -0.15
N GLN C 56 17.94 42.34 -0.79
CA GLN C 56 18.48 43.48 -0.07
C GLN C 56 17.87 44.78 -0.55
N GLU C 57 17.54 45.65 0.39
CA GLU C 57 17.01 46.98 0.16
C GLU C 57 18.08 47.86 -0.48
N PRO C 58 17.68 49.00 -1.04
CA PRO C 58 16.27 49.39 -1.06
C PRO C 58 15.52 48.86 -2.29
N ALA C 59 16.20 48.07 -3.11
CA ALA C 59 15.56 47.51 -4.30
C ALA C 59 14.55 46.43 -3.95
N LYS C 60 14.65 45.86 -2.75
CA LYS C 60 13.72 44.82 -2.34
C LYS C 60 12.30 45.34 -2.24
N ASN C 61 12.15 46.67 -2.23
CA ASN C 61 10.87 47.30 -1.91
C ASN C 61 10.31 48.14 -3.05
N ARG C 62 10.53 47.78 -4.31
CA ARG C 62 9.96 48.58 -5.37
C ARG C 62 8.44 48.48 -5.25
N PRO C 63 7.72 49.57 -5.09
CA PRO C 63 6.28 49.45 -4.85
C PRO C 63 5.62 48.75 -6.03
N GLY C 64 4.54 48.04 -5.74
CA GLY C 64 3.83 47.32 -6.76
C GLY C 64 3.15 48.26 -7.73
N PRO C 65 2.42 47.71 -8.69
CA PRO C 65 2.25 46.28 -8.84
C PRO C 65 3.52 45.59 -9.32
N GLN C 66 3.43 44.29 -9.59
CA GLN C 66 4.57 43.57 -10.13
C GLN C 66 4.40 43.29 -11.62
N THR C 67 3.17 43.12 -12.08
CA THR C 67 2.92 42.69 -13.46
C THR C 67 1.54 43.18 -13.89
N ARG C 68 1.14 42.79 -15.10
CA ARG C 68 -0.20 43.05 -15.60
C ARG C 68 -1.25 42.41 -14.71
N SER C 69 -2.33 43.14 -14.48
CA SER C 69 -3.36 42.66 -13.58
C SER C 69 -3.91 41.35 -14.10
N ASP C 70 -4.34 40.50 -13.17
CA ASP C 70 -4.96 39.23 -13.51
C ASP C 70 -6.17 39.40 -14.41
N LEU C 71 -6.82 40.57 -14.36
CA LEU C 71 -8.15 40.70 -14.93
C LEU C 71 -8.14 41.13 -16.40
N LEU C 72 -6.97 41.39 -16.97
CA LEU C 72 -6.93 41.85 -18.36
C LEU C 72 -7.56 40.85 -19.31
N LEU C 73 -7.65 39.58 -18.92
CA LEU C 73 -8.37 38.58 -19.67
C LEU C 73 -9.25 37.79 -18.72
N SER C 74 -10.22 37.09 -19.28
CA SER C 74 -11.03 36.21 -18.47
C SER C 74 -10.33 34.88 -18.26
N GLY C 75 -10.64 34.24 -17.14
CA GLY C 75 -10.09 32.93 -16.85
C GLY C 75 -10.03 32.03 -18.08
N ARG C 76 -11.01 32.15 -18.97
CA ARG C 76 -11.00 31.31 -20.16
C ARG C 76 -9.88 31.70 -21.12
N ASP C 77 -9.69 32.99 -21.36
CA ASP C 77 -8.59 33.39 -22.22
C ASP C 77 -7.26 32.99 -21.60
N TRP C 78 -7.06 33.31 -20.33
CA TRP C 78 -5.82 32.90 -19.65
C TRP C 78 -5.58 31.42 -19.80
N ASN C 79 -6.61 30.61 -19.63
CA ASN C 79 -6.41 29.18 -19.53
C ASN C 79 -6.24 28.53 -20.89
N THR C 80 -6.91 29.03 -21.91
CA THR C 80 -6.89 28.33 -23.19
C THR C 80 -5.93 28.92 -24.20
N LEU C 81 -5.70 30.24 -24.20
CA LEU C 81 -4.85 30.80 -25.23
C LEU C 81 -3.40 30.97 -24.83
N ILE C 82 -3.12 31.51 -23.66
CA ILE C 82 -1.81 32.02 -23.32
C ILE C 82 -0.92 30.87 -22.89
N VAL C 83 0.39 31.04 -23.09
CA VAL C 83 1.42 30.18 -22.53
C VAL C 83 2.52 31.07 -22.00
N GLY C 84 2.88 30.91 -20.74
CA GLY C 84 3.79 31.84 -20.12
C GLY C 84 5.22 31.61 -20.53
N LYS C 85 6.09 32.54 -20.16
CA LYS C 85 7.52 32.41 -20.41
C LYS C 85 8.30 32.78 -19.16
N LEU C 86 9.39 32.06 -18.91
CA LEU C 86 10.23 32.36 -17.76
C LEU C 86 11.24 33.43 -18.13
N SER C 87 11.22 34.53 -17.39
CA SER C 87 11.92 35.74 -17.81
C SER C 87 13.35 35.43 -18.21
N PRO C 88 13.91 36.14 -19.19
CA PRO C 88 15.32 35.87 -19.57
C PRO C 88 16.32 36.07 -18.45
N TRP C 89 16.16 37.09 -17.61
CA TRP C 89 17.20 37.38 -16.62
C TRP C 89 17.33 36.28 -15.58
N ILE C 90 16.24 35.60 -15.25
CA ILE C 90 16.28 34.50 -14.29
C ILE C 90 17.31 33.49 -14.76
N ARG C 91 18.33 33.24 -13.94
CA ARG C 91 19.37 32.26 -14.23
C ARG C 91 19.69 31.47 -12.97
N PRO C 92 18.83 30.54 -12.58
CA PRO C 92 19.02 29.87 -11.28
C PRO C 92 20.25 29.02 -11.19
N ASP C 93 21.10 29.01 -12.21
CA ASP C 93 22.34 28.24 -12.14
C ASP C 93 23.57 29.10 -12.34
N SER C 94 23.42 30.41 -12.33
CA SER C 94 24.60 31.28 -12.38
C SER C 94 25.49 30.98 -11.19
N LYS C 95 26.77 31.32 -11.32
CA LYS C 95 27.70 31.00 -10.26
C LYS C 95 27.59 31.97 -9.10
N VAL C 96 27.44 33.25 -9.38
CA VAL C 96 27.28 34.25 -8.31
C VAL C 96 26.24 33.75 -7.33
N GLU C 97 26.57 33.73 -6.05
CA GLU C 97 25.61 33.29 -5.05
C GLU C 97 24.40 34.22 -5.02
N LYS C 98 24.64 35.52 -5.09
CA LYS C 98 23.52 36.45 -5.07
C LYS C 98 22.57 36.18 -6.21
N ILE C 99 23.10 35.98 -7.42
CA ILE C 99 22.23 35.72 -8.56
C ILE C 99 21.56 34.37 -8.43
N ARG C 100 22.23 33.39 -7.83
CA ARG C 100 21.57 32.12 -7.62
C ARG C 100 20.34 32.29 -6.74
N ARG C 101 20.48 33.05 -5.65
CA ARG C 101 19.36 33.18 -4.71
C ARG C 101 18.25 34.05 -5.29
N ASN C 102 18.62 35.15 -5.94
CA ASN C 102 17.63 35.97 -6.62
C ASN C 102 16.88 35.17 -7.67
N SER C 103 17.59 34.35 -8.45
CA SER C 103 16.94 33.60 -9.50
C SER C 103 16.04 32.53 -8.93
N GLU C 104 16.45 31.88 -7.85
CA GLU C 104 15.55 30.94 -7.19
C GLU C 104 14.24 31.62 -6.84
N ALA C 105 14.33 32.77 -6.16
CA ALA C 105 13.11 33.47 -5.75
C ALA C 105 12.27 33.90 -6.94
N ALA C 106 12.92 34.48 -7.96
CA ALA C 106 12.18 34.97 -9.10
C ALA C 106 11.50 33.84 -9.86
N MET C 107 12.19 32.73 -10.07
CA MET C 107 11.59 31.62 -10.78
C MET C 107 10.41 31.05 -10.01
N LEU C 108 10.53 30.91 -8.69
CA LEU C 108 9.37 30.48 -7.93
C LEU C 108 8.22 31.44 -8.12
N GLN C 109 8.50 32.75 -8.04
CA GLN C 109 7.47 33.75 -8.26
C GLN C 109 6.77 33.52 -9.58
N GLU C 110 7.54 33.40 -10.64
CA GLU C 110 6.95 33.40 -11.98
C GLU C 110 6.15 32.14 -12.21
N LEU C 111 6.64 31.01 -11.70
CA LEU C 111 5.91 29.76 -11.89
C LEU C 111 4.61 29.77 -11.09
N ASN C 112 4.63 30.34 -9.89
CA ASN C 112 3.43 30.36 -9.08
C ASN C 112 2.39 31.31 -9.65
N PHE C 113 2.82 32.46 -10.17
CA PHE C 113 1.89 33.36 -10.85
C PHE C 113 1.36 32.72 -12.13
N GLY C 114 2.17 31.94 -12.84
CA GLY C 114 1.65 31.24 -13.98
C GLY C 114 0.58 30.24 -13.61
N ALA C 115 0.81 29.47 -12.56
CA ALA C 115 -0.20 28.51 -12.12
C ALA C 115 -1.46 29.20 -11.65
N TYR C 116 -1.32 30.30 -10.90
CA TYR C 116 -2.48 31.08 -10.49
C TYR C 116 -3.30 31.54 -11.68
N LEU C 117 -2.68 32.24 -12.64
CA LEU C 117 -3.43 32.59 -13.84
C LEU C 117 -4.06 31.38 -14.49
N GLY C 118 -3.40 30.23 -14.46
CA GLY C 118 -4.00 29.04 -15.02
C GLY C 118 -3.33 28.55 -16.27
N LEU C 119 -2.29 29.24 -16.72
CA LEU C 119 -1.72 28.99 -18.04
C LEU C 119 -1.65 27.50 -18.31
N PRO C 120 -1.88 27.06 -19.55
CA PRO C 120 -1.88 25.63 -19.83
C PRO C 120 -0.51 25.07 -20.09
N ALA C 121 0.53 25.91 -20.09
CA ALA C 121 1.88 25.43 -20.23
C ALA C 121 2.85 26.58 -20.08
N PHE C 122 4.08 26.26 -19.70
CA PHE C 122 5.06 27.25 -19.27
C PHE C 122 6.38 26.95 -19.97
N LEU C 123 7.03 27.96 -20.54
CA LEU C 123 8.21 27.76 -21.39
C LEU C 123 9.50 28.11 -20.66
N LEU C 124 10.34 27.10 -20.47
CA LEU C 124 11.59 27.22 -19.74
C LEU C 124 12.73 26.80 -20.65
N PRO C 125 13.85 27.53 -20.62
CA PRO C 125 14.94 27.22 -21.53
C PRO C 125 15.98 26.31 -20.92
N LEU C 126 16.72 25.62 -21.79
CA LEU C 126 17.92 24.88 -21.42
C LEU C 126 19.04 25.38 -22.31
N ASN C 127 19.76 26.39 -21.85
CA ASN C 127 20.79 26.99 -22.68
C ASN C 127 22.20 26.79 -22.11
N GLN C 128 22.37 25.81 -21.22
CA GLN C 128 23.70 25.45 -20.77
C GLN C 128 23.62 24.11 -20.08
N GLU C 129 24.78 23.54 -19.77
CA GLU C 129 24.82 22.19 -19.24
C GLU C 129 24.40 22.14 -17.77
N ASP C 130 24.82 23.13 -16.99
CA ASP C 130 24.61 23.10 -15.54
C ASP C 130 23.19 23.56 -15.26
N ASN C 131 22.24 22.62 -15.20
CA ASN C 131 20.84 22.92 -14.99
C ASN C 131 20.29 22.27 -13.72
N THR C 132 21.16 21.96 -12.76
CA THR C 132 20.73 21.21 -11.60
C THR C 132 19.87 22.03 -10.67
N ASN C 133 20.30 23.26 -10.37
CA ASN C 133 19.45 24.09 -9.52
C ASN C 133 18.11 24.36 -10.16
N LEU C 134 18.10 24.55 -11.48
CA LEU C 134 16.85 24.76 -12.20
C LEU C 134 15.93 23.55 -12.05
N ALA C 135 16.46 22.35 -12.24
CA ALA C 135 15.64 21.18 -12.05
C ALA C 135 15.12 21.10 -10.63
N ARG C 136 15.96 21.44 -9.64
CA ARG C 136 15.49 21.36 -8.25
C ARG C 136 14.35 22.33 -8.00
N VAL C 137 14.52 23.59 -8.38
CA VAL C 137 13.45 24.54 -8.15
C VAL C 137 12.19 24.09 -8.86
N LEU C 138 12.33 23.55 -10.07
CA LEU C 138 11.13 23.19 -10.82
C LEU C 138 10.44 22.00 -10.17
N THR C 139 11.19 21.03 -9.66
CA THR C 139 10.53 19.90 -9.02
C THR C 139 9.88 20.31 -7.70
N ASN C 140 10.52 21.22 -6.96
CA ASN C 140 9.89 21.73 -5.76
C ASN C 140 8.62 22.49 -6.07
N HIS C 141 8.55 23.10 -7.26
CA HIS C 141 7.30 23.75 -7.64
C HIS C 141 6.27 22.74 -8.10
N ILE C 142 6.71 21.65 -8.72
CA ILE C 142 5.77 20.59 -9.09
C ILE C 142 5.18 19.93 -7.87
N HIS C 143 5.88 19.96 -6.73
CA HIS C 143 5.39 19.32 -5.52
C HIS C 143 4.87 20.30 -4.47
N THR C 144 4.29 21.41 -4.89
CA THR C 144 3.69 22.34 -3.95
C THR C 144 2.36 22.81 -4.51
N GLY C 145 1.28 22.45 -3.82
CA GLY C 145 -0.05 22.84 -4.24
C GLY C 145 -0.58 21.97 -5.35
N HIS C 146 -1.85 22.19 -5.65
CA HIS C 146 -2.54 21.45 -6.71
C HIS C 146 -2.72 22.41 -7.88
N HIS C 147 -1.98 22.16 -8.96
CA HIS C 147 -2.05 22.97 -10.17
C HIS C 147 -1.83 22.07 -11.37
N SER C 148 -2.15 22.58 -12.56
CA SER C 148 -2.11 21.75 -13.75
C SER C 148 -1.40 22.38 -14.93
N SER C 149 -0.64 23.44 -14.71
CA SER C 149 0.25 23.93 -15.76
C SER C 149 1.20 22.82 -16.18
N MET C 150 1.56 22.79 -17.46
CA MET C 150 2.56 21.87 -17.97
C MET C 150 3.73 22.63 -18.54
N PHE C 151 4.94 22.11 -18.34
CA PHE C 151 6.16 22.89 -18.52
C PHE C 151 6.90 22.44 -19.77
N TRP C 152 7.03 23.34 -20.73
CA TRP C 152 7.72 23.08 -21.98
C TRP C 152 9.14 23.59 -21.88
N MET C 153 10.10 22.67 -21.86
CA MET C 153 11.50 23.00 -21.56
C MET C 153 12.25 23.24 -22.86
N ARG C 154 12.06 24.41 -23.43
CA ARG C 154 12.67 24.81 -24.69
C ARG C 154 14.15 24.43 -24.71
N VAL C 155 14.57 23.69 -25.73
CA VAL C 155 15.95 23.24 -25.84
C VAL C 155 16.31 23.10 -27.31
N PRO C 156 17.30 23.82 -27.82
CA PRO C 156 17.59 23.78 -29.26
C PRO C 156 18.24 22.49 -29.72
N LEU C 157 18.03 22.17 -30.98
CA LEU C 157 18.68 20.99 -31.55
C LEU C 157 20.19 21.16 -31.56
N VAL C 158 20.67 22.30 -32.03
CA VAL C 158 22.10 22.59 -32.13
C VAL C 158 22.39 23.80 -31.26
N ALA C 159 23.36 23.68 -30.38
CA ALA C 159 23.51 24.70 -29.36
C ALA C 159 23.85 26.05 -30.00
N PRO C 160 23.63 27.15 -29.30
CA PRO C 160 24.06 28.44 -29.82
C PRO C 160 25.55 28.48 -30.10
N GLU C 161 26.35 27.92 -29.21
CA GLU C 161 27.80 27.97 -29.38
C GLU C 161 28.26 27.18 -30.60
N ASP C 162 27.36 26.46 -31.24
CA ASP C 162 27.69 25.78 -32.48
C ASP C 162 26.89 26.27 -33.68
N LEU C 163 25.89 27.13 -33.47
CA LEU C 163 25.24 27.78 -34.59
C LEU C 163 25.93 29.05 -35.06
N ARG C 164 26.95 29.53 -34.36
CA ARG C 164 27.45 30.87 -34.62
C ARG C 164 28.30 30.93 -35.87
N ASP C 165 28.31 32.10 -36.51
CA ASP C 165 29.14 32.32 -37.69
C ASP C 165 30.60 32.45 -37.30
N ASP C 166 31.48 31.86 -38.11
CA ASP C 166 32.91 31.86 -37.83
C ASP C 166 33.51 33.23 -38.17
N ILE C 167 33.46 34.12 -37.17
CA ILE C 167 33.97 35.48 -37.32
C ILE C 167 34.91 35.88 -36.20
N ILE C 168 35.13 35.03 -35.21
CA ILE C 168 36.07 35.33 -34.15
C ILE C 168 37.45 34.92 -34.64
N GLU C 169 38.26 35.92 -35.01
CA GLU C 169 39.54 35.66 -35.67
C GLU C 169 40.52 34.95 -34.74
N ASN C 170 40.23 34.95 -33.44
CA ASN C 170 41.21 34.51 -32.45
C ASN C 170 40.81 33.24 -31.71
N ALA C 171 39.62 32.70 -31.93
CA ALA C 171 39.14 31.53 -31.19
C ALA C 171 38.20 30.71 -32.05
N PRO C 172 38.65 30.28 -33.22
CA PRO C 172 37.75 29.58 -34.14
C PRO C 172 37.25 28.26 -33.56
N THR C 173 36.05 27.88 -34.00
CA THR C 173 35.42 26.68 -33.50
C THR C 173 36.20 25.45 -33.95
N THR C 174 36.06 24.35 -33.18
CA THR C 174 36.61 23.08 -33.56
C THR C 174 35.69 22.37 -34.55
N HIS C 175 35.95 22.56 -35.84
CA HIS C 175 35.10 22.04 -36.91
C HIS C 175 35.23 20.54 -37.10
N THR C 176 36.30 19.93 -36.58
CA THR C 176 36.52 18.51 -36.83
C THR C 176 35.36 17.68 -36.27
N GLU C 177 35.37 16.39 -36.61
CA GLU C 177 34.34 15.47 -36.16
C GLU C 177 34.21 15.55 -34.65
N GLU C 178 33.04 15.96 -34.18
CA GLU C 178 32.69 15.93 -32.76
C GLU C 178 31.34 15.22 -32.65
N TYR C 179 31.36 13.89 -32.60
CA TYR C 179 30.12 13.14 -32.71
C TYR C 179 29.12 13.55 -31.64
N SER C 180 29.44 13.28 -30.37
CA SER C 180 28.52 13.66 -29.31
C SER C 180 28.65 15.14 -28.97
N GLY C 181 29.69 15.78 -29.47
CA GLY C 181 29.72 17.23 -29.46
C GLY C 181 28.57 17.81 -30.26
N GLU C 182 28.02 17.01 -31.18
CA GLU C 182 26.81 17.36 -31.90
C GLU C 182 25.55 16.91 -31.15
N GLU C 183 25.70 16.09 -30.10
CA GLU C 183 24.58 15.62 -29.29
C GLU C 183 24.54 16.25 -27.92
N LYS C 184 25.40 17.22 -27.65
CA LYS C 184 25.43 17.81 -26.32
C LYS C 184 24.04 18.26 -25.89
N THR C 185 23.21 18.69 -26.83
CA THR C 185 21.92 19.26 -26.46
C THR C 185 20.97 18.19 -25.93
N TRP C 186 20.91 17.05 -26.60
CA TRP C 186 20.04 16.01 -26.07
C TRP C 186 20.48 15.59 -24.70
N MET C 187 21.79 15.56 -24.44
N MET C 187 21.79 15.58 -24.43
CA MET C 187 22.25 15.24 -23.10
CA MET C 187 22.21 15.22 -23.09
C MET C 187 21.85 16.31 -22.10
C MET C 187 21.86 16.30 -22.09
N TRP C 188 21.88 17.57 -22.50
CA TRP C 188 21.37 18.63 -21.63
C TRP C 188 19.97 18.28 -21.17
N TRP C 189 19.11 17.95 -22.14
CA TRP C 189 17.73 17.66 -21.82
C TRP C 189 17.63 16.39 -21.00
N HIS C 190 18.45 15.39 -21.32
CA HIS C 190 18.36 14.12 -20.61
C HIS C 190 18.72 14.30 -19.14
N ASN C 191 19.77 15.06 -18.86
CA ASN C 191 20.12 15.33 -17.48
C ASN C 191 19.02 16.12 -16.78
N PHE C 192 18.49 17.15 -17.43
CA PHE C 192 17.42 17.87 -16.77
C PHE C 192 16.26 16.95 -16.44
N ARG C 193 15.84 16.15 -17.41
CA ARG C 193 14.67 15.33 -17.19
C ARG C 193 14.93 14.30 -16.10
N THR C 194 16.09 13.66 -16.10
CA THR C 194 16.37 12.66 -15.09
C THR C 194 16.43 13.27 -13.70
N LEU C 195 17.00 14.47 -13.57
CA LEU C 195 16.94 15.14 -12.27
C LEU C 195 15.50 15.32 -11.86
N CYS C 196 14.69 15.94 -12.69
CA CYS C 196 13.29 16.16 -12.35
C CYS C 196 12.48 14.89 -12.33
N ASP C 197 13.12 13.74 -12.52
CA ASP C 197 12.49 12.45 -12.30
C ASP C 197 11.35 12.19 -13.27
N TYR C 198 11.66 12.27 -14.57
CA TYR C 198 10.72 11.88 -15.62
C TYR C 198 9.32 12.41 -15.38
N SER C 199 9.20 13.53 -14.69
CA SER C 199 7.88 13.99 -14.29
C SER C 199 7.01 14.17 -15.52
N LYS C 200 5.80 13.62 -15.47
CA LYS C 200 4.90 13.71 -16.61
C LYS C 200 4.45 15.12 -16.88
N ARG C 201 4.97 16.10 -16.15
CA ARG C 201 4.65 17.50 -16.34
C ARG C 201 5.80 18.29 -16.92
N ILE C 202 6.85 17.62 -17.38
CA ILE C 202 7.96 18.24 -18.08
C ILE C 202 7.98 17.66 -19.48
N ALA C 203 7.92 18.52 -20.49
CA ALA C 203 7.93 18.11 -21.88
C ALA C 203 8.78 19.08 -22.68
N VAL C 204 9.24 18.65 -23.83
CA VAL C 204 10.25 19.38 -24.59
C VAL C 204 9.55 20.28 -25.58
N ALA C 205 10.23 21.35 -25.98
CA ALA C 205 9.81 22.20 -27.08
C ALA C 205 11.00 22.34 -28.02
N LEU C 206 11.16 21.36 -28.90
CA LEU C 206 12.36 21.24 -29.73
C LEU C 206 12.49 22.41 -30.70
N GLU C 207 13.44 23.30 -30.44
CA GLU C 207 13.76 24.34 -31.42
C GLU C 207 14.28 23.71 -32.70
N ILE C 208 13.99 24.32 -33.85
CA ILE C 208 14.46 23.84 -35.14
C ILE C 208 15.37 24.90 -35.74
N GLY C 209 16.67 24.68 -35.66
CA GLY C 209 17.61 25.57 -36.28
C GLY C 209 17.75 25.32 -37.76
N ALA C 210 18.35 26.28 -38.46
CA ALA C 210 18.39 26.22 -39.92
C ALA C 210 19.06 24.94 -40.41
N ASP C 211 20.07 24.46 -39.70
CA ASP C 211 20.82 23.28 -40.13
C ASP C 211 20.52 22.13 -39.17
N LEU C 212 19.91 21.08 -39.69
CA LEU C 212 19.54 19.95 -38.87
C LEU C 212 20.76 19.10 -38.53
N PRO C 213 20.69 18.27 -37.50
CA PRO C 213 21.71 17.26 -37.27
C PRO C 213 21.43 16.00 -38.10
N SER C 214 22.23 14.97 -37.85
CA SER C 214 22.16 13.78 -38.66
C SER C 214 20.82 13.09 -38.46
N ASN C 215 20.62 11.99 -39.20
CA ASN C 215 19.37 11.25 -39.14
C ASN C 215 19.17 10.57 -37.78
N HIS C 216 20.24 9.99 -37.22
CA HIS C 216 20.09 9.26 -35.97
C HIS C 216 19.60 10.18 -34.85
N VAL C 217 20.16 11.38 -34.76
CA VAL C 217 19.75 12.29 -33.71
C VAL C 217 18.29 12.68 -33.85
N ILE C 218 17.84 13.01 -35.06
CA ILE C 218 16.44 13.39 -35.21
C ILE C 218 15.54 12.19 -35.02
N ASP C 219 16.10 10.98 -35.05
CA ASP C 219 15.34 9.86 -34.50
C ASP C 219 15.37 9.87 -32.98
N ARG C 220 16.47 10.36 -32.40
CA ARG C 220 16.58 10.53 -30.96
C ARG C 220 15.43 11.32 -30.39
N TRP C 221 15.29 12.57 -30.78
CA TRP C 221 14.31 13.44 -30.16
C TRP C 221 12.90 12.95 -30.27
N LEU C 222 12.59 12.04 -31.20
CA LEU C 222 11.34 11.33 -31.09
C LEU C 222 11.46 10.26 -30.02
N GLY C 223 10.34 9.84 -29.48
CA GLY C 223 10.39 9.14 -28.23
C GLY C 223 10.55 10.06 -27.04
N GLU C 224 11.11 11.22 -27.22
CA GLU C 224 11.17 12.27 -26.23
C GLU C 224 9.91 13.13 -26.29
N PRO C 225 9.26 13.36 -25.18
CA PRO C 225 7.90 13.89 -25.25
C PRO C 225 7.92 15.28 -25.82
N ILE C 226 8.17 15.39 -27.13
CA ILE C 226 8.17 16.68 -27.79
C ILE C 226 6.74 17.20 -27.81
N LYS C 227 6.52 18.37 -27.22
CA LYS C 227 5.19 18.95 -27.15
C LYS C 227 5.01 20.17 -28.03
N ALA C 228 6.07 20.72 -28.61
CA ALA C 228 5.95 21.83 -29.52
C ALA C 228 7.29 22.09 -30.18
N ALA C 229 7.30 22.13 -31.49
CA ALA C 229 8.50 22.46 -32.24
C ALA C 229 8.47 23.94 -32.55
N ILE C 230 9.57 24.63 -32.27
CA ILE C 230 9.63 26.08 -32.35
C ILE C 230 10.39 26.46 -33.62
N LEU C 231 9.68 26.95 -34.62
CA LEU C 231 10.29 27.33 -35.87
C LEU C 231 10.52 28.83 -35.88
N PRO C 232 11.77 29.30 -35.94
CA PRO C 232 11.99 30.74 -36.14
C PRO C 232 11.65 31.15 -37.55
N THR C 233 11.35 32.44 -37.75
CA THR C 233 11.16 32.92 -39.10
C THR C 233 12.49 33.16 -39.79
N SER C 234 13.60 32.78 -39.16
CA SER C 234 14.90 32.90 -39.82
C SER C 234 15.23 31.70 -40.69
N ILE C 235 14.45 30.61 -40.61
CA ILE C 235 14.76 29.42 -41.40
C ILE C 235 13.89 29.28 -42.63
N PHE C 236 12.93 30.17 -42.83
CA PHE C 236 12.02 30.06 -43.96
C PHE C 236 12.68 30.66 -45.20
N LEU C 237 12.86 29.82 -46.22
CA LEU C 237 13.41 30.31 -47.48
C LEU C 237 12.37 31.15 -48.23
N THR C 238 12.82 31.80 -49.29
CA THR C 238 11.97 32.62 -50.13
C THR C 238 11.80 31.96 -51.50
N ASN C 239 10.56 31.84 -51.94
CA ASN C 239 10.27 31.26 -53.24
C ASN C 239 10.13 32.37 -54.28
N LYS C 240 10.16 31.97 -55.56
CA LYS C 240 10.18 32.94 -56.64
C LYS C 240 8.99 33.88 -56.61
N LYS C 241 7.83 33.42 -56.15
CA LYS C 241 6.67 34.28 -55.99
C LYS C 241 6.79 35.22 -54.80
N GLY C 242 7.82 35.05 -53.98
CA GLY C 242 8.04 35.93 -52.85
C GLY C 242 7.47 35.46 -51.54
N PHE C 243 7.30 34.15 -51.33
CA PHE C 243 6.72 33.65 -50.10
C PHE C 243 7.59 32.56 -49.48
N PRO C 244 7.45 32.32 -48.18
CA PRO C 244 8.33 31.36 -47.50
C PRO C 244 7.99 29.93 -47.86
N VAL C 245 9.03 29.12 -47.98
CA VAL C 245 8.93 27.68 -48.12
C VAL C 245 10.12 27.06 -47.40
N LEU C 246 10.03 25.76 -47.12
CA LEU C 246 11.06 25.08 -46.37
C LEU C 246 11.69 23.99 -47.23
N SER C 247 13.01 23.86 -47.10
CA SER C 247 13.74 22.91 -47.92
C SER C 247 13.17 21.50 -47.74
N LYS C 248 13.63 20.58 -48.58
CA LYS C 248 13.05 19.24 -48.59
C LYS C 248 13.25 18.54 -47.25
N MET C 249 14.46 18.65 -46.67
CA MET C 249 14.71 17.99 -45.41
C MET C 249 13.97 18.64 -44.24
N HIS C 250 13.90 19.97 -44.21
CA HIS C 250 13.07 20.62 -43.21
C HIS C 250 11.64 20.15 -43.31
N GLN C 251 11.14 19.97 -44.53
CA GLN C 251 9.80 19.44 -44.70
C GLN C 251 9.70 18.03 -44.15
N ARG C 252 10.75 17.23 -44.34
CA ARG C 252 10.76 15.88 -43.78
C ARG C 252 10.61 15.92 -42.26
N LEU C 253 11.41 16.77 -41.61
CA LEU C 253 11.30 16.92 -40.17
C LEU C 253 9.91 17.40 -39.76
N ILE C 254 9.39 18.38 -40.49
CA ILE C 254 8.09 18.95 -40.13
C ILE C 254 6.99 17.91 -40.29
N PHE C 255 7.13 17.01 -41.25
CA PHE C 255 6.14 15.95 -41.40
C PHE C 255 6.24 14.95 -40.25
N ARG C 256 7.46 14.62 -39.83
CA ARG C 256 7.60 13.77 -38.65
C ARG C 256 6.89 14.39 -37.47
N LEU C 257 7.20 15.66 -37.19
CA LEU C 257 6.57 16.32 -36.05
C LEU C 257 5.06 16.37 -36.20
N LEU C 258 4.56 16.65 -37.41
CA LEU C 258 3.12 16.67 -37.63
C LEU C 258 2.50 15.32 -37.27
N LYS C 259 3.11 14.23 -37.70
CA LYS C 259 2.65 12.94 -37.20
C LYS C 259 2.58 12.96 -35.68
N LEU C 260 3.59 13.51 -35.03
CA LEU C 260 3.64 13.47 -33.58
C LEU C 260 2.66 14.45 -32.93
N GLU C 261 1.78 15.07 -33.69
CA GLU C 261 0.79 16.03 -33.19
C GLU C 261 1.39 17.00 -32.18
N VAL C 262 2.39 17.74 -32.64
CA VAL C 262 3.01 18.80 -31.88
C VAL C 262 2.31 20.11 -32.19
N GLN C 263 2.58 21.12 -31.37
CA GLN C 263 2.04 22.45 -31.58
C GLN C 263 3.14 23.42 -31.99
N PHE C 264 3.16 23.78 -33.27
CA PHE C 264 4.24 24.57 -33.85
C PHE C 264 4.12 26.03 -33.44
N ILE C 265 5.25 26.68 -33.21
CA ILE C 265 5.30 28.05 -32.75
C ILE C 265 6.18 28.85 -33.70
N ILE C 266 5.70 30.01 -34.11
CA ILE C 266 6.44 30.87 -35.03
C ILE C 266 7.09 31.99 -34.24
N THR C 267 8.30 31.75 -33.73
CA THR C 267 9.00 32.77 -32.99
C THR C 267 9.92 33.53 -33.92
N GLY C 268 10.19 34.78 -33.56
CA GLY C 268 11.01 35.65 -34.38
C GLY C 268 10.21 36.76 -35.01
N THR C 269 10.92 37.63 -35.71
CA THR C 269 10.27 38.74 -36.40
C THR C 269 9.91 38.33 -37.82
N ASN C 270 9.09 39.16 -38.46
CA ASN C 270 8.78 38.95 -39.88
C ASN C 270 9.98 39.31 -40.73
N HIS C 271 10.47 38.33 -41.48
CA HIS C 271 11.60 38.53 -42.38
C HIS C 271 11.16 38.71 -43.82
N HIS C 272 9.90 38.45 -44.12
CA HIS C 272 9.29 38.72 -45.42
C HIS C 272 8.48 39.99 -45.27
N SER C 273 9.15 41.14 -45.44
CA SER C 273 8.46 42.41 -45.30
C SER C 273 7.52 42.69 -46.46
N GLU C 274 7.75 42.07 -47.62
CA GLU C 274 6.82 42.25 -48.73
C GLU C 274 5.41 41.80 -48.40
N LYS C 275 5.27 40.67 -47.71
CA LYS C 275 3.97 40.12 -47.37
C LYS C 275 3.73 40.17 -45.88
N GLU C 276 2.47 40.25 -45.50
CA GLU C 276 2.07 40.23 -44.10
C GLU C 276 2.54 38.94 -43.44
N PHE C 277 2.43 38.86 -42.12
CA PHE C 277 3.10 37.80 -41.39
C PHE C 277 2.36 36.46 -41.45
N CYS C 278 1.07 36.46 -41.80
CA CYS C 278 0.34 35.20 -41.71
C CYS C 278 0.86 34.16 -42.68
N SER C 279 1.66 34.55 -43.67
CA SER C 279 2.09 33.61 -44.69
C SER C 279 2.78 32.40 -44.09
N TYR C 280 3.49 32.59 -42.99
CA TYR C 280 4.18 31.47 -42.37
C TYR C 280 3.19 30.40 -41.92
N LEU C 281 2.18 30.80 -41.14
CA LEU C 281 1.21 29.83 -40.68
C LEU C 281 0.42 29.25 -41.84
N GLN C 282 0.20 30.06 -42.88
CA GLN C 282 -0.40 29.51 -44.09
C GLN C 282 0.45 28.39 -44.66
N TYR C 283 1.77 28.55 -44.63
CA TYR C 283 2.66 27.52 -45.14
C TYR C 283 2.59 26.26 -44.28
N LEU C 284 2.55 26.41 -42.96
CA LEU C 284 2.44 25.23 -42.11
C LEU C 284 1.15 24.47 -42.42
N GLU C 285 0.04 25.20 -42.56
CA GLU C 285 -1.20 24.54 -42.92
C GLU C 285 -1.09 23.86 -44.28
N TYR C 286 -0.45 24.52 -45.24
CA TYR C 286 -0.27 23.92 -46.56
C TYR C 286 0.43 22.57 -46.44
N LEU C 287 1.55 22.54 -45.70
CA LEU C 287 2.30 21.30 -45.55
C LEU C 287 1.47 20.25 -44.84
N SER C 288 0.75 20.63 -43.79
CA SER C 288 -0.05 19.66 -43.07
C SER C 288 -1.09 19.04 -43.99
N GLN C 289 -1.69 19.85 -44.85
CA GLN C 289 -2.63 19.33 -45.83
C GLN C 289 -1.95 18.37 -46.79
N ASN C 290 -0.72 18.67 -47.21
CA ASN C 290 -0.07 17.87 -48.23
C ASN C 290 0.68 16.66 -47.68
N ARG C 291 0.75 16.50 -46.36
CA ARG C 291 1.54 15.41 -45.80
C ARG C 291 1.02 14.07 -46.32
N PRO C 292 1.90 13.09 -46.51
CA PRO C 292 1.47 11.81 -47.07
C PRO C 292 0.35 11.21 -46.25
N PRO C 293 -0.69 10.71 -46.90
CA PRO C 293 -1.88 10.27 -46.18
C PRO C 293 -1.57 9.14 -45.21
N PRO C 294 -2.23 9.12 -44.07
CA PRO C 294 -2.10 7.97 -43.16
C PRO C 294 -2.64 6.72 -43.82
N ASN C 295 -2.05 5.57 -43.49
CA ASN C 295 -2.44 4.35 -44.17
C ASN C 295 -3.67 3.73 -43.51
N ALA C 296 -4.07 2.58 -44.04
CA ALA C 296 -5.25 1.89 -43.51
C ALA C 296 -5.06 1.53 -42.05
N TYR C 297 -3.89 1.00 -41.70
CA TYR C 297 -3.63 0.67 -40.30
C TYR C 297 -3.75 1.91 -39.43
N GLU C 298 -2.94 2.92 -39.70
CA GLU C 298 -2.94 4.11 -38.85
C GLU C 298 -4.32 4.71 -38.70
N LEU C 299 -5.15 4.63 -39.74
CA LEU C 299 -6.52 5.13 -39.61
C LEU C 299 -7.27 4.42 -38.49
N PHE C 300 -7.20 3.09 -38.46
CA PHE C 300 -7.84 2.36 -37.36
C PHE C 300 -7.19 2.69 -36.04
N ALA C 301 -5.86 2.74 -36.00
CA ALA C 301 -5.16 2.83 -34.74
C ALA C 301 -5.27 4.21 -34.11
N LYS C 302 -5.68 5.23 -34.86
CA LYS C 302 -5.76 6.57 -34.29
C LYS C 302 -6.70 6.57 -33.09
N GLY C 303 -6.32 7.30 -32.04
CA GLY C 303 -7.04 7.30 -30.77
C GLY C 303 -6.53 6.27 -29.78
N TYR C 304 -5.37 5.72 -30.05
CA TYR C 304 -4.79 4.52 -29.45
C TYR C 304 -3.30 4.66 -29.24
N GLU C 305 -2.74 5.83 -29.54
CA GLU C 305 -1.30 5.97 -29.57
C GLU C 305 -0.73 6.01 -28.16
N ASP C 306 0.22 5.11 -27.89
CA ASP C 306 0.91 5.10 -26.61
C ASP C 306 -0.03 4.89 -25.44
N TYR C 307 -1.13 4.18 -25.67
CA TYR C 307 -2.11 3.88 -24.65
C TYR C 307 -1.97 2.42 -24.25
N LEU C 308 -1.45 2.18 -23.05
CA LEU C 308 -1.17 0.82 -22.60
C LEU C 308 -2.44 0.09 -22.21
N GLN C 309 -2.54 -1.15 -22.67
CA GLN C 309 -3.71 -1.99 -22.43
C GLN C 309 -3.25 -3.31 -21.84
N SER C 310 -3.81 -3.69 -20.70
CA SER C 310 -3.43 -4.97 -20.11
C SER C 310 -3.89 -6.11 -21.01
N PRO C 311 -3.00 -7.05 -21.33
CA PRO C 311 -3.35 -8.07 -22.32
C PRO C 311 -4.55 -8.89 -21.84
N LEU C 312 -4.96 -9.85 -22.67
CA LEU C 312 -6.09 -10.71 -22.35
C LEU C 312 -5.66 -11.95 -21.57
N GLN C 313 -6.57 -12.44 -20.74
CA GLN C 313 -6.44 -13.80 -20.23
C GLN C 313 -7.12 -14.71 -21.23
N PRO C 314 -6.40 -15.57 -21.93
CA PRO C 314 -7.03 -16.38 -22.97
C PRO C 314 -8.00 -17.41 -22.43
N LEU C 315 -7.60 -18.16 -21.40
CA LEU C 315 -8.39 -19.31 -20.93
C LEU C 315 -9.20 -19.01 -19.68
N MET C 316 -8.88 -17.94 -18.95
CA MET C 316 -9.65 -17.64 -17.75
C MET C 316 -10.85 -16.74 -18.00
N ASP C 317 -10.83 -15.90 -19.03
CA ASP C 317 -11.96 -15.03 -19.30
C ASP C 317 -12.66 -15.40 -20.59
N ASN C 318 -13.92 -15.00 -20.67
CA ASN C 318 -14.74 -15.18 -21.85
C ASN C 318 -14.78 -13.85 -22.60
N LEU C 319 -14.42 -13.89 -23.87
CA LEU C 319 -14.42 -12.65 -24.64
C LEU C 319 -15.84 -12.17 -24.85
N GLU C 320 -16.05 -10.89 -24.57
CA GLU C 320 -17.35 -10.26 -24.68
C GLU C 320 -17.62 -9.85 -26.12
N SER C 321 -18.90 -9.67 -26.45
CA SER C 321 -19.32 -9.63 -27.85
C SER C 321 -18.79 -8.40 -28.57
N GLN C 322 -18.63 -7.28 -27.87
CA GLN C 322 -17.98 -6.15 -28.52
C GLN C 322 -16.64 -6.52 -29.09
N THR C 323 -15.84 -7.27 -28.35
CA THR C 323 -14.50 -7.63 -28.81
C THR C 323 -14.57 -8.46 -30.08
N TYR C 324 -15.37 -9.52 -30.08
CA TYR C 324 -15.48 -10.31 -31.29
C TYR C 324 -15.93 -9.43 -32.45
N GLU C 325 -16.95 -8.62 -32.23
CA GLU C 325 -17.46 -7.80 -33.32
C GLU C 325 -16.36 -6.93 -33.89
N VAL C 326 -15.63 -6.21 -33.03
CA VAL C 326 -14.66 -5.24 -33.51
C VAL C 326 -13.50 -5.94 -34.20
N PHE C 327 -13.16 -7.15 -33.75
CA PHE C 327 -12.08 -7.87 -34.42
C PHE C 327 -12.58 -8.70 -35.58
N GLU C 328 -13.86 -8.61 -35.91
CA GLU C 328 -14.35 -9.28 -37.10
C GLU C 328 -14.39 -8.35 -38.30
N LYS C 329 -13.96 -7.11 -38.13
CA LYS C 329 -13.83 -6.16 -39.22
C LYS C 329 -12.43 -6.10 -39.79
N ASP C 330 -11.52 -6.94 -39.30
CA ASP C 330 -10.17 -7.01 -39.85
C ASP C 330 -10.23 -7.36 -41.33
N PRO C 331 -9.56 -6.61 -42.20
CA PRO C 331 -9.68 -6.86 -43.64
C PRO C 331 -8.73 -7.90 -44.19
N ILE C 332 -7.74 -8.37 -43.42
CA ILE C 332 -6.73 -9.25 -44.01
C ILE C 332 -6.66 -10.62 -43.38
N LYS C 333 -6.82 -10.72 -42.06
CA LYS C 333 -6.66 -12.02 -41.42
C LYS C 333 -7.61 -13.06 -41.99
N TYR C 334 -8.87 -12.69 -42.24
CA TYR C 334 -9.84 -13.67 -42.70
C TYR C 334 -9.64 -14.00 -44.17
N SER C 335 -9.23 -13.03 -44.97
CA SER C 335 -8.84 -13.33 -46.33
C SER C 335 -7.67 -14.32 -46.36
N GLN C 336 -6.67 -14.07 -45.52
CA GLN C 336 -5.52 -14.97 -45.46
C GLN C 336 -5.96 -16.36 -45.04
N TYR C 337 -6.84 -16.46 -44.03
CA TYR C 337 -7.27 -17.78 -43.58
C TYR C 337 -8.02 -18.52 -44.67
N GLN C 338 -8.89 -17.82 -45.40
CA GLN C 338 -9.61 -18.45 -46.49
C GLN C 338 -8.65 -18.93 -47.56
N GLN C 339 -7.65 -18.11 -47.90
CA GLN C 339 -6.70 -18.50 -48.93
C GLN C 339 -5.88 -19.71 -48.48
N ALA C 340 -5.45 -19.71 -47.22
CA ALA C 340 -4.68 -20.83 -46.71
C ALA C 340 -5.49 -22.11 -46.75
N ILE C 341 -6.74 -22.06 -46.32
CA ILE C 341 -7.56 -23.26 -46.33
C ILE C 341 -7.79 -23.73 -47.76
N TYR C 342 -8.04 -22.79 -48.66
CA TYR C 342 -8.20 -23.13 -50.07
C TYR C 342 -6.99 -23.91 -50.57
N LYS C 343 -5.80 -23.37 -50.32
CA LYS C 343 -4.59 -24.00 -50.83
C LYS C 343 -4.38 -25.37 -50.20
N CYS C 344 -4.60 -25.49 -48.89
CA CYS C 344 -4.40 -26.78 -48.23
C CYS C 344 -5.39 -27.81 -48.72
N LEU C 345 -6.64 -27.41 -48.95
CA LEU C 345 -7.62 -28.35 -49.45
C LEU C 345 -7.23 -28.85 -50.83
N LEU C 346 -6.85 -27.94 -51.72
CA LEU C 346 -6.39 -28.36 -53.04
C LEU C 346 -5.22 -29.32 -52.89
N ASP C 347 -4.26 -28.99 -52.05
CA ASP C 347 -3.08 -29.82 -51.89
C ASP C 347 -3.45 -31.22 -51.40
N ARG C 348 -4.35 -31.31 -50.42
CA ARG C 348 -4.68 -32.60 -49.81
C ARG C 348 -5.56 -33.46 -50.69
N VAL C 349 -6.41 -32.87 -51.52
CA VAL C 349 -7.25 -33.66 -52.40
C VAL C 349 -7.02 -33.25 -53.85
N PRO C 350 -6.61 -34.15 -54.72
CA PRO C 350 -6.42 -33.80 -56.12
C PRO C 350 -7.74 -33.49 -56.79
N GLU C 351 -7.66 -33.19 -58.09
CA GLU C 351 -8.88 -32.90 -58.84
C GLU C 351 -9.80 -34.11 -58.90
N GLU C 352 -9.26 -35.28 -59.22
CA GLU C 352 -10.12 -36.41 -59.56
C GLU C 352 -10.95 -36.89 -58.37
N GLU C 353 -10.39 -36.88 -57.17
CA GLU C 353 -11.14 -37.30 -55.99
C GLU C 353 -12.01 -36.18 -55.41
N LYS C 354 -12.13 -35.07 -56.13
CA LYS C 354 -12.87 -33.93 -55.62
C LYS C 354 -14.29 -34.28 -55.20
N ASP C 355 -14.75 -35.50 -55.49
CA ASP C 355 -16.10 -35.90 -55.14
C ASP C 355 -16.17 -37.10 -54.20
N THR C 356 -15.08 -37.86 -54.05
CA THR C 356 -15.10 -39.03 -53.18
C THR C 356 -14.42 -38.79 -51.85
N ASN C 357 -13.40 -37.93 -51.81
CA ASN C 357 -12.62 -37.67 -50.60
C ASN C 357 -13.26 -36.49 -49.87
N VAL C 358 -13.71 -36.74 -48.65
CA VAL C 358 -14.37 -35.72 -47.84
C VAL C 358 -13.43 -35.32 -46.71
N GLN C 359 -13.06 -34.05 -46.67
CA GLN C 359 -12.07 -33.56 -45.72
C GLN C 359 -12.76 -32.95 -44.51
N VAL C 360 -12.31 -33.33 -43.32
CA VAL C 360 -12.93 -32.89 -42.08
C VAL C 360 -11.99 -31.89 -41.42
N LEU C 361 -12.40 -30.64 -41.34
CA LEU C 361 -11.66 -29.62 -40.61
C LEU C 361 -12.10 -29.71 -39.16
N MET C 362 -11.43 -28.97 -38.29
CA MET C 362 -11.93 -28.70 -36.95
C MET C 362 -11.41 -27.35 -36.51
N VAL C 363 -12.15 -26.29 -36.78
CA VAL C 363 -11.75 -24.96 -36.34
C VAL C 363 -11.72 -24.97 -34.82
N LEU C 364 -10.56 -24.72 -34.24
CA LEU C 364 -10.40 -24.72 -32.80
C LEU C 364 -10.47 -23.27 -32.33
N GLY C 365 -11.41 -22.97 -31.46
CA GLY C 365 -11.63 -21.60 -31.09
C GLY C 365 -12.48 -20.88 -32.12
N ALA C 366 -13.71 -21.35 -32.34
CA ALA C 366 -14.50 -20.84 -33.44
C ALA C 366 -15.03 -19.44 -33.21
N GLY C 367 -15.02 -18.94 -31.99
CA GLY C 367 -15.53 -17.59 -31.77
C GLY C 367 -16.99 -17.47 -32.18
N ARG C 368 -17.34 -16.37 -32.82
CA ARG C 368 -18.71 -16.14 -33.26
C ARG C 368 -19.01 -16.69 -34.64
N GLY C 369 -18.03 -17.31 -35.29
CA GLY C 369 -18.26 -17.98 -36.54
C GLY C 369 -17.41 -17.58 -37.74
N PRO C 370 -16.53 -16.59 -37.60
CA PRO C 370 -15.87 -16.07 -38.81
C PRO C 370 -14.96 -17.08 -39.47
N LEU C 371 -14.15 -17.80 -38.71
CA LEU C 371 -13.32 -18.83 -39.31
C LEU C 371 -14.14 -19.89 -40.00
N VAL C 372 -15.28 -20.28 -39.44
CA VAL C 372 -16.07 -21.34 -40.04
C VAL C 372 -16.73 -20.86 -41.33
N ASN C 373 -17.22 -19.63 -41.34
CA ASN C 373 -17.72 -19.08 -42.61
C ASN C 373 -16.61 -19.04 -43.65
N ALA C 374 -15.42 -18.59 -43.26
CA ALA C 374 -14.30 -18.56 -44.20
C ALA C 374 -13.93 -19.96 -44.67
N SER C 375 -13.99 -20.95 -43.77
CA SER C 375 -13.68 -22.31 -44.16
C SER C 375 -14.68 -22.83 -45.19
N LEU C 376 -15.96 -22.55 -45.01
CA LEU C 376 -16.96 -22.96 -45.99
C LEU C 376 -16.74 -22.22 -47.31
N ARG C 377 -16.42 -20.93 -47.25
CA ARG C 377 -16.10 -20.21 -48.47
C ARG C 377 -14.95 -20.85 -49.21
N ALA C 378 -13.88 -21.22 -48.48
CA ALA C 378 -12.73 -21.83 -49.12
C ALA C 378 -13.04 -23.21 -49.67
N ALA C 379 -13.86 -24.00 -48.97
CA ALA C 379 -14.25 -25.29 -49.52
C ALA C 379 -14.98 -25.12 -50.84
N LYS C 380 -15.90 -24.14 -50.91
CA LYS C 380 -16.53 -23.88 -52.20
C LYS C 380 -15.52 -23.41 -53.24
N GLN C 381 -14.60 -22.52 -52.86
CA GLN C 381 -13.58 -22.09 -53.81
C GLN C 381 -12.84 -23.27 -54.41
N ALA C 382 -12.34 -24.15 -53.57
CA ALA C 382 -11.50 -25.27 -53.99
C ALA C 382 -12.31 -26.50 -54.35
N ASP C 383 -13.63 -26.39 -54.45
CA ASP C 383 -14.48 -27.46 -54.96
C ASP C 383 -14.15 -28.78 -54.27
N ARG C 384 -14.14 -28.73 -52.95
CA ARG C 384 -13.85 -29.92 -52.16
C ARG C 384 -14.89 -30.02 -51.05
N ARG C 385 -15.26 -31.25 -50.71
CA ARG C 385 -16.29 -31.51 -49.72
C ARG C 385 -15.66 -31.62 -48.34
N ILE C 386 -16.20 -30.86 -47.38
CA ILE C 386 -15.65 -30.81 -46.04
C ILE C 386 -16.75 -31.04 -45.01
N LYS C 387 -16.33 -31.46 -43.83
CA LYS C 387 -17.19 -31.63 -42.67
C LYS C 387 -16.56 -30.89 -41.50
N LEU C 388 -17.04 -29.68 -41.25
CA LEU C 388 -16.46 -28.85 -40.20
C LEU C 388 -16.97 -29.27 -38.84
N TYR C 389 -16.12 -29.15 -37.84
CA TYR C 389 -16.52 -28.99 -36.45
C TYR C 389 -16.34 -27.53 -36.09
N ALA C 390 -16.54 -27.20 -34.82
CA ALA C 390 -16.15 -25.89 -34.30
C ALA C 390 -16.07 -26.03 -32.79
N VAL C 391 -14.88 -26.20 -32.26
CA VAL C 391 -14.70 -26.23 -30.82
C VAL C 391 -14.68 -24.80 -30.34
N GLU C 392 -15.54 -24.46 -29.39
CA GLU C 392 -15.58 -23.10 -28.87
C GLU C 392 -15.80 -23.11 -27.38
N LYS C 393 -14.75 -22.80 -26.62
CA LYS C 393 -14.83 -22.86 -25.17
C LYS C 393 -15.89 -21.94 -24.62
N ASN C 394 -15.93 -20.73 -25.08
CA ASN C 394 -16.79 -19.73 -24.49
C ASN C 394 -18.25 -20.15 -24.68
N PRO C 395 -18.93 -20.61 -23.63
CA PRO C 395 -20.31 -21.10 -23.83
C PRO C 395 -21.23 -20.06 -24.42
N ASN C 396 -21.06 -18.78 -24.07
CA ASN C 396 -21.83 -17.77 -24.77
C ASN C 396 -21.70 -17.94 -26.27
N ALA C 397 -20.48 -17.82 -26.79
CA ALA C 397 -20.30 -17.95 -28.23
C ALA C 397 -20.71 -19.32 -28.73
N VAL C 398 -20.82 -20.31 -27.85
CA VAL C 398 -21.44 -21.55 -28.27
C VAL C 398 -22.90 -21.24 -28.62
N VAL C 399 -23.48 -20.26 -27.92
CA VAL C 399 -24.85 -19.86 -28.25
C VAL C 399 -24.93 -19.34 -29.68
N THR C 400 -24.04 -18.43 -30.04
CA THR C 400 -24.06 -17.87 -31.39
C THR C 400 -23.76 -18.94 -32.43
N LEU C 401 -22.86 -19.87 -32.13
CA LEU C 401 -22.58 -20.94 -33.08
C LEU C 401 -23.79 -21.84 -33.26
N GLU C 402 -24.47 -22.18 -32.17
CA GLU C 402 -25.71 -22.94 -32.31
C GLU C 402 -26.70 -22.22 -33.21
N ASN C 403 -26.85 -20.91 -33.03
CA ASN C 403 -27.78 -20.16 -33.88
C ASN C 403 -27.40 -20.27 -35.35
N TRP C 404 -26.13 -20.02 -35.68
CA TRP C 404 -25.71 -20.23 -37.05
C TRP C 404 -26.01 -21.65 -37.51
N GLN C 405 -25.65 -22.63 -36.70
CA GLN C 405 -25.71 -24.01 -37.17
C GLN C 405 -27.13 -24.43 -37.45
N PHE C 406 -28.08 -23.97 -36.65
CA PHE C 406 -29.49 -24.24 -36.93
C PHE C 406 -29.97 -23.46 -38.14
N GLU C 407 -29.68 -22.16 -38.19
CA GLU C 407 -30.25 -21.36 -39.25
C GLU C 407 -29.66 -21.68 -40.61
N GLU C 408 -28.35 -21.46 -40.79
CA GLU C 408 -27.73 -21.37 -42.10
C GLU C 408 -26.83 -22.56 -42.41
N TRP C 409 -25.88 -22.85 -41.52
CA TRP C 409 -24.86 -23.83 -41.84
C TRP C 409 -25.47 -25.21 -42.09
N GLY C 410 -26.42 -25.62 -41.28
CA GLY C 410 -27.02 -26.91 -41.49
C GLY C 410 -26.15 -28.03 -40.94
N SER C 411 -26.52 -29.26 -41.31
CA SER C 411 -25.82 -30.43 -40.81
C SER C 411 -24.37 -30.47 -41.25
N GLN C 412 -24.00 -29.69 -42.26
CA GLN C 412 -22.61 -29.62 -42.68
C GLN C 412 -21.69 -29.33 -41.50
N VAL C 413 -22.12 -28.43 -40.61
CA VAL C 413 -21.32 -27.98 -39.50
C VAL C 413 -21.78 -28.70 -38.24
N THR C 414 -20.82 -29.22 -37.48
CA THR C 414 -21.08 -29.62 -36.11
C THR C 414 -20.66 -28.45 -35.23
N VAL C 415 -21.10 -28.45 -33.98
CA VAL C 415 -20.63 -27.50 -32.99
C VAL C 415 -20.37 -28.25 -31.69
N VAL C 416 -19.17 -28.10 -31.15
CA VAL C 416 -18.79 -28.71 -29.89
C VAL C 416 -18.63 -27.60 -28.86
N SER C 417 -19.00 -27.88 -27.63
CA SER C 417 -18.93 -26.88 -26.57
C SER C 417 -18.02 -27.41 -25.48
N SER C 418 -16.72 -27.22 -25.66
CA SER C 418 -15.76 -27.76 -24.71
C SER C 418 -14.37 -27.32 -25.11
N ASP C 419 -13.44 -27.46 -24.17
CA ASP C 419 -12.03 -27.16 -24.42
C ASP C 419 -11.46 -28.10 -25.46
N MET C 420 -10.74 -27.52 -26.42
CA MET C 420 -9.99 -28.33 -27.36
C MET C 420 -9.11 -29.35 -26.65
N ARG C 421 -8.48 -28.95 -25.55
CA ARG C 421 -7.62 -29.85 -24.79
C ARG C 421 -8.37 -31.00 -24.16
N GLU C 422 -9.66 -30.84 -23.88
CA GLU C 422 -10.44 -31.86 -23.19
C GLU C 422 -11.44 -32.60 -24.06
N TRP C 423 -11.91 -31.99 -25.15
CA TRP C 423 -12.93 -32.64 -25.95
C TRP C 423 -12.41 -33.99 -26.46
N VAL C 424 -13.31 -34.95 -26.57
CA VAL C 424 -13.03 -36.28 -27.13
C VAL C 424 -13.66 -36.32 -28.50
N ALA C 425 -12.84 -36.37 -29.54
CA ALA C 425 -13.36 -36.16 -30.89
C ALA C 425 -13.97 -37.45 -31.44
N PRO C 426 -15.08 -37.33 -32.17
CA PRO C 426 -15.69 -38.52 -32.79
C PRO C 426 -14.78 -39.19 -33.80
N GLU C 427 -14.29 -38.42 -34.77
CA GLU C 427 -13.39 -38.91 -35.80
C GLU C 427 -12.21 -37.98 -35.94
N LYS C 428 -11.07 -38.53 -36.32
CA LYS C 428 -9.87 -37.71 -36.40
C LYS C 428 -10.00 -36.63 -37.46
N ALA C 429 -9.07 -35.69 -37.43
CA ALA C 429 -9.12 -34.50 -38.26
C ALA C 429 -8.00 -34.47 -39.28
N ASP C 430 -8.25 -33.80 -40.39
CA ASP C 430 -7.22 -33.64 -41.41
C ASP C 430 -6.56 -32.28 -41.32
N ILE C 431 -7.36 -31.22 -41.40
CA ILE C 431 -6.89 -29.86 -41.23
C ILE C 431 -7.47 -29.36 -39.92
N ILE C 432 -6.83 -28.40 -39.28
CA ILE C 432 -7.42 -27.74 -38.13
C ILE C 432 -7.10 -26.25 -38.16
N VAL C 433 -8.02 -25.47 -38.70
CA VAL C 433 -7.90 -24.02 -38.76
C VAL C 433 -8.02 -23.49 -37.34
N SER C 434 -6.92 -23.03 -36.77
CA SER C 434 -7.00 -22.48 -35.43
C SER C 434 -6.38 -21.09 -35.42
N GLU C 435 -7.00 -20.18 -34.70
CA GLU C 435 -6.48 -18.82 -34.57
C GLU C 435 -6.41 -18.45 -33.10
N LEU C 436 -5.32 -18.85 -32.45
CA LEU C 436 -5.07 -18.54 -31.04
C LEU C 436 -3.75 -17.80 -30.89
N LEU C 437 -3.42 -16.96 -31.85
CA LEU C 437 -2.19 -16.16 -31.82
C LEU C 437 -2.45 -14.89 -31.05
N GLY C 438 -1.51 -14.52 -30.18
CA GLY C 438 -1.62 -13.32 -29.40
C GLY C 438 -0.81 -12.18 -29.99
N SER C 439 -0.76 -11.09 -29.24
CA SER C 439 0.04 -9.95 -29.63
C SER C 439 1.48 -10.35 -29.92
N PHE C 440 2.01 -11.31 -29.16
CA PHE C 440 3.40 -11.72 -29.17
C PHE C 440 3.55 -13.13 -29.72
N ALA C 441 2.48 -13.66 -30.28
CA ALA C 441 2.51 -14.87 -31.10
C ALA C 441 2.70 -16.16 -30.34
N ASP C 442 3.03 -16.12 -29.06
CA ASP C 442 2.94 -17.33 -28.25
C ASP C 442 2.56 -17.04 -26.81
N ASN C 443 2.24 -15.80 -26.48
CA ASN C 443 1.81 -15.48 -25.13
C ASN C 443 0.31 -15.53 -24.96
N GLU C 444 -0.38 -16.38 -25.72
CA GLU C 444 -1.77 -16.68 -25.43
C GLU C 444 -2.05 -18.17 -25.53
N LEU C 445 -1.12 -19.00 -25.11
CA LEU C 445 -1.40 -20.42 -24.99
C LEU C 445 -1.96 -20.98 -26.29
N SER C 446 -1.42 -20.53 -27.41
CA SER C 446 -1.59 -21.30 -28.63
C SER C 446 -0.74 -22.57 -28.62
N PRO C 447 0.53 -22.53 -28.22
CA PRO C 447 1.31 -23.77 -28.20
C PRO C 447 0.69 -24.83 -27.33
N GLU C 448 0.33 -24.46 -26.10
CA GLU C 448 -0.24 -25.42 -25.15
C GLU C 448 -1.56 -25.98 -25.65
N CYS C 449 -2.44 -25.10 -26.13
CA CYS C 449 -3.77 -25.51 -26.57
C CYS C 449 -3.69 -26.41 -27.79
N LEU C 450 -2.84 -26.08 -28.76
CA LEU C 450 -2.76 -26.96 -29.92
C LEU C 450 -1.98 -28.22 -29.62
N ASP C 451 -1.04 -28.17 -28.68
CA ASP C 451 -0.32 -29.36 -28.29
C ASP C 451 -1.23 -30.34 -27.61
N GLY C 452 -2.24 -29.83 -26.92
CA GLY C 452 -3.29 -30.69 -26.39
C GLY C 452 -4.34 -31.08 -27.40
N ALA C 453 -4.34 -30.46 -28.57
CA ALA C 453 -5.30 -30.77 -29.61
C ALA C 453 -4.76 -31.71 -30.66
N GLN C 454 -3.46 -31.89 -30.73
CA GLN C 454 -2.89 -32.75 -31.76
C GLN C 454 -3.10 -34.24 -31.51
N HIS C 455 -3.64 -34.64 -30.36
CA HIS C 455 -3.88 -36.08 -30.19
C HIS C 455 -4.99 -36.57 -31.09
N PHE C 456 -5.76 -35.67 -31.71
CA PHE C 456 -6.79 -36.05 -32.65
C PHE C 456 -6.53 -35.51 -34.05
N LEU C 457 -5.28 -35.24 -34.38
CA LEU C 457 -4.88 -34.84 -35.72
C LEU C 457 -4.14 -36.00 -36.37
N LYS C 458 -4.58 -36.39 -37.57
CA LYS C 458 -4.06 -37.62 -38.14
C LYS C 458 -2.55 -37.53 -38.32
N ASP C 459 -1.95 -38.65 -38.70
CA ASP C 459 -0.49 -38.71 -38.78
C ASP C 459 0.05 -37.83 -39.89
N ASP C 460 -0.81 -37.31 -40.76
CA ASP C 460 -0.41 -36.35 -41.78
C ASP C 460 -1.36 -35.16 -41.85
N GLY C 461 -1.84 -34.69 -40.70
CA GLY C 461 -2.72 -33.55 -40.68
C GLY C 461 -1.95 -32.27 -40.93
N VAL C 462 -2.69 -31.21 -41.17
CA VAL C 462 -2.12 -29.89 -41.41
C VAL C 462 -2.70 -28.93 -40.38
N SER C 463 -1.84 -28.18 -39.69
CA SER C 463 -2.29 -27.24 -38.69
C SER C 463 -2.03 -25.81 -39.14
N ILE C 464 -3.08 -25.00 -39.17
CA ILE C 464 -3.01 -23.62 -39.63
C ILE C 464 -3.22 -22.68 -38.44
N PRO C 465 -2.22 -21.92 -38.00
CA PRO C 465 -0.93 -21.75 -38.64
C PRO C 465 -0.10 -23.00 -38.49
N GLY C 466 0.90 -23.15 -39.34
CA GLY C 466 1.84 -24.25 -39.20
C GLY C 466 3.02 -23.81 -38.37
N GLU C 467 3.20 -22.50 -38.28
CA GLU C 467 4.27 -21.92 -37.48
C GLU C 467 3.92 -20.47 -37.19
N TYR C 468 4.66 -19.91 -36.25
CA TYR C 468 4.52 -18.52 -35.86
C TYR C 468 5.73 -18.16 -35.03
N THR C 469 6.21 -16.94 -35.21
CA THR C 469 7.45 -16.52 -34.57
C THR C 469 7.18 -15.25 -33.81
N SER C 470 8.05 -14.93 -32.88
CA SER C 470 7.96 -13.70 -32.13
C SER C 470 9.23 -12.88 -32.34
N PHE C 471 9.14 -11.59 -32.12
CA PHE C 471 10.23 -10.70 -32.46
C PHE C 471 10.38 -9.63 -31.39
N LEU C 472 11.63 -9.32 -31.03
CA LEU C 472 11.94 -8.29 -30.07
C LEU C 472 12.72 -7.16 -30.73
N ALA C 473 12.44 -5.94 -30.29
CA ALA C 473 13.19 -4.80 -30.74
C ALA C 473 13.29 -3.84 -29.57
N PRO C 474 14.48 -3.53 -29.10
CA PRO C 474 14.61 -2.71 -27.90
C PRO C 474 14.28 -1.27 -28.18
N ILE C 475 13.25 -0.77 -27.52
CA ILE C 475 12.78 0.59 -27.76
C ILE C 475 13.22 1.48 -26.62
N SER C 476 13.44 2.75 -26.94
CA SER C 476 13.56 3.81 -25.96
C SER C 476 12.30 4.65 -25.99
N SER C 477 11.77 4.98 -24.82
CA SER C 477 10.58 5.82 -24.83
C SER C 477 10.29 6.49 -23.49
N SER C 478 10.46 7.80 -23.40
CA SER C 478 10.04 8.52 -22.20
C SER C 478 8.55 8.45 -21.98
N LYS C 479 7.75 8.66 -23.03
CA LYS C 479 6.31 8.65 -22.88
C LYS C 479 5.82 7.30 -22.37
N LEU C 480 6.32 6.22 -22.97
CA LEU C 480 5.84 4.90 -22.58
C LEU C 480 6.42 4.44 -21.26
N TYR C 481 7.66 4.80 -20.95
CA TYR C 481 8.16 4.49 -19.63
C TYR C 481 7.34 5.17 -18.56
N ASN C 482 7.08 6.46 -18.73
CA ASN C 482 6.29 7.15 -17.73
C ASN C 482 4.86 6.63 -17.73
N GLU C 483 4.39 6.09 -18.85
CA GLU C 483 3.08 5.42 -18.87
C GLU C 483 3.07 4.22 -17.96
N VAL C 484 4.04 3.32 -18.14
CA VAL C 484 4.13 2.15 -17.28
C VAL C 484 4.28 2.58 -15.83
N ARG C 485 5.06 3.63 -15.63
CA ARG C 485 5.33 4.15 -14.29
C ARG C 485 4.05 4.66 -13.63
N ALA C 486 3.14 5.24 -14.42
CA ALA C 486 1.86 5.67 -13.88
C ALA C 486 0.79 4.60 -13.98
N CYS C 487 1.19 3.35 -14.20
CA CYS C 487 0.29 2.21 -14.21
C CYS C 487 0.23 1.52 -12.86
N ARG C 488 0.61 2.22 -11.80
CA ARG C 488 0.59 1.63 -10.47
C ARG C 488 -0.85 1.44 -10.00
N GLU C 489 -1.06 0.43 -9.16
CA GLU C 489 -2.33 0.24 -8.48
C GLU C 489 -2.08 0.03 -7.00
N LYS C 490 -3.07 0.44 -6.20
CA LYS C 490 -3.09 0.06 -4.81
C LYS C 490 -3.26 -1.46 -4.71
N ASP C 491 -2.80 -2.02 -3.59
CA ASP C 491 -3.01 -3.43 -3.28
C ASP C 491 -2.13 -4.37 -4.09
N ARG C 492 -0.91 -3.96 -4.46
CA ARG C 492 0.00 -4.89 -5.10
C ARG C 492 1.41 -4.36 -5.03
N ASP C 493 2.35 -5.21 -5.44
CA ASP C 493 3.77 -4.92 -5.51
C ASP C 493 4.03 -3.52 -6.03
N PRO C 494 4.70 -2.65 -5.26
CA PRO C 494 4.96 -1.29 -5.74
C PRO C 494 5.78 -1.23 -7.02
N GLU C 495 6.28 -2.37 -7.49
CA GLU C 495 7.12 -2.43 -8.68
C GLU C 495 6.75 -3.59 -9.57
N ALA C 496 5.46 -3.93 -9.66
CA ALA C 496 5.03 -4.98 -10.57
C ALA C 496 4.43 -4.40 -11.84
N GLN C 497 4.16 -3.09 -11.86
CA GLN C 497 3.74 -2.50 -13.12
C GLN C 497 4.85 -2.56 -14.16
N PHE C 498 6.08 -2.84 -13.74
CA PHE C 498 7.22 -2.95 -14.64
C PHE C 498 7.54 -4.39 -15.00
N GLU C 499 6.69 -5.34 -14.65
CA GLU C 499 7.01 -6.75 -14.89
C GLU C 499 5.97 -7.45 -15.74
N MET C 500 5.06 -6.73 -16.38
CA MET C 500 4.03 -7.41 -17.16
C MET C 500 3.97 -6.80 -18.55
N PRO C 501 3.70 -7.61 -19.57
CA PRO C 501 3.53 -7.07 -20.92
C PRO C 501 2.27 -6.25 -21.07
N TYR C 502 2.40 -5.16 -21.83
CA TYR C 502 1.30 -4.27 -22.13
C TYR C 502 1.07 -4.28 -23.63
N VAL C 503 -0.17 -4.52 -24.05
CA VAL C 503 -0.53 -4.41 -25.45
C VAL C 503 -0.73 -2.93 -25.75
N VAL C 504 0.00 -2.41 -26.73
CA VAL C 504 -0.02 -0.98 -26.98
C VAL C 504 0.34 -0.69 -28.43
N ARG C 505 -0.28 0.33 -29.01
CA ARG C 505 0.14 0.83 -30.30
C ARG C 505 1.34 1.74 -30.11
N LEU C 506 2.53 1.15 -30.05
CA LEU C 506 3.74 1.91 -29.83
C LEU C 506 3.87 3.01 -30.87
N HIS C 507 3.81 4.26 -30.42
CA HIS C 507 3.83 5.37 -31.37
C HIS C 507 5.02 6.29 -31.14
N ASN C 508 5.15 6.80 -29.92
CA ASN C 508 6.12 7.85 -29.61
C ASN C 508 7.33 7.20 -28.94
N PHE C 509 8.29 6.79 -29.76
CA PHE C 509 9.41 6.00 -29.26
C PHE C 509 10.55 6.06 -30.26
N HIS C 510 11.55 5.22 -30.02
CA HIS C 510 12.73 5.12 -30.88
C HIS C 510 13.27 3.72 -30.87
N GLN C 511 12.84 2.89 -31.81
CA GLN C 511 13.39 1.55 -31.91
C GLN C 511 14.88 1.66 -32.10
N LEU C 512 15.65 1.12 -31.15
CA LEU C 512 17.10 1.25 -31.15
C LEU C 512 17.77 0.27 -32.08
N SER C 513 17.05 -0.69 -32.65
CA SER C 513 17.73 -1.67 -33.47
C SER C 513 16.70 -2.52 -34.18
N ALA C 514 17.18 -3.54 -34.86
CA ALA C 514 16.31 -4.35 -35.70
C ALA C 514 15.73 -5.51 -34.89
N PRO C 515 14.46 -5.82 -35.07
CA PRO C 515 13.88 -6.95 -34.35
C PRO C 515 14.57 -8.25 -34.74
N GLN C 516 14.74 -9.12 -33.76
CA GLN C 516 15.36 -10.41 -33.99
C GLN C 516 14.48 -11.52 -33.46
N PRO C 517 14.50 -12.68 -34.10
CA PRO C 517 13.55 -13.74 -33.73
C PRO C 517 13.80 -14.23 -32.31
N CYS C 518 12.71 -14.30 -31.55
CA CYS C 518 12.79 -14.58 -30.12
C CYS C 518 12.35 -16.01 -29.83
N PHE C 519 11.15 -16.40 -30.23
CA PHE C 519 10.66 -17.74 -29.94
C PHE C 519 9.89 -18.29 -31.13
N THR C 520 10.43 -19.36 -31.72
CA THR C 520 9.85 -19.95 -32.91
C THR C 520 9.04 -21.17 -32.55
N PHE C 521 7.75 -21.12 -32.86
CA PHE C 521 6.86 -22.26 -32.65
C PHE C 521 6.39 -22.79 -33.98
N SER C 522 6.28 -24.12 -34.06
CA SER C 522 5.78 -24.81 -35.24
C SER C 522 4.81 -25.88 -34.81
N HIS C 523 3.85 -26.21 -35.68
CA HIS C 523 2.83 -27.22 -35.35
C HIS C 523 2.59 -28.16 -36.52
N PRO C 524 2.27 -29.43 -36.27
CA PRO C 524 2.25 -29.98 -34.92
C PRO C 524 3.65 -30.31 -34.39
N ASN C 525 3.80 -30.41 -33.08
CA ASN C 525 5.07 -30.80 -32.47
C ASN C 525 5.06 -32.32 -32.30
N ARG C 526 5.32 -33.04 -33.39
CA ARG C 526 5.50 -34.48 -33.31
C ARG C 526 6.87 -34.85 -32.78
N ASP C 527 7.58 -33.91 -32.18
CA ASP C 527 8.80 -34.23 -31.46
C ASP C 527 8.46 -35.18 -30.30
N PRO C 528 9.25 -36.22 -30.07
CA PRO C 528 8.90 -37.20 -29.05
C PRO C 528 8.72 -36.61 -27.66
N MET C 529 9.42 -35.52 -27.34
CA MET C 529 9.33 -34.88 -26.03
C MET C 529 8.81 -33.46 -26.24
N ILE C 530 7.54 -33.25 -25.94
CA ILE C 530 6.91 -31.94 -26.08
C ILE C 530 7.42 -31.06 -24.94
N ASP C 531 8.12 -29.98 -25.28
CA ASP C 531 8.58 -29.02 -24.30
C ASP C 531 8.40 -27.61 -24.83
N ASN C 532 7.59 -26.81 -24.13
CA ASN C 532 7.23 -25.47 -24.56
C ASN C 532 8.01 -24.39 -23.83
N ASN C 533 9.10 -24.76 -23.16
CA ASN C 533 9.93 -23.79 -22.47
C ASN C 533 11.04 -23.33 -23.39
N ARG C 534 11.32 -22.03 -23.36
CA ARG C 534 12.21 -21.41 -24.33
C ARG C 534 13.24 -20.55 -23.62
N TYR C 535 14.47 -20.58 -24.13
CA TYR C 535 15.51 -19.69 -23.65
C TYR C 535 16.17 -19.06 -24.87
N CYS C 536 16.47 -17.77 -24.81
CA CYS C 536 16.89 -17.02 -25.98
C CYS C 536 17.85 -15.91 -25.58
N THR C 537 18.97 -15.81 -26.28
CA THR C 537 19.95 -14.74 -26.06
C THR C 537 20.05 -13.88 -27.31
N LEU C 538 19.89 -12.56 -27.14
CA LEU C 538 19.76 -11.64 -28.26
C LEU C 538 20.70 -10.46 -28.06
N GLU C 539 21.35 -10.02 -29.13
CA GLU C 539 22.24 -8.87 -29.09
C GLU C 539 21.75 -7.84 -30.10
N PHE C 540 21.49 -6.62 -29.65
CA PHE C 540 20.95 -5.58 -30.52
C PHE C 540 21.96 -4.44 -30.65
N PRO C 541 22.71 -4.34 -31.74
CA PRO C 541 23.74 -3.30 -31.82
C PRO C 541 23.13 -1.92 -31.72
N VAL C 542 23.46 -1.22 -30.63
CA VAL C 542 22.98 0.13 -30.38
C VAL C 542 24.03 1.11 -30.87
N GLU C 543 23.64 2.01 -31.75
CA GLU C 543 24.58 2.89 -32.44
C GLU C 543 24.24 4.36 -32.25
N VAL C 544 23.70 4.72 -31.09
CA VAL C 544 23.54 6.13 -30.76
C VAL C 544 23.29 6.22 -29.26
N ASN C 545 23.93 7.20 -28.62
CA ASN C 545 23.72 7.41 -27.20
C ASN C 545 22.24 7.62 -26.93
N THR C 546 21.70 6.87 -25.99
CA THR C 546 20.28 6.92 -25.71
C THR C 546 20.01 6.15 -24.42
N VAL C 547 18.74 5.93 -24.13
CA VAL C 547 18.33 5.15 -22.97
C VAL C 547 17.50 3.98 -23.48
N LEU C 548 17.43 2.90 -22.72
CA LEU C 548 16.60 1.77 -23.11
C LEU C 548 15.51 1.53 -22.09
N HIS C 549 14.25 1.72 -22.49
CA HIS C 549 13.13 1.63 -21.57
C HIS C 549 12.27 0.39 -21.72
N GLY C 550 12.58 -0.50 -22.63
CA GLY C 550 11.83 -1.73 -22.74
C GLY C 550 12.11 -2.42 -24.05
N PHE C 551 11.62 -3.66 -24.15
CA PHE C 551 11.73 -4.44 -25.37
C PHE C 551 10.36 -4.64 -25.95
N ALA C 552 10.15 -4.16 -27.16
CA ALA C 552 8.86 -4.34 -27.82
C ALA C 552 8.87 -5.65 -28.58
N GLY C 553 7.70 -6.27 -28.67
CA GLY C 553 7.54 -7.57 -29.31
C GLY C 553 6.55 -7.49 -30.46
N TYR C 554 6.79 -8.29 -31.48
CA TYR C 554 5.92 -8.40 -32.64
C TYR C 554 5.86 -9.87 -33.03
N PHE C 555 5.36 -10.15 -34.23
CA PHE C 555 5.36 -11.54 -34.65
C PHE C 555 5.06 -11.66 -36.13
N GLU C 556 5.58 -12.72 -36.72
CA GLU C 556 5.19 -13.15 -38.05
C GLU C 556 4.59 -14.53 -37.94
N THR C 557 3.93 -14.97 -39.01
CA THR C 557 3.29 -16.28 -39.00
C THR C 557 3.36 -16.89 -40.37
N VAL C 558 3.07 -18.18 -40.43
CA VAL C 558 3.01 -18.91 -41.70
C VAL C 558 1.73 -19.74 -41.68
N LEU C 559 0.63 -19.19 -42.18
CA LEU C 559 -0.59 -19.97 -42.21
C LEU C 559 -0.40 -21.21 -43.05
N TYR C 560 -0.13 -21.04 -44.33
CA TYR C 560 0.17 -22.17 -45.19
C TYR C 560 1.43 -21.81 -45.95
N GLN C 561 1.81 -22.67 -46.88
CA GLN C 561 3.16 -22.69 -47.43
C GLN C 561 3.76 -21.29 -47.52
N ASP C 562 2.98 -20.34 -48.00
CA ASP C 562 3.50 -19.00 -48.27
C ASP C 562 2.59 -17.89 -47.76
N ILE C 563 1.35 -18.18 -47.44
CA ILE C 563 0.41 -17.16 -46.96
C ILE C 563 0.79 -16.84 -45.53
N THR C 564 0.98 -15.57 -45.23
CA THR C 564 1.55 -15.16 -43.96
C THR C 564 0.74 -14.04 -43.36
N LEU C 565 0.87 -13.91 -42.05
CA LEU C 565 0.34 -12.79 -41.30
C LEU C 565 1.49 -12.22 -40.48
N SER C 566 1.50 -10.91 -40.30
CA SER C 566 2.60 -10.32 -39.55
C SER C 566 2.25 -8.91 -39.12
N ILE C 567 2.69 -8.55 -37.91
CA ILE C 567 2.57 -7.19 -37.40
C ILE C 567 3.92 -6.54 -37.21
N ARG C 568 4.99 -7.20 -37.62
CA ARG C 568 6.34 -6.69 -37.50
C ARG C 568 6.55 -5.53 -38.47
N PRO C 569 6.89 -4.33 -38.01
CA PRO C 569 6.70 -3.13 -38.84
C PRO C 569 7.32 -3.20 -40.22
N GLU C 570 8.46 -3.86 -40.38
CA GLU C 570 9.11 -3.88 -41.68
C GLU C 570 8.33 -4.70 -42.70
N THR C 571 7.64 -5.75 -42.26
CA THR C 571 6.85 -6.57 -43.17
C THR C 571 5.38 -6.58 -42.81
N HIS C 572 4.90 -5.55 -42.13
CA HIS C 572 3.56 -5.55 -41.58
C HIS C 572 2.52 -5.93 -42.62
N SER C 573 1.63 -6.83 -42.26
CA SER C 573 0.53 -7.16 -43.14
C SER C 573 -0.34 -5.92 -43.30
N PRO C 574 -1.00 -5.74 -44.44
CA PRO C 574 -1.65 -4.46 -44.71
C PRO C 574 -2.95 -4.30 -43.95
N GLY C 575 -3.08 -3.19 -43.25
CA GLY C 575 -4.32 -2.89 -42.57
C GLY C 575 -4.78 -3.95 -41.61
N MET C 576 -3.88 -4.71 -41.01
CA MET C 576 -4.22 -5.72 -40.01
C MET C 576 -4.24 -5.05 -38.65
N PHE C 577 -5.43 -4.78 -38.13
CA PHE C 577 -5.57 -4.22 -36.79
C PHE C 577 -5.94 -5.26 -35.75
N SER C 578 -5.90 -6.55 -36.08
CA SER C 578 -6.30 -7.56 -35.13
C SER C 578 -5.28 -7.70 -34.00
N TRP C 579 -4.08 -7.20 -34.20
CA TRP C 579 -2.99 -7.31 -33.22
C TRP C 579 -2.24 -6.01 -33.10
N PHE C 580 -2.08 -5.53 -31.90
CA PHE C 580 -1.09 -4.48 -31.69
C PHE C 580 0.21 -5.09 -31.19
N PRO C 581 1.26 -4.29 -31.08
CA PRO C 581 2.52 -4.79 -30.53
C PRO C 581 2.36 -5.14 -29.07
N ILE C 582 3.49 -5.47 -28.44
CA ILE C 582 3.54 -5.71 -27.02
C ILE C 582 4.72 -4.93 -26.47
N LEU C 583 4.65 -4.58 -25.19
CA LEU C 583 5.71 -3.79 -24.57
C LEU C 583 6.13 -4.46 -23.28
N PHE C 584 7.34 -5.05 -23.29
CA PHE C 584 7.97 -5.61 -22.11
C PHE C 584 8.78 -4.53 -21.45
N PRO C 585 8.35 -3.92 -20.37
CA PRO C 585 9.14 -2.89 -19.73
C PRO C 585 10.35 -3.49 -19.03
N ILE C 586 11.23 -2.61 -18.53
CA ILE C 586 12.29 -3.01 -17.62
C ILE C 586 12.37 -1.97 -16.49
N LYS C 587 12.80 -2.44 -15.32
CA LYS C 587 12.52 -1.75 -14.07
C LYS C 587 13.17 -0.37 -14.00
N GLN C 588 14.21 -0.13 -14.79
CA GLN C 588 14.87 1.15 -14.78
C GLN C 588 15.42 1.49 -16.14
N PRO C 589 15.62 2.75 -16.46
CA PRO C 589 16.35 3.10 -17.67
C PRO C 589 17.75 2.52 -17.64
N ILE C 590 18.24 2.10 -18.80
CA ILE C 590 19.60 1.59 -18.94
C ILE C 590 20.36 2.53 -19.87
N THR C 591 21.00 3.54 -19.31
CA THR C 591 21.75 4.48 -20.14
C THR C 591 22.72 3.69 -21.01
N VAL C 592 22.57 3.81 -22.32
CA VAL C 592 23.36 3.04 -23.27
C VAL C 592 24.24 3.99 -24.06
N ARG C 593 25.49 3.59 -24.28
CA ARG C 593 26.42 4.37 -25.09
C ARG C 593 26.61 3.74 -26.46
N GLU C 594 26.78 4.60 -27.46
CA GLU C 594 26.72 4.16 -28.84
C GLU C 594 27.84 3.19 -29.15
N GLY C 595 27.55 2.21 -30.00
CA GLY C 595 28.51 1.20 -30.37
C GLY C 595 28.45 -0.05 -29.54
N GLN C 596 27.87 0.02 -28.35
CA GLN C 596 27.74 -1.11 -27.45
C GLN C 596 26.78 -2.13 -28.06
N THR C 597 26.46 -3.15 -27.28
CA THR C 597 25.46 -4.11 -27.71
C THR C 597 24.56 -4.47 -26.53
N ILE C 598 23.29 -4.11 -26.64
CA ILE C 598 22.29 -4.44 -25.63
C ILE C 598 22.03 -5.93 -25.73
N CYS C 599 22.18 -6.64 -24.62
CA CYS C 599 21.97 -8.08 -24.60
C CYS C 599 20.81 -8.36 -23.67
N VAL C 600 19.82 -9.11 -24.15
CA VAL C 600 18.63 -9.41 -23.40
C VAL C 600 18.39 -10.91 -23.49
N ARG C 601 17.67 -11.43 -22.52
CA ARG C 601 17.44 -12.86 -22.42
C ARG C 601 15.98 -13.07 -22.09
N PHE C 602 15.32 -14.01 -22.77
CA PHE C 602 14.01 -14.44 -22.32
C PHE C 602 14.02 -15.92 -21.99
N TRP C 603 13.33 -16.26 -20.92
CA TRP C 603 12.92 -17.61 -20.64
C TRP C 603 11.41 -17.63 -20.70
N ARG C 604 10.84 -18.54 -21.46
CA ARG C 604 9.41 -18.76 -21.42
C ARG C 604 9.12 -19.92 -20.49
N CYS C 605 8.89 -19.59 -19.23
CA CYS C 605 8.64 -20.58 -18.20
C CYS C 605 7.17 -20.95 -18.22
N SER C 606 6.90 -22.22 -17.93
CA SER C 606 5.52 -22.65 -17.77
C SER C 606 5.51 -23.90 -16.92
N ASN C 607 4.56 -23.98 -16.00
CA ASN C 607 4.43 -25.16 -15.18
C ASN C 607 3.10 -25.82 -15.46
N SER C 608 2.73 -26.84 -14.68
CA SER C 608 1.50 -27.55 -14.95
C SER C 608 0.28 -26.63 -14.96
N LYS C 609 0.33 -25.53 -14.21
CA LYS C 609 -0.83 -24.67 -14.09
C LYS C 609 -0.77 -23.40 -14.91
N LYS C 610 0.41 -22.84 -15.16
CA LYS C 610 0.46 -21.46 -15.61
C LYS C 610 1.61 -21.26 -16.59
N VAL C 611 1.68 -20.05 -17.13
CA VAL C 611 2.73 -19.65 -18.06
C VAL C 611 3.18 -18.23 -17.71
N TRP C 612 4.36 -17.85 -18.17
CA TRP C 612 4.89 -16.52 -17.89
C TRP C 612 6.23 -16.34 -18.59
N TYR C 613 6.63 -15.08 -18.74
CA TYR C 613 7.90 -14.73 -19.38
C TYR C 613 8.79 -13.99 -18.40
N GLU C 614 10.08 -14.31 -18.41
CA GLU C 614 11.04 -13.70 -17.52
C GLU C 614 12.15 -13.05 -18.32
N TRP C 615 12.33 -11.74 -18.16
CA TRP C 615 13.21 -11.00 -19.04
C TRP C 615 14.22 -10.19 -18.25
N ALA C 616 15.45 -10.15 -18.76
CA ALA C 616 16.54 -9.45 -18.10
C ALA C 616 17.50 -8.92 -19.14
N VAL C 617 18.21 -7.85 -18.78
CA VAL C 617 19.28 -7.27 -19.60
C VAL C 617 20.61 -7.64 -18.93
N THR C 618 21.47 -8.35 -19.65
CA THR C 618 22.76 -8.74 -19.09
C THR C 618 23.94 -7.93 -19.63
N ALA C 619 23.71 -6.84 -20.36
CA ALA C 619 24.74 -5.96 -20.88
C ALA C 619 24.05 -4.81 -21.59
N PRO C 620 24.61 -3.60 -21.56
CA PRO C 620 25.89 -3.22 -20.97
C PRO C 620 25.86 -3.24 -19.45
N VAL C 621 24.65 -3.17 -18.90
CA VAL C 621 24.43 -3.27 -17.46
C VAL C 621 23.65 -4.56 -17.21
N CYS C 622 23.37 -4.82 -15.95
CA CYS C 622 22.55 -5.96 -15.58
C CYS C 622 21.32 -5.47 -14.85
N SER C 623 20.17 -6.00 -15.23
CA SER C 623 18.92 -5.66 -14.57
C SER C 623 18.38 -6.88 -13.86
N ALA C 624 17.54 -6.62 -12.85
CA ALA C 624 16.97 -7.71 -12.09
C ALA C 624 16.21 -8.65 -13.01
N ILE C 625 16.26 -9.95 -12.70
CA ILE C 625 15.43 -10.85 -13.48
C ILE C 625 13.98 -10.47 -13.26
N HIS C 626 13.34 -9.93 -14.29
CA HIS C 626 12.00 -9.39 -14.15
C HIS C 626 10.98 -10.50 -14.15
N ASN C 627 10.01 -10.38 -13.30
CA ASN C 627 8.94 -11.36 -13.29
C ASN C 627 9.49 -12.76 -13.04
N PRO C 628 10.26 -12.98 -11.97
CA PRO C 628 10.69 -14.34 -11.65
C PRO C 628 9.54 -15.12 -11.04
N THR C 629 9.25 -16.28 -11.62
CA THR C 629 8.21 -17.18 -11.19
C THR C 629 6.84 -16.63 -11.53
N GLY C 630 6.75 -15.65 -12.42
CA GLY C 630 5.46 -15.06 -12.72
C GLY C 630 4.80 -14.42 -11.53
N ARG C 631 5.55 -13.70 -10.72
CA ARG C 631 4.94 -13.03 -9.58
C ARG C 631 4.13 -11.82 -10.00
N SER C 632 4.39 -11.28 -11.19
CA SER C 632 3.68 -10.12 -11.71
C SER C 632 2.66 -10.44 -12.78
N TYR C 633 3.01 -11.28 -13.76
CA TYR C 633 2.13 -11.55 -14.89
C TYR C 633 2.27 -12.98 -15.34
N THR C 634 1.31 -13.81 -14.96
CA THR C 634 1.25 -15.18 -15.45
C THR C 634 -0.07 -15.37 -16.18
N ILE C 635 0.00 -16.02 -17.33
CA ILE C 635 -1.18 -16.34 -18.11
C ILE C 635 -1.74 -17.61 -17.52
N GLY C 636 -2.97 -17.54 -17.02
CA GLY C 636 -3.59 -18.72 -16.44
C GLY C 636 -3.98 -19.72 -17.52
N LEU C 637 -3.47 -20.93 -17.37
CA LEU C 637 -3.90 -22.03 -18.22
C LEU C 637 -5.40 -22.27 -18.07
N PRO D 24 2.07 62.37 -24.69
CA PRO D 24 2.78 63.20 -23.72
C PRO D 24 2.02 63.37 -22.39
N ALA D 25 1.13 62.43 -22.07
CA ALA D 25 0.30 62.56 -20.88
C ALA D 25 1.11 62.50 -19.59
N CYS D 26 1.93 61.47 -19.42
CA CYS D 26 2.83 61.38 -18.28
C CYS D 26 3.99 60.47 -18.66
N MET D 27 5.19 60.84 -18.21
CA MET D 27 6.37 60.02 -18.43
C MET D 27 6.24 58.73 -17.63
N GLU D 28 6.50 57.60 -18.29
CA GLU D 28 6.21 56.31 -17.69
C GLU D 28 7.09 56.10 -16.46
N ARG D 29 6.64 55.23 -15.56
CA ARG D 29 7.26 55.17 -14.24
C ARG D 29 8.75 54.86 -14.31
N GLN D 30 9.16 54.01 -15.25
CA GLN D 30 10.52 53.47 -15.26
C GLN D 30 11.41 54.27 -16.20
N LEU D 31 12.46 54.86 -15.67
CA LEU D 31 13.46 55.52 -16.50
C LEU D 31 14.52 54.51 -16.93
N GLU D 32 14.95 54.61 -18.19
CA GLU D 32 15.88 53.64 -18.74
C GLU D 32 17.22 54.26 -19.12
N ALA D 33 17.20 55.34 -19.91
CA ALA D 33 18.43 55.99 -20.33
C ALA D 33 18.27 57.49 -20.27
N ALA D 34 19.38 58.18 -20.04
CA ALA D 34 19.41 59.64 -20.03
C ALA D 34 20.72 60.08 -20.66
N ARG D 35 20.65 60.99 -21.62
CA ARG D 35 21.85 61.44 -22.32
C ARG D 35 21.81 62.94 -22.49
N TYR D 36 22.84 63.61 -22.00
CA TYR D 36 22.94 65.04 -22.17
C TYR D 36 23.26 65.35 -23.62
N ARG D 37 22.57 66.32 -24.20
CA ARG D 37 22.96 66.81 -25.51
C ARG D 37 24.12 67.78 -25.37
N SER D 38 24.76 68.07 -26.50
CA SER D 38 25.92 68.96 -26.47
C SER D 38 25.54 70.37 -26.04
N ASP D 39 24.35 70.83 -26.38
CA ASP D 39 23.96 72.19 -26.08
C ASP D 39 23.53 72.40 -24.63
N GLY D 40 23.39 71.33 -23.85
CA GLY D 40 22.99 71.43 -22.46
C GLY D 40 21.65 70.81 -22.15
N ALA D 41 21.04 70.09 -23.07
CA ALA D 41 19.74 69.48 -22.83
C ALA D 41 19.88 68.04 -22.38
N LEU D 42 18.76 67.50 -21.90
CA LEU D 42 18.69 66.15 -21.33
C LEU D 42 17.71 65.32 -22.17
N LEU D 43 18.02 64.04 -22.32
CA LEU D 43 17.19 63.15 -23.11
C LEU D 43 16.80 61.94 -22.28
N LEU D 44 15.57 61.95 -21.77
CA LEU D 44 15.11 60.91 -20.86
C LEU D 44 14.46 59.80 -21.66
N GLY D 45 14.94 58.58 -21.46
CA GLY D 45 14.26 57.39 -21.96
C GLY D 45 13.52 56.75 -20.80
N ALA D 46 12.24 56.48 -21.02
CA ALA D 46 11.40 55.97 -19.95
C ALA D 46 10.35 55.05 -20.51
N SER D 47 10.38 53.80 -20.07
CA SER D 47 9.39 52.80 -20.46
C SER D 47 8.62 52.37 -19.23
N SER D 48 7.44 51.81 -19.43
CA SER D 48 6.62 51.28 -18.35
C SER D 48 6.81 49.78 -18.29
N LEU D 49 7.48 49.30 -17.25
CA LEU D 49 7.78 47.88 -17.09
C LEU D 49 6.74 47.15 -16.26
N SER D 50 5.68 47.83 -15.85
CA SER D 50 4.69 47.26 -14.95
C SER D 50 3.36 47.96 -15.22
N GLY D 51 2.29 47.28 -14.86
CA GLY D 51 0.97 47.82 -15.13
C GLY D 51 0.39 47.27 -16.41
N ARG D 52 -0.77 47.81 -16.78
CA ARG D 52 -1.51 47.26 -17.91
C ARG D 52 -0.73 47.40 -19.21
N CYS D 53 -0.20 48.59 -19.50
CA CYS D 53 0.44 48.90 -20.77
CA CYS D 53 0.44 48.89 -20.77
C CYS D 53 1.94 49.06 -20.57
N TRP D 54 2.71 48.26 -21.29
CA TRP D 54 4.17 48.33 -21.29
C TRP D 54 4.58 49.12 -22.54
N ALA D 55 4.64 50.44 -22.40
CA ALA D 55 4.86 51.32 -23.53
C ALA D 55 6.13 52.11 -23.28
N GLY D 56 6.54 52.89 -24.28
CA GLY D 56 7.79 53.62 -24.19
C GLY D 56 7.56 55.11 -24.36
N SER D 57 8.57 55.88 -24.00
CA SER D 57 8.45 57.31 -24.18
C SER D 57 9.80 57.98 -23.98
N LEU D 58 10.16 58.81 -24.95
CA LEU D 58 11.37 59.62 -24.92
C LEU D 58 11.04 60.96 -24.31
N TRP D 59 12.05 61.69 -23.84
CA TRP D 59 11.80 63.00 -23.25
C TRP D 59 13.02 63.89 -23.39
N LEU D 60 12.79 65.10 -23.87
CA LEU D 60 13.82 66.13 -24.05
C LEU D 60 13.56 67.27 -23.07
N PHE D 61 14.57 67.63 -22.30
CA PHE D 61 14.46 68.72 -21.32
C PHE D 61 15.52 69.75 -21.68
N LYS D 62 15.11 71.00 -21.84
CA LYS D 62 16.08 72.07 -22.00
C LYS D 62 16.54 72.62 -20.66
N ASP D 63 15.87 72.24 -19.57
CA ASP D 63 16.32 72.55 -18.21
C ASP D 63 16.27 71.28 -17.37
N PRO D 64 17.22 70.36 -17.54
CA PRO D 64 17.06 69.02 -16.94
C PRO D 64 16.77 69.05 -15.46
N CYS D 65 17.10 70.14 -14.77
CA CYS D 65 16.70 70.25 -13.37
C CYS D 65 15.20 70.12 -13.19
N ALA D 66 14.40 70.63 -14.13
CA ALA D 66 12.95 70.55 -14.03
C ALA D 66 12.43 69.13 -14.22
N ALA D 67 13.25 68.19 -14.67
CA ALA D 67 12.79 66.84 -14.88
C ALA D 67 12.67 66.11 -13.55
N PRO D 68 11.91 65.02 -13.48
CA PRO D 68 11.15 64.47 -14.61
C PRO D 68 9.69 64.89 -14.63
N ASN D 69 9.41 66.11 -14.20
CA ASN D 69 8.03 66.60 -14.18
C ASN D 69 7.59 66.95 -15.58
N GLU D 70 6.67 66.14 -16.13
CA GLU D 70 6.34 66.24 -17.55
C GLU D 70 5.91 67.64 -17.94
N GLY D 71 5.33 68.39 -17.02
CA GLY D 71 4.83 69.71 -17.35
C GLY D 71 5.91 70.66 -17.83
N PHE D 72 7.17 70.33 -17.57
CA PHE D 72 8.29 71.17 -17.97
C PHE D 72 9.14 70.55 -19.06
N CYS D 73 8.57 69.62 -19.82
CA CYS D 73 9.31 68.96 -20.89
C CYS D 73 9.13 69.74 -22.19
N SER D 74 10.26 70.16 -22.76
CA SER D 74 10.20 70.87 -24.03
C SER D 74 9.82 69.95 -25.18
N ALA D 75 9.88 68.64 -24.97
CA ALA D 75 9.58 67.68 -26.03
C ALA D 75 9.36 66.31 -25.41
N GLY D 76 8.68 65.45 -26.16
CA GLY D 76 8.40 64.10 -25.73
C GLY D 76 7.48 63.42 -26.71
N VAL D 77 7.45 62.08 -26.71
CA VAL D 77 6.64 61.33 -27.65
C VAL D 77 6.49 59.91 -27.16
N GLN D 78 5.49 59.21 -27.65
CA GLN D 78 5.31 57.81 -27.33
C GLN D 78 5.94 56.93 -28.40
N THR D 79 6.03 55.64 -28.12
CA THR D 79 6.45 54.64 -29.08
C THR D 79 5.48 53.46 -29.02
N GLU D 80 5.86 52.35 -29.64
CA GLU D 80 5.02 51.16 -29.51
C GLU D 80 5.35 50.38 -28.26
N ALA D 81 6.62 50.24 -27.91
CA ALA D 81 7.01 49.50 -26.72
C ALA D 81 8.23 50.14 -26.07
N GLY D 82 8.81 49.44 -25.11
CA GLY D 82 9.78 50.02 -24.20
C GLY D 82 11.11 50.42 -24.77
N VAL D 83 11.77 51.38 -24.12
CA VAL D 83 13.03 51.93 -24.58
C VAL D 83 14.12 51.37 -23.68
N ALA D 84 14.95 50.48 -24.23
CA ALA D 84 16.03 49.85 -23.49
C ALA D 84 17.28 50.72 -23.41
N ASP D 85 17.64 51.36 -24.51
CA ASP D 85 18.74 52.31 -24.51
C ASP D 85 18.59 53.21 -25.73
N LEU D 86 19.02 54.47 -25.58
CA LEU D 86 18.89 55.44 -26.65
C LEU D 86 20.16 56.28 -26.71
N THR D 87 20.39 56.88 -27.87
CA THR D 87 21.63 57.62 -28.10
C THR D 87 21.35 58.84 -28.97
N TRP D 88 22.21 59.84 -28.83
CA TRP D 88 22.16 60.98 -29.73
C TRP D 88 22.82 60.61 -31.05
N VAL D 89 22.20 60.98 -32.16
CA VAL D 89 22.82 60.91 -33.47
C VAL D 89 22.86 62.33 -34.02
N GLY D 90 24.03 62.96 -33.92
CA GLY D 90 24.16 64.35 -34.28
C GLY D 90 23.64 65.25 -33.18
N GLU D 91 22.74 66.16 -33.54
CA GLU D 91 22.14 67.06 -32.57
C GLU D 91 20.63 66.97 -32.50
N ARG D 92 19.97 66.43 -33.52
CA ARG D 92 18.52 66.32 -33.54
C ARG D 92 18.04 64.89 -33.78
N GLY D 93 18.95 63.94 -33.92
CA GLY D 93 18.59 62.54 -34.08
C GLY D 93 18.37 61.89 -32.73
N ILE D 94 17.83 60.68 -32.75
CA ILE D 94 17.59 59.88 -31.55
C ILE D 94 17.60 58.43 -31.97
N LEU D 95 18.38 57.62 -31.28
CA LEU D 95 18.41 56.18 -31.54
C LEU D 95 17.71 55.49 -30.37
N VAL D 96 16.70 54.69 -30.67
CA VAL D 96 15.87 54.06 -29.65
C VAL D 96 15.74 52.58 -29.95
N ALA D 97 15.90 51.76 -28.94
CA ALA D 97 15.79 50.31 -29.07
C ALA D 97 14.55 49.84 -28.32
N SER D 98 13.53 49.46 -29.05
CA SER D 98 12.29 49.02 -28.45
C SER D 98 12.48 47.67 -27.77
N ASP D 99 11.61 47.35 -26.80
CA ASP D 99 11.54 45.96 -26.35
C ASP D 99 11.19 45.04 -27.50
N SER D 100 10.50 45.54 -28.53
CA SER D 100 10.01 44.68 -29.59
C SER D 100 11.17 44.06 -30.37
N GLY D 101 12.21 44.84 -30.59
CA GLY D 101 13.33 44.38 -31.36
C GLY D 101 13.57 45.15 -32.64
N ALA D 102 13.02 46.35 -32.76
CA ALA D 102 13.21 47.18 -33.93
C ALA D 102 13.79 48.52 -33.51
N VAL D 103 14.92 48.88 -34.10
CA VAL D 103 15.57 50.16 -33.85
C VAL D 103 14.87 51.20 -34.71
N GLU D 104 14.56 52.35 -34.13
CA GLU D 104 13.83 53.39 -34.83
C GLU D 104 14.50 54.74 -34.58
N LEU D 105 14.47 55.60 -35.60
CA LEU D 105 15.18 56.88 -35.56
C LEU D 105 14.18 58.02 -35.51
N TRP D 106 14.28 58.82 -34.46
CA TRP D 106 13.32 59.87 -34.15
C TRP D 106 13.96 61.23 -34.35
N GLU D 107 13.90 61.76 -35.57
CA GLU D 107 14.46 63.07 -35.81
C GLU D 107 13.69 64.10 -35.01
N LEU D 108 14.37 64.71 -34.04
CA LEU D 108 13.78 65.83 -33.32
C LEU D 108 13.38 66.91 -34.31
N ASP D 109 12.19 67.48 -34.12
CA ASP D 109 11.78 68.54 -35.01
C ASP D 109 12.61 69.79 -34.75
N GLU D 110 12.79 70.58 -35.81
CA GLU D 110 13.67 71.74 -35.73
C GLU D 110 13.24 72.72 -34.63
N ASN D 111 11.96 72.76 -34.26
CA ASN D 111 11.53 73.67 -33.21
C ASN D 111 11.96 73.18 -31.83
N GLU D 112 12.43 71.94 -31.73
CA GLU D 112 12.69 71.34 -30.42
C GLU D 112 11.39 71.19 -29.64
N THR D 113 10.29 71.05 -30.36
CA THR D 113 8.96 70.94 -29.75
C THR D 113 8.24 69.64 -30.07
N LEU D 114 8.54 68.99 -31.19
CA LEU D 114 7.89 67.74 -31.57
C LEU D 114 8.95 66.72 -31.95
N ILE D 115 8.62 65.45 -31.73
CA ILE D 115 9.52 64.33 -31.99
C ILE D 115 8.86 63.45 -33.05
N VAL D 116 9.52 63.27 -34.18
CA VAL D 116 8.94 62.61 -35.34
C VAL D 116 9.74 61.35 -35.66
N SER D 117 9.04 60.23 -35.75
CA SER D 117 9.65 58.99 -36.19
C SER D 117 10.10 59.10 -37.65
N LYS D 118 11.27 58.53 -37.95
CA LYS D 118 11.75 58.42 -39.33
C LYS D 118 11.66 57.01 -39.88
N PHE D 119 12.24 56.03 -39.19
CA PHE D 119 12.03 54.64 -39.55
C PHE D 119 11.94 53.83 -38.27
N CYS D 120 11.30 52.68 -38.39
CA CYS D 120 11.25 51.69 -37.31
C CYS D 120 11.36 50.34 -37.99
N LYS D 121 12.60 49.85 -38.12
CA LYS D 121 12.89 48.65 -38.90
C LYS D 121 12.89 47.46 -37.96
N TYR D 122 11.94 46.55 -38.15
CA TYR D 122 11.85 45.34 -37.34
C TYR D 122 12.94 44.38 -37.80
N GLU D 123 14.11 44.50 -37.17
CA GLU D 123 15.26 43.75 -37.62
C GLU D 123 15.66 42.62 -36.70
N HIS D 124 15.51 42.76 -35.40
CA HIS D 124 15.97 41.72 -34.50
C HIS D 124 14.87 40.71 -34.24
N ASP D 125 15.25 39.57 -33.70
CA ASP D 125 14.31 38.51 -33.36
C ASP D 125 13.99 38.45 -31.88
N ASP D 126 14.39 39.44 -31.10
CA ASP D 126 14.05 39.48 -29.69
C ASP D 126 14.64 40.74 -29.08
N ILE D 127 14.35 40.96 -27.80
CA ILE D 127 14.53 42.26 -27.15
C ILE D 127 15.84 42.90 -27.57
N VAL D 128 15.78 44.18 -27.94
CA VAL D 128 16.99 44.95 -28.24
C VAL D 128 17.53 45.48 -26.92
N SER D 129 18.79 45.19 -26.62
CA SER D 129 19.35 45.49 -25.32
C SER D 129 20.39 46.59 -25.33
N THR D 130 20.91 46.96 -26.49
CA THR D 130 21.86 48.06 -26.57
C THR D 130 21.81 48.71 -27.93
N VAL D 131 22.24 49.97 -28.00
CA VAL D 131 22.55 50.62 -29.26
C VAL D 131 23.69 51.59 -29.01
N SER D 132 24.34 52.02 -30.08
CA SER D 132 25.47 52.94 -29.99
C SER D 132 25.88 53.34 -31.39
N VAL D 133 26.39 54.56 -31.52
CA VAL D 133 26.71 55.13 -32.82
C VAL D 133 28.22 55.06 -33.02
N LEU D 134 28.64 54.65 -34.21
CA LEU D 134 30.06 54.59 -34.52
C LEU D 134 30.67 55.97 -34.35
N SER D 135 32.00 56.01 -34.37
CA SER D 135 32.70 57.26 -34.04
C SER D 135 32.31 58.39 -34.98
N SER D 136 32.20 58.11 -36.28
CA SER D 136 31.88 59.17 -37.21
C SER D 136 30.49 59.75 -36.94
N GLY D 137 29.52 58.88 -36.69
CA GLY D 137 28.14 59.30 -36.54
C GLY D 137 27.24 58.98 -37.71
N THR D 138 27.59 57.97 -38.50
CA THR D 138 26.79 57.60 -39.67
C THR D 138 26.23 56.20 -39.59
N GLN D 139 26.73 55.36 -38.71
CA GLN D 139 26.32 53.98 -38.64
C GLN D 139 26.02 53.62 -37.20
N ALA D 140 25.35 52.49 -37.01
CA ALA D 140 24.92 52.11 -35.68
C ALA D 140 25.11 50.62 -35.51
N VAL D 141 25.17 50.19 -34.24
CA VAL D 141 25.25 48.80 -33.89
C VAL D 141 24.24 48.54 -32.78
N SER D 142 23.62 47.38 -32.81
CA SER D 142 22.63 47.00 -31.80
C SER D 142 22.87 45.56 -31.42
N GLY D 143 22.40 45.17 -30.26
CA GLY D 143 22.56 43.78 -29.85
C GLY D 143 21.36 43.30 -29.09
N SER D 144 20.77 42.21 -29.52
CA SER D 144 19.53 41.76 -28.94
C SER D 144 19.68 40.33 -28.45
N LYS D 145 18.82 39.95 -27.52
CA LYS D 145 18.89 38.60 -26.96
C LYS D 145 18.71 37.54 -28.04
N ASP D 146 18.44 37.94 -29.28
CA ASP D 146 18.81 37.09 -30.40
C ASP D 146 20.27 37.40 -30.70
N ILE D 147 21.13 36.45 -30.38
CA ILE D 147 22.54 36.69 -30.12
C ILE D 147 23.17 37.58 -31.19
N CYS D 148 22.53 37.69 -32.34
CA CYS D 148 23.08 38.44 -33.46
C CYS D 148 23.24 39.91 -33.13
N ILE D 149 24.37 40.46 -33.55
CA ILE D 149 24.68 41.88 -33.51
C ILE D 149 24.58 42.39 -34.94
N LYS D 150 24.08 43.60 -35.11
CA LYS D 150 23.90 44.15 -36.44
C LYS D 150 24.62 45.49 -36.57
N VAL D 151 24.65 46.01 -37.79
CA VAL D 151 25.24 47.31 -38.09
C VAL D 151 24.30 48.06 -39.04
N TRP D 152 24.05 49.34 -38.74
CA TRP D 152 23.05 50.12 -39.46
C TRP D 152 23.71 51.18 -40.33
N ASP D 153 23.01 51.60 -41.36
CA ASP D 153 23.34 52.82 -42.09
C ASP D 153 22.19 53.79 -41.87
N LEU D 154 22.41 54.80 -41.03
CA LEU D 154 21.30 55.67 -40.66
C LEU D 154 20.82 56.52 -41.83
N ALA D 155 21.71 56.89 -42.75
CA ALA D 155 21.29 57.68 -43.90
C ALA D 155 20.39 56.88 -44.84
N GLN D 156 20.79 55.66 -45.19
CA GLN D 156 20.05 54.85 -46.15
C GLN D 156 19.10 53.86 -45.49
N GLN D 157 19.23 53.63 -44.18
CA GLN D 157 18.20 52.95 -43.40
C GLN D 157 18.04 51.48 -43.77
N VAL D 158 19.14 50.74 -43.78
CA VAL D 158 19.10 49.28 -43.74
C VAL D 158 20.33 48.77 -43.01
N VAL D 159 20.40 47.46 -42.84
CA VAL D 159 21.47 46.82 -42.09
C VAL D 159 22.57 46.40 -43.07
N LEU D 160 23.79 46.84 -42.80
CA LEU D 160 24.92 46.53 -43.68
C LEU D 160 25.54 45.18 -43.34
N SER D 161 25.45 44.76 -42.07
CA SER D 161 26.13 43.57 -41.60
C SER D 161 25.40 42.99 -40.40
N SER D 162 25.19 41.68 -40.40
CA SER D 162 24.44 41.01 -39.35
C SER D 162 25.24 39.82 -38.85
N TYR D 163 26.16 40.06 -37.92
CA TYR D 163 27.08 39.04 -37.45
C TYR D 163 26.45 38.31 -36.28
N ARG D 164 26.35 36.99 -36.37
CA ARG D 164 25.92 36.18 -35.23
C ARG D 164 27.16 35.60 -34.56
N ALA D 165 27.88 36.43 -33.81
CA ALA D 165 29.16 36.05 -33.24
C ALA D 165 29.06 35.35 -31.90
N HIS D 166 28.43 35.96 -30.91
CA HIS D 166 28.37 35.40 -29.57
C HIS D 166 27.51 34.14 -29.54
N ALA D 167 27.40 33.56 -28.35
CA ALA D 167 26.62 32.35 -28.15
C ALA D 167 25.50 32.50 -27.14
N ALA D 168 25.30 33.69 -26.58
CA ALA D 168 24.16 34.01 -25.73
C ALA D 168 23.77 35.45 -25.97
N GLN D 169 22.94 36.01 -25.11
CA GLN D 169 22.51 37.37 -25.35
C GLN D 169 23.69 38.32 -25.30
N VAL D 170 23.61 39.40 -26.06
CA VAL D 170 24.61 40.44 -26.05
C VAL D 170 24.27 41.46 -24.97
N THR D 171 25.15 41.62 -23.99
CA THR D 171 24.81 42.43 -22.82
C THR D 171 25.12 43.89 -23.03
N CYS D 172 26.06 44.22 -23.90
CA CYS D 172 26.38 45.62 -24.10
C CYS D 172 27.16 45.81 -25.39
N VAL D 173 27.33 47.07 -25.76
CA VAL D 173 28.14 47.47 -26.91
C VAL D 173 28.63 48.88 -26.64
N ALA D 174 29.81 49.21 -27.14
CA ALA D 174 30.36 50.56 -26.99
C ALA D 174 31.18 50.90 -28.22
N ALA D 175 30.74 51.89 -28.98
CA ALA D 175 31.44 52.25 -30.20
C ALA D 175 32.72 52.99 -29.88
N SER D 176 33.73 52.79 -30.72
CA SER D 176 35.03 53.40 -30.47
C SER D 176 34.96 54.90 -30.73
N PRO D 177 35.28 55.71 -29.73
CA PRO D 177 35.16 57.16 -29.92
C PRO D 177 36.01 57.70 -31.05
N HIS D 178 37.11 57.03 -31.38
CA HIS D 178 38.09 57.59 -32.30
C HIS D 178 38.25 56.85 -33.62
N LYS D 179 37.98 55.55 -33.69
CA LYS D 179 38.10 54.81 -34.93
C LYS D 179 36.71 54.36 -35.39
N ASP D 180 36.35 54.75 -36.62
CA ASP D 180 35.00 54.50 -37.10
C ASP D 180 34.69 53.03 -37.26
N SER D 181 35.71 52.16 -37.25
CA SER D 181 35.50 50.76 -37.50
C SER D 181 35.72 49.89 -36.27
N VAL D 182 35.66 50.45 -35.08
CA VAL D 182 35.93 49.69 -33.87
C VAL D 182 34.79 49.87 -32.88
N PHE D 183 34.29 48.76 -32.37
CA PHE D 183 33.31 48.81 -31.30
C PHE D 183 33.54 47.60 -30.42
N LEU D 184 33.08 47.68 -29.19
CA LEU D 184 33.16 46.57 -28.26
C LEU D 184 31.78 45.95 -28.05
N SER D 185 31.77 44.74 -27.49
CA SER D 185 30.53 44.12 -27.12
C SER D 185 30.81 42.93 -26.24
N CYS D 186 30.28 42.96 -25.02
CA CYS D 186 30.42 41.85 -24.11
C CYS D 186 29.16 41.02 -24.20
N SER D 187 29.18 39.84 -23.60
CA SER D 187 28.07 38.90 -23.71
C SER D 187 27.83 38.22 -22.37
N GLU D 188 26.82 37.36 -22.34
CA GLU D 188 26.67 36.47 -21.20
C GLU D 188 27.32 35.14 -21.42
N ASP D 189 27.97 34.94 -22.55
CA ASP D 189 28.86 33.81 -22.74
C ASP D 189 30.33 34.18 -22.54
N ASN D 190 30.60 35.09 -21.61
CA ASN D 190 31.93 35.41 -21.10
C ASN D 190 32.91 35.88 -22.15
N ARG D 191 32.47 36.13 -23.37
CA ARG D 191 33.36 36.66 -24.40
C ARG D 191 33.30 38.18 -24.38
N ILE D 192 34.45 38.81 -24.56
CA ILE D 192 34.52 40.24 -24.82
C ILE D 192 35.19 40.41 -26.17
N LEU D 193 34.49 41.01 -27.13
CA LEU D 193 34.96 41.08 -28.49
C LEU D 193 35.23 42.52 -28.89
N LEU D 194 36.44 42.81 -29.30
CA LEU D 194 36.78 44.03 -29.99
C LEU D 194 36.61 43.80 -31.48
N TRP D 195 35.88 44.68 -32.14
CA TRP D 195 35.43 44.45 -33.51
C TRP D 195 36.04 45.45 -34.46
N ASP D 196 35.98 45.11 -35.74
CA ASP D 196 36.41 46.03 -36.80
C ASP D 196 35.54 45.76 -38.02
N THR D 197 35.09 46.84 -38.67
CA THR D 197 34.25 46.69 -39.84
C THR D 197 35.04 46.34 -41.10
N ARG D 198 36.37 46.39 -41.06
CA ARG D 198 37.17 46.14 -42.25
C ARG D 198 37.56 44.68 -42.43
N CYS D 199 38.07 44.05 -41.38
CA CYS D 199 38.74 42.76 -41.49
C CYS D 199 37.78 41.70 -42.03
N PRO D 200 38.31 40.73 -42.79
CA PRO D 200 37.46 39.62 -43.24
C PRO D 200 36.88 38.81 -42.09
N LYS D 201 37.59 38.72 -40.97
CA LYS D 201 37.05 38.13 -39.76
C LYS D 201 37.01 39.21 -38.69
N PRO D 202 35.88 39.86 -38.46
CA PRO D 202 35.89 41.11 -37.67
C PRO D 202 36.09 40.90 -36.19
N ALA D 203 35.62 39.79 -35.63
CA ALA D 203 35.68 39.58 -34.19
C ALA D 203 37.11 39.47 -33.71
N SER D 204 37.32 39.78 -32.44
CA SER D 204 38.66 39.69 -31.87
C SER D 204 38.56 39.50 -30.36
N GLN D 205 38.59 38.25 -29.91
CA GLN D 205 38.42 37.93 -28.50
C GLN D 205 39.58 38.53 -27.72
N ILE D 206 39.28 39.51 -26.87
CA ILE D 206 40.31 40.19 -26.09
C ILE D 206 39.84 40.27 -24.64
N GLY D 207 40.27 39.32 -23.83
CA GLY D 207 39.91 39.30 -22.42
C GLY D 207 40.33 40.56 -21.69
N PRO D 211 37.44 33.16 -18.11
CA PRO D 211 36.94 32.23 -17.08
C PRO D 211 36.61 32.96 -15.78
N GLY D 212 36.41 34.27 -15.89
CA GLY D 212 36.09 35.05 -14.72
C GLY D 212 34.60 35.21 -14.51
N TYR D 213 34.23 36.35 -13.93
CA TYR D 213 32.83 36.70 -13.78
C TYR D 213 32.28 37.32 -15.06
N LEU D 214 30.99 37.11 -15.29
CA LEU D 214 30.36 37.50 -16.54
C LEU D 214 30.45 39.01 -16.72
N PRO D 215 30.85 39.50 -17.89
CA PRO D 215 30.91 40.94 -18.11
C PRO D 215 29.53 41.50 -18.41
N THR D 216 29.31 42.76 -18.01
CA THR D 216 27.99 43.36 -18.08
C THR D 216 27.97 44.82 -18.54
N SER D 217 29.10 45.39 -18.92
CA SER D 217 29.10 46.76 -19.41
C SER D 217 30.46 47.14 -19.94
N LEU D 218 30.48 47.99 -20.97
CA LEU D 218 31.69 48.42 -21.63
C LEU D 218 31.67 49.92 -21.84
N ALA D 219 32.85 50.53 -21.86
CA ALA D 219 32.97 51.94 -22.21
C ALA D 219 34.43 52.25 -22.52
N TRP D 220 34.67 52.73 -23.74
CA TRP D 220 36.02 53.08 -24.18
C TRP D 220 36.55 54.27 -23.40
N HIS D 221 37.86 54.31 -23.24
CA HIS D 221 38.49 55.48 -22.62
C HIS D 221 38.40 56.65 -23.59
N PRO D 222 38.03 57.84 -23.12
CA PRO D 222 37.87 58.97 -24.04
C PRO D 222 39.17 59.58 -24.54
N GLN D 223 40.32 59.31 -23.91
CA GLN D 223 41.54 59.97 -24.34
C GLN D 223 42.60 59.01 -24.85
N GLN D 224 42.97 58.01 -24.05
CA GLN D 224 43.93 57.01 -24.49
C GLN D 224 43.16 55.87 -25.14
N SER D 225 42.94 56.02 -26.44
CA SER D 225 41.83 55.38 -27.15
C SER D 225 41.88 53.86 -27.15
N GLU D 226 42.94 53.26 -26.65
CA GLU D 226 43.05 51.82 -26.66
C GLU D 226 42.83 51.20 -25.28
N VAL D 227 42.27 51.96 -24.35
CA VAL D 227 41.84 51.45 -23.06
C VAL D 227 40.33 51.37 -23.05
N PHE D 228 39.80 50.25 -22.57
CA PHE D 228 38.36 50.12 -22.37
C PHE D 228 38.13 49.34 -21.09
N VAL D 229 36.99 49.57 -20.46
CA VAL D 229 36.69 48.96 -19.19
C VAL D 229 35.39 48.18 -19.27
N PHE D 230 35.45 46.92 -18.85
CA PHE D 230 34.28 46.07 -18.76
C PHE D 230 33.93 45.90 -17.29
N GLY D 231 32.67 46.13 -16.94
CA GLY D 231 32.19 45.88 -15.59
C GLY D 231 31.52 44.53 -15.50
N ASP D 232 31.87 43.77 -14.47
CA ASP D 232 31.40 42.39 -14.40
C ASP D 232 30.13 42.28 -13.57
N GLU D 233 29.61 41.06 -13.51
CA GLU D 233 28.38 40.72 -12.79
C GLU D 233 28.54 40.75 -11.28
N ASN D 234 29.75 40.85 -10.76
CA ASN D 234 29.97 40.82 -9.33
C ASN D 234 30.48 42.15 -8.78
N GLY D 235 30.32 43.23 -9.52
CA GLY D 235 30.66 44.53 -8.99
C GLY D 235 32.13 44.86 -9.04
N THR D 236 32.83 44.38 -10.05
CA THR D 236 34.26 44.63 -10.21
C THR D 236 34.48 45.32 -11.54
N VAL D 237 34.77 46.62 -11.49
CA VAL D 237 35.15 47.38 -12.67
C VAL D 237 36.55 46.94 -13.07
N SER D 238 36.76 46.71 -14.35
CA SER D 238 38.08 46.33 -14.84
C SER D 238 38.66 47.44 -15.70
N LEU D 239 39.89 47.24 -16.15
CA LEU D 239 40.57 48.14 -17.07
C LEU D 239 41.54 47.33 -17.90
N VAL D 240 41.09 46.85 -19.04
CA VAL D 240 41.88 45.92 -19.85
C VAL D 240 42.44 46.68 -21.06
N ASP D 241 43.65 46.29 -21.47
CA ASP D 241 44.27 46.81 -22.67
C ASP D 241 44.03 45.83 -23.83
N THR D 242 43.57 46.36 -24.96
CA THR D 242 43.19 45.50 -26.07
C THR D 242 44.34 44.60 -26.50
N LYS D 243 45.51 45.17 -26.74
CA LYS D 243 46.61 44.41 -27.28
C LYS D 243 47.43 43.69 -26.22
N SER D 244 47.17 43.96 -24.94
CA SER D 244 47.89 43.29 -23.85
C SER D 244 47.05 42.23 -23.14
N THR D 245 45.82 42.57 -22.74
CA THR D 245 44.87 41.63 -22.16
C THR D 245 45.33 41.09 -20.80
N SER D 246 46.12 41.86 -20.06
CA SER D 246 46.43 41.54 -18.66
C SER D 246 45.44 42.35 -17.82
N CYS D 247 44.63 41.68 -17.02
CA CYS D 247 43.66 42.44 -16.25
C CYS D 247 44.44 43.46 -15.43
N VAL D 248 44.37 44.73 -15.83
CA VAL D 248 45.31 45.72 -15.31
C VAL D 248 44.92 46.17 -13.92
N LEU D 249 43.76 46.79 -13.81
CA LEU D 249 43.34 47.37 -12.55
C LEU D 249 41.84 47.22 -12.40
N SER D 250 41.44 46.58 -11.29
CA SER D 250 40.05 46.23 -11.06
C SER D 250 39.73 46.42 -9.59
N SER D 251 38.48 46.76 -9.30
CA SER D 251 38.05 46.92 -7.93
C SER D 251 36.60 46.48 -7.79
N ALA D 252 36.29 45.88 -6.65
CA ALA D 252 34.94 45.41 -6.36
C ALA D 252 34.14 46.57 -5.77
N VAL D 253 33.96 47.61 -6.57
CA VAL D 253 33.31 48.82 -6.07
C VAL D 253 31.87 48.55 -5.69
N HIS D 254 31.18 47.69 -6.43
CA HIS D 254 29.77 47.40 -6.19
C HIS D 254 29.58 45.95 -5.79
N SER D 255 28.59 45.73 -4.94
CA SER D 255 28.25 44.38 -4.50
C SER D 255 27.24 43.71 -5.41
N GLN D 256 26.90 44.31 -6.55
CA GLN D 256 26.01 43.72 -7.53
C GLN D 256 26.31 44.27 -8.92
N CYS D 257 25.72 43.63 -9.92
CA CYS D 257 26.00 43.88 -11.33
C CYS D 257 26.26 45.34 -11.61
N VAL D 258 27.33 45.61 -12.34
CA VAL D 258 27.66 46.97 -12.78
C VAL D 258 26.90 47.26 -14.07
N THR D 259 25.85 48.08 -13.97
CA THR D 259 24.97 48.28 -15.11
C THR D 259 25.55 49.21 -16.16
N GLY D 260 26.39 50.16 -15.77
CA GLY D 260 26.91 51.07 -16.76
C GLY D 260 28.14 51.79 -16.29
N LEU D 261 28.96 52.21 -17.24
CA LEU D 261 30.15 52.99 -16.95
C LEU D 261 30.26 54.09 -17.99
N VAL D 262 30.50 55.32 -17.53
CA VAL D 262 30.49 56.49 -18.40
C VAL D 262 31.55 57.47 -17.91
N PHE D 263 32.58 57.68 -18.73
CA PHE D 263 33.71 58.50 -18.33
C PHE D 263 33.31 59.97 -18.26
N SER D 264 34.16 60.76 -17.62
CA SER D 264 33.89 62.18 -17.43
C SER D 264 34.55 63.01 -18.53
N PRO D 265 34.04 64.22 -18.78
CA PRO D 265 34.63 65.08 -19.82
C PRO D 265 35.94 65.75 -19.42
N HIS D 266 36.36 65.62 -18.16
CA HIS D 266 37.65 66.16 -17.75
C HIS D 266 38.77 65.51 -18.52
N SER D 267 39.79 66.31 -18.85
CA SER D 267 40.90 65.80 -19.65
C SER D 267 41.42 64.49 -19.09
N VAL D 268 41.62 64.46 -17.77
CA VAL D 268 41.86 63.21 -17.04
C VAL D 268 40.51 62.78 -16.45
N PRO D 269 39.77 61.90 -17.10
CA PRO D 269 38.38 61.70 -16.73
C PRO D 269 38.19 60.70 -15.61
N PHE D 270 37.08 60.87 -14.89
CA PHE D 270 36.64 59.89 -13.91
C PHE D 270 35.64 58.95 -14.54
N LEU D 271 35.41 57.82 -13.88
CA LEU D 271 34.53 56.78 -14.40
C LEU D 271 33.37 56.61 -13.43
N ALA D 272 32.15 56.71 -13.94
CA ALA D 272 30.94 56.58 -13.13
C ALA D 272 30.52 55.12 -13.09
N SER D 273 30.06 54.66 -11.94
CA SER D 273 29.88 53.23 -11.70
C SER D 273 28.56 53.02 -10.97
N LEU D 274 27.52 52.62 -11.71
CA LEU D 274 26.19 52.44 -11.15
C LEU D 274 25.73 51.00 -11.34
N SER D 275 25.23 50.41 -10.27
CA SER D 275 24.99 48.98 -10.22
C SER D 275 23.58 48.71 -9.73
N GLU D 276 23.18 47.45 -9.81
CA GLU D 276 21.87 47.02 -9.36
C GLU D 276 21.67 47.23 -7.88
N ASP D 277 22.74 47.49 -7.14
CA ASP D 277 22.68 47.74 -5.71
C ASP D 277 21.96 49.04 -5.39
N CYS D 278 21.69 49.87 -6.39
CA CYS D 278 21.12 51.19 -6.19
C CYS D 278 22.18 52.14 -5.65
N SER D 279 23.42 51.99 -6.10
CA SER D 279 24.52 52.79 -5.63
C SER D 279 25.35 53.28 -6.79
N LEU D 280 25.80 54.51 -6.71
CA LEU D 280 26.66 55.10 -7.71
C LEU D 280 27.96 55.57 -7.08
N ALA D 281 29.06 55.36 -7.81
CA ALA D 281 30.38 55.78 -7.38
C ALA D 281 31.14 56.33 -8.57
N VAL D 282 32.20 57.09 -8.29
CA VAL D 282 33.08 57.60 -9.33
C VAL D 282 34.46 57.02 -9.13
N LEU D 283 35.07 56.55 -10.22
CA LEU D 283 36.33 55.83 -10.17
C LEU D 283 37.39 56.58 -10.96
N ASP D 284 38.63 56.49 -10.49
CA ASP D 284 39.77 57.13 -11.14
C ASP D 284 40.61 56.10 -11.88
N SER D 285 41.79 56.55 -12.35
CA SER D 285 42.73 55.67 -13.03
C SER D 285 43.32 54.61 -12.11
N SER D 286 43.23 54.79 -10.80
CA SER D 286 43.64 53.77 -9.84
C SER D 286 42.44 53.02 -9.28
N LEU D 287 41.25 53.26 -9.81
CA LEU D 287 40.01 52.72 -9.26
C LEU D 287 39.89 53.02 -7.77
N SER D 288 40.26 54.26 -7.42
CA SER D 288 40.05 54.77 -6.08
C SER D 288 38.73 55.53 -6.02
N GLU D 289 37.89 55.15 -5.06
CA GLU D 289 36.56 55.73 -4.94
C GLU D 289 36.68 57.22 -4.63
N LEU D 290 35.92 58.03 -5.36
CA LEU D 290 35.74 59.44 -5.03
C LEU D 290 34.40 59.67 -4.35
N PHE D 291 33.32 59.32 -5.02
CA PHE D 291 31.98 59.66 -4.61
C PHE D 291 31.09 58.41 -4.58
N ARG D 292 30.23 58.34 -3.58
CA ARG D 292 29.30 57.22 -3.45
C ARG D 292 27.97 57.77 -3.01
N SER D 293 26.95 57.64 -3.85
CA SER D 293 25.62 58.19 -3.57
C SER D 293 24.62 57.06 -3.51
N GLN D 294 23.87 57.00 -2.43
CA GLN D 294 22.72 56.11 -2.33
C GLN D 294 21.43 56.83 -2.65
N ALA D 295 21.49 57.92 -3.40
CA ALA D 295 20.35 58.79 -3.67
C ALA D 295 19.18 57.99 -4.22
N HIS D 296 19.46 56.96 -4.99
CA HIS D 296 18.43 56.18 -5.64
C HIS D 296 17.96 55.04 -4.75
N ARG D 297 16.65 54.86 -4.68
CA ARG D 297 16.03 53.80 -3.91
C ARG D 297 15.58 52.63 -4.78
N ASP D 298 16.18 52.46 -5.95
CA ASP D 298 16.02 51.26 -6.75
C ASP D 298 17.12 51.25 -7.80
N PHE D 299 16.98 50.39 -8.81
CA PHE D 299 18.05 50.25 -9.77
C PHE D 299 18.42 51.60 -10.37
N VAL D 300 19.68 51.99 -10.20
CA VAL D 300 20.23 53.08 -10.98
C VAL D 300 20.47 52.54 -12.37
N ARG D 301 19.90 53.20 -13.37
CA ARG D 301 19.84 52.63 -14.70
C ARG D 301 20.72 53.29 -15.74
N ASP D 302 21.08 54.56 -15.58
CA ASP D 302 22.17 55.07 -16.39
C ASP D 302 22.41 56.52 -16.02
N ALA D 303 23.64 56.98 -16.25
CA ALA D 303 24.08 58.28 -15.77
C ALA D 303 24.66 59.06 -16.93
N THR D 304 24.93 60.33 -16.70
CA THR D 304 25.62 61.16 -17.68
C THR D 304 26.19 62.38 -16.99
N TRP D 305 27.26 62.94 -17.56
CA TRP D 305 27.90 64.10 -16.98
C TRP D 305 27.41 65.38 -17.66
N SER D 306 27.54 66.49 -16.96
CA SER D 306 27.04 67.75 -17.48
C SER D 306 27.92 68.24 -18.62
N PRO D 307 27.37 68.42 -19.82
CA PRO D 307 28.14 69.09 -20.88
C PRO D 307 28.36 70.56 -20.63
N LEU D 308 27.79 71.11 -19.55
CA LEU D 308 28.07 72.49 -19.15
C LEU D 308 28.93 72.54 -17.90
N ASN D 309 28.47 71.91 -16.81
CA ASN D 309 29.16 71.95 -15.54
C ASN D 309 29.81 70.60 -15.29
N HIS D 310 31.13 70.53 -15.50
CA HIS D 310 31.81 69.25 -15.42
C HIS D 310 31.82 68.66 -14.01
N SER D 311 31.43 69.43 -13.01
CA SER D 311 31.22 68.89 -11.67
C SER D 311 29.80 68.37 -11.47
N LEU D 312 28.97 68.41 -12.52
CA LEU D 312 27.56 68.11 -12.40
C LEU D 312 27.23 66.83 -13.18
N LEU D 313 26.67 65.84 -12.48
CA LEU D 313 26.34 64.54 -13.03
C LEU D 313 24.85 64.30 -12.86
N THR D 314 24.21 63.68 -13.84
CA THR D 314 22.78 63.37 -13.78
C THR D 314 22.59 61.86 -13.80
N THR D 315 21.75 61.36 -12.90
CA THR D 315 21.47 59.94 -12.80
C THR D 315 19.97 59.71 -12.91
N VAL D 316 19.58 58.65 -13.61
CA VAL D 316 18.18 58.29 -13.75
C VAL D 316 18.02 56.83 -13.38
N GLY D 317 16.98 56.53 -12.60
CA GLY D 317 16.75 55.19 -12.09
C GLY D 317 15.29 54.79 -12.14
N TRP D 318 15.04 53.58 -11.65
CA TRP D 318 13.69 53.03 -11.61
C TRP D 318 12.93 53.43 -10.35
N ASP D 319 13.52 54.27 -9.51
CA ASP D 319 12.73 54.98 -8.51
C ASP D 319 12.17 56.28 -9.05
N HIS D 320 12.16 56.43 -10.38
CA HIS D 320 11.62 57.58 -11.09
C HIS D 320 12.32 58.87 -10.73
N GLN D 321 13.34 58.82 -9.88
CA GLN D 321 14.06 60.02 -9.50
C GLN D 321 15.09 60.36 -10.56
N VAL D 322 15.39 61.65 -10.69
CA VAL D 322 16.51 62.13 -11.47
C VAL D 322 17.32 63.01 -10.54
N VAL D 323 18.28 62.42 -9.84
CA VAL D 323 19.03 63.12 -8.81
C VAL D 323 20.31 63.67 -9.41
N HIS D 324 20.49 64.98 -9.27
CA HIS D 324 21.68 65.65 -9.77
C HIS D 324 22.76 65.61 -8.72
N HIS D 325 23.94 65.15 -9.10
CA HIS D 325 25.04 64.98 -8.18
C HIS D 325 26.11 66.04 -8.46
N VAL D 326 26.61 66.65 -7.40
CA VAL D 326 27.81 67.48 -7.47
C VAL D 326 28.96 66.61 -7.00
N VAL D 327 29.87 66.27 -7.91
CA VAL D 327 30.96 65.34 -7.63
C VAL D 327 32.20 66.17 -7.27
N PRO D 328 33.07 65.68 -6.38
CA PRO D 328 34.32 66.36 -6.04
C PRO D 328 35.23 66.52 -7.25
N ARG E 13 6.56 -19.35 39.46
CA ARG E 13 5.95 -18.23 40.16
C ARG E 13 5.14 -17.34 39.23
N VAL E 14 4.23 -16.57 39.82
CA VAL E 14 3.44 -15.58 39.11
C VAL E 14 3.78 -14.21 39.67
N SER E 15 4.00 -13.25 38.78
CA SER E 15 4.35 -11.90 39.19
C SER E 15 3.37 -11.40 40.24
N SER E 16 3.77 -10.39 40.99
CA SER E 16 2.87 -9.77 41.94
C SER E 16 3.55 -8.57 42.56
N GLY E 17 2.83 -7.46 42.64
CA GLY E 17 3.41 -6.24 43.13
C GLY E 17 2.44 -5.50 44.04
N ARG E 18 3.01 -4.68 44.90
CA ARG E 18 2.25 -3.93 45.88
C ARG E 18 1.75 -2.64 45.24
N ASP E 19 0.47 -2.38 45.38
CA ASP E 19 -0.08 -1.09 45.05
C ASP E 19 0.05 -0.17 46.24
N LEU E 20 0.66 0.99 46.03
CA LEU E 20 0.89 1.94 47.11
C LEU E 20 0.22 3.25 46.81
N ASN E 21 0.06 4.05 47.84
CA ASN E 21 -0.32 5.44 47.71
C ASN E 21 0.47 6.30 48.70
N CYS E 22 1.37 5.66 49.44
CA CYS E 22 2.21 6.32 50.42
C CYS E 22 3.63 5.83 50.22
N VAL E 23 4.42 6.60 49.48
CA VAL E 23 5.84 6.32 49.30
C VAL E 23 6.58 7.59 49.70
N PRO E 24 6.87 7.77 50.98
CA PRO E 24 7.63 8.94 51.40
C PRO E 24 9.03 8.93 50.82
N GLU E 25 9.69 7.78 50.89
CA GLU E 25 11.02 7.59 50.32
C GLU E 25 10.93 6.47 49.29
N ILE E 26 11.22 6.81 48.04
CA ILE E 26 11.02 5.87 46.95
C ILE E 26 11.97 4.68 47.10
N ALA E 27 13.23 4.93 47.44
CA ALA E 27 14.21 3.87 47.57
C ALA E 27 13.90 2.97 48.76
N ASP E 28 13.58 3.56 49.92
CA ASP E 28 13.25 2.75 51.09
C ASP E 28 12.03 1.88 50.81
N THR E 29 10.99 2.47 50.24
CA THR E 29 9.76 1.72 49.99
C THR E 29 10.00 0.58 49.02
N LEU E 30 10.73 0.84 47.93
CA LEU E 30 10.95 -0.23 46.97
C LEU E 30 11.80 -1.33 47.59
N GLY E 31 12.76 -0.95 48.46
CA GLY E 31 13.52 -1.97 49.15
C GLY E 31 12.65 -2.83 50.04
N ALA E 32 11.74 -2.20 50.77
CA ALA E 32 10.85 -2.96 51.65
C ALA E 32 9.98 -3.92 50.87
N VAL E 33 9.39 -3.45 49.76
CA VAL E 33 8.56 -4.37 49.00
C VAL E 33 9.41 -5.50 48.46
N ALA E 34 10.61 -5.22 47.97
CA ALA E 34 11.43 -6.30 47.44
C ALA E 34 11.73 -7.33 48.50
N LYS E 35 12.04 -6.90 49.73
CA LYS E 35 12.21 -7.85 50.82
C LYS E 35 10.95 -8.67 51.06
N GLN E 36 9.78 -8.02 51.04
CA GLN E 36 8.53 -8.76 51.24
C GLN E 36 8.31 -9.80 50.16
N GLY E 37 9.00 -9.70 49.05
CA GLY E 37 8.92 -10.69 48.00
C GLY E 37 8.20 -10.26 46.75
N PHE E 38 7.63 -9.07 46.72
CA PHE E 38 6.95 -8.59 45.54
C PHE E 38 7.96 -8.49 44.40
N ASP E 39 7.47 -8.38 43.17
CA ASP E 39 8.36 -8.20 42.05
C ASP E 39 8.41 -6.75 41.60
N PHE E 40 7.28 -6.06 41.62
CA PHE E 40 7.20 -4.69 41.11
C PHE E 40 6.37 -3.87 42.07
N LEU E 41 6.14 -2.61 41.72
CA LEU E 41 5.46 -1.66 42.58
C LEU E 41 4.63 -0.73 41.72
N CYS E 42 3.39 -0.47 42.14
CA CYS E 42 2.53 0.49 41.47
C CYS E 42 2.42 1.72 42.35
N MET E 43 3.00 2.82 41.92
CA MET E 43 3.17 4.00 42.74
C MET E 43 2.69 5.22 41.98
N PRO E 44 2.36 6.30 42.68
CA PRO E 44 2.04 7.56 41.99
C PRO E 44 3.32 8.27 41.59
N VAL E 45 3.28 8.91 40.41
CA VAL E 45 4.47 9.59 39.93
C VAL E 45 4.49 11.08 40.32
N PHE E 46 3.37 11.77 40.23
CA PHE E 46 3.18 13.05 40.88
C PHE E 46 2.40 12.81 42.16
N HIS E 47 2.65 13.60 43.18
CA HIS E 47 2.03 13.33 44.47
C HIS E 47 0.51 13.30 44.32
N PRO E 48 -0.19 12.45 45.06
CA PRO E 48 -1.64 12.32 44.86
C PRO E 48 -2.43 13.58 45.13
N ARG E 49 -2.14 14.28 46.22
CA ARG E 49 -2.90 15.45 46.62
C ARG E 49 -2.33 16.73 46.04
N PHE E 50 -1.34 16.63 45.17
CA PHE E 50 -0.68 17.81 44.62
C PHE E 50 -1.47 18.28 43.40
N LYS E 51 -2.46 19.12 43.65
CA LYS E 51 -3.28 19.62 42.56
C LYS E 51 -2.55 20.75 41.84
N ARG E 52 -2.22 20.52 40.58
CA ARG E 52 -1.48 21.46 39.77
C ARG E 52 -2.41 22.08 38.75
N GLU E 53 -2.47 23.40 38.76
CA GLU E 53 -3.32 24.14 37.84
C GLU E 53 -2.50 24.63 36.65
N PHE E 54 -3.04 24.43 35.45
CA PHE E 54 -2.35 24.78 34.23
C PHE E 54 -3.00 25.92 33.45
N ILE E 55 -3.89 26.69 34.05
CA ILE E 55 -4.70 27.66 33.33
C ILE E 55 -4.47 29.07 33.83
N GLN E 56 -4.81 29.34 35.08
CA GLN E 56 -4.88 30.71 35.56
C GLN E 56 -4.00 30.93 36.78
N GLU E 57 -3.31 32.06 36.78
CA GLU E 57 -2.45 32.51 37.86
C GLU E 57 -3.29 32.85 39.09
N PRO E 58 -2.66 32.97 40.26
CA PRO E 58 -1.22 32.77 40.37
C PRO E 58 -0.84 31.32 40.65
N ALA E 59 -1.82 30.43 40.66
CA ALA E 59 -1.55 29.01 40.91
C ALA E 59 -0.84 28.36 39.73
N LYS E 60 -0.94 28.96 38.56
CA LYS E 60 -0.31 28.39 37.36
C LYS E 60 1.20 28.37 37.50
N ASN E 61 1.74 29.10 38.48
CA ASN E 61 3.17 29.34 38.58
C ASN E 61 3.79 28.81 39.86
N ARG E 62 3.30 27.71 40.42
CA ARG E 62 3.93 27.20 41.63
C ARG E 62 5.35 26.79 41.26
N PRO E 63 6.38 27.35 41.88
CA PRO E 63 7.74 27.03 41.44
C PRO E 63 8.00 25.54 41.57
N GLY E 64 8.85 25.03 40.70
CA GLY E 64 9.16 23.63 40.71
C GLY E 64 9.96 23.26 41.93
N PRO E 65 10.34 21.99 42.04
CA PRO E 65 10.07 20.99 41.02
C PRO E 65 8.61 20.60 40.98
N GLN E 66 8.28 19.61 40.15
CA GLN E 66 6.91 19.10 40.12
C GLN E 66 6.78 17.76 40.82
N THR E 67 7.84 16.95 40.82
CA THR E 67 7.76 15.59 41.34
C THR E 67 9.14 15.15 41.79
N ARG E 68 9.24 13.89 42.21
CA ARG E 68 10.52 13.27 42.54
C ARG E 68 11.45 13.27 41.35
N SER E 69 12.71 13.55 41.60
CA SER E 69 13.67 13.66 40.52
C SER E 69 13.75 12.34 39.78
N ASP E 70 14.04 12.42 38.49
CA ASP E 70 14.21 11.24 37.66
C ASP E 70 15.29 10.31 38.19
N LEU E 71 16.24 10.83 38.96
CA LEU E 71 17.46 10.09 39.24
C LEU E 71 17.36 9.24 40.49
N LEU E 72 16.25 9.29 41.23
CA LEU E 72 16.16 8.52 42.46
C LEU E 72 16.33 7.03 42.22
N LEU E 73 16.10 6.57 41.00
CA LEU E 73 16.40 5.20 40.62
C LEU E 73 17.12 5.21 39.29
N SER E 74 17.76 4.10 38.98
CA SER E 74 18.39 3.96 37.68
C SER E 74 17.36 3.55 36.64
N GLY E 75 17.63 3.93 35.39
CA GLY E 75 16.77 3.54 34.30
C GLY E 75 16.28 2.11 34.41
N ARG E 76 17.12 1.21 34.92
CA ARG E 76 16.71 -0.18 35.05
C ARG E 76 15.63 -0.35 36.10
N ASP E 77 15.80 0.27 37.27
CA ASP E 77 14.74 0.18 38.28
C ASP E 77 13.45 0.79 37.77
N TRP E 78 13.52 2.02 37.22
CA TRP E 78 12.34 2.64 36.64
C TRP E 78 11.65 1.73 35.66
N ASN E 79 12.43 1.09 34.79
CA ASN E 79 11.83 0.38 33.68
C ASN E 79 11.29 -0.98 34.07
N THR E 80 11.93 -1.66 35.01
CA THR E 80 11.53 -3.03 35.30
C THR E 80 10.64 -3.16 36.51
N LEU E 81 10.81 -2.33 37.54
CA LEU E 81 10.04 -2.54 38.75
C LEU E 81 8.76 -1.71 38.82
N ILE E 82 8.82 -0.43 38.53
CA ILE E 82 7.77 0.51 38.89
C ILE E 82 6.64 0.42 37.86
N VAL E 83 5.44 0.75 38.30
CA VAL E 83 4.29 0.97 37.43
C VAL E 83 3.58 2.21 37.92
N GLY E 84 3.38 3.18 37.05
CA GLY E 84 2.86 4.45 37.49
C GLY E 84 1.37 4.42 37.77
N LYS E 85 0.87 5.50 38.35
CA LYS E 85 -0.55 5.65 38.63
C LYS E 85 -1.00 7.04 38.20
N LEU E 86 -2.20 7.13 37.66
CA LEU E 86 -2.75 8.41 37.27
C LEU E 86 -3.46 9.05 38.46
N SER E 87 -3.02 10.25 38.82
CA SER E 87 -3.38 10.84 40.09
C SER E 87 -4.89 10.78 40.31
N PRO E 88 -5.36 10.61 41.55
CA PRO E 88 -6.81 10.57 41.79
C PRO E 88 -7.54 11.82 41.37
N TRP E 89 -6.98 13.02 41.57
CA TRP E 89 -7.73 14.23 41.31
C TRP E 89 -8.04 14.42 39.84
N ILE E 90 -7.16 13.95 38.96
CA ILE E 90 -7.38 14.05 37.51
C ILE E 90 -8.72 13.41 37.20
N ARG E 91 -9.65 14.18 36.63
CA ARG E 91 -10.95 13.68 36.20
C ARG E 91 -11.31 14.27 34.86
N PRO E 92 -10.71 13.78 33.77
CA PRO E 92 -10.89 14.43 32.47
C PRO E 92 -12.30 14.35 31.95
N ASP E 93 -13.26 13.82 32.71
CA ASP E 93 -14.63 13.78 32.25
C ASP E 93 -15.59 14.48 33.20
N SER E 94 -15.06 15.22 34.16
CA SER E 94 -15.93 16.03 35.01
C SER E 94 -16.70 17.02 34.15
N LYS E 95 -17.83 17.48 34.68
CA LYS E 95 -18.66 18.38 33.88
C LYS E 95 -18.12 19.79 33.86
N VAL E 96 -17.63 20.28 34.99
CA VAL E 96 -17.05 21.62 35.05
C VAL E 96 -16.06 21.78 33.90
N GLU E 97 -16.21 22.84 33.11
CA GLU E 97 -15.28 23.05 32.02
C GLU E 97 -13.87 23.27 32.53
N LYS E 98 -13.73 24.05 33.59
CA LYS E 98 -12.40 24.28 34.12
C LYS E 98 -11.72 22.98 34.51
N ILE E 99 -12.46 22.11 35.20
CA ILE E 99 -11.87 20.84 35.62
C ILE E 99 -11.60 19.95 34.41
N ARG E 100 -12.44 20.02 33.39
CA ARG E 100 -12.15 19.25 32.19
C ARG E 100 -10.82 19.66 31.59
N ARG E 101 -10.57 20.97 31.50
CA ARG E 101 -9.35 21.44 30.84
C ARG E 101 -8.14 21.18 31.71
N ASN E 102 -8.25 21.43 33.02
CA ASN E 102 -7.17 21.11 33.93
C ASN E 102 -6.84 19.63 33.89
N SER E 103 -7.85 18.77 33.86
CA SER E 103 -7.60 17.35 33.88
C SER E 103 -6.98 16.90 32.57
N GLU E 104 -7.41 17.45 31.44
CA GLU E 104 -6.75 17.14 30.19
C GLU E 104 -5.25 17.42 30.31
N ALA E 105 -4.90 18.63 30.76
CA ALA E 105 -3.49 19.00 30.85
C ALA E 105 -2.75 18.11 31.82
N ALA E 106 -3.33 17.87 32.99
CA ALA E 106 -2.65 17.07 34.00
C ALA E 106 -2.43 15.64 33.52
N MET E 107 -3.44 15.03 32.91
CA MET E 107 -3.29 13.67 32.44
C MET E 107 -2.23 13.58 31.35
N LEU E 108 -2.21 14.53 30.43
CA LEU E 108 -1.12 14.51 29.46
C LEU E 108 0.22 14.60 30.16
N GLN E 109 0.34 15.51 31.12
CA GLN E 109 1.57 15.62 31.89
C GLN E 109 1.99 14.29 32.45
N GLU E 110 1.07 13.64 33.16
CA GLU E 110 1.44 12.45 33.91
C GLU E 110 1.81 11.31 33.00
N LEU E 111 1.09 11.17 31.89
CA LEU E 111 1.39 10.09 30.95
C LEU E 111 2.73 10.32 30.28
N ASN E 112 3.04 11.58 29.94
CA ASN E 112 4.31 11.86 29.27
C ASN E 112 5.49 11.67 30.22
N PHE E 113 5.34 12.08 31.48
CA PHE E 113 6.38 11.81 32.47
C PHE E 113 6.54 10.32 32.72
N GLY E 114 5.43 9.57 32.70
CA GLY E 114 5.56 8.13 32.82
C GLY E 114 6.34 7.52 31.68
N ALA E 115 6.03 7.94 30.45
CA ALA E 115 6.78 7.41 29.31
C ALA E 115 8.25 7.80 29.35
N TYR E 116 8.53 9.05 29.73
CA TYR E 116 9.90 9.49 29.89
C TYR E 116 10.65 8.61 30.90
N LEU E 117 10.13 8.48 32.12
CA LEU E 117 10.78 7.56 33.04
C LEU E 117 10.95 6.17 32.46
N GLY E 118 9.99 5.72 31.66
CA GLY E 118 10.12 4.42 31.02
C GLY E 118 9.18 3.38 31.55
N LEU E 119 8.34 3.74 32.50
CA LEU E 119 7.54 2.76 33.23
C LEU E 119 7.00 1.71 32.28
N PRO E 120 6.93 0.45 32.71
CA PRO E 120 6.48 -0.60 31.80
C PRO E 120 4.97 -0.73 31.74
N ALA E 121 4.24 0.06 32.51
CA ALA E 121 2.78 0.08 32.43
C ALA E 121 2.23 1.14 33.35
N PHE E 122 1.02 1.59 33.03
CA PHE E 122 0.44 2.79 33.64
C PHE E 122 -1.00 2.47 34.04
N LEU E 123 -1.39 2.81 35.27
CA LEU E 123 -2.67 2.39 35.81
C LEU E 123 -3.71 3.52 35.79
N LEU E 124 -4.76 3.32 35.02
CA LEU E 124 -5.81 4.30 34.82
C LEU E 124 -7.15 3.71 35.24
N PRO E 125 -7.99 4.48 35.92
CA PRO E 125 -9.24 3.92 36.44
C PRO E 125 -10.41 4.16 35.50
N LEU E 126 -11.41 3.30 35.63
CA LEU E 126 -12.71 3.51 34.99
C LEU E 126 -13.76 3.44 36.09
N ASN E 127 -14.08 4.59 36.68
CA ASN E 127 -15.01 4.62 37.80
C ASN E 127 -16.30 5.34 37.47
N GLN E 128 -16.63 5.49 36.20
CA GLN E 128 -17.94 6.00 35.82
C GLN E 128 -18.15 5.72 34.35
N GLU E 129 -19.37 5.96 33.89
CA GLU E 129 -19.74 5.59 32.53
C GLU E 129 -19.15 6.55 31.50
N ASP E 130 -19.14 7.84 31.80
CA ASP E 130 -18.75 8.86 30.83
C ASP E 130 -17.23 8.93 30.81
N ASN E 131 -16.61 8.15 29.92
CA ASN E 131 -15.15 8.09 29.81
C ASN E 131 -14.65 8.50 28.44
N THR E 132 -15.43 9.30 27.72
CA THR E 132 -15.09 9.62 26.34
C THR E 132 -13.90 10.55 26.26
N ASN E 133 -13.90 11.62 27.06
CA ASN E 133 -12.75 12.51 27.02
C ASN E 133 -11.49 11.79 27.46
N LEU E 134 -11.61 10.89 28.44
CA LEU E 134 -10.47 10.10 28.87
C LEU E 134 -9.92 9.25 27.75
N ALA E 135 -10.80 8.56 27.02
CA ALA E 135 -10.34 7.78 25.90
C ALA E 135 -9.67 8.66 24.86
N ARG E 136 -10.22 9.85 24.61
CA ARG E 136 -9.61 10.72 23.61
C ARG E 136 -8.21 11.15 24.01
N VAL E 137 -8.06 11.65 25.24
CA VAL E 137 -6.74 12.07 25.67
C VAL E 137 -5.78 10.89 25.61
N LEU E 138 -6.24 9.71 25.99
CA LEU E 138 -5.32 8.58 26.01
C LEU E 138 -4.91 8.17 24.61
N THR E 139 -5.83 8.21 23.65
CA THR E 139 -5.44 7.85 22.30
C THR E 139 -4.53 8.90 21.68
N ASN E 140 -4.77 10.17 21.99
CA ASN E 140 -3.86 11.20 21.51
C ASN E 140 -2.48 11.04 22.12
N HIS E 141 -2.40 10.48 23.33
CA HIS E 141 -1.08 10.20 23.90
C HIS E 141 -0.46 8.96 23.27
N ILE E 142 -1.28 7.99 22.90
CA ILE E 142 -0.75 6.81 22.21
C ILE E 142 -0.21 7.18 20.84
N HIS E 143 -0.70 8.27 20.24
CA HIS E 143 -0.27 8.66 18.91
C HIS E 143 0.66 9.88 18.92
N THR E 144 1.47 10.05 19.95
CA THR E 144 2.44 11.13 19.97
C THR E 144 3.76 10.60 20.48
N GLY E 145 4.77 10.58 19.63
CA GLY E 145 6.09 10.12 20.01
C GLY E 145 6.19 8.61 19.98
N HIS E 146 7.41 8.14 20.17
CA HIS E 146 7.70 6.71 20.19
C HIS E 146 7.99 6.33 21.63
N HIS E 147 7.07 5.58 22.23
CA HIS E 147 7.19 5.12 23.60
C HIS E 147 6.55 3.75 23.72
N SER E 148 6.84 3.05 24.82
CA SER E 148 6.41 1.67 24.95
C SER E 148 5.75 1.36 26.29
N SER E 149 5.36 2.36 27.06
CA SER E 149 4.52 2.11 28.22
C SER E 149 3.25 1.42 27.77
N MET E 150 2.71 0.54 28.62
CA MET E 150 1.43 -0.10 28.37
C MET E 150 0.46 0.25 29.50
N PHE E 151 -0.81 0.45 29.14
CA PHE E 151 -1.77 1.12 30.00
C PHE E 151 -2.77 0.13 30.56
N TRP E 152 -2.76 -0.03 31.89
CA TRP E 152 -3.67 -0.94 32.57
C TRP E 152 -4.85 -0.15 33.09
N MET E 153 -6.03 -0.39 32.52
CA MET E 153 -7.19 0.44 32.77
C MET E 153 -8.02 -0.19 33.88
N ARG E 154 -7.59 0.01 35.11
CA ARG E 154 -8.23 -0.54 36.31
C ARG E 154 -9.73 -0.35 36.23
N VAL E 155 -10.49 -1.43 36.37
CA VAL E 155 -11.95 -1.38 36.30
C VAL E 155 -12.54 -2.48 37.17
N PRO E 156 -13.33 -2.14 38.19
CA PRO E 156 -13.81 -3.17 39.11
C PRO E 156 -14.87 -4.09 38.52
N LEU E 157 -14.94 -5.31 39.06
CA LEU E 157 -15.98 -6.22 38.62
C LEU E 157 -17.37 -5.69 38.96
N VAL E 158 -17.55 -5.25 40.20
CA VAL E 158 -18.83 -4.74 40.67
C VAL E 158 -18.62 -3.30 41.07
N ALA E 159 -19.46 -2.41 40.56
CA ALA E 159 -19.18 -0.99 40.70
C ALA E 159 -19.19 -0.60 42.18
N PRO E 160 -18.56 0.51 42.54
CA PRO E 160 -18.67 1.00 43.91
C PRO E 160 -20.10 1.24 44.33
N GLU E 161 -20.91 1.82 43.44
CA GLU E 161 -22.30 2.14 43.78
C GLU E 161 -23.12 0.89 44.02
N ASP E 162 -22.56 -0.28 43.77
CA ASP E 162 -23.25 -1.53 44.08
C ASP E 162 -22.51 -2.37 45.11
N LEU E 163 -21.28 -2.00 45.49
CA LEU E 163 -20.63 -2.66 46.61
C LEU E 163 -20.99 -2.07 47.97
N ARG E 164 -21.71 -0.97 48.03
CA ARG E 164 -21.83 -0.23 49.28
C ARG E 164 -22.80 -0.91 50.24
N ASP E 165 -22.56 -0.70 51.54
CA ASP E 165 -23.45 -1.23 52.57
C ASP E 165 -24.74 -0.43 52.62
N ASP E 166 -25.86 -1.13 52.81
CA ASP E 166 -27.18 -0.50 52.83
C ASP E 166 -27.37 0.21 54.17
N ILE E 167 -26.95 1.48 54.20
CA ILE E 167 -27.05 2.30 55.39
C ILE E 167 -27.66 3.66 55.12
N ILE E 168 -27.98 3.98 53.87
CA ILE E 168 -28.65 5.24 53.55
C ILE E 168 -30.14 5.01 53.75
N GLU E 169 -30.66 5.55 54.85
CA GLU E 169 -32.04 5.28 55.26
C GLU E 169 -33.04 5.86 54.26
N ASN E 170 -32.59 6.75 53.39
CA ASN E 170 -33.51 7.53 52.56
C ASN E 170 -33.40 7.23 51.08
N ALA E 171 -32.45 6.40 50.64
CA ALA E 171 -32.23 6.14 49.22
C ALA E 171 -31.69 4.74 49.01
N PRO E 172 -32.41 3.74 49.48
CA PRO E 172 -31.90 2.37 49.42
C PRO E 172 -31.73 1.89 47.99
N THR E 173 -30.77 0.99 47.81
CA THR E 173 -30.44 0.47 46.49
C THR E 173 -31.60 -0.35 45.94
N THR E 174 -31.67 -0.45 44.62
CA THR E 174 -32.63 -1.33 43.97
C THR E 174 -32.10 -2.76 43.93
N HIS E 175 -32.46 -3.55 44.93
CA HIS E 175 -31.97 -4.91 45.10
C HIS E 175 -32.55 -5.89 44.11
N THR E 176 -33.67 -5.55 43.46
CA THR E 176 -34.32 -6.49 42.57
C THR E 176 -33.39 -6.90 41.44
N GLU E 177 -33.81 -7.91 40.67
CA GLU E 177 -33.04 -8.40 39.55
C GLU E 177 -32.68 -7.25 38.61
N GLU E 178 -31.39 -6.99 38.47
CA GLU E 178 -30.87 -6.04 37.49
C GLU E 178 -29.79 -6.75 36.70
N TYR E 179 -30.19 -7.48 35.66
CA TYR E 179 -29.24 -8.37 34.99
C TYR E 179 -28.03 -7.61 34.49
N SER E 180 -28.23 -6.73 33.51
CA SER E 180 -27.10 -5.96 33.00
C SER E 180 -26.76 -4.80 33.91
N GLY E 181 -27.63 -4.50 34.87
CA GLY E 181 -27.23 -3.63 35.96
C GLY E 181 -26.08 -4.23 36.75
N GLU E 182 -25.92 -5.55 36.65
CA GLU E 182 -24.77 -6.26 37.20
C GLU E 182 -23.61 -6.31 36.23
N GLU E 183 -23.83 -5.95 34.96
CA GLU E 183 -22.81 -5.95 33.93
C GLU E 183 -22.39 -4.54 33.52
N LYS E 184 -22.89 -3.52 34.20
CA LYS E 184 -22.56 -2.17 33.81
C LYS E 184 -21.06 -1.97 33.67
N THR E 185 -20.28 -2.68 34.50
CA THR E 185 -18.84 -2.44 34.51
C THR E 185 -18.18 -2.94 33.23
N TRP E 186 -18.54 -4.14 32.77
CA TRP E 186 -17.94 -4.59 31.54
C TRP E 186 -18.29 -3.66 30.40
N MET E 187 -19.50 -3.11 30.40
N MET E 187 -19.49 -3.09 30.41
CA MET E 187 -19.85 -2.15 29.37
CA MET E 187 -19.82 -2.16 29.34
C MET E 187 -19.02 -0.89 29.48
C MET E 187 -19.02 -0.88 29.47
N TRP E 188 -18.74 -0.44 30.71
CA TRP E 188 -17.83 0.69 30.88
C TRP E 188 -16.55 0.43 30.12
N TRP E 189 -15.97 -0.74 30.38
CA TRP E 189 -14.69 -1.07 29.75
C TRP E 189 -14.85 -1.23 28.26
N HIS E 190 -15.96 -1.81 27.81
CA HIS E 190 -16.14 -2.04 26.39
C HIS E 190 -16.23 -0.72 25.64
N ASN E 191 -16.95 0.24 26.18
CA ASN E 191 -17.02 1.56 25.55
C ASN E 191 -15.66 2.22 25.56
N PHE E 192 -14.95 2.18 26.67
CA PHE E 192 -13.63 2.79 26.66
C PHE E 192 -12.76 2.16 25.58
N ARG E 193 -12.72 0.84 25.54
CA ARG E 193 -11.83 0.19 24.61
C ARG E 193 -12.21 0.48 23.18
N THR E 194 -13.51 0.45 22.85
CA THR E 194 -13.92 0.72 21.48
C THR E 194 -13.62 2.14 21.07
N LEU E 195 -13.79 3.10 21.98
CA LEU E 195 -13.35 4.46 21.65
C LEU E 195 -11.87 4.47 21.32
N CYS E 196 -11.04 3.95 22.22
CA CYS E 196 -9.61 3.94 21.97
C CYS E 196 -9.21 2.98 20.88
N ASP E 197 -10.18 2.34 20.22
CA ASP E 197 -9.92 1.57 19.01
C ASP E 197 -9.05 0.35 19.28
N TYR E 198 -9.49 -0.49 20.20
CA TYR E 198 -8.88 -1.79 20.45
C TYR E 198 -7.35 -1.70 20.50
N SER E 199 -6.81 -0.56 20.90
CA SER E 199 -5.38 -0.37 20.81
C SER E 199 -4.68 -1.45 21.60
N LYS E 200 -3.69 -2.09 20.99
CA LYS E 200 -2.97 -3.16 21.67
C LYS E 200 -2.17 -2.67 22.85
N ARG E 201 -2.27 -1.38 23.18
CA ARG E 201 -1.58 -0.81 24.33
C ARG E 201 -2.53 -0.46 25.45
N ILE E 202 -3.79 -0.89 25.38
CA ILE E 202 -4.75 -0.73 26.45
C ILE E 202 -5.13 -2.13 26.91
N ALA E 203 -4.97 -2.41 28.19
CA ALA E 203 -5.29 -3.70 28.78
C ALA E 203 -5.91 -3.49 30.14
N VAL E 204 -6.65 -4.48 30.61
CA VAL E 204 -7.49 -4.34 31.78
C VAL E 204 -6.71 -4.76 33.00
N ALA E 205 -7.10 -4.24 34.16
CA ALA E 205 -6.60 -4.71 35.45
C ALA E 205 -7.83 -4.99 36.32
N LEU E 206 -8.38 -6.19 36.17
CA LEU E 206 -9.66 -6.54 36.76
C LEU E 206 -9.58 -6.55 38.28
N GLU E 207 -10.19 -5.56 38.94
CA GLU E 207 -10.32 -5.60 40.39
C GLU E 207 -11.18 -6.78 40.79
N ILE E 208 -10.88 -7.38 41.95
CA ILE E 208 -11.65 -8.50 42.48
C ILE E 208 -12.29 -8.08 43.79
N GLY E 209 -13.57 -7.77 43.75
CA GLY E 209 -14.30 -7.45 44.96
C GLY E 209 -14.70 -8.69 45.73
N ALA E 210 -15.09 -8.47 46.99
CA ALA E 210 -15.35 -9.60 47.87
C ALA E 210 -16.42 -10.53 47.31
N ASP E 211 -17.42 -9.98 46.64
CA ASP E 211 -18.53 -10.77 46.11
C ASP E 211 -18.44 -10.80 44.59
N LEU E 212 -18.25 -11.99 44.04
CA LEU E 212 -18.11 -12.13 42.61
C LEU E 212 -19.47 -12.02 41.93
N PRO E 213 -19.49 -11.75 40.62
CA PRO E 213 -20.73 -11.86 39.85
C PRO E 213 -20.93 -13.30 39.38
N SER E 214 -21.96 -13.48 38.57
CA SER E 214 -22.34 -14.83 38.16
C SER E 214 -21.24 -15.46 37.33
N ASN E 215 -21.50 -16.71 36.94
CA ASN E 215 -20.51 -17.47 36.16
C ASN E 215 -20.33 -16.90 34.76
N HIS E 216 -21.42 -16.50 34.11
CA HIS E 216 -21.33 -16.02 32.74
C HIS E 216 -20.44 -14.78 32.66
N VAL E 217 -20.61 -13.84 33.59
CA VAL E 217 -19.81 -12.63 33.54
C VAL E 217 -18.34 -12.94 33.73
N ILE E 218 -17.99 -13.79 34.68
CA ILE E 218 -16.57 -14.09 34.88
C ILE E 218 -16.04 -14.92 33.72
N ASP E 219 -16.92 -15.47 32.91
CA ASP E 219 -16.46 -15.93 31.60
C ASP E 219 -16.26 -14.77 30.64
N ARG E 220 -17.09 -13.72 30.78
CA ARG E 220 -16.94 -12.49 30.02
C ARG E 220 -15.54 -11.94 30.10
N TRP E 221 -15.10 -11.55 31.28
CA TRP E 221 -13.85 -10.85 31.40
C TRP E 221 -12.65 -11.64 30.90
N LEU E 222 -12.77 -12.95 30.76
CA LEU E 222 -11.76 -13.65 29.98
C LEU E 222 -12.05 -13.43 28.51
N GLY E 223 -11.03 -13.59 27.68
CA GLY E 223 -11.10 -13.04 26.35
C GLY E 223 -10.82 -11.55 26.31
N GLU E 224 -11.03 -10.85 27.40
CA GLU E 224 -10.65 -9.47 27.57
C GLU E 224 -9.23 -9.38 28.08
N PRO E 225 -8.38 -8.59 27.46
CA PRO E 225 -6.96 -8.73 27.72
C PRO E 225 -6.66 -8.34 29.14
N ILE E 226 -7.02 -9.20 30.09
CA ILE E 226 -6.75 -8.95 31.50
C ILE E 226 -5.25 -9.07 31.70
N LYS E 227 -4.63 -8.00 32.18
CA LYS E 227 -3.19 -8.00 32.38
C LYS E 227 -2.77 -8.01 33.85
N ALA E 228 -3.71 -7.81 34.78
CA ALA E 228 -3.39 -7.89 36.19
C ALA E 228 -4.68 -7.85 36.98
N ALA E 229 -4.87 -8.83 37.86
CA ALA E 229 -6.01 -8.85 38.76
C ALA E 229 -5.60 -8.22 40.07
N ILE E 230 -6.39 -7.30 40.57
CA ILE E 230 -6.04 -6.49 41.73
C ILE E 230 -6.83 -7.00 42.91
N LEU E 231 -6.15 -7.68 43.83
CA LEU E 231 -6.79 -8.24 45.01
C LEU E 231 -6.58 -7.30 46.19
N PRO E 232 -7.62 -6.71 46.75
CA PRO E 232 -7.46 -5.95 47.99
C PRO E 232 -7.20 -6.88 49.17
N THR E 233 -6.57 -6.36 50.22
CA THR E 233 -6.45 -7.17 51.43
C THR E 233 -7.73 -7.16 52.24
N SER E 234 -8.80 -6.58 51.70
CA SER E 234 -10.09 -6.63 52.38
C SER E 234 -10.86 -7.90 52.07
N ILE E 235 -10.43 -8.70 51.09
CA ILE E 235 -11.18 -9.90 50.73
C ILE E 235 -10.57 -11.16 51.29
N PHE E 236 -9.43 -11.08 51.97
CA PHE E 236 -8.77 -12.26 52.48
C PHE E 236 -9.39 -12.66 53.81
N LEU E 237 -9.94 -13.88 53.86
CA LEU E 237 -10.49 -14.38 55.10
C LEU E 237 -9.37 -14.76 56.06
N THR E 238 -9.76 -15.05 57.30
CA THR E 238 -8.82 -15.46 58.33
C THR E 238 -9.05 -16.92 58.68
N ASN E 239 -7.97 -17.70 58.71
CA ASN E 239 -8.05 -19.11 59.06
C ASN E 239 -7.74 -19.29 60.54
N LYS E 240 -8.05 -20.47 61.05
CA LYS E 240 -7.94 -20.73 62.49
C LYS E 240 -6.53 -20.50 63.02
N LYS E 241 -5.51 -20.76 62.22
CA LYS E 241 -4.14 -20.47 62.60
C LYS E 241 -3.82 -18.99 62.57
N GLY E 242 -4.73 -18.16 62.06
CA GLY E 242 -4.53 -16.73 62.04
C GLY E 242 -3.93 -16.17 60.76
N PHE E 243 -4.12 -16.84 59.62
CA PHE E 243 -3.55 -16.35 58.37
C PHE E 243 -4.60 -16.29 57.27
N PRO E 244 -4.37 -15.47 56.24
CA PRO E 244 -5.38 -15.26 55.21
C PRO E 244 -5.53 -16.47 54.29
N VAL E 245 -6.77 -16.73 53.91
CA VAL E 245 -7.10 -17.71 52.89
C VAL E 245 -8.30 -17.18 52.13
N LEU E 246 -8.55 -17.75 50.95
CA LEU E 246 -9.63 -17.28 50.09
C LEU E 246 -10.66 -18.39 49.92
N SER E 247 -11.93 -17.99 49.92
CA SER E 247 -13.01 -18.95 49.81
C SER E 247 -12.86 -19.79 48.55
N LYS E 248 -13.68 -20.84 48.46
CA LYS E 248 -13.53 -21.79 47.37
C LYS E 248 -13.73 -21.13 46.01
N MET E 249 -14.75 -20.28 45.90
CA MET E 249 -15.01 -19.63 44.62
C MET E 249 -13.96 -18.59 44.27
N HIS E 250 -13.50 -17.81 45.24
CA HIS E 250 -12.39 -16.91 44.98
C HIS E 250 -11.18 -17.68 44.49
N GLN E 251 -10.93 -18.85 45.07
CA GLN E 251 -9.83 -19.68 44.59
C GLN E 251 -10.09 -20.11 43.15
N ARG E 252 -11.33 -20.42 42.81
CA ARG E 252 -11.66 -20.78 41.43
C ARG E 252 -11.30 -19.64 40.48
N LEU E 253 -11.71 -18.43 40.82
CA LEU E 253 -11.37 -17.28 39.99
C LEU E 253 -9.86 -17.09 39.92
N ILE E 254 -9.17 -17.23 41.04
CA ILE E 254 -7.74 -17.00 41.07
C ILE E 254 -7.01 -18.04 40.23
N PHE E 255 -7.54 -19.25 40.17
CA PHE E 255 -6.94 -20.27 39.33
C PHE E 255 -7.16 -19.96 37.85
N ARG E 256 -8.36 -19.48 37.50
CA ARG E 256 -8.57 -19.05 36.14
C ARG E 256 -7.54 -17.99 35.75
N LEU E 257 -7.43 -16.94 36.57
CA LEU E 257 -6.49 -15.88 36.26
C LEU E 257 -5.07 -16.41 36.19
N LEU E 258 -4.67 -17.30 37.10
CA LEU E 258 -3.35 -17.88 37.05
C LEU E 258 -3.09 -18.57 35.73
N LYS E 259 -4.05 -19.36 35.24
CA LYS E 259 -3.92 -19.86 33.88
C LYS E 259 -3.64 -18.72 32.92
N LEU E 260 -4.35 -17.61 33.07
CA LEU E 260 -4.19 -16.52 32.12
C LEU E 260 -2.90 -15.74 32.31
N GLU E 261 -1.99 -16.21 33.15
CA GLU E 261 -0.71 -15.56 33.43
C GLU E 261 -0.86 -14.05 33.59
N VAL E 262 -1.66 -13.68 34.58
CA VAL E 262 -1.83 -12.31 34.99
C VAL E 262 -0.81 -11.98 36.08
N GLN E 263 -0.67 -10.69 36.37
CA GLN E 263 0.19 -10.23 37.43
C GLN E 263 -0.62 -9.65 38.58
N PHE E 264 -0.71 -10.40 39.67
CA PHE E 264 -1.58 -10.07 40.79
C PHE E 264 -0.98 -8.95 41.62
N ILE E 265 -1.84 -8.06 42.12
CA ILE E 265 -1.42 -6.89 42.88
C ILE E 265 -2.15 -6.89 44.20
N ILE E 266 -1.43 -6.66 45.29
CA ILE E 266 -2.00 -6.65 46.63
C ILE E 266 -2.19 -5.20 47.06
N THR E 267 -3.32 -4.61 46.71
CA THR E 267 -3.60 -3.24 47.11
C THR E 267 -4.38 -3.24 48.42
N GLY E 268 -4.23 -2.16 49.16
CA GLY E 268 -4.86 -2.04 50.46
C GLY E 268 -3.86 -2.10 51.60
N THR E 269 -4.37 -1.91 52.81
CA THR E 269 -3.54 -1.97 53.99
C THR E 269 -3.52 -3.39 54.53
N ASN E 270 -2.58 -3.63 55.46
CA ASN E 270 -2.55 -4.91 56.15
C ASN E 270 -3.71 -5.01 57.14
N HIS E 271 -4.55 -6.00 56.94
CA HIS E 271 -5.69 -6.24 57.82
C HIS E 271 -5.42 -7.35 58.82
N HIS E 272 -4.34 -8.10 58.63
CA HIS E 272 -3.87 -9.10 59.59
C HIS E 272 -2.71 -8.49 60.34
N SER E 273 -3.02 -7.75 61.41
CA SER E 273 -1.98 -7.10 62.19
C SER E 273 -1.18 -8.09 63.02
N GLU E 274 -1.73 -9.26 63.31
CA GLU E 274 -0.96 -10.27 64.04
C GLU E 274 0.29 -10.69 63.28
N LYS E 275 0.20 -10.87 61.97
CA LYS E 275 1.31 -11.31 61.16
C LYS E 275 1.75 -10.22 60.21
N GLU E 276 3.03 -10.25 59.85
CA GLU E 276 3.60 -9.32 58.89
C GLU E 276 2.86 -9.44 57.57
N PHE E 277 3.13 -8.52 56.65
CA PHE E 277 2.29 -8.38 55.46
C PHE E 277 2.60 -9.43 54.39
N CYS E 278 3.77 -10.06 54.42
CA CYS E 278 4.10 -10.95 53.32
C CYS E 278 3.17 -12.14 53.20
N SER E 279 2.39 -12.43 54.25
CA SER E 279 1.58 -13.64 54.25
C SER E 279 0.65 -13.68 53.05
N TYR E 280 0.18 -12.53 52.58
CA TYR E 280 -0.71 -12.51 51.43
C TYR E 280 -0.02 -13.09 50.21
N LEU E 281 1.16 -12.56 49.88
CA LEU E 281 1.87 -13.05 48.71
C LEU E 281 2.28 -14.50 48.91
N GLN E 282 2.59 -14.88 50.14
CA GLN E 282 2.83 -16.29 50.41
C GLN E 282 1.61 -17.13 50.05
N TYR E 283 0.42 -16.63 50.33
CA TYR E 283 -0.79 -17.36 50.00
C TYR E 283 -0.99 -17.47 48.49
N LEU E 284 -0.72 -16.39 47.76
CA LEU E 284 -0.84 -16.47 46.31
C LEU E 284 0.12 -17.52 45.75
N GLU E 285 1.36 -17.52 46.24
CA GLU E 285 2.30 -18.54 45.78
C GLU E 285 1.81 -19.93 46.15
N TYR E 286 1.27 -20.09 47.36
CA TYR E 286 0.73 -21.39 47.76
C TYR E 286 -0.31 -21.88 46.77
N LEU E 287 -1.27 -21.02 46.44
CA LEU E 287 -2.32 -21.41 45.51
C LEU E 287 -1.75 -21.73 44.13
N SER E 288 -0.81 -20.92 43.65
CA SER E 288 -0.22 -21.17 42.34
C SER E 288 0.46 -22.53 42.31
N GLN E 289 1.15 -22.88 43.40
CA GLN E 289 1.74 -24.21 43.50
C GLN E 289 0.68 -25.30 43.47
N ASN E 290 -0.45 -25.08 44.14
CA ASN E 290 -1.45 -26.13 44.28
C ASN E 290 -2.43 -26.21 43.12
N ARG E 291 -2.36 -25.28 42.17
CA ARG E 291 -3.34 -25.27 41.09
C ARG E 291 -3.32 -26.59 40.33
N PRO E 292 -4.46 -27.05 39.84
CA PRO E 292 -4.50 -28.35 39.17
C PRO E 292 -3.50 -28.40 38.02
N PRO E 293 -2.75 -29.49 37.92
CA PRO E 293 -1.65 -29.55 36.96
C PRO E 293 -2.14 -29.38 35.53
N PRO E 294 -1.36 -28.72 34.68
CA PRO E 294 -1.69 -28.66 33.26
C PRO E 294 -1.64 -30.05 32.65
N ASN E 295 -2.48 -30.30 31.67
CA ASN E 295 -2.56 -31.64 31.11
C ASN E 295 -1.48 -31.86 30.05
N ALA E 296 -1.51 -33.05 29.46
CA ALA E 296 -0.53 -33.40 28.44
C ALA E 296 -0.60 -32.44 27.26
N TYR E 297 -1.82 -32.15 26.80
CA TYR E 297 -1.96 -31.20 25.69
C TYR E 297 -1.37 -29.86 26.05
N GLU E 298 -1.89 -29.23 27.11
CA GLU E 298 -1.43 -27.89 27.47
C GLU E 298 0.08 -27.84 27.65
N LEU E 299 0.70 -28.91 28.13
CA LEU E 299 2.15 -28.91 28.23
C LEU E 299 2.81 -28.70 26.87
N PHE E 300 2.37 -29.43 25.85
CA PHE E 300 2.92 -29.21 24.52
C PHE E 300 2.59 -27.82 24.00
N ALA E 301 1.35 -27.39 24.22
CA ALA E 301 0.88 -26.17 23.57
C ALA E 301 1.48 -24.92 24.20
N LYS E 302 2.05 -25.01 25.40
CA LYS E 302 2.61 -23.82 26.04
C LYS E 302 3.66 -23.18 25.14
N GLY E 303 3.65 -21.85 25.08
CA GLY E 303 4.52 -21.10 24.17
C GLY E 303 3.88 -20.79 22.84
N TYR E 304 2.57 -20.99 22.75
CA TYR E 304 1.76 -21.07 21.53
C TYR E 304 0.41 -20.40 21.71
N GLU E 305 0.18 -19.77 22.86
CA GLU E 305 -1.15 -19.30 23.19
C GLU E 305 -1.47 -18.05 22.41
N ASP E 306 -2.59 -18.09 21.68
CA ASP E 306 -3.09 -16.92 20.95
C ASP E 306 -2.08 -16.43 19.92
N TYR E 307 -1.29 -17.34 19.37
CA TYR E 307 -0.29 -17.02 18.36
C TYR E 307 -0.79 -17.54 17.02
N LEU E 308 -1.19 -16.62 16.14
CA LEU E 308 -1.80 -16.99 14.86
C LEU E 308 -0.76 -17.48 13.89
N GLN E 309 -1.07 -18.59 13.22
CA GLN E 309 -0.18 -19.23 12.27
C GLN E 309 -0.92 -19.43 10.97
N SER E 310 -0.34 -18.95 9.87
CA SER E 310 -0.99 -19.14 8.58
C SER E 310 -1.01 -20.62 8.22
N PRO E 311 -2.16 -21.15 7.84
CA PRO E 311 -2.26 -22.60 7.64
C PRO E 311 -1.31 -23.07 6.56
N LEU E 312 -1.31 -24.37 6.29
CA LEU E 312 -0.45 -24.96 5.28
C LEU E 312 -1.11 -24.97 3.91
N GLN E 313 -0.28 -24.88 2.88
CA GLN E 313 -0.71 -25.26 1.55
C GLN E 313 -0.47 -26.75 1.40
N PRO E 314 -1.51 -27.57 1.29
CA PRO E 314 -1.28 -29.02 1.25
C PRO E 314 -0.61 -29.49 -0.01
N LEU E 315 -1.04 -29.03 -1.19
CA LEU E 315 -0.57 -29.58 -2.45
C LEU E 315 0.46 -28.68 -3.14
N MET E 316 0.58 -27.42 -2.75
CA MET E 316 1.55 -26.56 -3.40
C MET E 316 2.91 -26.57 -2.72
N ASP E 317 3.00 -26.86 -1.43
CA ASP E 317 4.28 -26.88 -0.74
C ASP E 317 4.65 -28.28 -0.31
N ASN E 318 5.95 -28.47 -0.12
CA ASN E 318 6.52 -29.70 0.38
C ASN E 318 6.83 -29.51 1.86
N LEU E 319 6.31 -30.39 2.70
CA LEU E 319 6.56 -30.25 4.11
C LEU E 319 8.02 -30.53 4.42
N GLU E 320 8.63 -29.64 5.19
CA GLU E 320 10.02 -29.74 5.54
C GLU E 320 10.20 -30.67 6.74
N SER E 321 11.42 -31.18 6.90
CA SER E 321 11.63 -32.34 7.77
C SER E 321 11.39 -32.01 9.24
N GLN E 322 11.67 -30.79 9.67
CA GLN E 322 11.29 -30.42 11.02
C GLN E 322 9.82 -30.69 11.29
N THR E 323 8.94 -30.33 10.36
CA THR E 323 7.51 -30.50 10.57
C THR E 323 7.16 -31.97 10.74
N TYR E 324 7.60 -32.81 9.82
CA TYR E 324 7.32 -34.23 9.99
C TYR E 324 7.83 -34.72 11.33
N GLU E 325 9.08 -34.38 11.66
CA GLU E 325 9.64 -34.87 12.91
C GLU E 325 8.77 -34.48 14.08
N VAL E 326 8.42 -33.20 14.18
CA VAL E 326 7.70 -32.71 15.35
C VAL E 326 6.31 -33.31 15.41
N PHE E 327 5.69 -33.58 14.26
CA PHE E 327 4.37 -34.19 14.30
C PHE E 327 4.44 -35.70 14.34
N GLU E 328 5.64 -36.27 14.44
CA GLU E 328 5.74 -37.70 14.62
C GLU E 328 5.90 -38.08 16.09
N LYS E 329 5.86 -37.11 16.98
CA LYS E 329 5.86 -37.34 18.42
C LYS E 329 4.46 -37.33 19.01
N ASP E 330 3.43 -37.19 18.19
CA ASP E 330 2.07 -37.25 18.68
C ASP E 330 1.81 -38.59 19.35
N PRO E 331 1.27 -38.62 20.56
CA PRO E 331 1.11 -39.89 21.27
C PRO E 331 -0.17 -40.64 20.97
N ILE E 332 -1.12 -40.05 20.26
CA ILE E 332 -2.43 -40.71 20.12
C ILE E 332 -2.79 -41.02 18.68
N LYS E 333 -2.49 -40.13 17.75
CA LYS E 333 -2.93 -40.35 16.37
C LYS E 333 -2.41 -41.66 15.81
N TYR E 334 -1.16 -42.00 16.08
CA TYR E 334 -0.59 -43.20 15.49
C TYR E 334 -1.07 -44.45 16.20
N SER E 335 -1.28 -44.38 17.51
CA SER E 335 -1.94 -45.47 18.21
C SER E 335 -3.33 -45.73 17.63
N GLN E 336 -4.09 -44.65 17.42
CA GLN E 336 -5.42 -44.81 16.86
C GLN E 336 -5.36 -45.42 15.47
N TYR E 337 -4.42 -44.97 14.65
CA TYR E 337 -4.33 -45.52 13.29
C TYR E 337 -3.99 -47.00 13.32
N GLN E 338 -3.06 -47.40 14.19
CA GLN E 338 -2.71 -48.80 14.31
C GLN E 338 -3.90 -49.62 14.77
N GLN E 339 -4.66 -49.11 15.74
CA GLN E 339 -5.82 -49.83 16.23
C GLN E 339 -6.88 -49.96 15.15
N ALA E 340 -7.12 -48.88 14.40
CA ALA E 340 -8.11 -48.93 13.34
C ALA E 340 -7.71 -49.95 12.28
N ILE E 341 -6.45 -49.94 11.86
CA ILE E 341 -6.02 -50.90 10.85
C ILE E 341 -6.14 -52.32 11.37
N TYR E 342 -5.75 -52.53 12.63
CA TYR E 342 -5.90 -53.84 13.24
C TYR E 342 -7.34 -54.33 13.14
N LYS E 343 -8.28 -53.48 13.57
CA LYS E 343 -9.68 -53.88 13.57
C LYS E 343 -10.19 -54.15 12.17
N CYS E 344 -9.84 -53.28 11.21
CA CYS E 344 -10.29 -53.47 9.84
C CYS E 344 -9.74 -54.74 9.23
N LEU E 345 -8.47 -55.04 9.50
CA LEU E 345 -7.88 -56.26 8.98
C LEU E 345 -8.59 -57.48 9.54
N LEU E 346 -8.80 -57.51 10.85
CA LEU E 346 -9.55 -58.62 11.43
C LEU E 346 -10.91 -58.73 10.76
N ASP E 347 -11.60 -57.62 10.62
CA ASP E 347 -12.94 -57.64 10.04
C ASP E 347 -12.92 -58.20 8.63
N ARG E 348 -11.96 -57.77 7.81
CA ARG E 348 -11.95 -58.15 6.40
C ARG E 348 -11.48 -59.58 6.18
N VAL E 349 -10.62 -60.11 7.04
CA VAL E 349 -10.18 -61.48 6.88
C VAL E 349 -10.48 -62.27 8.15
N PRO E 350 -11.25 -63.34 8.07
CA PRO E 350 -11.52 -64.14 9.26
C PRO E 350 -10.27 -64.86 9.74
N GLU E 351 -10.44 -65.64 10.80
CA GLU E 351 -9.32 -66.39 11.34
C GLU E 351 -8.80 -67.41 10.33
N GLU E 352 -9.69 -68.18 9.73
CA GLU E 352 -9.25 -69.35 8.97
C GLU E 352 -8.44 -68.97 7.73
N GLU E 353 -8.80 -67.89 7.04
CA GLU E 353 -8.05 -67.45 5.86
C GLU E 353 -6.84 -66.62 6.23
N LYS E 354 -6.48 -66.55 7.51
CA LYS E 354 -5.38 -65.71 7.95
C LYS E 354 -4.08 -66.01 7.22
N ASP E 355 -4.04 -67.07 6.41
CA ASP E 355 -2.83 -67.43 5.70
C ASP E 355 -2.98 -67.45 4.18
N THR E 356 -4.21 -67.46 3.67
CA THR E 356 -4.41 -67.49 2.22
C THR E 356 -4.81 -66.14 1.65
N ASN E 357 -5.51 -65.31 2.41
CA ASN E 357 -6.01 -64.02 1.94
C ASN E 357 -4.97 -62.96 2.29
N VAL E 358 -4.43 -62.32 1.26
CA VAL E 358 -3.41 -61.29 1.42
C VAL E 358 -4.03 -59.93 1.14
N GLN E 359 -3.99 -59.05 2.13
CA GLN E 359 -4.66 -57.76 2.02
C GLN E 359 -3.66 -56.69 1.62
N VAL E 360 -4.03 -55.88 0.64
CA VAL E 360 -3.15 -54.85 0.10
C VAL E 360 -3.66 -53.50 0.57
N LEU E 361 -2.89 -52.83 1.40
CA LEU E 361 -3.19 -51.47 1.82
C LEU E 361 -2.60 -50.55 0.76
N MET E 362 -2.90 -49.27 0.86
CA MET E 362 -2.16 -48.24 0.14
C MET E 362 -2.21 -46.96 0.96
N VAL E 363 -1.23 -46.76 1.83
CA VAL E 363 -1.16 -45.53 2.61
C VAL E 363 -0.99 -44.38 1.64
N LEU E 364 -1.93 -43.46 1.62
CA LEU E 364 -1.89 -42.31 0.72
C LEU E 364 -1.34 -41.14 1.52
N GLY E 365 -0.23 -40.58 1.06
CA GLY E 365 0.43 -39.56 1.83
C GLY E 365 1.29 -40.16 2.91
N ALA E 366 2.29 -40.96 2.53
CA ALA E 366 3.05 -41.73 3.50
C ALA E 366 3.98 -40.89 4.35
N GLY E 367 4.28 -39.66 3.95
CA GLY E 367 5.19 -38.86 4.76
C GLY E 367 6.54 -39.52 4.90
N ARG E 368 7.11 -39.47 6.10
CA ARG E 368 8.42 -40.06 6.36
C ARG E 368 8.33 -41.52 6.80
N GLY E 369 7.14 -42.09 6.87
CA GLY E 369 6.99 -43.50 7.13
C GLY E 369 6.14 -43.93 8.32
N PRO E 370 5.61 -42.99 9.10
CA PRO E 370 4.97 -43.41 10.36
C PRO E 370 3.73 -44.23 10.14
N LEU E 371 2.86 -43.84 9.21
CA LEU E 371 1.68 -44.66 8.93
C LEU E 371 2.06 -46.04 8.45
N VAL E 372 3.11 -46.17 7.65
CA VAL E 372 3.47 -47.48 7.11
C VAL E 372 4.05 -48.37 8.21
N ASN E 373 4.88 -47.80 9.09
CA ASN E 373 5.32 -48.58 10.23
C ASN E 373 4.14 -49.02 11.08
N ALA E 374 3.19 -48.12 11.34
CA ALA E 374 2.02 -48.50 12.13
C ALA E 374 1.19 -49.55 11.40
N SER E 375 1.08 -49.48 10.09
CA SER E 375 0.36 -50.48 9.34
C SER E 375 1.00 -51.85 9.47
N LEU E 376 2.32 -51.91 9.38
CA LEU E 376 3.00 -53.20 9.56
C LEU E 376 2.83 -53.70 10.99
N ARG E 377 2.91 -52.81 11.98
CA ARG E 377 2.66 -53.22 13.35
C ARG E 377 1.26 -53.81 13.49
N ALA E 378 0.26 -53.17 12.89
CA ALA E 378 -1.11 -53.68 12.99
C ALA E 378 -1.29 -54.99 12.25
N ALA E 379 -0.65 -55.16 11.11
CA ALA E 379 -0.72 -56.44 10.43
C ALA E 379 -0.15 -57.55 11.29
N LYS E 380 0.99 -57.30 11.95
CA LYS E 380 1.47 -58.31 12.88
C LYS E 380 0.52 -58.53 14.04
N GLN E 381 -0.04 -57.46 14.60
CA GLN E 381 -1.02 -57.63 15.67
C GLN E 381 -2.14 -58.56 15.26
N ALA E 382 -2.77 -58.28 14.12
CA ALA E 382 -3.93 -59.02 13.67
C ALA E 382 -3.57 -60.25 12.86
N ASP E 383 -2.31 -60.65 12.82
CA ASP E 383 -1.90 -61.90 12.21
C ASP E 383 -2.49 -62.05 10.81
N ARG E 384 -2.31 -61.02 10.00
CA ARG E 384 -2.80 -61.03 8.65
C ARG E 384 -1.70 -60.55 7.72
N ARG E 385 -1.66 -61.12 6.52
CA ARG E 385 -0.62 -60.82 5.55
C ARG E 385 -1.07 -59.66 4.67
N ILE E 386 -0.20 -58.64 4.57
CA ILE E 386 -0.51 -57.44 3.83
C ILE E 386 0.60 -57.11 2.85
N LYS E 387 0.25 -56.33 1.83
CA LYS E 387 1.17 -55.81 0.84
C LYS E 387 0.96 -54.31 0.74
N LEU E 388 1.79 -53.54 1.43
CA LEU E 388 1.64 -52.10 1.47
C LEU E 388 2.19 -51.46 0.22
N TYR E 389 1.55 -50.38 -0.22
CA TYR E 389 2.17 -49.36 -1.03
C TYR E 389 2.47 -48.18 -0.13
N ALA E 390 2.94 -47.09 -0.71
CA ALA E 390 3.02 -45.81 -0.01
C ALA E 390 3.11 -44.72 -1.06
N VAL E 391 2.00 -44.08 -1.36
CA VAL E 391 2.03 -42.95 -2.27
C VAL E 391 2.50 -41.74 -1.48
N GLU E 392 3.54 -41.07 -1.97
CA GLU E 392 4.04 -39.90 -1.26
C GLU E 392 4.46 -38.84 -2.26
N LYS E 393 3.66 -37.78 -2.36
CA LYS E 393 3.90 -36.73 -3.35
C LYS E 393 5.26 -36.09 -3.15
N ASN E 394 5.59 -35.74 -1.93
CA ASN E 394 6.78 -34.96 -1.68
C ASN E 394 8.00 -35.77 -2.07
N PRO E 395 8.66 -35.44 -3.19
CA PRO E 395 9.79 -36.28 -3.62
C PRO E 395 10.89 -36.39 -2.58
N ASN E 396 11.14 -35.34 -1.81
CA ASN E 396 12.08 -35.49 -0.71
C ASN E 396 11.69 -36.69 0.13
N ALA E 397 10.50 -36.67 0.73
CA ALA E 397 10.10 -37.78 1.58
C ALA E 397 10.02 -39.07 0.80
N VAL E 398 9.95 -39.01 -0.52
CA VAL E 398 10.13 -40.24 -1.29
C VAL E 398 11.55 -40.73 -1.04
N VAL E 399 12.48 -39.82 -0.82
CA VAL E 399 13.85 -40.22 -0.49
C VAL E 399 13.88 -41.03 0.80
N THR E 400 13.23 -40.51 1.84
CA THR E 400 13.23 -41.21 3.12
C THR E 400 12.50 -42.55 3.02
N LEU E 401 11.41 -42.59 2.24
CA LEU E 401 10.71 -43.85 2.08
C LEU E 401 11.57 -44.87 1.35
N GLU E 402 12.27 -44.44 0.30
CA GLU E 402 13.20 -45.35 -0.36
C GLU E 402 14.21 -45.90 0.61
N ASN E 403 14.76 -45.05 1.49
CA ASN E 403 15.75 -45.52 2.45
C ASN E 403 15.15 -46.58 3.37
N TRP E 404 13.98 -46.32 3.94
CA TRP E 404 13.32 -47.36 4.71
C TRP E 404 13.12 -48.62 3.89
N GLN E 405 12.63 -48.48 2.67
CA GLN E 405 12.22 -49.66 1.92
C GLN E 405 13.40 -50.53 1.59
N PHE E 406 14.54 -49.92 1.29
CA PHE E 406 15.76 -50.70 1.08
C PHE E 406 16.27 -51.31 2.37
N GLU E 407 16.36 -50.50 3.42
CA GLU E 407 17.00 -51.01 4.64
C GLU E 407 16.14 -52.05 5.34
N GLU E 408 14.95 -51.68 5.79
CA GLU E 408 14.22 -52.44 6.79
C GLU E 408 12.97 -53.11 6.21
N TRP E 409 12.11 -52.33 5.55
CA TRP E 409 10.81 -52.85 5.16
C TRP E 409 10.94 -54.02 4.19
N GLY E 410 11.86 -53.91 3.23
CA GLY E 410 12.00 -55.01 2.30
C GLY E 410 10.94 -55.00 1.22
N SER E 411 10.89 -56.10 0.47
CA SER E 411 9.94 -56.20 -0.64
C SER E 411 8.50 -56.13 -0.18
N GLN E 412 8.24 -56.34 1.11
CA GLN E 412 6.88 -56.21 1.61
C GLN E 412 6.27 -54.88 1.21
N VAL E 413 7.06 -53.81 1.27
CA VAL E 413 6.58 -52.47 1.01
C VAL E 413 6.98 -52.07 -0.40
N THR E 414 6.03 -51.52 -1.15
CA THR E 414 6.35 -50.79 -2.36
C THR E 414 6.42 -49.32 -1.98
N VAL E 415 7.01 -48.50 -2.83
CA VAL E 415 6.98 -47.05 -2.68
C VAL E 415 6.69 -46.44 -4.04
N VAL E 416 5.67 -45.58 -4.10
CA VAL E 416 5.31 -44.88 -5.32
C VAL E 416 5.61 -43.41 -5.10
N SER E 417 6.06 -42.74 -6.15
CA SER E 417 6.43 -41.33 -6.06
C SER E 417 5.58 -40.56 -7.04
N SER E 418 4.37 -40.20 -6.59
CA SER E 418 3.44 -39.53 -7.48
C SER E 418 2.19 -39.17 -6.69
N ASP E 419 1.40 -38.26 -7.28
CA ASP E 419 0.12 -37.87 -6.69
C ASP E 419 -0.84 -39.05 -6.65
N MET E 420 -1.49 -39.22 -5.51
CA MET E 420 -2.57 -40.19 -5.41
C MET E 420 -3.59 -39.99 -6.52
N ARG E 421 -3.93 -38.73 -6.83
CA ARG E 421 -4.90 -38.44 -7.88
C ARG E 421 -4.43 -38.85 -9.26
N GLU E 422 -3.12 -38.92 -9.50
CA GLU E 422 -2.59 -39.22 -10.82
C GLU E 422 -1.97 -40.60 -10.95
N TRP E 423 -1.50 -41.21 -9.87
CA TRP E 423 -0.83 -42.50 -9.99
C TRP E 423 -1.79 -43.52 -10.62
N VAL E 424 -1.23 -44.42 -11.41
CA VAL E 424 -1.96 -45.53 -12.01
C VAL E 424 -1.57 -46.79 -11.25
N ALA E 425 -2.50 -47.36 -10.52
CA ALA E 425 -2.14 -48.41 -9.58
C ALA E 425 -2.00 -49.76 -10.28
N PRO E 426 -1.02 -50.57 -9.89
CA PRO E 426 -0.89 -51.91 -10.48
C PRO E 426 -2.08 -52.80 -10.21
N GLU E 427 -2.45 -52.95 -8.94
CA GLU E 427 -3.58 -53.76 -8.54
C GLU E 427 -4.45 -52.96 -7.57
N LYS E 428 -5.74 -53.25 -7.58
CA LYS E 428 -6.65 -52.49 -6.75
C LYS E 428 -6.36 -52.69 -5.27
N ALA E 429 -6.97 -51.85 -4.45
CA ALA E 429 -6.69 -51.80 -3.03
C ALA E 429 -7.88 -52.22 -2.20
N ASP E 430 -7.60 -52.75 -1.01
CA ASP E 430 -8.67 -53.14 -0.10
C ASP E 430 -8.89 -52.08 0.96
N ILE E 431 -7.84 -51.75 1.71
CA ILE E 431 -7.87 -50.69 2.69
C ILE E 431 -6.99 -49.57 2.16
N ILE E 432 -7.23 -48.35 2.57
CA ILE E 432 -6.32 -47.26 2.26
C ILE E 432 -6.19 -46.32 3.44
N VAL E 433 -5.17 -46.54 4.26
CA VAL E 433 -4.87 -45.71 5.40
C VAL E 433 -4.41 -44.35 4.89
N SER E 434 -5.24 -43.33 5.02
CA SER E 434 -4.81 -42.02 4.58
C SER E 434 -5.00 -41.02 5.71
N GLU E 435 -4.04 -40.12 5.85
CA GLU E 435 -4.13 -39.07 6.88
C GLU E 435 -3.88 -37.72 6.22
N LEU E 436 -4.94 -37.15 5.65
CA LEU E 436 -4.88 -35.83 5.04
C LEU E 436 -5.90 -34.89 5.68
N LEU E 437 -6.11 -35.04 6.98
CA LEU E 437 -7.03 -34.19 7.72
C LEU E 437 -6.32 -32.94 8.16
N GLY E 438 -6.98 -31.80 8.03
CA GLY E 438 -6.41 -30.53 8.42
C GLY E 438 -6.94 -30.08 9.77
N SER E 439 -6.55 -28.86 10.12
CA SER E 439 -7.04 -28.26 11.36
C SER E 439 -8.56 -28.29 11.43
N PHE E 440 -9.23 -28.13 10.30
CA PHE E 440 -10.67 -27.97 10.19
C PHE E 440 -11.30 -29.17 9.49
N ALA E 441 -10.51 -30.21 9.29
CA ALA E 441 -11.01 -31.53 8.91
C ALA E 441 -11.46 -31.65 7.46
N ASP E 442 -11.58 -30.56 6.73
CA ASP E 442 -11.73 -30.68 5.28
C ASP E 442 -11.08 -29.53 4.54
N ASN E 443 -10.37 -28.65 5.21
CA ASN E 443 -9.70 -27.57 4.54
C ASN E 443 -8.27 -27.91 4.19
N GLU E 444 -7.97 -29.18 3.93
CA GLU E 444 -6.70 -29.53 3.31
C GLU E 444 -6.87 -30.56 2.22
N LEU E 445 -7.94 -30.46 1.46
CA LEU E 445 -8.07 -31.28 0.27
C LEU E 445 -7.88 -32.75 0.58
N SER E 446 -8.42 -33.17 1.71
CA SER E 446 -8.66 -34.60 1.89
C SER E 446 -9.82 -35.09 1.04
N PRO E 447 -10.97 -34.40 0.98
CA PRO E 447 -12.05 -34.89 0.14
C PRO E 447 -11.65 -35.02 -1.31
N GLU E 448 -11.03 -33.98 -1.86
CA GLU E 448 -10.66 -33.98 -3.26
C GLU E 448 -9.63 -35.07 -3.55
N CYS E 449 -8.61 -35.18 -2.70
CA CYS E 449 -7.53 -36.12 -2.92
C CYS E 449 -8.03 -37.56 -2.82
N LEU E 450 -8.88 -37.86 -1.82
CA LEU E 450 -9.37 -39.23 -1.74
C LEU E 450 -10.43 -39.51 -2.79
N ASP E 451 -11.16 -38.49 -3.21
CA ASP E 451 -12.15 -38.69 -4.26
C ASP E 451 -11.47 -39.01 -5.57
N GLY E 452 -10.27 -38.47 -5.77
CA GLY E 452 -9.46 -38.88 -6.89
C GLY E 452 -8.71 -40.18 -6.69
N ALA E 453 -8.70 -40.71 -5.47
CA ALA E 453 -8.02 -41.96 -5.18
C ALA E 453 -8.94 -43.15 -5.15
N GLN E 454 -10.25 -42.93 -5.06
CA GLN E 454 -11.18 -44.05 -4.97
C GLN E 454 -11.37 -44.79 -6.29
N HIS E 455 -10.83 -44.30 -7.41
CA HIS E 455 -10.99 -45.08 -8.64
C HIS E 455 -10.21 -46.38 -8.60
N PHE E 456 -9.31 -46.54 -7.62
CA PHE E 456 -8.56 -47.78 -7.45
C PHE E 456 -8.85 -48.45 -6.11
N LEU E 457 -10.01 -48.17 -5.53
CA LEU E 457 -10.45 -48.84 -4.32
C LEU E 457 -11.58 -49.80 -4.67
N LYS E 458 -11.44 -51.06 -4.28
CA LYS E 458 -12.37 -52.06 -4.76
C LYS E 458 -13.79 -51.71 -4.37
N ASP E 459 -14.75 -52.48 -4.89
CA ASP E 459 -16.15 -52.15 -4.68
C ASP E 459 -16.56 -52.32 -3.24
N ASP E 460 -15.72 -52.92 -2.41
CA ASP E 460 -15.96 -53.03 -0.97
C ASP E 460 -14.73 -52.65 -0.17
N GLY E 461 -13.98 -51.64 -0.61
CA GLY E 461 -12.81 -51.22 0.13
C GLY E 461 -13.20 -50.44 1.36
N VAL E 462 -12.23 -50.21 2.21
CA VAL E 462 -12.42 -49.46 3.44
C VAL E 462 -11.45 -48.29 3.44
N SER E 463 -11.94 -47.08 3.69
CA SER E 463 -11.10 -45.90 3.70
C SER E 463 -11.00 -45.34 5.11
N ILE E 464 -9.78 -45.18 5.59
CA ILE E 464 -9.50 -44.71 6.94
C ILE E 464 -8.87 -43.33 6.87
N PRO E 465 -9.54 -42.25 7.30
CA PRO E 465 -10.80 -42.26 8.02
C PRO E 465 -11.93 -42.64 7.09
N GLY E 466 -13.05 -43.08 7.66
CA GLY E 466 -14.23 -43.34 6.86
C GLY E 466 -15.10 -42.11 6.83
N GLU E 467 -14.87 -41.23 7.79
CA GLU E 467 -15.60 -39.98 7.87
C GLU E 467 -14.82 -39.00 8.74
N TYR E 468 -15.23 -37.75 8.66
CA TYR E 468 -14.63 -36.68 9.45
C TYR E 468 -15.56 -35.50 9.36
N THR E 469 -15.68 -34.78 10.47
CA THR E 469 -16.65 -33.70 10.56
C THR E 469 -15.91 -32.46 10.99
N SER E 470 -16.52 -31.30 10.76
CA SER E 470 -15.97 -30.04 11.20
C SER E 470 -16.96 -29.36 12.13
N PHE E 471 -16.48 -28.46 12.95
CA PHE E 471 -17.29 -27.88 14.01
C PHE E 471 -16.99 -26.40 14.15
N LEU E 472 -18.03 -25.59 14.33
CA LEU E 472 -17.89 -24.16 14.53
C LEU E 472 -18.39 -23.78 15.92
N ALA E 473 -17.70 -22.82 16.54
CA ALA E 473 -18.15 -22.28 17.79
C ALA E 473 -17.80 -20.80 17.78
N PRO E 474 -18.79 -19.91 17.88
CA PRO E 474 -18.50 -18.49 17.76
C PRO E 474 -17.80 -17.95 18.98
N ILE E 475 -16.58 -17.46 18.79
CA ILE E 475 -15.79 -16.99 19.91
C ILE E 475 -15.78 -15.47 19.93
N SER E 476 -15.66 -14.92 21.12
CA SER E 476 -15.35 -13.51 21.32
C SER E 476 -13.91 -13.41 21.80
N SER E 477 -13.14 -12.48 21.23
CA SER E 477 -11.78 -12.35 21.72
C SER E 477 -11.13 -11.03 21.32
N SER E 478 -10.88 -10.14 22.28
CA SER E 478 -10.12 -8.93 22.01
C SER E 478 -8.69 -9.24 21.61
N LYS E 479 -8.03 -10.14 22.32
CA LYS E 479 -6.63 -10.46 22.02
C LYS E 479 -6.50 -11.01 20.61
N LEU E 480 -7.37 -11.94 20.23
CA LEU E 480 -7.24 -12.56 18.92
C LEU E 480 -7.75 -11.65 17.81
N TYR E 481 -8.77 -10.85 18.05
CA TYR E 481 -9.16 -9.88 17.04
C TYR E 481 -8.03 -8.92 16.78
N ASN E 482 -7.43 -8.36 17.83
CA ASN E 482 -6.34 -7.44 17.60
C ASN E 482 -5.13 -8.15 17.00
N GLU E 483 -5.01 -9.45 17.23
CA GLU E 483 -3.96 -10.24 16.57
C GLU E 483 -4.18 -10.25 15.07
N VAL E 484 -5.38 -10.64 14.64
CA VAL E 484 -5.68 -10.64 13.21
C VAL E 484 -5.50 -9.25 12.65
N ARG E 485 -5.90 -8.25 13.42
CA ARG E 485 -5.82 -6.86 13.00
C ARG E 485 -4.38 -6.43 12.79
N ALA E 486 -3.46 -6.95 13.60
CA ALA E 486 -2.04 -6.67 13.41
C ALA E 486 -1.36 -7.68 12.51
N CYS E 487 -2.13 -8.46 11.76
CA CYS E 487 -1.59 -9.39 10.77
C CYS E 487 -1.55 -8.79 9.38
N ARG E 488 -1.57 -7.47 9.28
CA ARG E 488 -1.53 -6.81 7.98
C ARG E 488 -0.17 -6.98 7.34
N GLU E 489 -0.14 -7.00 6.02
CA GLU E 489 1.10 -6.97 5.26
C GLU E 489 1.01 -5.89 4.20
N LYS E 490 2.17 -5.34 3.86
CA LYS E 490 2.27 -4.51 2.68
C LYS E 490 2.01 -5.36 1.44
N ASP E 491 1.56 -4.71 0.37
CA ASP E 491 1.40 -5.37 -0.93
C ASP E 491 0.17 -6.27 -1.00
N ARG E 492 -0.90 -5.96 -0.29
CA ARG E 492 -2.12 -6.72 -0.46
C ARG E 492 -3.31 -5.95 0.09
N ASP E 493 -4.48 -6.48 -0.15
CA ASP E 493 -5.76 -5.96 0.31
C ASP E 493 -5.67 -5.46 1.74
N PRO E 494 -5.96 -4.17 2.00
CA PRO E 494 -5.87 -3.67 3.38
C PRO E 494 -6.81 -4.36 4.34
N GLU E 495 -7.67 -5.24 3.86
CA GLU E 495 -8.64 -5.93 4.68
C GLU E 495 -8.76 -7.39 4.31
N ALA E 496 -7.65 -8.03 3.93
CA ALA E 496 -7.67 -9.47 3.67
C ALA E 496 -7.10 -10.26 4.83
N GLN E 497 -6.49 -9.59 5.80
CA GLN E 497 -6.09 -10.32 6.99
C GLN E 497 -7.29 -10.82 7.76
N PHE E 498 -8.48 -10.31 7.45
CA PHE E 498 -9.73 -10.72 8.09
C PHE E 498 -10.50 -11.74 7.28
N GLU E 499 -9.92 -12.28 6.22
CA GLU E 499 -10.66 -13.20 5.36
C GLU E 499 -10.00 -14.55 5.21
N MET E 500 -9.01 -14.88 6.05
CA MET E 500 -8.35 -16.17 5.89
C MET E 500 -8.31 -16.88 7.22
N PRO E 501 -8.43 -18.21 7.22
CA PRO E 501 -8.30 -18.96 8.47
C PRO E 501 -6.89 -18.97 9.02
N TYR E 502 -6.80 -18.86 10.34
CA TYR E 502 -5.54 -18.89 11.05
C TYR E 502 -5.53 -20.10 11.97
N VAL E 503 -4.49 -20.91 11.87
CA VAL E 503 -4.30 -22.01 12.81
C VAL E 503 -3.73 -21.44 14.09
N VAL E 504 -4.41 -21.66 15.21
CA VAL E 504 -4.00 -21.03 16.46
C VAL E 504 -4.47 -21.85 17.65
N ARG E 505 -3.66 -21.87 18.70
CA ARG E 505 -4.11 -22.44 19.96
C ARG E 505 -4.94 -21.41 20.70
N LEU E 506 -6.23 -21.37 20.37
CA LEU E 506 -7.14 -20.41 20.98
C LEU E 506 -7.07 -20.52 22.50
N HIS E 507 -6.59 -19.47 23.15
CA HIS E 507 -6.42 -19.52 24.59
C HIS E 507 -7.25 -18.46 25.30
N ASN E 508 -7.05 -17.20 24.94
CA ASN E 508 -7.63 -16.08 25.67
C ASN E 508 -8.87 -15.60 24.93
N PHE E 509 -10.01 -16.18 25.27
CA PHE E 509 -11.22 -15.94 24.51
C PHE E 509 -12.43 -16.33 25.34
N HIS E 510 -13.59 -16.35 24.70
CA HIS E 510 -14.85 -16.72 25.33
C HIS E 510 -15.77 -17.37 24.33
N GLN E 511 -15.74 -18.70 24.25
CA GLN E 511 -16.65 -19.40 23.37
C GLN E 511 -18.07 -19.03 23.78
N LEU E 512 -18.81 -18.41 22.88
CA LEU E 512 -20.14 -17.93 23.18
C LEU E 512 -21.21 -19.00 23.12
N SER E 513 -20.88 -20.20 22.66
CA SER E 513 -21.92 -21.19 22.52
C SER E 513 -21.28 -22.53 22.19
N ALA E 514 -22.14 -23.50 21.92
CA ALA E 514 -21.67 -24.86 21.72
C ALA E 514 -21.34 -25.10 20.25
N PRO E 515 -20.24 -25.78 19.95
CA PRO E 515 -19.93 -26.07 18.56
C PRO E 515 -21.02 -26.93 17.92
N GLN E 516 -21.30 -26.64 16.65
CA GLN E 516 -22.29 -27.39 15.92
C GLN E 516 -21.69 -27.89 14.61
N PRO E 517 -22.14 -29.04 14.13
CA PRO E 517 -21.51 -29.66 12.96
C PRO E 517 -21.68 -28.80 11.73
N CYS E 518 -20.57 -28.57 11.03
CA CYS E 518 -20.52 -27.63 9.92
C CYS E 518 -20.49 -28.37 8.60
N PHE E 519 -19.52 -29.26 8.39
CA PHE E 519 -19.40 -29.96 7.12
C PHE E 519 -19.00 -31.41 7.35
N THR E 520 -19.89 -32.32 7.00
CA THR E 520 -19.69 -33.74 7.23
C THR E 520 -19.22 -34.41 5.96
N PHE E 521 -18.02 -35.00 6.01
CA PHE E 521 -17.49 -35.76 4.89
C PHE E 521 -17.38 -37.22 5.27
N SER E 522 -17.67 -38.08 4.31
CA SER E 522 -17.56 -39.53 4.46
C SER E 522 -16.89 -40.10 3.23
N HIS E 523 -16.20 -41.24 3.41
CA HIS E 523 -15.48 -41.87 2.30
C HIS E 523 -15.70 -43.38 2.30
N PRO E 524 -15.72 -44.02 1.12
CA PRO E 524 -15.67 -43.32 -0.16
C PRO E 524 -17.02 -42.71 -0.54
N ASN E 525 -17.02 -41.73 -1.44
CA ASN E 525 -18.25 -41.13 -1.95
C ASN E 525 -18.66 -41.90 -3.19
N ARG E 526 -19.26 -43.06 -3.02
CA ARG E 526 -19.84 -43.79 -4.14
C ARG E 526 -21.18 -43.21 -4.57
N ASP E 527 -21.49 -42.00 -4.13
CA ASP E 527 -22.63 -41.28 -4.68
C ASP E 527 -22.43 -41.07 -6.17
N PRO E 528 -23.44 -41.27 -6.99
CA PRO E 528 -23.25 -41.16 -8.45
C PRO E 528 -22.72 -39.81 -8.91
N MET E 529 -23.04 -38.74 -8.19
CA MET E 529 -22.57 -37.40 -8.55
C MET E 529 -21.70 -36.87 -7.41
N ILE E 530 -20.39 -36.90 -7.63
CA ILE E 530 -19.45 -36.42 -6.62
C ILE E 530 -19.50 -34.90 -6.60
N ASP E 531 -19.89 -34.32 -5.48
CA ASP E 531 -19.92 -32.88 -5.32
C ASP E 531 -19.42 -32.51 -3.93
N ASN E 532 -18.32 -31.75 -3.88
CA ASN E 532 -17.64 -31.39 -2.65
C ASN E 532 -17.98 -29.99 -2.18
N ASN E 533 -19.01 -29.38 -2.74
CA ASN E 533 -19.42 -28.05 -2.33
C ASN E 533 -20.48 -28.15 -1.23
N ARG E 534 -20.35 -27.29 -0.23
CA ARG E 534 -21.15 -27.40 0.98
C ARG E 534 -21.78 -26.06 1.32
N TYR E 535 -23.01 -26.12 1.79
CA TYR E 535 -23.69 -24.93 2.31
C TYR E 535 -24.29 -25.30 3.65
N CYS E 536 -24.20 -24.41 4.64
CA CYS E 536 -24.54 -24.73 6.02
C CYS E 536 -25.07 -23.50 6.73
N THR E 537 -26.21 -23.64 7.41
CA THR E 537 -26.79 -22.57 8.21
C THR E 537 -26.80 -22.99 9.67
N LEU E 538 -26.25 -22.14 10.53
CA LEU E 538 -26.02 -22.48 11.93
C LEU E 538 -26.54 -21.37 12.84
N GLU E 539 -27.17 -21.74 13.94
CA GLU E 539 -27.66 -20.77 14.91
C GLU E 539 -27.05 -21.08 16.26
N PHE E 540 -26.39 -20.10 16.87
CA PHE E 540 -25.70 -20.31 18.14
C PHE E 540 -26.33 -19.45 19.21
N PRO E 541 -27.17 -20.00 20.10
CA PRO E 541 -27.86 -19.15 21.08
C PRO E 541 -26.86 -18.44 21.97
N VAL E 542 -26.82 -17.12 21.87
CA VAL E 542 -25.94 -16.28 22.66
C VAL E 542 -26.72 -15.77 23.85
N GLU E 543 -26.21 -16.03 25.05
CA GLU E 543 -26.94 -15.76 26.28
C GLU E 543 -26.17 -14.87 27.23
N VAL E 544 -25.39 -13.93 26.70
CA VAL E 544 -24.79 -12.89 27.52
C VAL E 544 -24.31 -11.78 26.61
N ASN E 545 -24.54 -10.55 27.03
CA ASN E 545 -24.09 -9.41 26.25
C ASN E 545 -22.59 -9.50 26.03
N THR E 546 -22.16 -9.38 24.78
CA THR E 546 -20.75 -9.56 24.45
C THR E 546 -20.55 -9.11 23.01
N VAL E 547 -19.37 -9.39 22.48
CA VAL E 547 -19.04 -9.08 21.09
C VAL E 547 -18.68 -10.40 20.42
N LEU E 548 -18.82 -10.47 19.11
CA LEU E 548 -18.42 -11.66 18.38
C LEU E 548 -17.30 -11.34 17.39
N HIS E 549 -16.12 -11.90 17.61
CA HIS E 549 -14.95 -11.58 16.81
C HIS E 549 -14.52 -12.68 15.85
N GLY E 550 -15.19 -13.80 15.80
CA GLY E 550 -14.85 -14.81 14.83
C GLY E 550 -15.51 -16.13 15.17
N PHE E 551 -15.42 -17.07 14.24
CA PHE E 551 -15.93 -18.41 14.43
C PHE E 551 -14.75 -19.37 14.46
N ALA E 552 -14.58 -20.07 15.57
CA ALA E 552 -13.52 -21.05 15.68
C ALA E 552 -14.00 -22.39 15.17
N GLY E 553 -13.09 -23.15 14.59
CA GLY E 553 -13.40 -24.44 14.00
C GLY E 553 -12.61 -25.55 14.65
N TYR E 554 -13.21 -26.73 14.73
CA TYR E 554 -12.58 -27.92 15.26
C TYR E 554 -13.00 -29.10 14.39
N PHE E 555 -12.77 -30.31 14.87
CA PHE E 555 -13.23 -31.45 14.08
C PHE E 555 -13.18 -32.73 14.90
N GLU E 556 -14.07 -33.64 14.55
CA GLU E 556 -14.02 -35.02 15.01
C GLU E 556 -13.83 -35.92 13.81
N THR E 557 -13.48 -37.17 14.06
CA THR E 557 -13.25 -38.11 12.97
C THR E 557 -13.70 -39.49 13.40
N VAL E 558 -13.80 -40.38 12.43
CA VAL E 558 -14.12 -41.78 12.67
C VAL E 558 -13.16 -42.62 11.84
N LEU E 559 -12.03 -43.00 12.44
CA LEU E 559 -11.09 -43.83 11.69
C LEU E 559 -11.76 -45.13 11.31
N TYR E 560 -12.13 -45.93 12.29
CA TYR E 560 -12.87 -47.15 12.02
C TYR E 560 -14.06 -47.15 12.96
N GLN E 561 -14.81 -48.25 12.95
CA GLN E 561 -16.17 -48.28 13.48
C GLN E 561 -16.34 -47.37 14.67
N ASP E 562 -15.40 -47.39 15.60
CA ASP E 562 -15.53 -46.67 16.86
C ASP E 562 -14.28 -45.89 17.25
N ILE E 563 -13.13 -46.19 16.65
CA ILE E 563 -11.89 -45.51 16.98
C ILE E 563 -11.97 -44.11 16.37
N THR E 564 -11.72 -43.09 17.17
CA THR E 564 -11.97 -41.73 16.74
C THR E 564 -10.80 -40.85 17.11
N LEU E 565 -10.70 -39.74 16.38
CA LEU E 565 -9.78 -38.67 16.68
C LEU E 565 -10.58 -37.39 16.74
N SER E 566 -10.18 -36.47 17.62
CA SER E 566 -10.95 -35.25 17.75
C SER E 566 -10.16 -34.20 18.49
N ILE E 567 -10.30 -32.95 18.06
CA ILE E 567 -9.71 -31.80 18.75
C ILE E 567 -10.77 -30.88 19.30
N ARG E 568 -12.03 -31.27 19.22
CA ARG E 568 -13.15 -30.48 19.71
C ARG E 568 -13.14 -30.49 21.24
N PRO E 569 -13.06 -29.33 21.90
CA PRO E 569 -12.64 -29.32 23.32
C PRO E 569 -13.44 -30.23 24.23
N GLU E 570 -14.75 -30.41 23.98
CA GLU E 570 -15.54 -31.21 24.90
C GLU E 570 -15.18 -32.69 24.81
N THR E 571 -14.77 -33.17 23.64
CA THR E 571 -14.39 -34.57 23.48
C THR E 571 -12.95 -34.73 23.04
N HIS E 572 -12.10 -33.76 23.33
CA HIS E 572 -10.75 -33.72 22.79
C HIS E 572 -10.03 -35.03 23.02
N SER E 573 -9.39 -35.54 21.98
CA SER E 573 -8.57 -36.73 22.15
C SER E 573 -7.41 -36.37 23.06
N PRO E 574 -6.89 -37.32 23.84
CA PRO E 574 -5.94 -36.97 24.90
C PRO E 574 -4.56 -36.68 24.35
N GLY E 575 -4.01 -35.54 24.73
CA GLY E 575 -2.66 -35.21 24.35
C GLY E 575 -2.39 -35.23 22.86
N MET E 576 -3.39 -34.96 22.04
CA MET E 576 -3.22 -34.89 20.59
C MET E 576 -2.82 -33.47 20.22
N PHE E 577 -1.54 -33.27 19.93
CA PHE E 577 -1.07 -31.97 19.48
C PHE E 577 -0.88 -31.89 17.98
N SER E 578 -1.33 -32.89 17.23
CA SER E 578 -1.11 -32.87 15.79
C SER E 578 -1.95 -31.80 15.10
N TRP E 579 -2.99 -31.31 15.78
CA TRP E 579 -3.90 -30.32 15.22
C TRP E 579 -4.22 -29.25 16.24
N PHE E 580 -4.07 -28.01 15.86
CA PHE E 580 -4.67 -26.95 16.65
C PHE E 580 -6.01 -26.55 16.05
N PRO E 581 -6.75 -25.69 16.73
CA PRO E 581 -8.01 -25.21 16.18
C PRO E 581 -7.76 -24.34 14.96
N ILE E 582 -8.84 -23.74 14.47
CA ILE E 582 -8.76 -22.79 13.38
C ILE E 582 -9.57 -21.57 13.78
N LEU E 583 -9.23 -20.42 13.24
CA LEU E 583 -9.91 -19.18 13.58
C LEU E 583 -10.34 -18.47 12.31
N PHE E 584 -11.65 -18.47 12.05
CA PHE E 584 -12.24 -17.73 10.95
C PHE E 584 -12.61 -16.35 11.46
N PRO E 585 -11.87 -15.31 11.17
CA PRO E 585 -12.24 -13.99 11.65
C PRO E 585 -13.46 -13.45 10.92
N ILE E 586 -13.96 -12.31 11.39
CA ILE E 586 -14.96 -11.54 10.66
C ILE E 586 -14.58 -10.06 10.73
N LYS E 587 -14.95 -9.32 9.70
CA LYS E 587 -14.31 -8.05 9.38
C LYS E 587 -14.52 -7.00 10.47
N GLN E 588 -15.54 -7.17 11.30
CA GLN E 588 -15.80 -6.21 12.35
C GLN E 588 -16.41 -6.89 13.57
N PRO E 589 -16.29 -6.33 14.75
CA PRO E 589 -17.03 -6.84 15.89
C PRO E 589 -18.52 -6.75 15.62
N ILE E 590 -19.27 -7.73 16.11
CA ILE E 590 -20.72 -7.74 16.00
C ILE E 590 -21.30 -7.67 17.40
N THR E 591 -21.53 -6.47 17.91
CA THR E 591 -22.08 -6.34 19.25
C THR E 591 -23.35 -7.17 19.35
N VAL E 592 -23.36 -8.14 20.25
CA VAL E 592 -24.48 -9.07 20.38
C VAL E 592 -25.14 -8.87 21.72
N ARG E 593 -26.46 -8.92 21.74
CA ARG E 593 -27.22 -8.79 22.97
C ARG E 593 -27.78 -10.14 23.40
N GLU E 594 -27.83 -10.35 24.70
CA GLU E 594 -28.10 -11.67 25.25
C GLU E 594 -29.48 -12.14 24.85
N GLY E 595 -29.61 -13.44 24.62
CA GLY E 595 -30.85 -14.04 24.23
C GLY E 595 -31.06 -14.16 22.75
N GLN E 596 -30.31 -13.39 21.96
CA GLN E 596 -30.40 -13.40 20.51
C GLN E 596 -29.88 -14.73 19.99
N THR E 597 -29.75 -14.84 18.68
CA THR E 597 -29.14 -16.01 18.07
C THR E 597 -28.23 -15.59 16.93
N ILE E 598 -26.94 -15.83 17.10
CA ILE E 598 -25.95 -15.56 16.06
C ILE E 598 -26.15 -16.57 14.96
N CYS E 599 -26.35 -16.09 13.73
CA CYS E 599 -26.56 -16.98 12.60
C CYS E 599 -25.40 -16.78 11.64
N VAL E 600 -24.78 -17.87 11.24
CA VAL E 600 -23.62 -17.82 10.36
C VAL E 600 -23.83 -18.84 9.26
N ARG E 601 -23.18 -18.62 8.14
CA ARG E 601 -23.36 -19.43 6.96
C ARG E 601 -21.99 -19.74 6.39
N PHE E 602 -21.74 -20.99 6.02
CA PHE E 602 -20.56 -21.29 5.23
C PHE E 602 -20.94 -21.90 3.90
N TRP E 603 -20.24 -21.49 2.87
CA TRP E 603 -20.21 -22.18 1.60
C TRP E 603 -18.78 -22.68 1.42
N ARG E 604 -18.63 -23.95 1.12
CA ARG E 604 -17.33 -24.46 0.74
C ARG E 604 -17.26 -24.52 -0.77
N CYS E 605 -16.77 -23.44 -1.36
CA CYS E 605 -16.69 -23.30 -2.79
C CYS E 605 -15.40 -23.97 -3.26
N SER E 606 -15.47 -24.57 -4.45
CA SER E 606 -14.26 -25.09 -5.08
C SER E 606 -14.50 -25.19 -6.57
N ASN E 607 -13.49 -24.82 -7.34
CA ASN E 607 -13.60 -24.91 -8.79
C ASN E 607 -12.57 -25.91 -9.29
N SER E 608 -12.42 -26.01 -10.60
CA SER E 608 -11.49 -26.99 -11.14
C SER E 608 -10.08 -26.81 -10.61
N LYS E 609 -9.70 -25.60 -10.24
CA LYS E 609 -8.33 -25.33 -9.83
C LYS E 609 -8.14 -25.19 -8.33
N LYS E 610 -9.12 -24.71 -7.60
CA LYS E 610 -8.83 -24.23 -6.25
C LYS E 610 -9.99 -24.53 -5.32
N VAL E 611 -9.79 -24.21 -4.05
CA VAL E 611 -10.79 -24.38 -3.00
C VAL E 611 -10.77 -23.15 -2.09
N TRP E 612 -11.83 -22.94 -1.33
CA TRP E 612 -11.91 -21.79 -0.44
C TRP E 612 -13.22 -21.82 0.32
N TYR E 613 -13.27 -21.09 1.43
CA TYR E 613 -14.44 -21.00 2.28
C TYR E 613 -14.93 -19.57 2.34
N GLU E 614 -16.25 -19.39 2.30
CA GLU E 614 -16.87 -18.08 2.32
C GLU E 614 -17.84 -17.98 3.48
N TRP E 615 -17.61 -17.04 4.38
CA TRP E 615 -18.35 -17.02 5.63
C TRP E 615 -18.96 -15.66 5.89
N ALA E 616 -20.18 -15.66 6.41
CA ALA E 616 -20.92 -14.44 6.67
C ALA E 616 -21.83 -14.63 7.87
N VAL E 617 -22.12 -13.54 8.56
CA VAL E 617 -23.09 -13.50 9.66
C VAL E 617 -24.35 -12.83 9.14
N THR E 618 -25.48 -13.54 9.19
CA THR E 618 -26.74 -12.97 8.72
C THR E 618 -27.69 -12.56 9.82
N ALA E 619 -27.26 -12.55 11.09
CA ALA E 619 -28.06 -12.13 12.23
C ALA E 619 -27.16 -12.19 13.45
N PRO E 620 -27.35 -11.30 14.43
CA PRO E 620 -28.36 -10.26 14.52
C PRO E 620 -28.12 -9.13 13.53
N VAL E 621 -26.88 -9.02 13.06
CA VAL E 621 -26.51 -8.06 12.05
C VAL E 621 -26.12 -8.84 10.80
N CYS E 622 -25.75 -8.12 9.76
CA CYS E 622 -25.25 -8.74 8.54
C CYS E 622 -23.84 -8.26 8.28
N SER E 623 -22.95 -9.19 7.97
CA SER E 623 -21.58 -8.85 7.63
C SER E 623 -21.32 -9.18 6.17
N ALA E 624 -20.32 -8.52 5.61
CA ALA E 624 -19.99 -8.74 4.22
C ALA E 624 -19.67 -10.21 3.99
N ILE E 625 -20.04 -10.72 2.82
CA ILE E 625 -19.63 -12.08 2.51
C ILE E 625 -18.11 -12.11 2.46
N HIS E 626 -17.50 -12.76 3.44
CA HIS E 626 -16.06 -12.73 3.58
C HIS E 626 -15.42 -13.67 2.58
N ASN E 627 -14.34 -13.24 1.99
CA ASN E 627 -13.61 -14.12 1.11
C ASN E 627 -14.50 -14.58 -0.04
N PRO E 628 -15.14 -13.68 -0.77
CA PRO E 628 -15.89 -14.10 -1.95
C PRO E 628 -14.96 -14.43 -3.10
N THR E 629 -15.11 -15.62 -3.65
CA THR E 629 -14.31 -16.13 -4.76
C THR E 629 -12.90 -16.47 -4.30
N GLY E 630 -12.65 -16.60 -3.00
CA GLY E 630 -11.31 -16.86 -2.54
C GLY E 630 -10.33 -15.77 -2.91
N ARG E 631 -10.72 -14.52 -2.78
CA ARG E 631 -9.79 -13.43 -3.08
C ARG E 631 -8.73 -13.28 -2.01
N SER E 632 -8.99 -13.80 -0.81
CA SER E 632 -8.05 -13.72 0.31
C SER E 632 -7.33 -15.01 0.59
N TYR E 633 -8.03 -16.14 0.64
CA TYR E 633 -7.44 -17.41 1.02
C TYR E 633 -8.05 -18.55 0.26
N THR E 634 -7.34 -19.03 -0.75
CA THR E 634 -7.74 -20.22 -1.47
C THR E 634 -6.64 -21.26 -1.36
N ILE E 635 -7.05 -22.49 -1.09
CA ILE E 635 -6.13 -23.61 -1.00
C ILE E 635 -5.89 -24.08 -2.42
N GLY E 636 -4.64 -24.01 -2.86
CA GLY E 636 -4.32 -24.43 -4.20
C GLY E 636 -4.39 -25.94 -4.34
N LEU E 637 -5.20 -26.40 -5.28
CA LEU E 637 -5.24 -27.81 -5.62
C LEU E 637 -3.87 -28.27 -6.11
N ARG F 13 35.91 -16.89 20.02
CA ARG F 13 36.20 -17.74 18.86
C ARG F 13 35.45 -17.30 17.62
N VAL F 14 35.97 -17.73 16.47
CA VAL F 14 35.33 -17.50 15.18
C VAL F 14 34.97 -18.85 14.59
N SER F 15 33.75 -18.95 14.07
CA SER F 15 33.26 -20.20 13.51
C SER F 15 34.28 -20.72 12.49
N SER F 16 34.20 -22.01 12.20
CA SER F 16 35.05 -22.58 11.16
C SER F 16 34.66 -24.03 10.93
N GLY F 17 34.53 -24.42 9.67
CA GLY F 17 34.07 -25.74 9.36
C GLY F 17 34.86 -26.34 8.20
N ARG F 18 34.88 -27.65 8.17
CA ARG F 18 35.63 -28.39 7.16
C ARG F 18 34.78 -28.52 5.92
N ASP F 19 35.34 -28.18 4.77
CA ASP F 19 34.73 -28.49 3.50
C ASP F 19 35.17 -29.88 3.07
N LEU F 20 34.19 -30.73 2.77
CA LEU F 20 34.47 -32.10 2.41
C LEU F 20 33.94 -32.38 1.02
N ASN F 21 34.42 -33.48 0.45
CA ASN F 21 33.86 -34.06 -0.75
C ASN F 21 33.85 -35.57 -0.64
N CYS F 22 34.30 -36.09 0.50
CA CYS F 22 34.35 -37.52 0.77
C CYS F 22 33.77 -37.73 2.16
N VAL F 23 32.49 -38.08 2.22
CA VAL F 23 31.83 -38.46 3.45
C VAL F 23 31.21 -39.84 3.23
N PRO F 24 31.96 -40.90 3.42
CA PRO F 24 31.39 -42.24 3.25
C PRO F 24 30.32 -42.51 4.29
N GLU F 25 30.60 -42.16 5.54
CA GLU F 25 29.65 -42.30 6.64
C GLU F 25 29.43 -40.91 7.22
N ILE F 26 28.19 -40.44 7.15
CA ILE F 26 27.89 -39.07 7.55
C ILE F 26 28.12 -38.88 9.04
N ALA F 27 27.68 -39.84 9.85
CA ALA F 27 27.83 -39.74 11.30
C ALA F 27 29.28 -39.81 11.71
N ASP F 28 30.03 -40.78 11.16
CA ASP F 28 31.45 -40.89 11.51
C ASP F 28 32.20 -39.62 11.14
N THR F 29 31.97 -39.12 9.92
CA THR F 29 32.69 -37.94 9.46
C THR F 29 32.38 -36.73 10.33
N LEU F 30 31.09 -36.51 10.63
CA LEU F 30 30.76 -35.36 11.44
C LEU F 30 31.35 -35.49 12.84
N GLY F 31 31.38 -36.72 13.37
CA GLY F 31 32.04 -36.91 14.65
C GLY F 31 33.51 -36.55 14.60
N ALA F 32 34.19 -36.99 13.54
CA ALA F 32 35.62 -36.70 13.43
C ALA F 32 35.86 -35.20 13.33
N VAL F 33 35.08 -34.49 12.51
CA VAL F 33 35.31 -33.06 12.43
C VAL F 33 35.03 -32.41 13.77
N ALA F 34 33.97 -32.82 14.47
CA ALA F 34 33.69 -32.21 15.76
C ALA F 34 34.85 -32.41 16.73
N LYS F 35 35.43 -33.61 16.75
CA LYS F 35 36.63 -33.82 17.58
C LYS F 35 37.76 -32.89 17.15
N GLN F 36 37.99 -32.74 15.85
CA GLN F 36 39.05 -31.85 15.39
C GLN F 36 38.82 -30.41 15.83
N GLY F 37 37.60 -30.07 16.22
CA GLY F 37 37.31 -28.75 16.73
C GLY F 37 36.48 -27.87 15.84
N PHE F 38 36.18 -28.31 14.63
CA PHE F 38 35.37 -27.52 13.73
C PHE F 38 34.00 -27.31 14.35
N ASP F 39 33.24 -26.35 13.84
CA ASP F 39 31.88 -26.15 14.33
C ASP F 39 30.85 -26.76 13.40
N PHE F 40 31.08 -26.67 12.09
CA PHE F 40 30.09 -27.12 11.12
C PHE F 40 30.82 -27.86 10.01
N LEU F 41 30.06 -28.29 9.00
CA LEU F 41 30.61 -29.10 7.92
C LEU F 41 29.89 -28.73 6.63
N CYS F 42 30.65 -28.59 5.55
CA CYS F 42 30.10 -28.33 4.23
C CYS F 42 30.25 -29.60 3.40
N MET F 43 29.15 -30.25 3.10
CA MET F 43 29.15 -31.58 2.52
C MET F 43 28.23 -31.60 1.32
N PRO F 44 28.41 -32.56 0.40
CA PRO F 44 27.45 -32.72 -0.68
C PRO F 44 26.23 -33.48 -0.20
N VAL F 45 25.06 -33.09 -0.71
CA VAL F 45 23.83 -33.74 -0.30
C VAL F 45 23.44 -34.90 -1.21
N PHE F 46 23.56 -34.74 -2.52
CA PHE F 46 23.54 -35.86 -3.45
C PHE F 46 24.99 -36.17 -3.80
N HIS F 47 25.29 -37.44 -4.05
CA HIS F 47 26.67 -37.81 -4.27
C HIS F 47 27.26 -37.00 -5.42
N PRO F 48 28.54 -36.64 -5.36
CA PRO F 48 29.11 -35.75 -6.39
C PRO F 48 29.10 -36.34 -7.79
N ARG F 49 29.47 -37.60 -7.95
CA ARG F 49 29.58 -38.21 -9.27
C ARG F 49 28.29 -38.88 -9.70
N PHE F 50 27.21 -38.71 -8.94
CA PHE F 50 25.95 -39.36 -9.23
C PHE F 50 25.17 -38.49 -10.21
N LYS F 51 25.43 -38.71 -11.48
CA LYS F 51 24.73 -37.93 -12.50
C LYS F 51 23.34 -38.49 -12.74
N ARG F 52 22.34 -37.68 -12.40
CA ARG F 52 20.95 -38.07 -12.51
C ARG F 52 20.32 -37.36 -13.68
N GLU F 53 19.74 -38.13 -14.59
CA GLU F 53 19.08 -37.59 -15.76
C GLU F 53 17.58 -37.50 -15.54
N PHE F 54 17.01 -36.35 -15.89
CA PHE F 54 15.61 -36.09 -15.67
C PHE F 54 14.78 -35.97 -16.94
N ILE F 55 15.28 -36.42 -18.09
CA ILE F 55 14.66 -36.15 -19.37
C ILE F 55 14.29 -37.44 -20.08
N GLN F 56 15.27 -38.26 -20.44
CA GLN F 56 15.04 -39.37 -21.35
C GLN F 56 15.46 -40.70 -20.75
N GLU F 57 14.61 -41.70 -20.95
CA GLU F 57 14.83 -43.08 -20.53
C GLU F 57 15.99 -43.68 -21.30
N PRO F 58 16.54 -44.80 -20.82
CA PRO F 58 16.05 -45.43 -19.60
C PRO F 58 16.75 -44.91 -18.35
N ALA F 59 17.64 -43.91 -18.52
CA ALA F 59 18.35 -43.35 -17.38
C ALA F 59 17.44 -42.52 -16.50
N LYS F 60 16.31 -42.07 -17.04
CA LYS F 60 15.38 -41.25 -16.27
C LYS F 60 14.81 -42.02 -15.09
N ASN F 61 14.97 -43.34 -15.10
CA ASN F 61 14.27 -44.22 -14.16
C ASN F 61 15.21 -45.01 -13.27
N ARG F 62 16.36 -44.48 -12.89
CA ARG F 62 17.23 -45.26 -12.00
C ARG F 62 16.49 -45.42 -10.68
N PRO F 63 16.23 -46.63 -10.23
CA PRO F 63 15.42 -46.79 -9.02
C PRO F 63 16.08 -46.09 -7.85
N GLY F 64 15.28 -45.61 -6.92
CA GLY F 64 15.78 -44.92 -5.78
C GLY F 64 16.52 -45.85 -4.86
N PRO F 65 17.01 -45.34 -3.73
CA PRO F 65 16.83 -43.94 -3.35
C PRO F 65 17.65 -43.01 -4.21
N GLN F 66 17.63 -41.72 -3.87
CA GLN F 66 18.47 -40.75 -4.59
C GLN F 66 19.68 -40.33 -3.77
N THR F 67 19.57 -40.34 -2.45
CA THR F 67 20.62 -39.81 -1.59
C THR F 67 20.54 -40.47 -0.22
N ARG F 68 21.39 -40.03 0.69
CA ARG F 68 21.34 -40.46 2.08
C ARG F 68 20.01 -40.11 2.71
N SER F 69 19.50 -41.04 3.51
CA SER F 69 18.19 -40.84 4.09
C SER F 69 18.20 -39.60 4.96
N ASP F 70 17.05 -38.95 5.05
CA ASP F 70 16.89 -37.78 5.89
C ASP F 70 17.23 -38.05 7.34
N LEU F 71 17.13 -39.31 7.77
CA LEU F 71 17.13 -39.61 9.20
C LEU F 71 18.52 -39.86 9.76
N LEU F 72 19.56 -39.86 8.93
CA LEU F 72 20.90 -40.14 9.43
C LEU F 72 21.33 -39.16 10.51
N LEU F 73 20.72 -37.99 10.57
CA LEU F 73 20.93 -37.05 11.65
C LEU F 73 19.58 -36.53 12.12
N SER F 74 19.57 -35.95 13.30
CA SER F 74 18.36 -35.32 13.79
C SER F 74 18.23 -33.92 13.21
N GLY F 75 16.99 -33.46 13.08
CA GLY F 75 16.72 -32.12 12.61
C GLY F 75 17.70 -31.10 13.18
N ARG F 76 18.12 -31.28 14.43
CA ARG F 76 19.04 -30.33 15.02
C ARG F 76 20.42 -30.41 14.38
N ASP F 77 20.94 -31.62 14.18
CA ASP F 77 22.23 -31.72 13.50
C ASP F 77 22.15 -31.17 12.08
N TRP F 78 21.14 -31.60 11.32
CA TRP F 78 20.96 -31.05 9.98
C TRP F 78 20.94 -29.54 9.99
N ASN F 79 20.23 -28.95 10.94
CA ASN F 79 19.97 -27.52 10.87
C ASN F 79 21.15 -26.71 11.36
N THR F 80 21.89 -27.20 12.34
CA THR F 80 22.92 -26.37 12.94
C THR F 80 24.32 -26.67 12.44
N LEU F 81 24.64 -27.92 12.10
CA LEU F 81 26.00 -28.21 11.71
C LEU F 81 26.26 -28.17 10.22
N ILE F 82 25.41 -28.78 9.41
CA ILE F 82 25.74 -29.10 8.03
C ILE F 82 25.51 -27.86 7.18
N VAL F 83 26.24 -27.78 6.07
CA VAL F 83 26.00 -26.81 5.01
C VAL F 83 26.14 -27.56 3.69
N GLY F 84 25.11 -27.48 2.85
CA GLY F 84 25.10 -28.30 1.66
C GLY F 84 26.01 -27.77 0.58
N LYS F 85 26.18 -28.57 -0.47
CA LYS F 85 26.97 -28.18 -1.63
C LYS F 85 26.21 -28.55 -2.90
N LEU F 86 26.31 -27.69 -3.91
CA LEU F 86 25.67 -27.97 -5.18
C LEU F 86 26.60 -28.80 -6.06
N SER F 87 26.11 -29.96 -6.48
CA SER F 87 26.98 -30.97 -7.06
C SER F 87 27.86 -30.38 -8.15
N PRO F 88 29.10 -30.85 -8.31
CA PRO F 88 29.95 -30.31 -9.37
C PRO F 88 29.40 -30.47 -10.77
N TRP F 89 28.74 -31.58 -11.10
CA TRP F 89 28.33 -31.81 -12.48
C TRP F 89 27.26 -30.82 -12.92
N ILE F 90 26.40 -30.37 -12.01
CA ILE F 90 25.36 -29.40 -12.34
C ILE F 90 26.03 -28.17 -12.95
N ARG F 91 25.66 -27.85 -14.19
CA ARG F 91 26.18 -26.66 -14.89
C ARG F 91 25.04 -25.99 -15.63
N PRO F 92 24.17 -25.26 -14.92
CA PRO F 92 22.97 -24.72 -15.56
C PRO F 92 23.25 -23.69 -16.61
N ASP F 93 24.50 -23.42 -16.94
CA ASP F 93 24.81 -22.46 -17.99
C ASP F 93 25.64 -23.06 -19.11
N SER F 94 25.79 -24.38 -19.13
CA SER F 94 26.46 -25.01 -20.25
C SER F 94 25.70 -24.70 -21.54
N LYS F 95 26.40 -24.80 -22.66
CA LYS F 95 25.77 -24.44 -23.92
C LYS F 95 24.85 -25.53 -24.43
N VAL F 96 25.26 -26.80 -24.31
CA VAL F 96 24.42 -27.90 -24.73
C VAL F 96 23.02 -27.71 -24.15
N GLU F 97 22.01 -27.77 -25.01
CA GLU F 97 20.64 -27.62 -24.50
C GLU F 97 20.28 -28.74 -23.54
N LYS F 98 20.67 -29.97 -23.87
CA LYS F 98 20.35 -31.07 -22.98
C LYS F 98 20.95 -30.84 -21.60
N ILE F 99 22.20 -30.41 -21.55
CA ILE F 99 22.84 -30.20 -20.25
C ILE F 99 22.22 -29.01 -19.56
N ARG F 100 21.79 -28.00 -20.30
CA ARG F 100 21.11 -26.89 -19.66
C ARG F 100 19.85 -27.37 -18.96
N ARG F 101 19.06 -28.21 -19.62
CA ARG F 101 17.79 -28.63 -19.04
C ARG F 101 18.00 -29.61 -17.88
N ASN F 102 18.93 -30.54 -18.05
CA ASN F 102 19.28 -31.45 -16.98
C ASN F 102 19.79 -30.68 -15.76
N SER F 103 20.62 -29.68 -15.98
CA SER F 103 21.18 -28.93 -14.86
C SER F 103 20.12 -28.10 -14.18
N GLU F 104 19.20 -27.51 -14.94
CA GLU F 104 18.09 -26.81 -14.30
C GLU F 104 17.36 -27.74 -13.35
N ALA F 105 16.98 -28.93 -13.84
CA ALA F 105 16.24 -29.87 -13.01
C ALA F 105 17.05 -30.31 -11.80
N ALA F 106 18.32 -30.64 -12.01
CA ALA F 106 19.14 -31.13 -10.91
C ALA F 106 19.33 -30.06 -9.86
N MET F 107 19.62 -28.83 -10.26
CA MET F 107 19.82 -27.76 -9.30
C MET F 107 18.55 -27.49 -8.50
N LEU F 108 17.39 -27.49 -9.16
CA LEU F 108 16.17 -27.35 -8.39
C LEU F 108 16.04 -28.48 -7.38
N GLN F 109 16.30 -29.71 -7.81
CA GLN F 109 16.26 -30.84 -6.91
C GLN F 109 17.12 -30.60 -5.69
N GLU F 110 18.37 -30.22 -5.91
CA GLU F 110 19.32 -30.18 -4.82
C GLU F 110 18.99 -29.06 -3.86
N LEU F 111 18.55 -27.92 -4.39
CA LEU F 111 18.19 -26.81 -3.52
C LEU F 111 16.96 -27.14 -2.69
N ASN F 112 15.99 -27.82 -3.29
CA ASN F 112 14.77 -28.13 -2.55
C ASN F 112 15.04 -29.18 -1.48
N PHE F 113 15.87 -30.17 -1.78
CA PHE F 113 16.26 -31.13 -0.75
C PHE F 113 17.08 -30.47 0.35
N GLY F 114 17.91 -29.48 0.00
CA GLY F 114 18.61 -28.76 1.03
C GLY F 114 17.67 -28.01 1.94
N ALA F 115 16.68 -27.33 1.37
CA ALA F 115 15.73 -26.60 2.20
C ALA F 115 14.90 -27.56 3.06
N TYR F 116 14.48 -28.68 2.49
CA TYR F 116 13.77 -29.70 3.27
C TYR F 116 14.59 -30.16 4.46
N LEU F 117 15.83 -30.64 4.24
CA LEU F 117 16.66 -30.98 5.38
C LEU F 117 16.78 -29.83 6.37
N GLY F 118 16.83 -28.60 5.89
CA GLY F 118 16.88 -27.47 6.79
C GLY F 118 18.18 -26.74 6.78
N LEU F 119 19.14 -27.18 5.97
CA LEU F 119 20.49 -26.69 6.04
C LEU F 119 20.51 -25.19 6.26
N PRO F 120 21.46 -24.67 7.04
CA PRO F 120 21.47 -23.24 7.32
C PRO F 120 22.16 -22.42 6.25
N ALA F 121 22.72 -23.06 5.23
CA ALA F 121 23.32 -22.35 4.12
C ALA F 121 23.77 -23.33 3.06
N PHE F 122 23.87 -22.84 1.83
CA PHE F 122 24.05 -23.68 0.67
C PHE F 122 25.16 -23.08 -0.19
N LEU F 123 26.11 -23.91 -0.64
CA LEU F 123 27.31 -23.41 -1.32
C LEU F 123 27.24 -23.60 -2.82
N LEU F 124 27.24 -22.49 -3.54
CA LEU F 124 27.11 -22.48 -4.99
C LEU F 124 28.31 -21.77 -5.59
N PRO F 125 28.87 -22.30 -6.69
CA PRO F 125 30.09 -21.70 -7.25
C PRO F 125 29.80 -20.70 -8.34
N LEU F 126 30.75 -19.79 -8.55
CA LEU F 126 30.77 -18.91 -9.71
C LEU F 126 32.12 -19.11 -10.38
N ASN F 127 32.17 -20.02 -11.34
CA ASN F 127 33.44 -20.35 -11.99
C ASN F 127 33.45 -19.96 -13.46
N GLN F 128 32.56 -19.08 -13.89
CA GLN F 128 32.64 -18.54 -15.23
C GLN F 128 31.75 -17.32 -15.31
N GLU F 129 31.84 -16.60 -16.42
CA GLU F 129 31.14 -15.32 -16.54
C GLU F 129 29.66 -15.51 -16.77
N ASP F 130 29.28 -16.49 -17.60
CA ASP F 130 27.90 -16.66 -18.02
C ASP F 130 27.15 -17.39 -16.91
N ASN F 131 26.55 -16.63 -15.99
CA ASN F 131 25.84 -17.19 -14.85
C ASN F 131 24.37 -16.80 -14.83
N THR F 132 23.81 -16.46 -15.99
CA THR F 132 22.46 -15.91 -16.01
C THR F 132 21.43 -16.98 -15.73
N ASN F 133 21.54 -18.13 -16.36
CA ASN F 133 20.57 -19.17 -16.07
C ASN F 133 20.66 -19.61 -14.61
N LEU F 134 21.87 -19.64 -14.06
CA LEU F 134 22.04 -19.98 -12.66
C LEU F 134 21.33 -18.99 -11.77
N ALA F 135 21.50 -17.70 -12.04
CA ALA F 135 20.80 -16.70 -11.24
C ALA F 135 19.31 -16.88 -11.37
N ARG F 136 18.81 -17.17 -12.58
CA ARG F 136 17.36 -17.33 -12.74
C ARG F 136 16.84 -18.50 -11.93
N VAL F 137 17.47 -19.67 -12.06
CA VAL F 137 16.99 -20.81 -11.30
C VAL F 137 17.04 -20.52 -9.82
N LEU F 138 18.09 -19.82 -9.37
CA LEU F 138 18.21 -19.59 -7.95
C LEU F 138 17.15 -18.62 -7.46
N THR F 139 16.83 -17.60 -8.25
CA THR F 139 15.79 -16.68 -7.80
C THR F 139 14.42 -17.34 -7.82
N ASN F 140 14.17 -18.19 -8.82
CA ASN F 140 12.92 -18.94 -8.82
C ASN F 140 12.82 -19.86 -7.62
N HIS F 141 13.96 -20.35 -7.13
CA HIS F 141 13.92 -21.15 -5.91
C HIS F 141 13.73 -20.29 -4.68
N ILE F 142 14.28 -19.07 -4.69
CA ILE F 142 14.05 -18.16 -3.57
C ILE F 142 12.60 -17.75 -3.49
N HIS F 143 11.87 -17.78 -4.61
CA HIS F 143 10.47 -17.38 -4.61
C HIS F 143 9.49 -18.54 -4.70
N THR F 144 9.82 -19.68 -4.12
CA THR F 144 8.89 -20.81 -4.09
C THR F 144 8.94 -21.43 -2.71
N GLY F 145 7.82 -21.34 -1.99
CA GLY F 145 7.73 -21.91 -0.67
C GLY F 145 8.36 -21.02 0.38
N HIS F 146 8.16 -21.43 1.64
CA HIS F 146 8.70 -20.70 2.79
C HIS F 146 9.84 -21.54 3.33
N HIS F 147 11.07 -21.05 3.16
CA HIS F 147 12.26 -21.72 3.64
C HIS F 147 13.27 -20.67 4.06
N SER F 148 14.30 -21.09 4.79
CA SER F 148 15.24 -20.14 5.36
C SER F 148 16.70 -20.51 5.15
N SER F 149 17.00 -21.44 4.25
CA SER F 149 18.37 -21.65 3.86
C SER F 149 18.95 -20.36 3.31
N MET F 150 20.23 -20.13 3.53
CA MET F 150 20.94 -18.99 2.95
C MET F 150 22.06 -19.48 2.06
N PHE F 151 22.28 -18.78 0.94
CA PHE F 151 23.07 -19.31 -0.16
C PHE F 151 24.41 -18.60 -0.24
N TRP F 152 25.49 -19.35 -0.05
CA TRP F 152 26.84 -18.84 -0.10
C TRP F 152 27.41 -19.11 -1.49
N MET F 153 27.64 -18.05 -2.26
CA MET F 153 27.98 -18.16 -3.67
C MET F 153 29.48 -18.11 -3.82
N ARG F 154 30.13 -19.25 -3.53
CA ARG F 154 31.58 -19.38 -3.59
C ARG F 154 32.13 -18.76 -4.87
N VAL F 155 33.09 -17.85 -4.73
CA VAL F 155 33.66 -17.15 -5.87
C VAL F 155 35.11 -16.79 -5.55
N PRO F 156 36.09 -17.27 -6.31
CA PRO F 156 37.49 -17.04 -5.95
C PRO F 156 37.94 -15.60 -6.20
N LEU F 157 38.94 -15.18 -5.43
CA LEU F 157 39.51 -13.86 -5.65
C LEU F 157 40.16 -13.75 -7.02
N VAL F 158 40.98 -14.75 -7.37
CA VAL F 158 41.69 -14.76 -8.65
C VAL F 158 41.24 -16.00 -9.41
N ALA F 159 40.82 -15.82 -10.64
CA ALA F 159 40.15 -16.89 -11.34
C ALA F 159 41.08 -18.08 -11.51
N PRO F 160 40.55 -19.27 -11.72
CA PRO F 160 41.42 -20.42 -12.04
C PRO F 160 42.28 -20.17 -13.26
N GLU F 161 41.72 -19.57 -14.31
CA GLU F 161 42.46 -19.35 -15.54
C GLU F 161 43.60 -18.36 -15.34
N ASP F 162 43.69 -17.75 -14.17
CA ASP F 162 44.82 -16.88 -13.87
C ASP F 162 45.65 -17.37 -12.69
N LEU F 163 45.21 -18.41 -11.98
CA LEU F 163 46.07 -19.04 -10.99
C LEU F 163 46.99 -20.11 -11.56
N ARG F 164 46.85 -20.48 -12.82
CA ARG F 164 47.52 -21.68 -13.31
C ARG F 164 49.00 -21.45 -13.54
N ASP F 165 49.79 -22.52 -13.41
CA ASP F 165 51.22 -22.46 -13.68
C ASP F 165 51.47 -22.38 -15.17
N ASP F 166 52.46 -21.56 -15.55
CA ASP F 166 52.79 -21.35 -16.96
C ASP F 166 53.57 -22.55 -17.48
N ILE F 167 52.81 -23.54 -17.98
CA ILE F 167 53.38 -24.77 -18.52
C ILE F 167 52.83 -25.12 -19.89
N ILE F 168 51.87 -24.36 -20.41
CA ILE F 168 51.35 -24.60 -21.74
C ILE F 168 52.30 -23.91 -22.72
N GLU F 169 53.12 -24.70 -23.41
CA GLU F 169 54.17 -24.16 -24.24
C GLU F 169 53.61 -23.41 -25.44
N ASN F 170 52.34 -23.59 -25.74
CA ASN F 170 51.77 -23.11 -26.98
C ASN F 170 50.72 -22.01 -26.80
N ALA F 171 50.35 -21.67 -25.58
CA ALA F 171 49.29 -20.69 -25.33
C ALA F 171 49.53 -19.95 -24.03
N PRO F 172 50.69 -19.32 -23.89
CA PRO F 172 51.03 -18.69 -22.62
C PRO F 172 50.09 -17.55 -22.27
N THR F 173 49.94 -17.33 -20.97
CA THR F 173 49.02 -16.31 -20.47
C THR F 173 49.52 -14.93 -20.85
N THR F 174 48.59 -13.97 -20.92
CA THR F 174 48.93 -12.58 -21.13
C THR F 174 49.32 -11.94 -19.80
N HIS F 175 50.62 -11.94 -19.50
CA HIS F 175 51.15 -11.45 -18.23
C HIS F 175 51.12 -9.94 -18.10
N THR F 176 50.98 -9.22 -19.21
CA THR F 176 51.04 -7.77 -19.15
C THR F 176 49.94 -7.22 -18.25
N GLU F 177 50.03 -5.92 -17.97
CA GLU F 177 49.04 -5.25 -17.13
C GLU F 177 47.64 -5.51 -17.68
N GLU F 178 46.82 -6.17 -16.86
CA GLU F 178 45.40 -6.35 -17.15
C GLU F 178 44.62 -5.90 -15.91
N TYR F 179 44.36 -4.60 -15.81
CA TYR F 179 43.83 -4.07 -14.56
C TYR F 179 42.54 -4.76 -14.16
N SER F 180 41.47 -4.58 -14.95
CA SER F 180 40.22 -5.23 -14.63
C SER F 180 40.22 -6.69 -15.05
N GLY F 181 41.20 -7.08 -15.85
CA GLY F 181 41.45 -8.50 -16.03
C GLY F 181 41.81 -9.18 -14.73
N GLU F 182 42.28 -8.39 -13.75
CA GLU F 182 42.48 -8.85 -12.40
C GLU F 182 41.23 -8.72 -11.54
N GLU F 183 40.21 -8.01 -12.02
CA GLU F 183 38.95 -7.83 -11.31
C GLU F 183 37.80 -8.61 -11.93
N LYS F 184 38.08 -9.44 -12.92
CA LYS F 184 37.00 -10.15 -13.58
C LYS F 184 36.13 -10.87 -12.58
N THR F 185 36.71 -11.34 -11.47
CA THR F 185 35.95 -12.16 -10.53
C THR F 185 34.91 -11.34 -9.78
N TRP F 186 35.29 -10.15 -9.33
CA TRP F 186 34.29 -9.35 -8.65
C TRP F 186 33.15 -9.01 -9.58
N MET F 187 33.45 -8.79 -10.86
N MET F 187 33.44 -8.81 -10.87
CA MET F 187 32.38 -8.54 -11.81
CA MET F 187 32.35 -8.53 -11.78
C MET F 187 31.50 -9.76 -12.00
C MET F 187 31.50 -9.76 -12.01
N TRP F 188 32.09 -10.96 -12.00
CA TRP F 188 31.28 -12.17 -12.02
C TRP F 188 30.25 -12.12 -10.92
N TRP F 189 30.72 -11.85 -9.71
CA TRP F 189 29.81 -11.83 -8.57
C TRP F 189 28.82 -10.69 -8.69
N HIS F 190 29.26 -9.54 -9.18
CA HIS F 190 28.37 -8.40 -9.26
C HIS F 190 27.23 -8.66 -10.22
N ASN F 191 27.53 -9.27 -11.37
CA ASN F 191 26.48 -9.62 -12.30
C ASN F 191 25.55 -10.66 -11.71
N PHE F 192 26.10 -11.68 -11.06
CA PHE F 192 25.19 -12.66 -10.46
C PHE F 192 24.27 -11.98 -9.46
N ARG F 193 24.83 -11.17 -8.59
CA ARG F 193 24.01 -10.58 -7.54
C ARG F 193 22.97 -9.65 -8.12
N THR F 194 23.33 -8.84 -9.10
CA THR F 194 22.35 -7.91 -9.66
C THR F 194 21.25 -8.65 -10.38
N LEU F 195 21.57 -9.74 -11.08
CA LEU F 195 20.49 -10.54 -11.65
C LEU F 195 19.56 -11.03 -10.56
N CYS F 196 20.09 -11.68 -9.53
CA CYS F 196 19.26 -12.18 -8.46
C CYS F 196 18.70 -11.07 -7.59
N ASP F 197 18.92 -9.82 -7.96
CA ASP F 197 18.25 -8.68 -7.35
C ASP F 197 18.62 -8.53 -5.87
N TYR F 198 19.92 -8.40 -5.62
CA TYR F 198 20.42 -8.06 -4.28
C TYR F 198 19.72 -8.85 -3.18
N SER F 199 19.25 -10.04 -3.49
CA SER F 199 18.44 -10.76 -2.52
C SER F 199 19.22 -10.95 -1.24
N LYS F 200 18.59 -10.63 -0.11
CA LYS F 200 19.27 -10.75 1.17
C LYS F 200 19.57 -12.19 1.53
N ARG F 201 19.29 -13.13 0.65
CA ARG F 201 19.57 -14.53 0.87
C ARG F 201 20.70 -15.05 -0.01
N ILE F 202 21.41 -14.16 -0.68
CA ILE F 202 22.60 -14.49 -1.45
C ILE F 202 23.77 -13.77 -0.81
N ALA F 203 24.80 -14.51 -0.42
CA ALA F 203 25.98 -13.96 0.21
C ALA F 203 27.21 -14.68 -0.32
N VAL F 204 28.35 -14.03 -0.20
CA VAL F 204 29.57 -14.49 -0.86
C VAL F 204 30.34 -15.40 0.09
N ALA F 205 31.15 -16.27 -0.47
CA ALA F 205 32.12 -17.06 0.28
C ALA F 205 33.46 -16.88 -0.40
N LEU F 206 34.16 -15.81 -0.07
CA LEU F 206 35.36 -15.38 -0.77
C LEU F 206 36.49 -16.40 -0.60
N GLU F 207 36.80 -17.14 -1.67
CA GLU F 207 37.98 -17.99 -1.65
C GLU F 207 39.24 -17.15 -1.50
N ILE F 208 40.25 -17.68 -0.83
CA ILE F 208 41.52 -16.99 -0.65
C ILE F 208 42.61 -17.80 -1.32
N GLY F 209 43.03 -17.35 -2.50
CA GLY F 209 44.13 -18.00 -3.18
C GLY F 209 45.46 -17.57 -2.64
N ALA F 210 46.50 -18.33 -2.99
CA ALA F 210 47.82 -18.10 -2.41
C ALA F 210 48.31 -16.69 -2.65
N ASP F 211 48.00 -16.11 -3.81
CA ASP F 211 48.47 -14.79 -4.17
C ASP F 211 47.29 -13.81 -4.18
N LEU F 212 47.33 -12.83 -3.30
CA LEU F 212 46.25 -11.88 -3.18
C LEU F 212 46.30 -10.88 -4.33
N PRO F 213 45.20 -10.19 -4.61
CA PRO F 213 45.24 -9.05 -5.51
C PRO F 213 45.64 -7.77 -4.78
N SER F 214 45.57 -6.67 -5.49
CA SER F 214 46.06 -5.41 -4.95
C SER F 214 45.22 -4.99 -3.75
N ASN F 215 45.62 -3.87 -3.14
CA ASN F 215 44.92 -3.37 -1.97
C ASN F 215 43.52 -2.88 -2.29
N HIS F 216 43.34 -2.20 -3.42
CA HIS F 216 42.03 -1.65 -3.74
C HIS F 216 40.99 -2.75 -3.87
N VAL F 217 41.34 -3.84 -4.54
CA VAL F 217 40.38 -4.91 -4.73
C VAL F 217 39.99 -5.54 -3.40
N ILE F 218 40.94 -5.81 -2.52
CA ILE F 218 40.58 -6.40 -1.24
C ILE F 218 39.84 -5.40 -0.38
N ASP F 219 39.88 -4.13 -0.74
CA ASP F 219 38.90 -3.21 -0.16
C ASP F 219 37.54 -3.39 -0.84
N ARG F 220 37.54 -3.73 -2.12
CA ARG F 220 36.32 -4.05 -2.86
C ARG F 220 35.48 -5.08 -2.15
N TRP F 221 36.00 -6.28 -2.00
CA TRP F 221 35.20 -7.37 -1.48
C TRP F 221 34.64 -7.12 -0.11
N LEU F 222 35.19 -6.19 0.65
CA LEU F 222 34.47 -5.72 1.82
C LEU F 222 33.37 -4.77 1.36
N GLY F 223 32.35 -4.60 2.18
CA GLY F 223 31.12 -4.05 1.69
C GLY F 223 30.29 -5.05 0.94
N GLU F 224 30.88 -6.07 0.39
CA GLU F 224 30.19 -7.21 -0.21
C GLU F 224 29.88 -8.25 0.86
N PRO F 225 28.66 -8.72 0.94
CA PRO F 225 28.27 -9.46 2.14
C PRO F 225 29.03 -10.76 2.20
N ILE F 226 30.32 -10.68 2.53
CA ILE F 226 31.14 -11.86 2.67
C ILE F 226 30.67 -12.62 3.90
N LYS F 227 30.25 -13.87 3.71
CA LYS F 227 29.75 -14.67 4.82
C LYS F 227 30.68 -15.79 5.23
N ALA F 228 31.71 -16.09 4.46
CA ALA F 228 32.68 -17.09 4.83
C ALA F 228 33.86 -17.05 3.88
N ALA F 229 35.06 -16.93 4.42
CA ALA F 229 36.27 -16.98 3.63
C ALA F 229 36.80 -18.39 3.62
N ILE F 230 37.10 -18.91 2.45
CA ILE F 230 37.45 -20.32 2.26
C ILE F 230 38.95 -20.41 2.07
N LEU F 231 39.65 -20.91 3.08
CA LEU F 231 41.10 -21.04 3.03
C LEU F 231 41.46 -22.45 2.66
N PRO F 232 42.09 -22.70 1.52
CA PRO F 232 42.61 -24.04 1.23
C PRO F 232 43.81 -24.35 2.10
N THR F 233 44.08 -25.65 2.31
CA THR F 233 45.31 -26.00 3.00
C THR F 233 46.52 -25.93 2.07
N SER F 234 46.33 -25.43 0.86
CA SER F 234 47.45 -25.25 -0.04
C SER F 234 48.16 -23.92 0.17
N ILE F 235 47.59 -23.01 0.95
CA ILE F 235 48.23 -21.71 1.14
C ILE F 235 48.95 -21.57 2.46
N PHE F 236 48.90 -22.60 3.31
CA PHE F 236 49.53 -22.52 4.62
C PHE F 236 51.00 -22.84 4.48
N LEU F 237 51.86 -21.89 4.85
CA LEU F 237 53.30 -22.13 4.84
C LEU F 237 53.68 -23.05 6.00
N THR F 238 54.94 -23.49 5.97
CA THR F 238 55.48 -24.34 7.01
C THR F 238 56.53 -23.59 7.81
N ASN F 239 56.41 -23.64 9.13
CA ASN F 239 57.36 -22.97 10.00
C ASN F 239 58.43 -23.97 10.45
N LYS F 240 59.51 -23.43 11.01
CA LYS F 240 60.67 -24.26 11.36
C LYS F 240 60.32 -25.38 12.32
N LYS F 241 59.36 -25.18 13.20
CA LYS F 241 58.90 -26.24 14.09
C LYS F 241 58.04 -27.26 13.36
N GLY F 242 57.69 -27.02 12.10
CA GLY F 242 56.91 -27.97 11.32
C GLY F 242 55.41 -27.76 11.33
N PHE F 243 54.94 -26.52 11.56
CA PHE F 243 53.51 -26.27 11.59
C PHE F 243 53.12 -25.11 10.68
N PRO F 244 51.85 -25.05 10.28
CA PRO F 244 51.44 -24.04 9.30
C PRO F 244 51.37 -22.65 9.91
N VAL F 245 51.77 -21.66 9.12
CA VAL F 245 51.60 -20.26 9.43
C VAL F 245 51.33 -19.52 8.13
N LEU F 246 50.82 -18.30 8.23
CA LEU F 246 50.44 -17.53 7.06
C LEU F 246 51.29 -16.28 6.97
N SER F 247 51.68 -15.93 5.76
CA SER F 247 52.55 -14.78 5.55
C SER F 247 51.91 -13.53 6.14
N LYS F 248 52.69 -12.45 6.18
CA LYS F 248 52.23 -11.24 6.85
C LYS F 248 50.99 -10.67 6.18
N MET F 249 50.98 -10.63 4.85
CA MET F 249 49.83 -10.08 4.15
C MET F 249 48.60 -10.97 4.24
N HIS F 250 48.77 -12.29 4.15
CA HIS F 250 47.64 -13.17 4.40
C HIS F 250 47.08 -12.95 5.78
N GLN F 251 47.94 -12.73 6.77
CA GLN F 251 47.46 -12.42 8.11
C GLN F 251 46.68 -11.12 8.11
N ARG F 252 47.15 -10.13 7.34
CA ARG F 252 46.41 -8.87 7.24
C ARG F 252 44.98 -9.10 6.72
N LEU F 253 44.88 -9.87 5.64
CA LEU F 253 43.56 -10.20 5.10
C LEU F 253 42.73 -10.95 6.12
N ILE F 254 43.33 -11.92 6.80
CA ILE F 254 42.58 -12.74 7.74
C ILE F 254 42.10 -11.90 8.91
N PHE F 255 42.87 -10.89 9.29
CA PHE F 255 42.41 -10.00 10.36
C PHE F 255 41.25 -9.14 9.90
N ARG F 256 41.31 -8.64 8.66
CA ARG F 256 40.17 -7.91 8.12
C ARG F 256 38.92 -8.78 8.19
N LEU F 257 39.01 -9.99 7.65
CA LEU F 257 37.85 -10.87 7.66
C LEU F 257 37.38 -11.17 9.07
N LEU F 258 38.31 -11.40 10.01
CA LEU F 258 37.93 -11.64 11.40
C LEU F 258 37.12 -10.47 11.94
N LYS F 259 37.57 -9.25 11.70
CA LYS F 259 36.71 -8.12 12.04
C LYS F 259 35.32 -8.32 11.46
N LEU F 260 35.24 -8.75 10.21
CA LEU F 260 33.95 -8.87 9.55
C LEU F 260 33.14 -10.06 10.05
N GLU F 261 33.57 -10.74 11.09
CA GLU F 261 32.89 -11.91 11.66
C GLU F 261 32.40 -12.87 10.58
N VAL F 262 33.34 -13.35 9.80
CA VAL F 262 33.10 -14.38 8.80
C VAL F 262 33.31 -15.75 9.42
N GLN F 263 32.85 -16.78 8.72
CA GLN F 263 33.06 -18.16 9.15
C GLN F 263 34.04 -18.86 8.22
N PHE F 264 35.26 -19.07 8.71
CA PHE F 264 36.35 -19.60 7.90
C PHE F 264 36.19 -21.09 7.68
N ILE F 265 36.56 -21.55 6.49
CA ILE F 265 36.39 -22.95 6.10
C ILE F 265 37.73 -23.46 5.63
N ILE F 266 38.12 -24.64 6.10
CA ILE F 266 39.38 -25.26 5.74
C ILE F 266 39.14 -26.33 4.69
N THR F 267 39.12 -25.93 3.43
CA THR F 267 38.92 -26.89 2.35
C THR F 267 40.27 -27.38 1.84
N GLY F 268 40.26 -28.59 1.30
CA GLY F 268 41.47 -29.21 0.83
C GLY F 268 41.91 -30.37 1.70
N THR F 269 42.98 -31.03 1.26
CA THR F 269 43.52 -32.15 2.00
C THR F 269 44.59 -31.65 2.98
N ASN F 270 44.97 -32.53 3.90
CA ASN F 270 46.07 -32.22 4.80
C ASN F 270 47.39 -32.27 4.04
N HIS F 271 48.10 -31.14 4.04
CA HIS F 271 49.39 -31.05 3.38
C HIS F 271 50.54 -31.15 4.37
N HIS F 272 50.25 -31.07 5.67
CA HIS F 272 51.22 -31.29 6.73
C HIS F 272 50.98 -32.70 7.26
N SER F 273 51.61 -33.69 6.61
CA SER F 273 51.42 -35.07 7.02
C SER F 273 52.13 -35.38 8.33
N GLU F 274 53.16 -34.60 8.69
CA GLU F 274 53.81 -34.82 9.98
C GLU F 274 52.86 -34.66 11.14
N LYS F 275 52.00 -33.65 11.11
CA LYS F 275 51.07 -33.38 12.19
C LYS F 275 49.64 -33.63 11.75
N GLU F 276 48.80 -33.98 12.73
CA GLU F 276 47.38 -34.17 12.48
C GLU F 276 46.76 -32.90 11.93
N PHE F 277 45.52 -32.99 11.48
CA PHE F 277 44.93 -31.92 10.68
C PHE F 277 44.47 -30.73 11.52
N CYS F 278 44.26 -30.91 12.82
CA CYS F 278 43.67 -29.81 13.58
C CYS F 278 44.57 -28.59 13.64
N SER F 279 45.84 -28.73 13.29
CA SER F 279 46.77 -27.62 13.47
C SER F 279 46.31 -26.39 12.71
N TYR F 280 45.64 -26.57 11.58
CA TYR F 280 45.16 -25.41 10.83
C TYR F 280 44.18 -24.60 11.65
N LEU F 281 43.15 -25.25 12.17
CA LEU F 281 42.17 -24.51 12.96
C LEU F 281 42.79 -23.96 14.22
N GLN F 282 43.77 -24.66 14.78
CA GLN F 282 44.51 -24.11 15.89
C GLN F 282 45.19 -22.80 15.49
N TYR F 283 45.71 -22.74 14.28
CA TYR F 283 46.35 -21.52 13.81
C TYR F 283 45.35 -20.39 13.64
N LEU F 284 44.17 -20.68 13.09
CA LEU F 284 43.15 -19.63 12.98
C LEU F 284 42.78 -19.09 14.34
N GLU F 285 42.58 -19.98 15.31
CA GLU F 285 42.29 -19.51 16.66
C GLU F 285 43.43 -18.67 17.22
N TYR F 286 44.67 -19.10 16.98
CA TYR F 286 45.82 -18.34 17.44
C TYR F 286 45.76 -16.91 16.91
N LEU F 287 45.55 -16.78 15.60
CA LEU F 287 45.51 -15.45 15.00
C LEU F 287 44.35 -14.63 15.55
N SER F 288 43.19 -15.24 15.70
CA SER F 288 42.04 -14.51 16.23
C SER F 288 42.34 -13.99 17.62
N GLN F 289 43.01 -14.79 18.44
CA GLN F 289 43.43 -14.33 19.76
C GLN F 289 44.40 -13.16 19.66
N ASN F 290 45.32 -13.20 18.71
CA ASN F 290 46.37 -12.19 18.64
C ASN F 290 45.98 -10.94 17.86
N ARG F 291 44.80 -10.92 17.26
CA ARG F 291 44.42 -9.78 16.43
C ARG F 291 44.43 -8.50 17.26
N PRO F 292 44.80 -7.37 16.66
CA PRO F 292 44.91 -6.13 17.43
C PRO F 292 43.61 -5.82 18.15
N PRO F 293 43.68 -5.44 19.42
CA PRO F 293 42.48 -5.30 20.24
C PRO F 293 41.55 -4.25 19.67
N PRO F 294 40.24 -4.46 19.77
CA PRO F 294 39.28 -3.42 19.39
C PRO F 294 39.44 -2.21 20.30
N ASN F 295 39.19 -1.02 19.75
CA ASN F 295 39.42 0.18 20.53
C ASN F 295 38.23 0.49 21.43
N ALA F 296 38.35 1.62 22.14
CA ALA F 296 37.28 2.04 23.05
C ALA F 296 35.99 2.26 22.29
N TYR F 297 36.04 2.94 21.15
CA TYR F 297 34.84 3.14 20.36
C TYR F 297 34.22 1.82 19.96
N GLU F 298 34.97 1.00 19.23
CA GLU F 298 34.41 -0.25 18.74
C GLU F 298 33.83 -1.10 19.86
N LEU F 299 34.41 -1.04 21.06
CA LEU F 299 33.82 -1.79 22.16
C LEU F 299 32.39 -1.34 22.43
N PHE F 300 32.15 -0.03 22.51
CA PHE F 300 30.79 0.44 22.70
C PHE F 300 29.92 0.09 21.51
N ALA F 301 30.44 0.26 20.31
CA ALA F 301 29.60 0.16 19.12
C ALA F 301 29.22 -1.29 18.81
N LYS F 302 29.91 -2.27 19.37
CA LYS F 302 29.59 -3.65 19.08
C LYS F 302 28.14 -3.95 19.39
N GLY F 303 27.47 -4.71 18.52
CA GLY F 303 26.05 -4.98 18.63
C GLY F 303 25.18 -4.01 17.87
N TYR F 304 25.80 -3.22 17.00
CA TYR F 304 25.28 -2.02 16.36
C TYR F 304 25.73 -1.92 14.91
N GLU F 305 26.42 -2.93 14.40
CA GLU F 305 27.06 -2.82 13.11
C GLU F 305 26.03 -2.92 12.00
N ASP F 306 26.01 -1.90 11.13
CA ASP F 306 25.15 -1.91 9.95
C ASP F 306 23.67 -2.00 10.33
N TYR F 307 23.32 -1.46 11.49
CA TYR F 307 21.95 -1.46 11.98
C TYR F 307 21.39 -0.05 11.85
N LEU F 308 20.48 0.16 10.89
CA LEU F 308 19.96 1.48 10.59
C LEU F 308 18.98 1.94 11.64
N GLN F 309 19.13 3.18 12.07
CA GLN F 309 18.29 3.77 13.11
C GLN F 309 17.73 5.07 12.59
N SER F 310 16.42 5.23 12.65
CA SER F 310 15.82 6.47 12.20
C SER F 310 16.24 7.62 13.12
N PRO F 311 16.72 8.73 12.57
CA PRO F 311 17.29 9.77 13.42
C PRO F 311 16.25 10.31 14.37
N LEU F 312 16.65 11.27 15.20
CA LEU F 312 15.76 11.89 16.17
C LEU F 312 15.03 13.09 15.59
N GLN F 313 13.82 13.32 16.10
CA GLN F 313 13.19 14.61 15.93
C GLN F 313 13.65 15.50 17.07
N PRO F 314 14.42 16.55 16.81
CA PRO F 314 14.96 17.34 17.92
C PRO F 314 13.91 18.14 18.67
N LEU F 315 13.01 18.81 17.95
CA LEU F 315 12.07 19.75 18.59
C LEU F 315 10.67 19.18 18.75
N MET F 316 10.33 18.11 18.04
CA MET F 316 8.99 17.55 18.18
C MET F 316 8.89 16.49 19.26
N ASP F 317 9.97 15.78 19.60
CA ASP F 317 9.90 14.76 20.63
C ASP F 317 10.72 15.16 21.85
N ASN F 318 10.34 14.55 22.97
CA ASN F 318 11.04 14.71 24.22
C ASN F 318 11.94 13.49 24.44
N LEU F 319 13.21 13.73 24.66
CA LEU F 319 14.11 12.60 24.85
C LEU F 319 13.81 11.91 26.16
N GLU F 320 13.69 10.59 26.09
CA GLU F 320 13.37 9.76 27.24
C GLU F 320 14.63 9.47 28.05
N SER F 321 14.44 9.11 29.32
CA SER F 321 15.53 9.16 30.28
C SER F 321 16.60 8.12 29.98
N GLN F 322 16.23 6.97 29.42
CA GLN F 322 17.27 6.05 28.98
C GLN F 322 18.27 6.71 28.06
N THR F 323 17.79 7.50 27.10
CA THR F 323 18.70 8.13 26.15
C THR F 323 19.67 9.07 26.84
N TYR F 324 19.15 9.98 27.66
CA TYR F 324 20.06 10.86 28.37
C TYR F 324 21.07 10.05 29.16
N GLU F 325 20.60 9.05 29.91
CA GLU F 325 21.52 8.28 30.74
C GLU F 325 22.63 7.68 29.90
N VAL F 326 22.26 7.01 28.80
CA VAL F 326 23.26 6.29 28.02
C VAL F 326 24.22 7.25 27.35
N PHE F 327 23.74 8.44 26.99
CA PHE F 327 24.67 9.40 26.39
C PHE F 327 25.36 10.26 27.42
N GLU F 328 25.15 9.98 28.70
CA GLU F 328 25.91 10.69 29.72
C GLU F 328 27.13 9.90 30.17
N LYS F 329 27.37 8.75 29.57
CA LYS F 329 28.57 7.95 29.81
C LYS F 329 29.66 8.21 28.79
N ASP F 330 29.44 9.13 27.86
CA ASP F 330 30.46 9.48 26.89
C ASP F 330 31.71 9.98 27.61
N PRO F 331 32.89 9.47 27.29
CA PRO F 331 34.09 9.84 28.04
C PRO F 331 34.80 11.09 27.54
N ILE F 332 34.42 11.64 26.39
CA ILE F 332 35.21 12.73 25.81
C ILE F 332 34.43 14.02 25.65
N LYS F 333 33.17 13.95 25.24
CA LYS F 333 32.43 15.17 24.96
C LYS F 333 32.38 16.09 26.17
N TYR F 334 32.16 15.54 27.35
CA TYR F 334 32.01 16.38 28.53
C TYR F 334 33.35 16.91 29.02
N SER F 335 34.41 16.11 28.90
CA SER F 335 35.74 16.63 29.15
C SER F 335 36.06 17.79 28.22
N GLN F 336 35.75 17.63 26.93
CA GLN F 336 36.01 18.70 25.99
C GLN F 336 35.21 19.94 26.34
N TYR F 337 33.95 19.78 26.72
CA TYR F 337 33.13 20.94 27.06
C TYR F 337 33.68 21.65 28.28
N GLN F 338 34.09 20.91 29.29
CA GLN F 338 34.68 21.51 30.48
C GLN F 338 35.95 22.27 30.12
N GLN F 339 36.80 21.67 29.28
CA GLN F 339 38.03 22.34 28.90
C GLN F 339 37.76 23.61 28.11
N ALA F 340 36.81 23.55 27.19
CA ALA F 340 36.47 24.72 26.40
C ALA F 340 35.95 25.84 27.29
N ILE F 341 35.06 25.52 28.22
CA ILE F 341 34.54 26.56 29.09
C ILE F 341 35.65 27.13 29.97
N TYR F 342 36.52 26.27 30.47
CA TYR F 342 37.66 26.73 31.25
C TYR F 342 38.47 27.76 30.46
N LYS F 343 38.82 27.41 29.23
CA LYS F 343 39.65 28.30 28.43
C LYS F 343 38.94 29.60 28.12
N CYS F 344 37.65 29.53 27.78
CA CYS F 344 36.91 30.75 27.46
C CYS F 344 36.78 31.66 28.67
N LEU F 345 36.55 31.07 29.83
CA LEU F 345 36.44 31.88 31.05
C LEU F 345 37.75 32.58 31.34
N LEU F 346 38.86 31.85 31.27
CA LEU F 346 40.16 32.49 31.46
C LEU F 346 40.34 33.63 30.47
N ASP F 347 40.02 33.36 29.20
CA ASP F 347 40.20 34.36 28.16
C ASP F 347 39.39 35.61 28.45
N ARG F 348 38.12 35.44 28.84
CA ARG F 348 37.22 36.58 29.02
C ARG F 348 37.51 37.37 30.28
N VAL F 349 38.00 36.73 31.33
CA VAL F 349 38.33 37.47 32.56
C VAL F 349 39.79 37.25 32.92
N PRO F 350 40.58 38.32 33.02
CA PRO F 350 41.98 38.15 33.40
C PRO F 350 42.10 37.69 34.84
N GLU F 351 43.35 37.55 35.29
CA GLU F 351 43.58 37.14 36.67
C GLU F 351 43.05 38.17 37.66
N GLU F 352 43.35 39.45 37.44
CA GLU F 352 43.12 40.44 38.48
C GLU F 352 41.63 40.65 38.77
N GLU F 353 40.77 40.60 37.76
CA GLU F 353 39.34 40.75 37.97
C GLU F 353 38.67 39.45 38.38
N LYS F 354 39.46 38.41 38.69
CA LYS F 354 38.89 37.10 39.00
C LYS F 354 37.88 37.16 40.13
N ASP F 355 37.74 38.30 40.80
CA ASP F 355 36.81 38.42 41.92
C ASP F 355 35.74 39.49 41.71
N THR F 356 35.91 40.40 40.74
CA THR F 356 34.92 41.45 40.52
C THR F 356 34.04 41.19 39.32
N ASN F 357 34.56 40.51 38.30
CA ASN F 357 33.84 40.26 37.05
C ASN F 357 33.13 38.92 37.18
N VAL F 358 31.81 38.94 37.11
CA VAL F 358 30.99 37.75 37.22
C VAL F 358 30.43 37.40 35.86
N GLN F 359 30.76 36.21 35.37
CA GLN F 359 30.39 35.79 34.02
C GLN F 359 29.12 34.95 34.07
N VAL F 360 28.17 35.27 33.20
CA VAL F 360 26.89 34.59 33.17
C VAL F 360 26.85 33.70 31.93
N LEU F 361 26.82 32.39 32.14
CA LEU F 361 26.63 31.44 31.05
C LEU F 361 25.15 31.30 30.83
N MET F 362 24.77 30.59 29.78
CA MET F 362 23.41 30.10 29.63
C MET F 362 23.46 28.82 28.82
N VAL F 363 23.58 27.68 29.49
CA VAL F 363 23.58 26.41 28.79
C VAL F 363 22.23 26.25 28.12
N LEU F 364 22.22 26.14 26.80
CA LEU F 364 20.98 26.01 26.03
C LEU F 364 20.79 24.53 25.74
N GLY F 365 19.67 23.98 26.19
CA GLY F 365 19.49 22.55 26.08
C GLY F 365 20.19 21.81 27.20
N ALA F 366 19.82 22.09 28.45
CA ALA F 366 20.57 21.57 29.57
C ALA F 366 20.39 20.09 29.80
N GLY F 367 19.39 19.46 29.21
CA GLY F 367 19.21 18.03 29.43
C GLY F 367 19.01 17.71 30.90
N ARG F 368 19.64 16.64 31.37
CA ARG F 368 19.51 16.22 32.76
C ARG F 368 20.55 16.87 33.67
N GLY F 369 21.42 17.72 33.13
CA GLY F 369 22.33 18.47 33.96
C GLY F 369 23.81 18.35 33.66
N PRO F 370 24.22 17.52 32.69
CA PRO F 370 25.66 17.26 32.57
C PRO F 370 26.45 18.47 32.14
N LEU F 371 25.96 19.24 31.17
CA LEU F 371 26.67 20.46 30.79
C LEU F 371 26.77 21.44 31.94
N VAL F 372 25.74 21.55 32.77
CA VAL F 372 25.77 22.52 33.85
C VAL F 372 26.75 22.08 34.94
N ASN F 373 26.77 20.79 35.25
CA ASN F 373 27.80 20.31 36.16
C ASN F 373 29.19 20.58 35.62
N ALA F 374 29.40 20.30 34.33
CA ALA F 374 30.71 20.56 33.73
C ALA F 374 31.04 22.05 33.74
N SER F 375 30.05 22.91 33.52
CA SER F 375 30.27 24.33 33.57
C SER F 375 30.71 24.78 34.96
N LEU F 376 30.07 24.26 36.00
CA LEU F 376 30.48 24.61 37.36
C LEU F 376 31.89 24.07 37.64
N ARG F 377 32.17 22.85 37.19
CA ARG F 377 33.53 22.33 37.35
C ARG F 377 34.55 23.24 36.68
N ALA F 378 34.26 23.71 35.47
CA ALA F 378 35.20 24.58 34.77
C ALA F 378 35.33 25.93 35.43
N ALA F 379 34.24 26.49 35.96
CA ALA F 379 34.35 27.74 36.68
C ALA F 379 35.26 27.59 37.89
N LYS F 380 35.12 26.49 38.63
CA LYS F 380 36.07 26.26 39.72
C LYS F 380 37.49 26.09 39.21
N GLN F 381 37.68 25.34 38.12
CA GLN F 381 39.02 25.19 37.56
C GLN F 381 39.66 26.55 37.28
N ALA F 382 38.95 27.40 36.57
CA ALA F 382 39.48 28.69 36.12
C ALA F 382 39.26 29.79 37.14
N ASP F 383 38.83 29.46 38.36
CA ASP F 383 38.76 30.43 39.45
C ASP F 383 38.05 31.70 39.01
N ARG F 384 36.88 31.51 38.42
CA ARG F 384 36.07 32.63 37.97
C ARG F 384 34.64 32.43 38.44
N ARG F 385 33.98 33.53 38.76
CA ARG F 385 32.63 33.51 39.29
C ARG F 385 31.63 33.57 38.15
N ILE F 386 30.68 32.62 38.14
CA ILE F 386 29.71 32.52 37.07
C ILE F 386 28.30 32.44 37.65
N LYS F 387 27.34 32.79 36.81
CA LYS F 387 25.92 32.69 37.11
C LYS F 387 25.24 31.94 35.97
N LEU F 388 25.03 30.64 36.15
CA LEU F 388 24.47 29.82 35.09
C LEU F 388 22.96 29.99 35.02
N TYR F 389 22.43 29.91 33.81
CA TYR F 389 21.06 29.53 33.56
C TYR F 389 21.05 28.10 33.09
N ALA F 390 19.89 27.60 32.70
CA ALA F 390 19.80 26.33 31.98
C ALA F 390 18.46 26.31 31.28
N VAL F 391 18.43 26.62 30.01
CA VAL F 391 17.21 26.52 29.23
C VAL F 391 17.04 25.07 28.85
N GLU F 392 15.89 24.49 29.18
CA GLU F 392 15.64 23.10 28.85
C GLU F 392 14.21 22.90 28.41
N LYS F 393 14.01 22.70 27.11
CA LYS F 393 12.66 22.60 26.57
C LYS F 393 11.89 21.44 27.18
N ASN F 394 12.50 20.29 27.28
CA ASN F 394 11.79 19.10 27.70
C ASN F 394 11.30 19.28 29.13
N PRO F 395 10.01 19.50 29.35
CA PRO F 395 9.55 19.77 30.72
C PRO F 395 9.88 18.65 31.69
N ASN F 396 9.86 17.40 31.25
CA ASN F 396 10.34 16.35 32.13
C ASN F 396 11.72 16.71 32.66
N ALA F 397 12.70 16.86 31.78
CA ALA F 397 14.04 17.17 32.25
C ALA F 397 14.09 18.49 32.98
N VAL F 398 13.09 19.34 32.81
CA VAL F 398 13.00 20.50 33.69
C VAL F 398 12.77 19.98 35.10
N VAL F 399 12.08 18.85 35.22
CA VAL F 399 11.89 18.25 36.55
C VAL F 399 13.23 17.89 37.18
N THR F 400 14.08 17.20 36.42
CA THR F 400 15.37 16.79 36.95
C THR F 400 16.25 18.01 37.26
N LEU F 401 16.18 19.03 36.41
CA LEU F 401 16.96 20.23 36.68
C LEU F 401 16.48 20.91 37.95
N GLU F 402 15.16 21.02 38.13
CA GLU F 402 14.66 21.57 39.39
C GLU F 402 15.18 20.79 40.58
N ASN F 403 15.20 19.47 40.50
CA ASN F 403 15.71 18.66 41.61
C ASN F 403 17.17 18.99 41.91
N TRP F 404 18.01 19.01 40.88
CA TRP F 404 19.39 19.44 41.10
C TRP F 404 19.44 20.83 41.72
N GLN F 405 18.68 21.76 41.18
CA GLN F 405 18.83 23.15 41.58
C GLN F 405 18.45 23.35 43.03
N PHE F 406 17.41 22.64 43.47
CA PHE F 406 17.06 22.69 44.88
C PHE F 406 18.08 21.98 45.75
N GLU F 407 18.47 20.77 45.37
CA GLU F 407 19.33 20.01 46.25
C GLU F 407 20.74 20.57 46.33
N GLU F 408 21.45 20.60 45.20
CA GLU F 408 22.90 20.76 45.20
C GLU F 408 23.34 22.12 44.66
N TRP F 409 22.88 22.47 43.46
CA TRP F 409 23.41 23.65 42.78
C TRP F 409 23.15 24.91 43.59
N GLY F 410 21.96 25.05 44.14
CA GLY F 410 21.68 26.25 44.91
C GLY F 410 21.35 27.43 44.02
N SER F 411 21.32 28.61 44.65
CA SER F 411 20.95 29.82 43.93
C SER F 411 21.93 30.16 42.82
N GLN F 412 23.13 29.57 42.84
CA GLN F 412 24.08 29.79 41.76
C GLN F 412 23.43 29.52 40.41
N VAL F 413 22.61 28.48 40.31
CA VAL F 413 22.01 28.05 39.07
C VAL F 413 20.58 28.54 39.02
N THR F 414 20.20 29.13 37.90
CA THR F 414 18.78 29.33 37.59
C THR F 414 18.36 28.16 36.71
N VAL F 415 17.07 27.95 36.57
CA VAL F 415 16.54 26.98 35.62
C VAL F 415 15.35 27.63 34.91
N VAL F 416 15.37 27.62 33.59
CA VAL F 416 14.29 28.15 32.78
C VAL F 416 13.63 26.98 32.07
N SER F 417 12.32 27.04 31.92
CA SER F 417 11.57 25.95 31.29
C SER F 417 10.86 26.52 30.07
N SER F 418 11.58 26.57 28.95
CA SER F 418 11.03 27.17 27.75
C SER F 418 12.03 27.02 26.62
N ASP F 419 11.54 27.22 25.40
CA ASP F 419 12.37 27.20 24.22
C ASP F 419 13.39 28.33 24.25
N MET F 420 14.64 27.98 23.94
CA MET F 420 15.65 29.01 23.75
C MET F 420 15.18 30.08 22.78
N ARG F 421 14.52 29.68 21.69
CA ARG F 421 14.03 30.62 20.70
C ARG F 421 12.96 31.55 21.24
N GLU F 422 12.22 31.14 22.26
CA GLU F 422 11.11 31.93 22.78
C GLU F 422 11.36 32.57 24.13
N TRP F 423 12.24 32.02 24.94
CA TRP F 423 12.45 32.57 26.27
C TRP F 423 12.88 34.03 26.18
N VAL F 424 12.45 34.83 27.14
CA VAL F 424 12.83 36.24 27.27
C VAL F 424 13.81 36.32 28.43
N ALA F 425 15.06 36.63 28.14
CA ALA F 425 16.10 36.49 29.15
C ALA F 425 16.12 37.69 30.09
N PRO F 426 16.34 37.49 31.38
CA PRO F 426 16.46 38.60 32.31
C PRO F 426 17.62 39.54 32.00
N GLU F 427 18.82 38.97 31.89
CA GLU F 427 20.03 39.72 31.58
C GLU F 427 20.79 39.02 30.47
N LYS F 428 21.51 39.79 29.67
CA LYS F 428 22.19 39.21 28.53
C LYS F 428 23.28 38.25 28.99
N ALA F 429 23.80 37.48 28.03
CA ALA F 429 24.71 36.40 28.31
C ALA F 429 26.10 36.67 27.72
N ASP F 430 27.11 36.10 28.36
CA ASP F 430 28.46 36.24 27.85
C ASP F 430 28.88 35.01 27.06
N ILE F 431 28.82 33.84 27.69
CA ILE F 431 29.09 32.57 27.05
C ILE F 431 27.77 31.84 26.96
N ILE F 432 27.62 30.94 26.00
CA ILE F 432 26.46 30.06 25.97
C ILE F 432 26.88 28.67 25.54
N VAL F 433 27.12 27.81 26.51
CA VAL F 433 27.46 26.41 26.27
C VAL F 433 26.24 25.71 25.71
N SER F 434 26.25 25.40 24.42
CA SER F 434 25.11 24.69 23.86
C SER F 434 25.60 23.43 23.15
N GLU F 435 24.85 22.35 23.30
CA GLU F 435 25.18 21.10 22.62
C GLU F 435 23.95 20.60 21.89
N LEU F 436 23.74 21.10 20.69
CA LEU F 436 22.63 20.68 19.83
C LEU F 436 23.16 20.17 18.50
N LEU F 437 24.30 19.51 18.52
CA LEU F 437 24.90 18.95 17.32
C LEU F 437 24.32 17.56 17.07
N GLY F 438 24.00 17.27 15.82
CA GLY F 438 23.45 15.98 15.45
C GLY F 438 24.50 15.08 14.85
N SER F 439 24.03 13.93 14.37
CA SER F 439 24.92 13.01 13.69
C SER F 439 25.68 13.67 12.56
N PHE F 440 25.05 14.61 11.87
CA PHE F 440 25.56 15.26 10.67
C PHE F 440 25.86 16.73 10.93
N ALA F 441 25.84 17.13 12.19
CA ALA F 441 26.39 18.40 12.63
C ALA F 441 25.55 19.62 12.29
N ASP F 442 24.55 19.50 11.45
CA ASP F 442 23.57 20.57 11.32
C ASP F 442 22.18 20.07 11.02
N ASN F 443 21.96 18.76 11.02
CA ASN F 443 20.64 18.22 10.79
C ASN F 443 19.88 18.00 12.07
N GLU F 444 20.12 18.79 13.11
CA GLU F 444 19.24 18.82 14.26
C GLU F 444 18.96 20.23 14.73
N LEU F 445 18.82 21.17 13.81
CA LEU F 445 18.36 22.49 14.16
C LEU F 445 19.19 23.08 15.29
N SER F 446 20.50 22.87 15.22
CA SER F 446 21.39 23.73 15.98
C SER F 446 21.52 25.10 15.35
N PRO F 447 21.67 25.24 14.04
CA PRO F 447 21.77 26.60 13.47
C PRO F 447 20.55 27.42 13.77
N GLU F 448 19.36 26.87 13.53
CA GLU F 448 18.12 27.60 13.74
C GLU F 448 17.93 27.98 15.20
N CYS F 449 18.16 27.02 16.10
CA CYS F 449 17.94 27.24 17.52
C CYS F 449 18.92 28.27 18.07
N LEU F 450 20.18 28.20 17.69
CA LEU F 450 21.11 29.19 18.21
C LEU F 450 20.92 30.54 17.51
N ASP F 451 20.47 30.54 16.27
CA ASP F 451 20.22 31.79 15.58
C ASP F 451 19.06 32.52 16.23
N GLY F 452 18.12 31.77 16.78
CA GLY F 452 17.08 32.36 17.59
C GLY F 452 17.49 32.68 19.00
N ALA F 453 18.65 32.20 19.44
CA ALA F 453 19.14 32.46 20.78
C ALA F 453 20.15 33.58 20.85
N GLN F 454 20.70 34.00 19.73
CA GLN F 454 21.71 35.05 19.74
C GLN F 454 21.14 36.44 19.99
N HIS F 455 19.82 36.62 20.03
CA HIS F 455 19.32 37.96 20.32
C HIS F 455 19.59 38.35 21.77
N PHE F 456 20.00 37.41 22.62
CA PHE F 456 20.36 37.70 23.99
C PHE F 456 21.81 37.37 24.29
N LEU F 457 22.66 37.36 23.28
CA LEU F 457 24.10 37.19 23.45
C LEU F 457 24.78 38.52 23.19
N LYS F 458 25.60 38.96 24.14
CA LYS F 458 26.12 40.32 24.05
C LYS F 458 26.92 40.50 22.76
N ASP F 459 27.30 41.75 22.50
CA ASP F 459 27.95 42.06 21.24
C ASP F 459 29.33 41.42 21.12
N ASP F 460 29.84 40.86 22.22
CA ASP F 460 31.09 40.10 22.19
C ASP F 460 30.96 38.78 22.93
N GLY F 461 29.83 38.12 22.82
CA GLY F 461 29.64 36.85 23.48
C GLY F 461 30.40 35.75 22.76
N VAL F 462 30.50 34.61 23.40
CA VAL F 462 31.17 33.45 22.85
C VAL F 462 30.19 32.29 22.83
N SER F 463 30.05 31.64 21.68
CA SER F 463 29.11 30.52 21.56
C SER F 463 29.88 29.22 21.35
N ILE F 464 29.62 28.25 22.21
CA ILE F 464 30.30 26.96 22.20
C ILE F 464 29.31 25.87 21.78
N PRO F 465 29.45 25.25 20.60
CA PRO F 465 30.58 25.39 19.70
C PRO F 465 30.57 26.72 19.03
N GLY F 466 31.70 27.15 18.50
CA GLY F 466 31.77 28.36 17.72
C GLY F 466 31.58 28.04 16.27
N GLU F 467 31.80 26.78 15.92
CA GLU F 467 31.61 26.32 14.56
C GLU F 467 31.46 24.80 14.59
N TYR F 468 31.00 24.28 13.46
CA TYR F 468 30.84 22.85 13.27
C TYR F 468 30.65 22.62 11.79
N THR F 469 31.21 21.52 11.30
CA THR F 469 31.22 21.26 9.87
C THR F 469 30.65 19.88 9.65
N SER F 470 30.21 19.62 8.43
CA SER F 470 29.71 18.32 8.06
C SER F 470 30.56 17.76 6.92
N PHE F 471 30.54 16.45 6.75
CA PHE F 471 31.45 15.80 5.83
C PHE F 471 30.73 14.67 5.11
N LEU F 472 30.97 14.55 3.81
CA LEU F 472 30.40 13.48 3.00
C LEU F 472 31.51 12.59 2.46
N ALA F 473 31.21 11.29 2.39
CA ALA F 473 32.11 10.36 1.79
C ALA F 473 31.27 9.30 1.10
N PRO F 474 31.39 9.16 -0.22
CA PRO F 474 30.50 8.25 -0.93
C PRO F 474 30.87 6.80 -0.67
N ILE F 475 29.94 6.06 -0.08
CA ILE F 475 30.21 4.68 0.29
C ILE F 475 29.51 3.76 -0.69
N SER F 476 30.10 2.59 -0.88
CA SER F 476 29.46 1.47 -1.54
C SER F 476 29.12 0.43 -0.48
N SER F 477 27.91 -0.12 -0.54
CA SER F 477 27.58 -1.15 0.43
C SER F 477 26.38 -1.99 0.06
N SER F 478 26.59 -3.26 -0.27
CA SER F 478 25.47 -4.16 -0.50
C SER F 478 24.66 -4.39 0.76
N LYS F 479 25.32 -4.60 1.90
CA LYS F 479 24.59 -4.86 3.14
C LYS F 479 23.71 -3.69 3.50
N LEU F 480 24.26 -2.47 3.43
CA LEU F 480 23.50 -1.31 3.85
C LEU F 480 22.46 -0.90 2.81
N TYR F 481 22.75 -1.08 1.52
CA TYR F 481 21.70 -0.83 0.53
C TYR F 481 20.54 -1.77 0.75
N ASN F 482 20.81 -3.05 0.91
CA ASN F 482 19.70 -3.97 1.12
C ASN F 482 19.03 -3.71 2.46
N GLU F 483 19.75 -3.12 3.42
CA GLU F 483 19.13 -2.71 4.67
C GLU F 483 18.10 -1.62 4.44
N VAL F 484 18.50 -0.55 3.75
CA VAL F 484 17.55 0.50 3.42
C VAL F 484 16.39 -0.06 2.62
N ARG F 485 16.70 -0.97 1.72
CA ARG F 485 15.70 -1.58 0.85
C ARG F 485 14.69 -2.37 1.66
N ALA F 486 15.12 -3.01 2.74
CA ALA F 486 14.20 -3.71 3.63
C ALA F 486 13.67 -2.83 4.74
N CYS F 487 13.82 -1.52 4.62
CA CYS F 487 13.25 -0.56 5.56
C CYS F 487 11.90 -0.04 5.12
N ARG F 488 11.22 -0.76 4.25
CA ARG F 488 9.91 -0.35 3.76
C ARG F 488 8.88 -0.46 4.87
N GLU F 489 7.87 0.40 4.82
CA GLU F 489 6.72 0.29 5.69
C GLU F 489 5.45 0.38 4.87
N LYS F 490 4.41 -0.28 5.36
CA LYS F 490 3.08 -0.06 4.83
C LYS F 490 2.66 1.38 5.10
N ASP F 491 1.75 1.88 4.27
CA ASP F 491 1.14 3.19 4.49
C ASP F 491 2.06 4.36 4.14
N ARG F 492 2.95 4.20 3.17
CA ARG F 492 3.73 5.35 2.73
C ARG F 492 4.33 5.06 1.36
N ASP F 493 4.94 6.09 0.80
CA ASP F 493 5.63 6.07 -0.48
C ASP F 493 6.44 4.79 -0.65
N PRO F 494 6.18 3.99 -1.68
CA PRO F 494 6.95 2.75 -1.85
C PRO F 494 8.43 2.97 -2.06
N GLU F 495 8.87 4.22 -2.17
CA GLU F 495 10.26 4.54 -2.42
C GLU F 495 10.71 5.73 -1.58
N ALA F 496 10.20 5.86 -0.35
CA ALA F 496 10.68 6.90 0.55
C ALA F 496 11.66 6.36 1.57
N GLN F 497 11.81 5.04 1.67
CA GLN F 497 12.87 4.54 2.51
C GLN F 497 14.24 4.89 1.97
N PHE F 498 14.31 5.34 0.71
CA PHE F 498 15.56 5.75 0.08
C PHE F 498 15.76 7.25 0.11
N GLU F 499 14.95 8.00 0.83
CA GLU F 499 15.05 9.44 0.81
C GLU F 499 15.27 10.05 2.17
N MET F 500 15.60 9.26 3.19
CA MET F 500 15.77 9.82 4.51
C MET F 500 17.09 9.38 5.10
N PRO F 501 17.76 10.23 5.86
CA PRO F 501 19.00 9.82 6.53
C PRO F 501 18.77 8.81 7.64
N TYR F 502 19.68 7.85 7.72
CA TYR F 502 19.66 6.83 8.74
C TYR F 502 20.92 6.97 9.59
N VAL F 503 20.75 7.04 10.91
CA VAL F 503 21.88 7.01 11.81
C VAL F 503 22.33 5.57 11.96
N VAL F 504 23.59 5.29 11.66
CA VAL F 504 24.05 3.91 11.63
C VAL F 504 25.54 3.86 11.88
N ARG F 505 25.99 2.81 12.58
CA ARG F 505 27.42 2.55 12.70
C ARG F 505 27.88 1.84 11.44
N LEU F 506 28.21 2.62 10.40
CA LEU F 506 28.64 2.05 9.14
C LEU F 506 29.81 1.12 9.35
N HIS F 507 29.60 -0.16 9.08
CA HIS F 507 30.65 -1.14 9.33
C HIS F 507 31.07 -1.87 8.07
N ASN F 508 30.12 -2.49 7.37
CA ASN F 508 30.42 -3.38 6.25
C ASN F 508 30.20 -2.61 4.95
N PHE F 509 31.25 -1.95 4.49
CA PHE F 509 31.11 -1.03 3.36
C PHE F 509 32.48 -0.79 2.75
N HIS F 510 32.53 0.19 1.84
CA HIS F 510 33.77 0.57 1.16
C HIS F 510 33.73 2.05 0.84
N GLN F 511 34.27 2.88 1.71
CA GLN F 511 34.34 4.30 1.41
C GLN F 511 35.13 4.47 0.12
N LEU F 512 34.49 5.02 -0.90
CA LEU F 512 35.11 5.15 -2.21
C LEU F 512 36.05 6.33 -2.32
N SER F 513 36.10 7.21 -1.32
CA SER F 513 36.94 8.37 -1.47
C SER F 513 37.02 9.11 -0.15
N ALA F 514 37.65 10.27 -0.18
CA ALA F 514 37.90 10.99 1.04
C ALA F 514 36.74 11.94 1.35
N PRO F 515 36.34 12.05 2.61
CA PRO F 515 35.27 12.98 2.95
C PRO F 515 35.68 14.40 2.63
N GLN F 516 34.72 15.19 2.15
CA GLN F 516 34.95 16.58 1.84
C GLN F 516 33.93 17.46 2.54
N PRO F 517 34.30 18.67 2.91
CA PRO F 517 33.40 19.49 3.71
C PRO F 517 32.14 19.85 2.95
N CYS F 518 31.01 19.65 3.60
CA CYS F 518 29.70 19.78 2.96
C CYS F 518 29.03 21.08 3.39
N PHE F 519 28.83 21.31 4.68
CA PHE F 519 28.14 22.49 5.14
C PHE F 519 28.80 23.04 6.40
N THR F 520 29.37 24.22 6.29
CA THR F 520 30.10 24.85 7.38
C THR F 520 29.24 25.86 8.09
N PHE F 521 29.01 25.62 9.38
CA PHE F 521 28.26 26.56 10.20
C PHE F 521 29.17 27.15 11.26
N SER F 522 28.97 28.44 11.54
CA SER F 522 29.71 29.15 12.56
C SER F 522 28.74 29.99 13.38
N HIS F 523 29.08 30.25 14.64
CA HIS F 523 28.20 31.01 15.52
C HIS F 523 29.00 32.02 16.34
N PRO F 524 28.41 33.18 16.66
CA PRO F 524 27.09 33.57 16.17
C PRO F 524 27.14 34.08 14.73
N ASN F 525 26.00 34.05 14.04
CA ASN F 525 25.89 34.59 12.69
C ASN F 525 25.49 36.05 12.79
N ARG F 526 26.45 36.92 13.09
CA ARG F 526 26.19 38.36 13.06
C ARG F 526 26.21 38.90 11.65
N ASP F 527 26.12 38.04 10.65
CA ASP F 527 25.91 38.49 9.28
C ASP F 527 24.57 39.22 9.20
N PRO F 528 24.51 40.36 8.51
CA PRO F 528 23.27 41.14 8.49
C PRO F 528 22.05 40.37 7.99
N MET F 529 22.25 39.40 7.11
CA MET F 529 21.14 38.61 6.57
C MET F 529 21.36 37.16 6.96
N ILE F 530 20.61 36.70 7.97
CA ILE F 530 20.72 35.32 8.42
C ILE F 530 20.05 34.41 7.40
N ASP F 531 20.83 33.52 6.79
CA ASP F 531 20.28 32.55 5.85
C ASP F 531 20.94 31.20 6.08
N ASN F 532 20.13 30.20 6.43
CA ASN F 532 20.59 28.87 6.80
C ASN F 532 20.45 27.88 5.66
N ASN F 533 20.21 28.35 4.44
CA ASN F 533 20.10 27.47 3.29
C ASN F 533 21.45 27.30 2.63
N ARG F 534 21.76 26.08 2.22
CA ARG F 534 23.10 25.74 1.78
C ARG F 534 23.02 24.99 0.45
N TYR F 535 23.97 25.28 -0.43
CA TYR F 535 24.12 24.54 -1.68
C TYR F 535 25.60 24.18 -1.81
N CYS F 536 25.89 22.96 -2.25
CA CYS F 536 27.23 22.43 -2.22
C CYS F 536 27.46 21.46 -3.36
N THR F 537 28.55 21.64 -4.10
CA THR F 537 28.94 20.73 -5.18
C THR F 537 30.25 20.05 -4.83
N LEU F 538 30.25 18.71 -4.91
CA LEU F 538 31.37 17.92 -4.42
C LEU F 538 31.77 16.90 -5.48
N GLU F 539 33.07 16.70 -5.65
CA GLU F 539 33.59 15.71 -6.60
C GLU F 539 34.49 14.74 -5.84
N PHE F 540 34.18 13.45 -5.93
CA PHE F 540 34.92 12.43 -5.20
C PHE F 540 35.64 11.51 -6.17
N PRO F 541 36.95 11.66 -6.39
CA PRO F 541 37.63 10.82 -7.40
C PRO F 541 37.51 9.36 -7.04
N VAL F 542 36.80 8.61 -7.88
CA VAL F 542 36.61 7.18 -7.70
C VAL F 542 37.64 6.46 -8.55
N GLU F 543 38.43 5.60 -7.92
CA GLU F 543 39.58 4.98 -8.58
C GLU F 543 39.53 3.46 -8.51
N VAL F 544 38.33 2.89 -8.55
CA VAL F 544 38.20 1.44 -8.72
C VAL F 544 36.78 1.15 -9.14
N ASN F 545 36.63 0.22 -10.09
CA ASN F 545 35.31 -0.17 -10.53
C ASN F 545 34.49 -0.66 -9.34
N THR F 546 33.30 -0.12 -9.17
CA THR F 546 32.48 -0.45 -8.01
C THR F 546 31.10 0.12 -8.24
N VAL F 547 30.27 0.07 -7.20
CA VAL F 547 28.94 0.65 -7.23
C VAL F 547 28.86 1.71 -6.15
N LEU F 548 27.96 2.66 -6.29
CA LEU F 548 27.78 3.67 -5.26
C LEU F 548 26.37 3.60 -4.68
N HIS F 549 26.26 3.24 -3.41
CA HIS F 549 24.96 3.04 -2.78
C HIS F 549 24.54 4.12 -1.81
N GLY F 550 25.33 5.15 -1.59
CA GLY F 550 24.91 6.23 -0.73
C GLY F 550 26.08 7.11 -0.36
N PHE F 551 25.76 8.23 0.26
CA PHE F 551 26.76 9.16 0.76
C PHE F 551 26.69 9.19 2.27
N ALA F 552 27.78 8.80 2.93
CA ALA F 552 27.83 8.83 4.38
C ALA F 552 28.28 10.19 4.84
N GLY F 553 27.78 10.61 6.00
CA GLY F 553 28.07 11.92 6.56
C GLY F 553 28.72 11.80 7.92
N TYR F 554 29.60 12.75 8.23
CA TYR F 554 30.26 12.83 9.52
C TYR F 554 30.33 14.30 9.90
N PHE F 555 31.16 14.63 10.90
CA PHE F 555 31.29 16.03 11.23
C PHE F 555 32.48 16.25 12.14
N GLU F 556 33.05 17.45 12.05
CA GLU F 556 34.01 17.95 13.00
C GLU F 556 33.43 19.18 13.65
N THR F 557 34.04 19.63 14.75
CA THR F 557 33.54 20.78 15.45
C THR F 557 34.71 21.56 16.04
N VAL F 558 34.42 22.77 16.49
CA VAL F 558 35.41 23.61 17.16
C VAL F 558 34.73 24.20 18.38
N LEU F 559 34.83 23.53 19.53
CA LEU F 559 34.23 24.08 20.72
C LEU F 559 34.85 25.43 21.04
N TYR F 560 36.13 25.44 21.33
CA TYR F 560 36.83 26.70 21.54
C TYR F 560 38.09 26.65 20.71
N GLN F 561 38.93 27.65 20.85
CA GLN F 561 39.97 27.97 19.88
C GLN F 561 40.53 26.72 19.22
N ASP F 562 40.80 25.70 20.01
CA ASP F 562 41.49 24.51 19.53
C ASP F 562 40.86 23.21 19.99
N ILE F 563 40.02 23.24 21.01
CA ILE F 563 39.39 22.04 21.54
C ILE F 563 38.31 21.64 20.54
N THR F 564 38.33 20.38 20.11
CA THR F 564 37.49 19.94 19.01
C THR F 564 36.82 18.63 19.36
N LEU F 565 35.71 18.39 18.67
CA LEU F 565 35.02 17.12 18.70
C LEU F 565 34.85 16.67 17.25
N SER F 566 34.91 15.37 17.02
CA SER F 566 34.80 14.90 15.65
C SER F 566 34.51 13.41 15.62
N ILE F 567 33.66 13.00 14.68
CA ILE F 567 33.39 11.60 14.42
C ILE F 567 33.88 11.17 13.06
N ARG F 568 34.56 12.04 12.35
CA ARG F 568 35.08 11.76 11.02
C ARG F 568 36.24 10.77 11.13
N PRO F 569 36.17 9.61 10.48
CA PRO F 569 37.05 8.50 10.88
C PRO F 569 38.54 8.82 10.92
N GLU F 570 39.03 9.69 10.03
CA GLU F 570 40.46 9.95 10.01
C GLU F 570 40.91 10.74 11.23
N THR F 571 40.05 11.60 11.78
CA THR F 571 40.41 12.37 12.97
C THR F 571 39.49 12.09 14.14
N HIS F 572 38.87 10.91 14.16
CA HIS F 572 37.82 10.62 15.14
C HIS F 572 38.28 10.93 16.55
N SER F 573 37.43 11.62 17.30
CA SER F 573 37.72 11.84 18.69
C SER F 573 37.73 10.50 19.41
N PRO F 574 38.52 10.33 20.47
CA PRO F 574 38.73 8.99 21.02
C PRO F 574 37.54 8.53 21.85
N GLY F 575 37.05 7.34 21.54
CA GLY F 575 35.99 6.76 22.34
C GLY F 575 34.75 7.61 22.47
N MET F 576 34.45 8.45 21.47
CA MET F 576 33.24 9.26 21.47
C MET F 576 32.12 8.46 20.84
N PHE F 577 31.23 7.93 21.65
CA PHE F 577 30.06 7.21 21.15
C PHE F 577 28.80 8.06 21.14
N SER F 578 28.90 9.36 21.39
CA SER F 578 27.69 10.17 21.46
C SER F 578 27.07 10.36 20.09
N TRP F 579 27.83 10.10 19.02
CA TRP F 579 27.37 10.30 17.66
C TRP F 579 27.79 9.13 16.78
N PHE F 580 26.86 8.56 16.07
CA PHE F 580 27.24 7.68 14.98
C PHE F 580 27.22 8.45 13.66
N PRO F 581 27.68 7.83 12.58
CA PRO F 581 27.61 8.47 11.28
C PRO F 581 26.17 8.63 10.83
N ILE F 582 26.02 9.08 9.59
CA ILE F 582 24.71 9.17 8.97
C ILE F 582 24.82 8.55 7.59
N LEU F 583 23.72 8.05 7.07
CA LEU F 583 23.72 7.39 5.78
C LEU F 583 22.63 7.99 4.90
N PHE F 584 23.02 8.76 3.90
CA PHE F 584 22.12 9.30 2.90
C PHE F 584 22.04 8.31 1.75
N PRO F 585 21.00 7.52 1.63
CA PRO F 585 20.92 6.57 0.51
C PRO F 585 20.67 7.29 -0.80
N ILE F 586 20.73 6.53 -1.89
CA ILE F 586 20.27 6.99 -3.19
C ILE F 586 19.47 5.88 -3.85
N LYS F 587 18.52 6.28 -4.69
CA LYS F 587 17.40 5.40 -5.05
C LYS F 587 17.84 4.17 -5.81
N GLN F 588 19.01 4.20 -6.42
CA GLN F 588 19.48 3.05 -7.18
C GLN F 588 21.00 2.98 -7.13
N PRO F 589 21.58 1.80 -7.32
CA PRO F 589 23.03 1.73 -7.49
C PRO F 589 23.46 2.53 -8.69
N ILE F 590 24.63 3.16 -8.59
CA ILE F 590 25.21 3.90 -9.70
C ILE F 590 26.52 3.22 -10.09
N THR F 591 26.45 2.27 -11.01
CA THR F 591 27.66 1.58 -11.44
C THR F 591 28.70 2.61 -11.85
N VAL F 592 29.84 2.62 -11.17
CA VAL F 592 30.88 3.61 -11.40
C VAL F 592 32.10 2.92 -11.95
N ARG F 593 32.75 3.56 -12.93
CA ARG F 593 33.97 3.03 -13.51
C ARG F 593 35.17 3.84 -13.04
N GLU F 594 36.28 3.13 -12.85
CA GLU F 594 37.43 3.71 -12.16
C GLU F 594 37.98 4.89 -12.94
N GLY F 595 38.47 5.89 -12.20
CA GLY F 595 39.02 7.08 -12.78
C GLY F 595 38.04 8.21 -12.96
N GLN F 596 36.74 7.91 -12.94
CA GLN F 596 35.68 8.89 -13.08
C GLN F 596 35.66 9.79 -11.86
N THR F 597 34.66 10.64 -11.78
CA THR F 597 34.47 11.46 -10.60
C THR F 597 32.99 11.52 -10.26
N ILE F 598 32.64 10.97 -9.11
CA ILE F 598 31.27 11.01 -8.60
C ILE F 598 30.99 12.44 -8.16
N CYS F 599 29.94 13.03 -8.69
CA CYS F 599 29.59 14.40 -8.35
C CYS F 599 28.23 14.37 -7.67
N VAL F 600 28.15 14.99 -6.51
CA VAL F 600 26.92 15.00 -5.71
C VAL F 600 26.66 16.43 -5.29
N ARG F 601 25.40 16.72 -5.01
CA ARG F 601 24.97 18.06 -4.69
C ARG F 601 24.05 17.98 -3.49
N PHE F 602 24.23 18.86 -2.51
CA PHE F 602 23.23 19.01 -1.47
C PHE F 602 22.68 20.41 -1.46
N TRP F 603 21.38 20.51 -1.25
CA TRP F 603 20.73 21.73 -0.87
C TRP F 603 20.17 21.49 0.53
N ARG F 604 20.46 22.38 1.45
CA ARG F 604 19.81 22.33 2.75
C ARG F 604 18.66 23.31 2.74
N CYS F 605 17.49 22.82 2.38
CA CYS F 605 16.29 23.63 2.27
C CYS F 605 15.65 23.75 3.64
N SER F 606 15.06 24.90 3.90
CA SER F 606 14.29 25.06 5.12
C SER F 606 13.30 26.20 4.90
N ASN F 607 12.08 26.01 5.38
CA ASN F 607 11.08 27.06 5.27
C ASN F 607 10.69 27.51 6.67
N SER F 608 9.67 28.36 6.77
CA SER F 608 9.28 28.86 8.07
C SER F 608 8.96 27.75 9.06
N LYS F 609 8.50 26.60 8.58
CA LYS F 609 8.06 25.55 9.48
C LYS F 609 9.05 24.40 9.64
N LYS F 610 9.84 24.08 8.61
CA LYS F 610 10.51 22.80 8.61
C LYS F 610 11.88 22.90 7.98
N VAL F 611 12.61 21.79 8.00
CA VAL F 611 13.94 21.69 7.42
C VAL F 611 14.05 20.34 6.72
N TRP F 612 15.01 20.22 5.81
CA TRP F 612 15.20 18.98 5.07
C TRP F 612 16.39 19.11 4.13
N TYR F 613 16.92 17.97 3.70
CA TYR F 613 18.06 17.91 2.80
C TYR F 613 17.67 17.22 1.49
N GLU F 614 18.15 17.77 0.39
CA GLU F 614 17.84 17.23 -0.94
C GLU F 614 19.12 16.88 -1.66
N TRP F 615 19.27 15.62 -2.04
CA TRP F 615 20.55 15.14 -2.53
C TRP F 615 20.38 14.44 -3.87
N ALA F 616 21.35 14.66 -4.75
CA ALA F 616 21.32 14.09 -6.09
C ALA F 616 22.74 13.85 -6.58
N VAL F 617 22.89 12.87 -7.47
CA VAL F 617 24.14 12.60 -8.15
C VAL F 617 24.03 13.11 -9.58
N THR F 618 24.90 14.03 -9.98
CA THR F 618 24.85 14.57 -11.34
C THR F 618 25.95 14.05 -12.25
N ALA F 619 26.70 13.02 -11.85
CA ALA F 619 27.74 12.40 -12.67
C ALA F 619 28.29 11.23 -11.86
N PRO F 620 28.70 10.14 -12.52
CA PRO F 620 28.76 9.92 -13.96
C PRO F 620 27.37 9.77 -14.57
N VAL F 621 26.40 9.43 -13.72
CA VAL F 621 25.01 9.33 -14.13
C VAL F 621 24.25 10.43 -13.41
N CYS F 622 22.95 10.49 -13.66
CA CYS F 622 22.10 11.44 -12.96
C CYS F 622 21.03 10.66 -12.21
N SER F 623 20.80 11.02 -10.95
CA SER F 623 19.77 10.40 -10.15
C SER F 623 18.69 11.41 -9.84
N ALA F 624 17.51 10.92 -9.54
CA ALA F 624 16.39 11.80 -9.24
C ALA F 624 16.76 12.69 -8.06
N ILE F 625 16.28 13.93 -8.07
CA ILE F 625 16.48 14.76 -6.90
C ILE F 625 15.77 14.11 -5.74
N HIS F 626 16.52 13.58 -4.79
CA HIS F 626 15.95 12.81 -3.71
C HIS F 626 15.34 13.73 -2.67
N ASN F 627 14.20 13.35 -2.18
CA ASN F 627 13.61 14.12 -1.10
C ASN F 627 13.35 15.55 -1.55
N PRO F 628 12.67 15.78 -2.67
CA PRO F 628 12.32 17.15 -3.04
C PRO F 628 11.16 17.65 -2.20
N THR F 629 11.38 18.80 -1.55
CA THR F 629 10.40 19.46 -0.71
C THR F 629 10.26 18.71 0.61
N GLY F 630 11.20 17.84 0.97
CA GLY F 630 11.04 17.07 2.19
C GLY F 630 9.81 16.21 2.21
N ARG F 631 9.51 15.54 1.10
CA ARG F 631 8.36 14.65 1.09
C ARG F 631 8.62 13.38 1.87
N SER F 632 9.89 13.03 2.08
CA SER F 632 10.26 11.83 2.81
C SER F 632 10.76 12.09 4.22
N TYR F 633 11.63 13.06 4.41
CA TYR F 633 12.24 13.30 5.71
C TYR F 633 12.46 14.78 5.94
N THR F 634 11.59 15.40 6.73
CA THR F 634 11.77 16.77 7.15
C THR F 634 11.84 16.81 8.65
N ILE F 635 12.80 17.57 9.16
CA ILE F 635 12.97 17.77 10.58
C ILE F 635 12.00 18.86 10.98
N GLY F 636 11.06 18.53 11.86
CA GLY F 636 10.09 19.51 12.30
C GLY F 636 10.73 20.54 13.22
N LEU F 637 10.59 21.79 12.83
CA LEU F 637 10.98 22.89 13.70
C LEU F 637 10.20 22.85 15.00
N PRO G 24 12.71 18.33 63.29
CA PRO G 24 12.43 19.76 63.41
C PRO G 24 13.37 20.64 62.58
N ALA G 25 13.98 20.07 61.54
CA ALA G 25 14.97 20.81 60.77
C ALA G 25 14.37 21.99 60.01
N CYS G 26 13.31 21.76 59.24
CA CYS G 26 12.60 22.83 58.56
C CYS G 26 11.18 22.34 58.29
N MET G 27 10.21 23.24 58.43
CA MET G 27 8.83 22.94 58.12
C MET G 27 8.69 22.76 56.62
N GLU G 28 8.02 21.68 56.22
CA GLU G 28 8.00 21.30 54.82
C GLU G 28 7.28 22.36 54.00
N ARG G 29 7.58 22.41 52.70
CA ARG G 29 7.16 23.55 51.90
C ARG G 29 5.65 23.74 51.92
N GLN G 30 4.89 22.66 51.92
CA GLN G 30 3.44 22.73 51.72
C GLN G 30 2.70 22.73 53.05
N LEU G 31 1.94 23.79 53.30
CA LEU G 31 1.08 23.84 54.47
C LEU G 31 -0.27 23.22 54.12
N GLU G 32 -0.83 22.47 55.05
CA GLU G 32 -2.07 21.74 54.81
C GLU G 32 -3.21 22.20 55.71
N ALA G 33 -2.99 22.24 57.01
CA ALA G 33 -4.02 22.64 57.95
C ALA G 33 -3.42 23.53 59.03
N ALA G 34 -4.24 24.42 59.57
CA ALA G 34 -3.85 25.30 60.67
C ALA G 34 -5.05 25.46 61.59
N ARG G 35 -4.85 25.24 62.88
CA ARG G 35 -5.96 25.32 63.83
C ARG G 35 -5.51 26.06 65.07
N TYR G 36 -6.22 27.12 65.41
CA TYR G 36 -5.92 27.85 66.62
C TYR G 36 -6.34 27.03 67.82
N ARG G 37 -5.47 26.96 68.82
CA ARG G 37 -5.89 26.36 70.09
C ARG G 37 -6.69 27.37 70.90
N SER G 38 -7.37 26.87 71.92
CA SER G 38 -8.20 27.75 72.73
C SER G 38 -7.38 28.80 73.47
N ASP G 39 -6.15 28.46 73.88
CA ASP G 39 -5.35 29.37 74.67
C ASP G 39 -4.69 30.46 73.84
N GLY G 40 -4.76 30.39 72.51
CA GLY G 40 -4.15 31.38 71.64
C GLY G 40 -3.02 30.88 70.79
N ALA G 41 -2.79 29.57 70.75
CA ALA G 41 -1.70 29.02 69.96
C ALA G 41 -2.18 28.55 68.59
N LEU G 42 -1.22 28.29 67.72
CA LEU G 42 -1.45 27.90 66.33
C LEU G 42 -0.90 26.51 66.10
N LEU G 43 -1.57 25.72 65.27
CA LEU G 43 -1.16 24.36 64.98
C LEU G 43 -1.02 24.17 63.48
N LEU G 44 0.21 24.22 62.99
CA LEU G 44 0.47 24.16 61.56
C LEU G 44 0.65 22.72 61.14
N GLY G 45 -0.13 22.29 60.15
CA GLY G 45 0.10 21.03 59.48
C GLY G 45 0.78 21.32 58.15
N ALA G 46 1.88 20.63 57.90
CA ALA G 46 2.67 20.89 56.72
C ALA G 46 3.33 19.62 56.23
N SER G 47 3.00 19.23 55.01
CA SER G 47 3.59 18.07 54.36
C SER G 47 4.37 18.52 53.15
N SER G 48 5.30 17.70 52.69
CA SER G 48 6.07 17.97 51.49
C SER G 48 5.46 17.20 50.33
N LEU G 49 4.83 17.91 49.39
CA LEU G 49 4.16 17.28 48.27
C LEU G 49 5.04 17.18 47.04
N SER G 50 6.30 17.59 47.14
CA SER G 50 7.20 17.64 46.00
C SER G 50 8.62 17.46 46.51
N GLY G 51 9.50 17.02 45.63
CA GLY G 51 10.87 16.75 46.03
C GLY G 51 11.08 15.29 46.34
N ARG G 52 12.28 14.99 46.82
CA ARG G 52 12.65 13.60 47.03
C ARG G 52 11.78 12.92 48.06
N CYS G 53 11.59 13.55 49.21
CA CYS G 53 10.90 12.96 50.35
CA CYS G 53 10.89 12.95 50.34
C CYS G 53 9.55 13.63 50.57
N TRP G 54 8.48 12.84 50.53
CA TRP G 54 7.12 13.31 50.79
C TRP G 54 6.80 12.95 52.22
N ALA G 55 7.15 13.84 53.15
CA ALA G 55 7.03 13.56 54.57
C ALA G 55 6.08 14.58 55.19
N GLY G 56 5.78 14.40 56.47
CA GLY G 56 4.83 15.25 57.14
C GLY G 56 5.46 15.93 58.34
N SER G 57 4.77 16.94 58.83
CA SER G 57 5.27 17.60 60.03
C SER G 57 4.22 18.54 60.60
N LEU G 58 3.98 18.40 61.89
CA LEU G 58 3.08 19.25 62.65
C LEU G 58 3.87 20.40 63.23
N TRP G 59 3.19 21.47 63.61
CA TRP G 59 3.88 22.61 64.21
C TRP G 59 2.97 23.38 65.14
N LEU G 60 3.47 23.66 66.34
CA LEU G 60 2.77 24.42 67.36
C LEU G 60 3.48 25.75 67.58
N PHE G 61 2.74 26.85 67.49
CA PHE G 61 3.28 28.19 67.68
C PHE G 61 2.54 28.82 68.84
N LYS G 62 3.27 29.31 69.84
CA LYS G 62 2.64 30.10 70.88
C LYS G 62 2.55 31.57 70.51
N ASP G 63 3.22 31.98 69.43
CA ASP G 63 3.08 33.32 68.87
C ASP G 63 2.87 33.20 67.36
N PRO G 64 1.68 32.81 66.90
CA PRO G 64 1.53 32.43 65.49
C PRO G 64 2.02 33.49 64.52
N CYS G 65 2.12 34.75 64.95
CA CYS G 65 2.72 35.76 64.09
C CYS G 65 4.13 35.38 63.67
N ALA G 66 4.90 34.74 64.54
CA ALA G 66 6.27 34.34 64.21
C ALA G 66 6.32 33.22 63.19
N ALA G 67 5.20 32.57 62.88
CA ALA G 67 5.23 31.48 61.92
C ALA G 67 5.31 32.03 60.51
N PRO G 68 5.73 31.22 59.53
CA PRO G 68 6.12 29.83 59.73
C PRO G 68 7.63 29.64 59.86
N ASN G 69 8.32 30.59 60.46
CA ASN G 69 9.76 30.49 60.63
C ASN G 69 10.08 29.50 61.73
N GLU G 70 10.64 28.35 61.34
CA GLU G 70 10.78 27.23 62.26
C GLU G 70 11.54 27.64 63.52
N GLY G 71 12.44 28.61 63.41
CA GLY G 71 13.25 28.99 64.56
C GLY G 71 12.44 29.49 65.73
N PHE G 72 11.18 29.85 65.50
CA PHE G 72 10.31 30.37 66.55
C PHE G 72 9.18 29.43 66.89
N CYS G 73 9.33 28.14 66.58
CA CYS G 73 8.30 27.15 66.88
C CYS G 73 8.51 26.57 68.27
N SER G 74 7.49 26.72 69.11
CA SER G 74 7.57 26.16 70.45
C SER G 74 7.51 24.64 70.43
N ALA G 75 7.10 24.05 69.31
CA ALA G 75 6.96 22.60 69.22
C ALA G 75 6.86 22.20 67.76
N GLY G 76 7.15 20.93 67.49
CA GLY G 76 7.08 20.39 66.15
C GLY G 76 7.62 18.98 66.13
N VAL G 77 7.26 18.19 65.11
CA VAL G 77 7.68 16.80 65.04
C VAL G 77 7.46 16.31 63.62
N GLN G 78 8.15 15.23 63.26
CA GLN G 78 7.95 14.60 61.97
C GLN G 78 6.95 13.46 62.08
N THR G 79 6.53 12.94 60.94
CA THR G 79 5.72 11.75 60.85
C THR G 79 6.29 10.83 59.78
N GLU G 80 5.53 9.82 59.39
CA GLU G 80 6.00 8.98 58.29
C GLU G 80 5.64 9.57 56.93
N ALA G 81 4.43 10.12 56.79
CA ALA G 81 4.01 10.70 55.52
C ALA G 81 3.14 11.92 55.77
N GLY G 82 2.52 12.41 54.70
CA GLY G 82 1.91 13.72 54.69
C GLY G 82 0.67 13.91 55.54
N VAL G 83 0.43 15.15 55.95
CA VAL G 83 -0.68 15.50 56.83
C VAL G 83 -1.75 16.16 55.99
N ALA G 84 -2.87 15.47 55.78
CA ALA G 84 -3.97 15.98 54.97
C ALA G 84 -4.90 16.89 55.76
N ASP G 85 -5.20 16.54 57.00
CA ASP G 85 -5.96 17.42 57.88
C ASP G 85 -5.73 16.99 59.31
N LEU G 86 -5.74 17.96 60.22
CA LEU G 86 -5.50 17.68 61.63
C LEU G 86 -6.46 18.49 62.48
N THR G 87 -6.67 18.03 63.71
CA THR G 87 -7.66 18.65 64.59
C THR G 87 -7.16 18.62 66.02
N TRP G 88 -7.67 19.56 66.81
CA TRP G 88 -7.42 19.53 68.25
C TRP G 88 -8.33 18.50 68.90
N VAL G 89 -7.78 17.70 69.79
CA VAL G 89 -8.58 16.84 70.67
C VAL G 89 -8.28 17.27 72.10
N GLY G 90 -9.19 18.05 72.67
CA GLY G 90 -8.97 18.62 73.97
C GLY G 90 -8.05 19.83 73.89
N GLU G 91 -6.99 19.83 74.68
CA GLU G 91 -6.03 20.92 74.66
C GLU G 91 -4.61 20.49 74.33
N ARG G 92 -4.28 19.20 74.49
CA ARG G 92 -2.95 18.70 74.22
C ARG G 92 -2.94 17.56 73.21
N GLY G 93 -4.10 17.15 72.72
CA GLY G 93 -4.18 16.11 71.70
C GLY G 93 -3.97 16.69 70.31
N ILE G 94 -3.81 15.80 69.34
CA ILE G 94 -3.66 16.18 67.94
C ILE G 94 -4.16 15.02 67.11
N LEU G 95 -5.03 15.28 66.15
CA LEU G 95 -5.50 14.27 65.24
C LEU G 95 -4.89 14.54 63.87
N VAL G 96 -4.19 13.56 63.31
CA VAL G 96 -3.45 13.72 62.08
C VAL G 96 -3.80 12.58 61.13
N ALA G 97 -4.05 12.93 59.87
CA ALA G 97 -4.39 11.94 58.85
C ALA G 97 -3.25 11.89 57.84
N SER G 98 -2.49 10.81 57.88
CA SER G 98 -1.35 10.65 56.99
C SER G 98 -1.84 10.43 55.57
N ASP G 99 -0.98 10.73 54.58
CA ASP G 99 -1.24 10.23 53.24
C ASP G 99 -1.33 8.72 53.22
N SER G 100 -0.69 8.04 54.15
CA SER G 100 -0.63 6.58 54.11
C SER G 100 -1.99 5.97 54.30
N GLY G 101 -2.79 6.56 55.18
CA GLY G 101 -4.10 6.02 55.48
C GLY G 101 -4.28 5.58 56.91
N ALA G 102 -3.42 6.03 57.82
CA ALA G 102 -3.53 5.68 59.22
C ALA G 102 -3.63 6.95 60.05
N VAL G 103 -4.67 7.04 60.86
CA VAL G 103 -4.87 8.17 61.76
C VAL G 103 -4.04 7.91 63.00
N GLU G 104 -3.33 8.95 63.45
CA GLU G 104 -2.43 8.81 64.59
C GLU G 104 -2.64 9.98 65.55
N LEU G 105 -2.52 9.71 66.84
CA LEU G 105 -2.81 10.68 67.88
C LEU G 105 -1.52 11.10 68.58
N TRP G 106 -1.23 12.39 68.53
CA TRP G 106 0.03 12.96 69.00
C TRP G 106 -0.21 13.79 70.24
N GLU G 107 -0.17 13.16 71.40
CA GLU G 107 -0.36 13.90 72.63
C GLU G 107 0.77 14.89 72.80
N LEU G 108 0.45 16.18 72.74
CA LEU G 108 1.42 17.21 73.04
C LEU G 108 1.99 16.98 74.44
N ASP G 109 3.30 17.11 74.58
CA ASP G 109 3.88 16.93 75.90
C ASP G 109 3.49 18.09 76.80
N GLU G 110 3.40 17.81 78.09
CA GLU G 110 2.93 18.80 79.04
C GLU G 110 3.76 20.08 79.04
N ASN G 111 5.03 20.02 78.64
CA ASN G 111 5.84 21.21 78.60
C ASN G 111 5.50 22.10 77.42
N GLU G 112 4.70 21.60 76.47
CA GLU G 112 4.46 22.30 75.23
C GLU G 112 5.76 22.44 74.42
N THR G 113 6.67 21.48 74.63
CA THR G 113 7.97 21.50 73.97
C THR G 113 8.24 20.28 73.10
N LEU G 114 7.61 19.15 73.36
CA LEU G 114 7.80 17.95 72.56
C LEU G 114 6.46 17.36 72.18
N ILE G 115 6.43 16.69 71.03
CA ILE G 115 5.23 16.10 70.47
C ILE G 115 5.45 14.60 70.38
N VAL G 116 4.60 13.82 71.06
CA VAL G 116 4.80 12.40 71.22
C VAL G 116 3.64 11.64 70.58
N SER G 117 3.97 10.71 69.70
CA SER G 117 2.96 9.83 69.12
C SER G 117 2.36 8.92 70.19
N LYS G 118 1.06 8.70 70.11
CA LYS G 118 0.37 7.74 70.98
C LYS G 118 -0.04 6.47 70.25
N PHE G 119 -0.77 6.59 69.15
CA PHE G 119 -1.02 5.45 68.29
C PHE G 119 -0.99 5.90 66.85
N CYS G 120 -0.73 4.96 65.96
CA CYS G 120 -0.83 5.18 64.53
C CYS G 120 -1.43 3.91 63.94
N LYS G 121 -2.76 3.88 63.83
CA LYS G 121 -3.49 2.68 63.46
C LYS G 121 -3.70 2.70 61.96
N TYR G 122 -3.09 1.74 61.26
CA TYR G 122 -3.25 1.63 59.81
C TYR G 122 -4.62 1.04 59.53
N GLU G 123 -5.60 1.92 59.38
CA GLU G 123 -6.98 1.48 59.26
C GLU G 123 -7.56 1.63 57.87
N HIS G 124 -7.19 2.66 57.12
CA HIS G 124 -7.81 2.86 55.83
C HIS G 124 -7.01 2.15 54.75
N ASP G 125 -7.63 2.01 53.59
CA ASP G 125 -7.01 1.37 52.43
C ASP G 125 -6.51 2.37 51.40
N ASP G 126 -6.51 3.65 51.71
CA ASP G 126 -5.97 4.64 50.80
C ASP G 126 -6.08 6.02 51.45
N ILE G 127 -5.56 7.03 50.75
CA ILE G 127 -5.27 8.33 51.36
C ILE G 127 -6.37 8.77 52.29
N VAL G 128 -6.01 9.22 53.49
CA VAL G 128 -6.97 9.79 54.42
C VAL G 128 -7.13 11.26 54.06
N SER G 129 -8.38 11.68 53.83
CA SER G 129 -8.64 13.00 53.30
C SER G 129 -9.30 13.94 54.30
N THR G 130 -9.84 13.43 55.39
CA THR G 130 -10.44 14.29 56.39
C THR G 130 -10.39 13.62 57.76
N VAL G 131 -10.45 14.42 58.81
CA VAL G 131 -10.72 13.94 60.15
C VAL G 131 -11.49 15.04 60.88
N SER G 132 -12.12 14.65 61.99
CA SER G 132 -12.91 15.58 62.77
C SER G 132 -13.38 14.89 64.03
N VAL G 133 -13.52 15.64 65.11
CA VAL G 133 -13.86 15.09 66.41
C VAL G 133 -15.32 15.33 66.70
N LEU G 134 -16.01 14.30 67.20
CA LEU G 134 -17.40 14.45 67.55
C LEU G 134 -17.56 15.56 68.58
N SER G 135 -18.82 15.97 68.80
CA SER G 135 -19.08 17.15 69.63
C SER G 135 -18.50 16.99 71.04
N SER G 136 -18.66 15.81 71.63
CA SER G 136 -18.18 15.62 73.00
C SER G 136 -16.66 15.76 73.07
N GLY G 137 -15.96 15.16 72.11
CA GLY G 137 -14.51 15.12 72.15
C GLY G 137 -13.92 13.78 72.51
N THR G 138 -14.65 12.68 72.31
CA THR G 138 -14.16 11.37 72.67
C THR G 138 -14.02 10.44 71.48
N GLN G 139 -14.61 10.76 70.35
CA GLN G 139 -14.62 9.88 69.20
C GLN G 139 -14.24 10.69 67.97
N ALA G 140 -13.90 9.98 66.89
CA ALA G 140 -13.42 10.64 65.69
C ALA G 140 -14.02 9.95 64.48
N VAL G 141 -14.02 10.68 63.37
CA VAL G 141 -14.45 10.14 62.09
C VAL G 141 -13.42 10.55 61.06
N SER G 142 -13.16 9.67 60.09
CA SER G 142 -12.21 9.92 59.04
C SER G 142 -12.80 9.44 57.73
N GLY G 143 -12.30 9.96 56.62
CA GLY G 143 -12.80 9.51 55.34
C GLY G 143 -11.70 9.46 54.32
N SER G 144 -11.51 8.32 53.70
CA SER G 144 -10.39 8.13 52.81
C SER G 144 -10.88 7.71 51.44
N LYS G 145 -10.05 7.95 50.43
CA LYS G 145 -10.43 7.59 49.07
C LYS G 145 -10.70 6.11 48.92
N ASP G 146 -10.52 5.33 49.98
CA ASP G 146 -11.27 4.09 50.11
C ASP G 146 -12.61 4.47 50.72
N ILE G 147 -13.65 4.40 49.92
CA ILE G 147 -14.88 5.15 50.14
C ILE G 147 -15.37 5.04 51.57
N CYS G 148 -14.87 4.05 52.30
CA CYS G 148 -15.34 3.80 53.65
C CYS G 148 -15.03 4.96 54.59
N ILE G 149 -16.00 5.28 55.42
CA ILE G 149 -15.86 6.23 56.53
C ILE G 149 -15.81 5.42 57.81
N LYS G 150 -15.02 5.86 58.77
CA LYS G 150 -14.87 5.11 60.01
C LYS G 150 -15.18 6.01 61.20
N VAL G 151 -15.24 5.39 62.39
CA VAL G 151 -15.45 6.10 63.65
C VAL G 151 -14.48 5.55 64.68
N TRP G 152 -13.83 6.44 65.43
CA TRP G 152 -12.76 6.06 66.34
C TRP G 152 -13.19 6.23 67.78
N ASP G 153 -12.56 5.47 68.67
CA ASP G 153 -12.61 5.73 70.11
C ASP G 153 -11.21 6.13 70.55
N LEU G 154 -11.01 7.42 70.81
CA LEU G 154 -9.66 7.89 71.07
C LEU G 154 -9.12 7.35 72.39
N ALA G 155 -9.98 7.13 73.37
CA ALA G 155 -9.52 6.60 74.65
C ALA G 155 -9.03 5.17 74.53
N GLN G 156 -9.81 4.30 73.88
CA GLN G 156 -9.48 2.88 73.76
C GLN G 156 -8.76 2.54 72.48
N GLN G 157 -8.78 3.43 71.48
CA GLN G 157 -7.90 3.33 70.32
C GLN G 157 -8.22 2.15 69.42
N VAL G 158 -9.48 2.02 69.01
CA VAL G 158 -9.86 1.18 67.89
C VAL G 158 -11.07 1.79 67.21
N VAL G 159 -11.49 1.18 66.11
CA VAL G 159 -12.59 1.68 65.29
C VAL G 159 -13.88 1.01 65.76
N LEU G 160 -14.88 1.84 66.09
CA LEU G 160 -16.15 1.32 66.56
C LEU G 160 -17.08 0.97 65.41
N SER G 161 -16.95 1.66 64.28
CA SER G 161 -17.87 1.52 63.16
C SER G 161 -17.17 1.87 61.86
N SER G 162 -17.36 1.04 60.85
CA SER G 162 -16.71 1.23 59.55
C SER G 162 -17.74 1.15 58.45
N TYR G 163 -18.41 2.25 58.17
CA TYR G 163 -19.51 2.28 57.21
C TYR G 163 -18.95 2.57 55.84
N ARG G 164 -19.26 1.70 54.87
CA ARG G 164 -18.93 1.96 53.48
C ARG G 164 -20.18 2.49 52.77
N ALA G 165 -20.51 3.75 53.04
CA ALA G 165 -21.77 4.33 52.57
C ALA G 165 -21.69 4.90 51.16
N HIS G 166 -20.77 5.83 50.91
CA HIS G 166 -20.70 6.50 49.62
C HIS G 166 -20.24 5.55 48.53
N ALA G 167 -20.14 6.07 47.31
CA ALA G 167 -19.72 5.29 46.17
C ALA G 167 -18.48 5.82 45.48
N ALA G 168 -17.87 6.89 46.00
CA ALA G 168 -16.58 7.38 45.53
C ALA G 168 -15.82 7.92 46.73
N GLN G 169 -14.75 8.66 46.49
CA GLN G 169 -13.98 9.16 47.61
C GLN G 169 -14.82 10.09 48.46
N VAL G 170 -14.53 10.12 49.75
CA VAL G 170 -15.19 11.03 50.67
C VAL G 170 -14.41 12.34 50.72
N THR G 171 -15.07 13.43 50.33
CA THR G 171 -14.34 14.69 50.14
C THR G 171 -14.23 15.48 51.43
N CYS G 172 -15.16 15.28 52.37
CA CYS G 172 -15.09 16.05 53.60
C CYS G 172 -15.94 15.41 54.66
N VAL G 173 -15.80 15.90 55.89
CA VAL G 173 -16.61 15.51 57.03
C VAL G 173 -16.62 16.68 58.00
N ALA G 174 -17.71 16.84 58.74
CA ALA G 174 -17.81 17.90 59.73
C ALA G 174 -18.67 17.40 60.89
N ALA G 175 -18.07 17.28 62.07
CA ALA G 175 -18.80 16.76 63.22
C ALA G 175 -19.75 17.81 63.76
N SER G 176 -20.88 17.35 64.29
CA SER G 176 -21.90 18.28 64.76
C SER G 176 -21.44 18.93 66.05
N PRO G 177 -21.35 20.26 66.07
CA PRO G 177 -20.85 20.92 67.28
C PRO G 177 -21.67 20.64 68.52
N HIS G 178 -22.95 20.31 68.38
CA HIS G 178 -23.84 20.23 69.52
C HIS G 178 -24.38 18.83 69.83
N LYS G 179 -24.52 17.95 68.85
CA LYS G 179 -25.02 16.59 69.10
C LYS G 179 -23.90 15.59 68.86
N ASP G 180 -23.61 14.79 69.89
CA ASP G 180 -22.47 13.89 69.81
C ASP G 180 -22.64 12.81 68.75
N SER G 181 -23.84 12.61 68.24
CA SER G 181 -24.09 11.53 67.30
C SER G 181 -24.38 12.02 65.90
N VAL G 182 -23.99 13.24 65.54
CA VAL G 182 -24.31 13.80 64.24
C VAL G 182 -23.03 14.31 63.59
N PHE G 183 -22.81 13.90 62.35
CA PHE G 183 -21.72 14.46 61.57
C PHE G 183 -22.16 14.48 60.12
N LEU G 184 -21.54 15.34 59.34
CA LEU G 184 -21.81 15.41 57.91
C LEU G 184 -20.65 14.81 57.12
N SER G 185 -20.92 14.52 55.86
CA SER G 185 -19.86 14.08 54.97
C SER G 185 -20.36 14.13 53.53
N CYS G 186 -19.68 14.92 52.72
CA CYS G 186 -20.00 15.00 51.31
C CYS G 186 -19.07 14.08 50.56
N SER G 187 -19.34 13.86 49.28
CA SER G 187 -18.59 12.91 48.49
C SER G 187 -18.37 13.45 47.09
N GLU G 188 -17.65 12.68 46.28
CA GLU G 188 -17.61 12.99 44.86
C GLU G 188 -18.64 12.22 44.08
N ASP G 189 -19.48 11.44 44.75
CA ASP G 189 -20.67 10.90 44.13
C ASP G 189 -21.92 11.69 44.49
N ASN G 190 -21.79 13.00 44.62
CA ASN G 190 -22.89 13.97 44.72
C ASN G 190 -23.82 13.73 45.88
N ARG G 191 -23.50 12.83 46.80
CA ARG G 191 -24.34 12.61 47.97
C ARG G 191 -23.84 13.48 49.10
N ILE G 192 -24.76 14.05 49.86
CA ILE G 192 -24.45 14.72 51.12
C ILE G 192 -25.23 13.98 52.20
N LEU G 193 -24.52 13.41 53.16
CA LEU G 193 -25.14 12.54 54.15
C LEU G 193 -25.01 13.17 55.53
N LEU G 194 -26.16 13.39 56.18
CA LEU G 194 -26.21 13.67 57.60
C LEU G 194 -26.32 12.36 58.34
N TRP G 195 -25.46 12.16 59.33
CA TRP G 195 -25.29 10.86 59.96
C TRP G 195 -25.72 10.90 61.42
N ASP G 196 -25.94 9.71 61.97
CA ASP G 196 -26.23 9.58 63.39
C ASP G 196 -25.65 8.23 63.86
N THR G 197 -25.00 8.25 65.02
CA THR G 197 -24.42 7.02 65.53
C THR G 197 -25.42 6.09 66.19
N ARG G 198 -26.67 6.53 66.38
CA ARG G 198 -27.67 5.72 67.07
C ARG G 198 -28.48 4.86 66.12
N CYS G 199 -29.01 5.43 65.05
CA CYS G 199 -30.02 4.78 64.24
C CYS G 199 -29.51 3.47 63.65
N PRO G 200 -30.39 2.48 63.47
CA PRO G 200 -29.97 1.25 62.79
C PRO G 200 -29.50 1.48 61.37
N LYS G 201 -30.04 2.48 60.68
CA LYS G 201 -29.52 2.90 59.39
C LYS G 201 -29.04 4.33 59.52
N PRO G 202 -27.74 4.55 59.70
CA PRO G 202 -27.29 5.88 60.14
C PRO G 202 -27.33 6.95 59.07
N ALA G 203 -27.13 6.58 57.81
CA ALA G 203 -27.04 7.57 56.74
C ALA G 203 -28.37 8.28 56.55
N SER G 204 -28.30 9.49 56.01
CA SER G 204 -29.51 10.26 55.76
C SER G 204 -29.26 11.25 54.64
N GLN G 205 -29.59 10.87 53.42
CA GLN G 205 -29.33 11.71 52.25
C GLN G 205 -30.14 12.99 52.36
N ILE G 206 -29.46 14.12 52.52
CA ILE G 206 -30.13 15.41 52.69
C ILE G 206 -29.45 16.42 51.76
N GLY G 207 -30.03 16.60 50.59
CA GLY G 207 -29.49 17.55 49.63
C GLY G 207 -29.43 18.96 50.17
N PRO G 211 -28.35 16.51 41.87
CA PRO G 211 -27.99 16.61 40.45
C PRO G 211 -27.29 17.91 40.13
N GLY G 212 -26.74 18.56 41.16
CA GLY G 212 -26.04 19.80 40.96
C GLY G 212 -24.55 19.61 40.75
N TYR G 213 -23.80 20.61 41.19
CA TYR G 213 -22.35 20.53 41.16
C TYR G 213 -21.82 19.76 42.37
N LEU G 214 -20.70 19.08 42.17
CA LEU G 214 -20.15 18.19 43.18
C LEU G 214 -19.83 18.96 44.46
N PRO G 215 -20.23 18.47 45.63
CA PRO G 215 -19.90 19.17 46.87
C PRO G 215 -18.48 18.87 47.29
N THR G 216 -17.84 19.85 47.95
CA THR G 216 -16.43 19.75 48.28
C THR G 216 -16.05 20.26 49.66
N SER G 217 -17.01 20.63 50.50
CA SER G 217 -16.67 21.05 51.85
C SER G 217 -17.94 21.27 52.67
N LEU G 218 -17.83 20.99 53.97
CA LEU G 218 -18.96 21.09 54.89
C LEU G 218 -18.53 21.80 56.16
N ALA G 219 -19.48 22.48 56.80
CA ALA G 219 -19.23 23.08 58.11
C ALA G 219 -20.56 23.45 58.74
N TRP G 220 -20.82 22.87 59.91
CA TRP G 220 -22.06 23.14 60.63
C TRP G 220 -22.11 24.58 61.13
N HIS G 221 -23.31 25.11 61.23
CA HIS G 221 -23.48 26.43 61.82
C HIS G 221 -23.19 26.36 63.31
N PRO G 222 -22.43 27.31 63.86
CA PRO G 222 -22.08 27.23 65.29
C PRO G 222 -23.20 27.58 66.24
N GLN G 223 -24.27 28.23 65.79
CA GLN G 223 -25.30 28.65 66.73
C GLN G 223 -26.66 28.01 66.48
N GLN G 224 -27.19 28.14 65.27
CA GLN G 224 -28.45 27.50 64.92
C GLN G 224 -28.13 26.11 64.36
N SER G 225 -28.06 25.15 65.27
CA SER G 225 -27.31 23.92 65.09
C SER G 225 -27.79 23.04 63.95
N GLU G 226 -28.90 23.38 63.32
CA GLU G 226 -29.43 22.57 62.24
C GLU G 226 -29.20 23.18 60.87
N VAL G 227 -28.32 24.17 60.77
CA VAL G 227 -27.89 24.73 59.50
C VAL G 227 -26.47 24.24 59.23
N PHE G 228 -26.23 23.80 57.99
CA PHE G 228 -24.89 23.46 57.57
C PHE G 228 -24.72 23.91 56.13
N VAL G 229 -23.48 24.18 55.75
CA VAL G 229 -23.19 24.71 54.43
C VAL G 229 -22.20 23.81 53.72
N PHE G 230 -22.56 23.42 52.50
CA PHE G 230 -21.68 22.65 51.64
C PHE G 230 -21.21 23.55 50.52
N GLY G 231 -19.90 23.59 50.30
CA GLY G 231 -19.33 24.34 49.18
C GLY G 231 -19.07 23.41 48.00
N ASP G 232 -19.47 23.85 46.82
CA ASP G 232 -19.43 22.97 45.67
C ASP G 232 -18.14 23.16 44.89
N GLU G 233 -17.99 22.35 43.83
CA GLU G 233 -16.82 22.34 42.96
C GLU G 233 -16.75 23.54 42.03
N ASN G 234 -17.81 24.35 41.96
CA ASN G 234 -17.82 25.48 41.05
C ASN G 234 -17.85 26.82 41.78
N GLY G 235 -17.48 26.84 43.05
CA GLY G 235 -17.35 28.10 43.74
C GLY G 235 -18.65 28.68 44.23
N THR G 236 -19.60 27.84 44.60
CA THR G 236 -20.90 28.28 45.08
C THR G 236 -21.10 27.75 46.49
N VAL G 237 -20.99 28.62 47.48
CA VAL G 237 -21.30 28.29 48.86
C VAL G 237 -22.80 28.14 48.98
N SER G 238 -23.25 27.09 49.65
CA SER G 238 -24.67 26.88 49.87
C SER G 238 -25.02 27.04 51.34
N LEU G 239 -26.31 26.94 51.63
CA LEU G 239 -26.81 26.96 53.00
C LEU G 239 -28.08 26.15 53.05
N VAL G 240 -27.96 24.86 53.35
CA VAL G 240 -29.08 23.94 53.28
C VAL G 240 -29.57 23.62 54.69
N ASP G 241 -30.87 23.44 54.83
CA ASP G 241 -31.48 23.00 56.08
C ASP G 241 -31.70 21.50 56.04
N THR G 242 -31.26 20.82 57.09
CA THR G 242 -31.30 19.36 57.10
C THR G 242 -32.71 18.84 56.84
N LYS G 243 -33.69 19.33 57.60
CA LYS G 243 -35.04 18.79 57.52
C LYS G 243 -35.86 19.42 56.41
N SER G 244 -35.37 20.46 55.76
CA SER G 244 -36.09 21.11 54.67
C SER G 244 -35.50 20.79 53.30
N THR G 245 -34.19 20.94 53.12
CA THR G 245 -33.48 20.56 51.91
C THR G 245 -33.88 21.40 50.70
N SER G 246 -34.30 22.64 50.90
CA SER G 246 -34.49 23.60 49.82
C SER G 246 -33.21 24.42 49.77
N CYS G 247 -32.52 24.40 48.63
CA CYS G 247 -31.28 25.15 48.59
C CYS G 247 -31.61 26.60 48.94
N VAL G 248 -31.23 27.02 50.15
CA VAL G 248 -31.76 28.25 50.70
C VAL G 248 -31.06 29.45 50.10
N LEU G 249 -29.76 29.57 50.34
CA LEU G 249 -29.04 30.75 49.92
C LEU G 249 -27.64 30.34 49.50
N SER G 250 -27.29 30.68 48.26
CA SER G 250 -26.04 30.25 47.66
C SER G 250 -25.48 31.38 46.82
N SER G 251 -24.15 31.43 46.72
CA SER G 251 -23.51 32.45 45.90
C SER G 251 -22.25 31.88 45.27
N ALA G 252 -21.97 32.30 44.05
CA ALA G 252 -20.78 31.85 43.33
C ALA G 252 -19.61 32.75 43.71
N VAL G 253 -19.24 32.69 44.99
CA VAL G 253 -18.22 33.59 45.50
C VAL G 253 -16.88 33.30 44.85
N HIS G 254 -16.57 32.03 44.58
CA HIS G 254 -15.29 31.64 44.01
C HIS G 254 -15.48 31.04 42.63
N SER G 255 -14.48 31.27 41.77
CA SER G 255 -14.49 30.71 40.43
C SER G 255 -13.85 29.34 40.36
N GLN G 256 -13.52 28.73 41.50
CA GLN G 256 -12.98 27.38 41.55
C GLN G 256 -13.29 26.74 42.89
N CYS G 257 -13.07 25.44 42.95
CA CYS G 257 -13.46 24.60 44.08
C CYS G 257 -13.32 25.32 45.42
N VAL G 258 -14.36 25.23 46.23
CA VAL G 258 -14.34 25.78 47.58
C VAL G 258 -13.70 24.76 48.52
N THR G 259 -12.46 25.00 48.94
CA THR G 259 -11.73 23.99 49.69
C THR G 259 -12.15 23.91 51.15
N GLY G 260 -12.62 25.01 51.74
CA GLY G 260 -12.98 24.94 53.14
C GLY G 260 -13.88 26.08 53.54
N LEU G 261 -14.66 25.84 54.58
CA LEU G 261 -15.52 26.86 55.16
C LEU G 261 -15.45 26.75 56.67
N VAL G 262 -15.26 27.89 57.34
CA VAL G 262 -15.03 27.91 58.78
C VAL G 262 -15.69 29.15 59.36
N PHE G 263 -16.71 28.96 60.18
CA PHE G 263 -17.49 30.07 60.71
C PHE G 263 -16.67 30.86 61.72
N SER G 264 -17.15 32.07 62.01
CA SER G 264 -16.46 32.94 62.95
C SER G 264 -17.00 32.80 64.36
N PRO G 265 -16.20 33.17 65.37
CA PRO G 265 -16.66 33.04 66.76
C PRO G 265 -17.64 34.12 67.20
N HIS G 266 -17.90 35.12 66.36
CA HIS G 266 -18.90 36.13 66.69
C HIS G 266 -20.27 35.49 66.84
N SER G 267 -21.04 36.00 67.80
CA SER G 267 -22.36 35.42 68.08
C SER G 267 -23.15 35.24 66.79
N VAL G 268 -23.17 36.27 65.96
CA VAL G 268 -23.65 36.16 64.59
C VAL G 268 -22.43 35.97 63.69
N PRO G 269 -22.07 34.75 63.35
CA PRO G 269 -20.75 34.49 62.76
C PRO G 269 -20.71 34.72 61.26
N PHE G 270 -19.51 35.04 60.78
CA PHE G 270 -19.25 35.09 59.35
C PHE G 270 -18.66 33.77 58.90
N LEU G 271 -18.67 33.54 57.58
CA LEU G 271 -18.21 32.29 57.01
C LEU G 271 -17.03 32.58 56.10
N ALA G 272 -15.91 31.89 56.34
CA ALA G 272 -14.70 32.08 55.55
C ALA G 272 -14.72 31.14 54.36
N SER G 273 -14.26 31.61 53.22
CA SER G 273 -14.46 30.90 51.96
C SER G 273 -13.17 30.94 51.14
N LEU G 274 -12.42 29.86 51.17
CA LEU G 274 -11.13 29.79 50.50
C LEU G 274 -11.13 28.67 49.46
N SER G 275 -10.69 28.99 48.26
CA SER G 275 -10.86 28.13 47.11
C SER G 275 -9.53 27.93 46.40
N GLU G 276 -9.54 27.02 45.43
CA GLU G 276 -8.37 26.73 44.64
C GLU G 276 -7.90 27.92 43.82
N ASP G 277 -8.74 28.94 43.70
CA ASP G 277 -8.41 30.15 42.97
C ASP G 277 -7.30 30.94 43.66
N CYS G 278 -6.95 30.58 44.89
CA CYS G 278 -6.00 31.35 45.68
C CYS G 278 -6.65 32.62 46.20
N SER G 279 -7.92 32.54 46.54
CA SER G 279 -8.67 33.70 47.00
C SER G 279 -9.48 33.33 48.23
N LEU G 280 -9.54 34.25 49.18
CA LEU G 280 -10.32 34.09 50.39
C LEU G 280 -11.33 35.21 50.51
N ALA G 281 -12.53 34.86 50.97
CA ALA G 281 -13.61 35.82 51.20
C ALA G 281 -14.33 35.46 52.48
N VAL G 282 -15.07 36.41 53.03
CA VAL G 282 -15.89 36.18 54.20
C VAL G 282 -17.35 36.40 53.81
N LEU G 283 -18.21 35.47 54.25
CA LEU G 283 -19.61 35.46 53.84
C LEU G 283 -20.50 35.60 55.06
N ASP G 284 -21.64 36.27 54.86
CA ASP G 284 -22.62 36.48 55.92
C ASP G 284 -23.82 35.55 55.74
N SER G 285 -24.86 35.81 56.54
CA SER G 285 -26.11 35.05 56.43
C SER G 285 -26.84 35.30 55.12
N SER G 286 -26.54 36.38 54.41
CA SER G 286 -27.08 36.62 53.09
C SER G 286 -26.09 36.25 51.99
N LEU G 287 -24.96 35.65 52.35
CA LEU G 287 -23.86 35.39 51.42
C LEU G 287 -23.47 36.67 50.68
N SER G 288 -23.39 37.76 51.44
CA SER G 288 -22.87 39.01 50.95
C SER G 288 -21.39 39.12 51.31
N GLU G 289 -20.57 39.38 50.29
CA GLU G 289 -19.14 39.43 50.46
C GLU G 289 -18.77 40.56 51.41
N LEU G 290 -17.91 40.26 52.39
CA LEU G 290 -17.29 41.29 53.22
C LEU G 290 -15.86 41.55 52.78
N PHE G 291 -15.03 40.52 52.79
CA PHE G 291 -13.59 40.64 52.59
C PHE G 291 -13.13 39.68 51.51
N ARG G 292 -12.19 40.15 50.69
CA ARG G 292 -11.61 39.32 49.65
C ARG G 292 -10.13 39.60 49.58
N SER G 293 -9.32 38.58 49.88
CA SER G 293 -7.87 38.73 49.93
C SER G 293 -7.23 37.82 48.91
N GLN G 294 -6.39 38.39 48.06
CA GLN G 294 -5.55 37.61 47.17
C GLN G 294 -4.16 37.41 47.74
N ALA G 295 -4.01 37.50 49.06
CA ALA G 295 -2.71 37.47 49.72
C ALA G 295 -1.91 36.26 49.30
N HIS G 296 -2.59 35.15 49.06
CA HIS G 296 -1.92 33.90 48.74
C HIS G 296 -1.69 33.76 47.24
N ARG G 297 -0.48 33.34 46.87
CA ARG G 297 -0.11 33.12 45.49
C ARG G 297 -0.14 31.65 45.10
N ASP G 298 -0.92 30.83 45.81
CA ASP G 298 -1.23 29.48 45.37
C ASP G 298 -2.41 29.00 46.20
N PHE G 299 -2.68 27.70 46.16
CA PHE G 299 -3.86 27.18 46.82
C PHE G 299 -3.91 27.63 48.28
N VAL G 300 -4.95 28.36 48.63
CA VAL G 300 -5.27 28.57 50.03
C VAL G 300 -5.85 27.26 50.54
N ARG G 301 -5.26 26.72 51.60
CA ARG G 301 -5.55 25.35 52.02
C ARG G 301 -6.34 25.22 53.30
N ASP G 302 -6.29 26.18 54.21
CA ASP G 302 -7.29 26.19 55.26
C ASP G 302 -7.04 27.39 56.16
N ALA G 303 -8.10 27.84 56.82
CA ALA G 303 -8.07 29.08 57.57
C ALA G 303 -8.56 28.82 58.98
N THR G 304 -8.41 29.83 59.83
CA THR G 304 -8.96 29.77 61.17
C THR G 304 -9.05 31.17 61.75
N TRP G 305 -9.97 31.37 62.68
CA TRP G 305 -10.17 32.67 63.29
C TRP G 305 -9.43 32.77 64.61
N SER G 306 -9.13 33.99 65.03
CA SER G 306 -8.36 34.18 66.25
C SER G 306 -9.22 33.86 67.47
N PRO G 307 -8.81 32.90 68.29
CA PRO G 307 -9.49 32.71 69.58
C PRO G 307 -9.24 33.82 70.56
N LEU G 308 -8.39 34.79 70.21
CA LEU G 308 -8.21 35.98 71.04
C LEU G 308 -8.83 37.22 70.40
N ASN G 309 -8.42 37.53 69.18
CA ASN G 309 -8.89 38.73 68.49
C ASN G 309 -9.86 38.32 67.39
N HIS G 310 -11.15 38.49 67.66
CA HIS G 310 -12.16 38.01 66.74
C HIS G 310 -12.14 38.73 65.39
N SER G 311 -11.42 39.82 65.28
CA SER G 311 -11.18 40.46 64.00
C SER G 311 -9.96 39.90 63.28
N LEU G 312 -9.31 38.89 63.84
CA LEU G 312 -8.05 38.38 63.35
C LEU G 312 -8.22 36.96 62.83
N LEU G 313 -7.88 36.75 61.57
CA LEU G 313 -8.01 35.47 60.89
C LEU G 313 -6.65 35.03 60.38
N THR G 314 -6.37 33.74 60.44
CA THR G 314 -5.09 33.20 59.96
C THR G 314 -5.35 32.24 58.82
N THR G 315 -4.58 32.39 57.75
CA THR G 315 -4.71 31.54 56.57
C THR G 315 -3.37 30.89 56.25
N VAL G 316 -3.41 29.63 55.85
CA VAL G 316 -2.20 28.91 55.47
C VAL G 316 -2.43 28.29 54.10
N GLY G 317 -1.42 28.40 53.24
CA GLY G 317 -1.52 27.95 51.86
C GLY G 317 -0.26 27.25 51.39
N TRP G 318 -0.30 26.84 50.12
CA TRP G 318 0.82 26.16 49.49
C TRP G 318 1.82 27.12 48.89
N ASP G 319 1.63 28.43 49.07
CA ASP G 319 2.73 29.36 48.85
C ASP G 319 3.56 29.55 50.11
N HIS G 320 3.42 28.64 51.07
CA HIS G 320 4.16 28.61 52.32
C HIS G 320 3.93 29.84 53.17
N GLN G 321 3.07 30.75 52.73
CA GLN G 321 2.79 31.95 53.50
C GLN G 321 1.77 31.64 54.58
N VAL G 322 1.84 32.37 55.68
CA VAL G 322 0.80 32.40 56.70
C VAL G 322 0.43 33.85 56.89
N VAL G 323 -0.56 34.32 56.12
CA VAL G 323 -0.92 35.73 56.09
C VAL G 323 -2.05 35.96 57.07
N HIS G 324 -1.83 36.89 58.01
CA HIS G 324 -2.83 37.24 59.00
C HIS G 324 -3.72 38.34 58.44
N HIS G 325 -5.02 38.12 58.50
CA HIS G 325 -5.99 39.04 57.94
C HIS G 325 -6.72 39.75 59.07
N VAL G 326 -6.88 41.06 58.93
CA VAL G 326 -7.79 41.83 59.77
C VAL G 326 -9.07 42.02 58.96
N VAL G 327 -10.14 41.39 59.41
CA VAL G 327 -11.41 41.38 58.68
C VAL G 327 -12.29 42.48 59.26
N PRO G 328 -13.13 43.14 58.44
CA PRO G 328 -14.07 44.16 58.91
C PRO G 328 -15.06 43.59 59.93
N PRO H 24 33.75 -57.98 1.78
CA PRO H 24 33.32 -58.79 0.64
C PRO H 24 31.85 -59.22 0.74
N ALA H 25 31.04 -58.49 1.51
CA ALA H 25 29.66 -58.89 1.73
C ALA H 25 28.81 -58.84 0.46
N CYS H 26 28.82 -57.70 -0.25
CA CYS H 26 28.14 -57.59 -1.53
C CYS H 26 28.80 -56.46 -2.30
N MET H 27 28.94 -56.65 -3.61
CA MET H 27 29.47 -55.62 -4.48
C MET H 27 28.49 -54.47 -4.57
N GLU H 28 28.99 -53.25 -4.40
CA GLU H 28 28.10 -52.11 -4.25
C GLU H 28 27.33 -51.89 -5.54
N ARG H 29 26.18 -51.21 -5.43
CA ARG H 29 25.23 -51.19 -6.54
C ARG H 29 25.85 -50.62 -7.81
N GLN H 30 26.71 -49.61 -7.69
CA GLN H 30 27.18 -48.84 -8.84
C GLN H 30 28.53 -49.38 -9.32
N LEU H 31 28.57 -49.83 -10.57
CA LEU H 31 29.83 -50.22 -11.19
C LEU H 31 30.48 -49.00 -11.83
N GLU H 32 31.79 -48.88 -11.70
CA GLU H 32 32.50 -47.71 -12.19
C GLU H 32 33.50 -48.05 -13.29
N ALA H 33 34.37 -49.01 -13.07
CA ALA H 33 35.37 -49.39 -14.06
C ALA H 33 35.50 -50.90 -14.10
N ALA H 34 35.87 -51.41 -15.28
CA ALA H 34 36.12 -52.82 -15.47
C ALA H 34 37.29 -52.97 -16.44
N ARG H 35 38.28 -53.77 -16.07
CA ARG H 35 39.48 -53.91 -16.89
C ARG H 35 39.87 -55.38 -16.95
N TYR H 36 39.96 -55.91 -18.16
CA TYR H 36 40.41 -57.27 -18.34
C TYR H 36 41.90 -57.36 -18.04
N ARG H 37 42.30 -58.36 -17.28
CA ARG H 37 43.72 -58.63 -17.12
C ARG H 37 44.23 -59.40 -18.33
N SER H 38 45.55 -59.45 -18.45
CA SER H 38 46.15 -60.12 -19.61
C SER H 38 45.85 -61.61 -19.61
N ASP H 39 45.75 -62.23 -18.44
CA ASP H 39 45.56 -63.67 -18.37
C ASP H 39 44.12 -64.10 -18.62
N GLY H 40 43.19 -63.17 -18.71
CA GLY H 40 41.79 -63.49 -18.96
C GLY H 40 40.85 -63.15 -17.82
N ALA H 41 41.31 -62.44 -16.79
CA ALA H 41 40.47 -62.10 -15.67
C ALA H 41 39.87 -60.70 -15.82
N LEU H 42 38.90 -60.43 -14.97
CA LEU H 42 38.13 -59.18 -14.98
C LEU H 42 38.35 -58.45 -13.67
N LEU H 43 38.38 -57.13 -13.73
CA LEU H 43 38.60 -56.30 -12.56
C LEU H 43 37.48 -55.29 -12.42
N LEU H 44 36.53 -55.57 -11.54
CA LEU H 44 35.35 -54.72 -11.40
C LEU H 44 35.61 -53.66 -10.35
N GLY H 45 35.42 -52.40 -10.73
CA GLY H 45 35.39 -51.31 -9.79
C GLY H 45 33.94 -50.94 -9.54
N ALA H 46 33.57 -50.87 -8.27
CA ALA H 46 32.18 -50.63 -7.92
C ALA H 46 32.09 -49.85 -6.63
N SER H 47 31.50 -48.67 -6.70
CA SER H 47 31.27 -47.81 -5.54
C SER H 47 29.79 -47.67 -5.32
N SER H 48 29.40 -47.30 -4.11
CA SER H 48 28.00 -47.04 -3.78
C SER H 48 27.76 -45.53 -3.81
N LEU H 49 27.01 -45.08 -4.81
CA LEU H 49 26.76 -43.66 -4.98
C LEU H 49 25.47 -43.20 -4.32
N SER H 50 24.77 -44.10 -3.63
CA SER H 50 23.48 -43.81 -3.05
C SER H 50 23.29 -44.69 -1.82
N GLY H 51 22.42 -44.26 -0.93
CA GLY H 51 22.22 -44.99 0.31
C GLY H 51 23.05 -44.40 1.43
N ARG H 52 22.99 -45.09 2.58
CA ARG H 52 23.62 -44.55 3.77
C ARG H 52 25.12 -44.41 3.61
N CYS H 53 25.80 -45.45 3.13
CA CYS H 53 27.25 -45.51 3.07
CA CYS H 53 27.25 -45.49 3.06
C CYS H 53 27.72 -45.43 1.62
N TRP H 54 28.54 -44.43 1.32
CA TRP H 54 29.14 -44.25 0.00
C TRP H 54 30.55 -44.82 0.08
N ALA H 55 30.69 -46.11 -0.18
CA ALA H 55 31.94 -46.81 0.01
C ALA H 55 32.37 -47.38 -1.34
N GLY H 56 33.57 -47.97 -1.37
CA GLY H 56 34.12 -48.48 -2.60
C GLY H 56 34.44 -49.96 -2.48
N SER H 57 34.65 -50.58 -3.63
CA SER H 57 35.02 -51.99 -3.60
C SER H 57 35.49 -52.43 -4.98
N LEU H 58 36.67 -53.08 -4.99
CA LEU H 58 37.25 -53.66 -6.18
C LEU H 58 36.80 -55.10 -6.28
N TRP H 59 36.91 -55.69 -7.47
CA TRP H 59 36.52 -57.07 -7.63
C TRP H 59 37.28 -57.72 -8.78
N LEU H 60 37.83 -58.90 -8.50
CA LEU H 60 38.58 -59.70 -9.46
C LEU H 60 37.80 -60.98 -9.76
N PHE H 61 37.58 -61.23 -11.04
CA PHE H 61 36.85 -62.43 -11.49
C PHE H 61 37.78 -63.22 -12.40
N LYS H 62 37.96 -64.50 -12.09
CA LYS H 62 38.69 -65.36 -13.02
C LYS H 62 37.77 -65.96 -14.06
N ASP H 63 36.45 -65.82 -13.89
CA ASP H 63 35.46 -66.20 -14.89
C ASP H 63 34.48 -65.06 -15.08
N PRO H 64 34.85 -63.98 -15.75
CA PRO H 64 34.02 -62.77 -15.71
C PRO H 64 32.57 -63.01 -16.08
N CYS H 65 32.27 -64.08 -16.79
CA CYS H 65 30.89 -64.43 -17.05
C CYS H 65 30.08 -64.57 -15.76
N ALA H 66 30.69 -65.11 -14.70
CA ALA H 66 30.00 -65.27 -13.44
C ALA H 66 29.71 -63.96 -12.73
N ALA H 67 30.29 -62.86 -13.17
CA ALA H 67 30.06 -61.58 -12.51
C ALA H 67 28.69 -61.04 -12.89
N PRO H 68 28.14 -60.11 -12.11
CA PRO H 68 28.76 -59.57 -10.90
C PRO H 68 28.24 -60.25 -9.62
N ASN H 69 27.96 -61.54 -9.68
CA ASN H 69 27.46 -62.25 -8.51
C ASN H 69 28.61 -62.52 -7.55
N GLU H 70 28.59 -61.82 -6.42
CA GLU H 70 29.75 -61.81 -5.52
C GLU H 70 30.17 -63.22 -5.13
N GLY H 71 29.22 -64.15 -5.08
CA GLY H 71 29.55 -65.50 -4.64
C GLY H 71 30.58 -66.19 -5.50
N PHE H 72 30.81 -65.67 -6.71
CA PHE H 72 31.76 -66.27 -7.64
C PHE H 72 32.98 -65.38 -7.87
N CYS H 73 33.27 -64.49 -6.94
CA CYS H 73 34.42 -63.60 -7.07
C CYS H 73 35.64 -64.25 -6.43
N SER H 74 36.68 -64.40 -7.25
CA SER H 74 37.92 -64.97 -6.74
C SER H 74 38.64 -64.00 -5.80
N ALA H 75 38.26 -62.74 -5.81
CA ALA H 75 38.92 -61.74 -4.98
C ALA H 75 38.04 -60.51 -4.89
N GLY H 76 38.30 -59.70 -3.87
CA GLY H 76 37.55 -58.48 -3.64
C GLY H 76 37.95 -57.85 -2.33
N VAL H 77 37.71 -56.55 -2.16
CA VAL H 77 38.09 -55.86 -0.94
C VAL H 77 37.35 -54.54 -0.88
N GLN H 78 37.26 -53.97 0.32
CA GLN H 78 36.65 -52.66 0.50
C GLN H 78 37.72 -51.58 0.48
N THR H 79 37.29 -50.33 0.43
CA THR H 79 38.15 -49.17 0.58
C THR H 79 37.49 -48.19 1.54
N GLU H 80 38.01 -46.98 1.59
CA GLU H 80 37.36 -45.97 2.42
C GLU H 80 36.22 -45.29 1.68
N ALA H 81 36.41 -44.97 0.41
CA ALA H 81 35.37 -44.30 -0.37
C ALA H 81 35.39 -44.80 -1.81
N GLY H 82 34.64 -44.12 -2.67
CA GLY H 82 34.30 -44.62 -3.98
C GLY H 82 35.43 -44.71 -4.99
N VAL H 83 35.29 -45.62 -5.96
CA VAL H 83 36.29 -45.88 -6.96
C VAL H 83 35.83 -45.24 -8.26
N ALA H 84 36.51 -44.17 -8.67
CA ALA H 84 36.17 -43.44 -9.89
C ALA H 84 36.76 -44.08 -11.14
N ASP H 85 38.01 -44.54 -11.06
CA ASP H 85 38.61 -45.29 -12.15
C ASP H 85 39.80 -46.06 -11.60
N LEU H 86 40.05 -47.22 -12.18
CA LEU H 86 41.13 -48.07 -11.73
C LEU H 86 41.85 -48.67 -12.93
N THR H 87 43.08 -49.10 -12.72
CA THR H 87 43.93 -49.58 -13.80
C THR H 87 44.79 -50.72 -13.32
N TRP H 88 45.19 -51.57 -14.26
CA TRP H 88 46.18 -52.60 -13.96
C TRP H 88 47.57 -51.98 -13.96
N VAL H 89 48.37 -52.33 -12.96
CA VAL H 89 49.80 -52.00 -12.94
C VAL H 89 50.54 -53.33 -12.91
N GLY H 90 51.05 -53.75 -14.07
CA GLY H 90 51.66 -55.05 -14.19
C GLY H 90 50.62 -56.14 -14.29
N GLU H 91 50.73 -57.14 -13.43
CA GLU H 91 49.78 -58.25 -13.41
C GLU H 91 49.08 -58.42 -12.07
N ARG H 92 49.64 -57.89 -10.98
CA ARG H 92 49.05 -58.03 -9.65
C ARG H 92 48.82 -56.70 -8.97
N GLY H 93 49.15 -55.59 -9.62
CA GLY H 93 48.91 -54.26 -9.08
C GLY H 93 47.49 -53.81 -9.38
N ILE H 94 47.09 -52.72 -8.76
CA ILE H 94 45.77 -52.11 -8.96
C ILE H 94 45.91 -50.63 -8.63
N LEU H 95 45.46 -49.78 -9.54
CA LEU H 95 45.46 -48.35 -9.29
C LEU H 95 44.01 -47.92 -9.09
N VAL H 96 43.73 -47.28 -7.97
CA VAL H 96 42.36 -46.92 -7.58
C VAL H 96 42.33 -45.46 -7.17
N ALA H 97 41.34 -44.73 -7.66
CA ALA H 97 41.17 -43.33 -7.34
C ALA H 97 39.91 -43.16 -6.50
N SER H 98 40.09 -42.88 -5.22
CA SER H 98 38.96 -42.73 -4.32
C SER H 98 38.21 -41.45 -4.64
N ASP H 99 36.93 -41.40 -4.23
CA ASP H 99 36.26 -40.11 -4.20
C ASP H 99 36.98 -39.13 -3.29
N SER H 100 37.71 -39.62 -2.30
CA SER H 100 38.33 -38.74 -1.31
C SER H 100 39.39 -37.86 -1.95
N GLY H 101 40.14 -38.43 -2.88
CA GLY H 101 41.22 -37.70 -3.50
C GLY H 101 42.59 -38.27 -3.26
N ALA H 102 42.67 -39.53 -2.85
CA ALA H 102 43.95 -40.17 -2.62
C ALA H 102 44.04 -41.43 -3.46
N VAL H 103 45.09 -41.53 -4.26
CA VAL H 103 45.34 -42.70 -5.08
C VAL H 103 46.02 -43.74 -4.21
N GLU H 104 45.57 -44.97 -4.31
CA GLU H 104 46.09 -46.05 -3.47
C GLU H 104 46.37 -47.28 -4.32
N LEU H 105 47.41 -48.02 -3.97
CA LEU H 105 47.88 -49.14 -4.76
C LEU H 105 47.63 -50.43 -4.00
N TRP H 106 46.87 -51.33 -4.64
CA TRP H 106 46.37 -52.55 -4.02
C TRP H 106 47.05 -53.75 -4.66
N GLU H 107 48.21 -54.15 -4.14
CA GLU H 107 48.88 -55.30 -4.69
C GLU H 107 48.03 -56.54 -4.45
N LEU H 108 47.54 -57.12 -5.53
CA LEU H 108 46.85 -58.40 -5.44
C LEU H 108 47.75 -59.41 -4.78
N ASP H 109 47.21 -60.19 -3.86
CA ASP H 109 48.01 -61.21 -3.22
C ASP H 109 48.34 -62.32 -4.21
N GLU H 110 49.50 -62.94 -4.02
CA GLU H 110 49.98 -63.94 -4.97
C GLU H 110 49.00 -65.09 -5.17
N ASN H 111 48.16 -65.38 -4.17
CA ASN H 111 47.19 -66.46 -4.34
C ASN H 111 46.04 -66.07 -5.25
N GLU H 112 45.92 -64.79 -5.58
CA GLU H 112 44.76 -64.29 -6.31
C GLU H 112 43.50 -64.46 -5.46
N THR H 113 43.67 -64.43 -4.14
CA THR H 113 42.58 -64.62 -3.20
C THR H 113 42.35 -63.44 -2.26
N LEU H 114 43.35 -62.63 -1.99
CA LEU H 114 43.22 -61.48 -1.11
C LEU H 114 43.82 -60.26 -1.78
N ILE H 115 43.27 -59.10 -1.44
CA ILE H 115 43.68 -57.82 -2.01
C ILE H 115 44.20 -56.95 -0.88
N VAL H 116 45.46 -56.53 -0.97
CA VAL H 116 46.14 -55.86 0.12
C VAL H 116 46.53 -54.45 -0.32
N SER H 117 46.15 -53.47 0.47
CA SER H 117 46.59 -52.10 0.25
C SER H 117 48.09 -51.96 0.46
N LYS H 118 48.73 -51.17 -0.40
CA LYS H 118 50.14 -50.84 -0.24
C LYS H 118 50.36 -49.40 0.23
N PHE H 119 49.81 -48.43 -0.48
CA PHE H 119 49.81 -47.07 0.02
C PHE H 119 48.48 -46.42 -0.36
N CYS H 120 48.13 -45.39 0.40
CA CYS H 120 46.97 -44.55 0.09
C CYS H 120 47.39 -43.12 0.43
N LYS H 121 47.94 -42.42 -0.57
CA LYS H 121 48.54 -41.11 -0.37
C LYS H 121 47.49 -40.05 -0.64
N TYR H 122 47.12 -39.31 0.40
CA TYR H 122 46.15 -38.22 0.27
C TYR H 122 46.83 -37.06 -0.42
N GLU H 123 46.76 -37.03 -1.74
CA GLU H 123 47.50 -36.06 -2.51
C GLU H 123 46.65 -34.98 -3.13
N HIS H 124 45.43 -35.28 -3.56
CA HIS H 124 44.64 -34.28 -4.25
C HIS H 124 43.78 -33.53 -3.25
N ASP H 125 43.26 -32.39 -3.70
CA ASP H 125 42.39 -31.56 -2.89
C ASP H 125 40.91 -31.72 -3.22
N ASP H 126 40.55 -32.70 -4.03
CA ASP H 126 39.16 -32.95 -4.32
C ASP H 126 39.07 -34.15 -5.25
N ILE H 127 37.83 -34.56 -5.57
CA ILE H 127 37.55 -35.87 -6.14
C ILE H 127 38.57 -36.23 -7.20
N VAL H 128 39.10 -37.44 -7.14
CA VAL H 128 39.98 -37.96 -8.19
C VAL H 128 39.10 -38.53 -9.29
N SER H 129 39.30 -38.07 -10.52
CA SER H 129 38.41 -38.40 -11.61
C SER H 129 39.03 -39.30 -12.66
N THR H 130 40.35 -39.45 -12.66
CA THR H 130 40.99 -40.36 -13.61
C THR H 130 42.31 -40.85 -13.05
N VAL H 131 42.76 -41.99 -13.56
CA VAL H 131 44.13 -42.44 -13.37
C VAL H 131 44.53 -43.22 -14.61
N SER H 132 45.84 -43.42 -14.77
CA SER H 132 46.36 -44.12 -15.93
C SER H 132 47.86 -44.29 -15.75
N VAL H 133 48.38 -45.38 -16.28
CA VAL H 133 49.79 -45.74 -16.09
C VAL H 133 50.57 -45.40 -17.34
N LEU H 134 51.74 -44.78 -17.17
CA LEU H 134 52.57 -44.45 -18.30
C LEU H 134 52.91 -45.71 -19.08
N SER H 135 53.47 -45.53 -20.27
CA SER H 135 53.68 -46.66 -21.18
C SER H 135 54.55 -47.74 -20.55
N SER H 136 55.63 -47.34 -19.87
CA SER H 136 56.52 -48.33 -19.30
C SER H 136 55.82 -49.16 -18.24
N GLY H 137 55.05 -48.51 -17.37
CA GLY H 137 54.43 -49.18 -16.25
C GLY H 137 55.06 -48.88 -14.91
N THR H 138 55.74 -47.75 -14.77
CA THR H 138 56.40 -47.41 -13.52
C THR H 138 55.86 -46.13 -12.88
N GLN H 139 55.12 -45.32 -13.62
CA GLN H 139 54.66 -44.04 -13.13
C GLN H 139 53.18 -43.91 -13.43
N ALA H 140 52.55 -42.94 -12.79
CA ALA H 140 51.10 -42.79 -12.92
C ALA H 140 50.77 -41.31 -13.01
N VAL H 141 49.60 -41.03 -13.55
CA VAL H 141 49.07 -39.68 -13.61
C VAL H 141 47.62 -39.72 -13.16
N SER H 142 47.18 -38.70 -12.46
CA SER H 142 45.83 -38.60 -11.96
C SER H 142 45.33 -37.19 -12.18
N GLY H 143 44.02 -37.01 -12.21
CA GLY H 143 43.49 -35.68 -12.37
C GLY H 143 42.23 -35.50 -11.57
N SER H 144 42.20 -34.49 -10.73
CA SER H 144 41.09 -34.32 -9.81
C SER H 144 40.46 -32.96 -9.99
N LYS H 145 39.21 -32.83 -9.58
CA LYS H 145 38.51 -31.56 -9.73
C LYS H 145 39.22 -30.44 -8.99
N ASP H 146 40.30 -30.73 -8.27
CA ASP H 146 41.31 -29.73 -8.03
C ASP H 146 42.21 -29.73 -9.25
N ILE H 147 42.12 -28.68 -10.05
CA ILE H 147 42.49 -28.71 -11.45
C ILE H 147 43.86 -29.36 -11.66
N CYS H 148 44.65 -29.45 -10.60
CA CYS H 148 46.01 -29.96 -10.71
C CYS H 148 46.03 -31.41 -11.16
N ILE H 149 46.97 -31.70 -12.06
CA ILE H 149 47.31 -33.05 -12.50
C ILE H 149 48.63 -33.42 -11.86
N LYS H 150 48.79 -34.67 -11.47
CA LYS H 150 50.00 -35.10 -10.80
C LYS H 150 50.64 -36.27 -11.54
N VAL H 151 51.84 -36.63 -11.11
CA VAL H 151 52.58 -37.77 -11.65
C VAL H 151 53.18 -38.56 -10.49
N TRP H 152 53.03 -39.88 -10.54
CA TRP H 152 53.40 -40.74 -9.42
C TRP H 152 54.63 -41.58 -9.77
N ASP H 153 55.35 -41.99 -8.74
CA ASP H 153 56.35 -43.04 -8.86
C ASP H 153 55.86 -44.23 -8.02
N LEU H 154 55.36 -45.27 -8.70
CA LEU H 154 54.73 -46.34 -7.95
C LEU H 154 55.73 -47.12 -7.11
N ALA H 155 56.99 -47.23 -7.56
CA ALA H 155 57.98 -47.96 -6.78
C ALA H 155 58.33 -47.23 -5.48
N GLN H 156 58.59 -45.92 -5.56
CA GLN H 156 59.01 -45.15 -4.40
C GLN H 156 57.86 -44.42 -3.71
N GLN H 157 56.70 -44.33 -4.36
CA GLN H 157 55.47 -43.92 -3.70
C GLN H 157 55.48 -42.47 -3.24
N VAL H 158 55.80 -41.55 -4.14
CA VAL H 158 55.51 -40.13 -3.95
C VAL H 158 55.27 -39.51 -5.31
N VAL H 159 54.91 -38.22 -5.31
CA VAL H 159 54.56 -37.49 -6.51
C VAL H 159 55.82 -36.80 -7.03
N LEU H 160 56.15 -37.04 -8.30
CA LEU H 160 57.32 -36.44 -8.90
C LEU H 160 57.04 -35.05 -9.46
N SER H 161 55.80 -34.80 -9.87
CA SER H 161 55.44 -33.56 -10.55
C SER H 161 53.97 -33.26 -10.33
N SER H 162 53.67 -32.01 -10.00
CA SER H 162 52.30 -31.60 -9.72
C SER H 162 51.97 -30.35 -10.51
N TYR H 163 51.55 -30.53 -11.76
CA TYR H 163 51.32 -29.42 -12.67
C TYR H 163 49.88 -28.95 -12.52
N ARG H 164 49.69 -27.66 -12.25
CA ARG H 164 48.36 -27.07 -12.26
C ARG H 164 48.16 -26.36 -13.59
N ALA H 165 47.93 -27.15 -14.65
CA ALA H 165 47.88 -26.60 -16.01
C ALA H 165 46.51 -26.08 -16.40
N HIS H 166 45.46 -26.90 -16.33
CA HIS H 166 44.14 -26.51 -16.78
C HIS H 166 43.54 -25.44 -15.88
N ALA H 167 42.34 -25.01 -16.23
CA ALA H 167 41.63 -23.98 -15.47
C ALA H 167 40.30 -24.44 -14.92
N ALA H 168 39.92 -25.69 -15.11
CA ALA H 168 38.74 -26.29 -14.48
C ALA H 168 39.06 -27.74 -14.18
N GLN H 169 38.04 -28.53 -13.86
CA GLN H 169 38.31 -29.92 -13.53
C GLN H 169 38.91 -30.64 -14.72
N VAL H 170 39.75 -31.63 -14.43
CA VAL H 170 40.33 -32.47 -15.47
C VAL H 170 39.39 -33.65 -15.72
N THR H 171 38.89 -33.76 -16.95
CA THR H 171 37.84 -34.74 -17.23
C THR H 171 38.41 -36.10 -17.58
N CYS H 172 39.63 -36.16 -18.10
CA CYS H 172 40.18 -37.46 -18.46
C CYS H 172 41.68 -37.37 -18.62
N VAL H 173 42.32 -38.52 -18.76
CA VAL H 173 43.74 -38.65 -19.05
C VAL H 173 43.93 -39.98 -19.76
N ALA H 174 44.92 -40.05 -20.64
CA ALA H 174 45.23 -41.28 -21.34
C ALA H 174 46.73 -41.34 -21.59
N ALA H 175 47.41 -42.30 -20.98
CA ALA H 175 48.85 -42.40 -21.13
C ALA H 175 49.21 -42.94 -22.50
N SER H 176 50.35 -42.48 -23.03
CA SER H 176 50.75 -42.88 -24.37
C SER H 176 51.21 -44.33 -24.36
N PRO H 177 50.58 -45.18 -25.16
CA PRO H 177 50.95 -46.60 -25.14
C PRO H 177 52.41 -46.85 -25.48
N HIS H 178 53.03 -45.97 -26.25
CA HIS H 178 54.35 -46.25 -26.80
C HIS H 178 55.47 -45.35 -26.30
N LYS H 179 55.20 -44.12 -25.88
CA LYS H 179 56.24 -43.23 -25.38
C LYS H 179 56.02 -42.98 -23.89
N ASP H 180 57.04 -43.30 -23.08
CA ASP H 180 56.88 -43.23 -21.63
C ASP H 180 56.64 -41.82 -21.13
N SER H 181 56.90 -40.81 -21.96
CA SER H 181 56.80 -39.44 -21.50
C SER H 181 55.63 -38.69 -22.13
N VAL H 182 54.63 -39.37 -22.64
CA VAL H 182 53.53 -38.72 -23.32
C VAL H 182 52.20 -39.19 -22.74
N PHE H 183 51.35 -38.25 -22.38
CA PHE H 183 50.00 -38.59 -21.96
C PHE H 183 49.09 -37.46 -22.41
N LEU H 184 47.82 -37.76 -22.53
CA LEU H 184 46.82 -36.75 -22.87
C LEU H 184 45.98 -36.41 -21.66
N SER H 185 45.27 -35.29 -21.76
CA SER H 185 44.31 -34.94 -20.72
C SER H 185 43.43 -33.82 -21.22
N CYS H 186 42.14 -34.08 -21.27
CA CYS H 186 41.18 -33.06 -21.66
C CYS H 186 40.60 -32.46 -20.39
N SER H 187 39.87 -31.37 -20.54
CA SER H 187 39.36 -30.63 -19.40
C SER H 187 37.94 -30.16 -19.68
N GLU H 188 37.36 -29.49 -18.68
CA GLU H 188 36.12 -28.77 -18.93
C GLU H 188 36.35 -27.33 -19.28
N ASP H 189 37.61 -26.90 -19.36
CA ASP H 189 37.94 -25.62 -19.96
C ASP H 189 38.41 -25.75 -21.39
N ASN H 190 37.84 -26.69 -22.13
CA ASN H 190 37.97 -26.83 -23.59
C ASN H 190 39.39 -27.02 -24.07
N ARG H 191 40.36 -27.20 -23.19
CA ARG H 191 41.72 -27.44 -23.61
C ARG H 191 41.95 -28.95 -23.73
N ILE H 192 42.69 -29.36 -24.75
CA ILE H 192 43.20 -30.71 -24.86
C ILE H 192 44.71 -30.60 -24.91
N LEU H 193 45.39 -31.21 -23.94
CA LEU H 193 46.82 -31.04 -23.79
C LEU H 193 47.52 -32.37 -24.01
N LEU H 194 48.44 -32.39 -24.97
CA LEU H 194 49.41 -33.46 -25.11
C LEU H 194 50.63 -33.10 -24.29
N TRP H 195 51.08 -34.01 -23.44
CA TRP H 195 52.08 -33.71 -22.44
C TRP H 195 53.37 -34.48 -22.70
N ASP H 196 54.44 -34.02 -22.06
CA ASP H 196 55.72 -34.73 -22.10
C ASP H 196 56.41 -34.48 -20.76
N THR H 197 57.00 -35.54 -20.21
CA THR H 197 57.69 -35.41 -18.94
C THR H 197 59.07 -34.79 -19.06
N ARG H 198 59.58 -34.62 -20.28
CA ARG H 198 60.94 -34.10 -20.47
C ARG H 198 61.00 -32.59 -20.58
N CYS H 199 60.16 -32.00 -21.42
CA CYS H 199 60.30 -30.61 -21.82
C CYS H 199 60.23 -29.68 -20.62
N PRO H 200 60.96 -28.55 -20.67
CA PRO H 200 60.82 -27.56 -19.59
C PRO H 200 59.41 -27.00 -19.47
N LYS H 201 58.68 -26.91 -20.58
CA LYS H 201 57.27 -26.56 -20.53
C LYS H 201 56.48 -27.74 -21.08
N PRO H 202 55.92 -28.60 -20.23
CA PRO H 202 55.45 -29.90 -20.72
C PRO H 202 54.16 -29.83 -21.51
N ALA H 203 53.27 -28.88 -21.19
CA ALA H 203 51.96 -28.83 -21.84
C ALA H 203 52.10 -28.52 -23.32
N SER H 204 51.10 -28.93 -24.09
CA SER H 204 51.11 -28.68 -25.52
C SER H 204 49.68 -28.68 -26.05
N GLN H 205 49.07 -27.49 -26.13
CA GLN H 205 47.68 -27.37 -26.54
C GLN H 205 47.55 -27.84 -27.98
N ILE H 206 46.83 -28.94 -28.18
CA ILE H 206 46.66 -29.52 -29.51
C ILE H 206 45.20 -29.84 -29.73
N GLY H 207 44.47 -28.91 -30.35
CA GLY H 207 43.06 -29.12 -30.62
C GLY H 207 42.79 -30.36 -31.44
N PRO H 211 37.13 -24.01 -29.56
CA PRO H 211 35.85 -23.31 -29.44
C PRO H 211 34.68 -24.22 -29.78
N GLY H 212 34.91 -25.52 -29.71
CA GLY H 212 33.86 -26.47 -30.01
C GLY H 212 33.11 -26.90 -28.76
N TYR H 213 32.63 -28.15 -28.81
CA TYR H 213 31.98 -28.75 -27.65
C TYR H 213 33.02 -29.31 -26.69
N LEU H 214 32.68 -29.29 -25.41
CA LEU H 214 33.60 -29.65 -24.35
C LEU H 214 34.06 -31.10 -24.52
N PRO H 215 35.36 -31.37 -24.44
CA PRO H 215 35.84 -32.75 -24.56
C PRO H 215 35.64 -33.51 -23.26
N THR H 216 35.40 -34.82 -23.36
CA THR H 216 35.04 -35.64 -22.21
C THR H 216 35.69 -37.01 -22.17
N SER H 217 36.59 -37.34 -23.08
CA SER H 217 37.27 -38.62 -23.01
C SER H 217 38.36 -38.70 -24.06
N LEU H 218 39.43 -39.41 -23.72
CA LEU H 218 40.60 -39.55 -24.58
C LEU H 218 41.05 -41.01 -24.64
N ALA H 219 41.64 -41.39 -25.77
CA ALA H 219 42.24 -42.71 -25.87
C ALA H 219 43.17 -42.74 -27.07
N TRP H 220 44.44 -43.02 -26.84
CA TRP H 220 45.44 -43.08 -27.90
C TRP H 220 45.17 -44.24 -28.84
N HIS H 221 45.55 -44.08 -30.09
CA HIS H 221 45.45 -45.18 -31.04
C HIS H 221 46.49 -46.24 -30.68
N PRO H 222 46.13 -47.52 -30.68
CA PRO H 222 47.08 -48.55 -30.27
C PRO H 222 48.16 -48.87 -31.29
N GLN H 223 48.01 -48.47 -32.55
CA GLN H 223 49.00 -48.86 -33.56
C GLN H 223 49.73 -47.68 -34.18
N GLN H 224 48.99 -46.73 -34.73
CA GLN H 224 49.60 -45.53 -35.31
C GLN H 224 49.67 -44.48 -34.20
N SER H 225 50.77 -44.52 -33.46
CA SER H 225 50.86 -44.01 -32.11
C SER H 225 50.62 -42.51 -31.98
N GLU H 226 50.49 -41.80 -33.08
CA GLU H 226 50.30 -40.36 -33.02
C GLU H 226 48.86 -39.95 -33.34
N VAL H 227 47.93 -40.89 -33.31
CA VAL H 227 46.51 -40.61 -33.43
C VAL H 227 45.87 -40.79 -32.05
N PHE H 228 45.04 -39.84 -31.66
CA PHE H 228 44.26 -39.98 -30.45
C PHE H 228 42.88 -39.40 -30.70
N VAL H 229 41.90 -39.90 -29.96
CA VAL H 229 40.52 -39.49 -30.17
C VAL H 229 39.94 -38.94 -28.88
N PHE H 230 39.36 -37.74 -28.98
CA PHE H 230 38.66 -37.12 -27.87
C PHE H 230 37.18 -37.17 -28.17
N GLY H 231 36.39 -37.66 -27.20
CA GLY H 231 34.94 -37.65 -27.33
C GLY H 231 34.35 -36.44 -26.61
N ASP H 232 33.44 -35.76 -27.27
CA ASP H 232 32.95 -34.49 -26.74
C ASP H 232 31.66 -34.70 -25.93
N GLU H 233 31.18 -33.60 -25.36
CA GLU H 233 29.99 -33.57 -24.53
C GLU H 233 28.70 -33.73 -25.31
N ASN H 234 28.75 -33.68 -26.63
CA ASN H 234 27.55 -33.78 -27.44
C ASN H 234 27.48 -35.04 -28.27
N GLY H 235 28.28 -36.05 -27.93
CA GLY H 235 28.16 -37.32 -28.60
C GLY H 235 28.86 -37.38 -29.94
N THR H 236 29.97 -36.67 -30.09
CA THR H 236 30.72 -36.65 -31.33
C THR H 236 32.13 -37.15 -31.05
N VAL H 237 32.43 -38.37 -31.47
CA VAL H 237 33.76 -38.92 -31.39
C VAL H 237 34.62 -38.21 -32.43
N SER H 238 35.82 -37.80 -32.05
CA SER H 238 36.73 -37.16 -32.98
C SER H 238 37.92 -38.05 -33.26
N LEU H 239 38.79 -37.59 -34.16
CA LEU H 239 40.05 -38.25 -34.46
C LEU H 239 41.05 -37.20 -34.90
N VAL H 240 41.81 -36.67 -33.95
CA VAL H 240 42.69 -35.55 -34.21
C VAL H 240 44.13 -36.04 -34.30
N ASP H 241 44.92 -35.42 -35.16
CA ASP H 241 46.35 -35.69 -35.25
C ASP H 241 47.12 -34.65 -34.45
N THR H 242 48.04 -35.12 -33.60
CA THR H 242 48.73 -34.22 -32.70
C THR H 242 49.42 -33.09 -33.44
N LYS H 243 50.21 -33.43 -34.45
CA LYS H 243 51.03 -32.42 -35.13
C LYS H 243 50.27 -31.70 -36.24
N SER H 244 49.07 -32.14 -36.58
CA SER H 244 48.26 -31.49 -37.61
C SER H 244 47.10 -30.68 -37.05
N THR H 245 46.31 -31.27 -36.15
CA THR H 245 45.23 -30.58 -35.44
C THR H 245 44.11 -30.11 -36.37
N SER H 246 43.89 -30.81 -37.48
CA SER H 246 42.71 -30.60 -38.32
C SER H 246 41.70 -31.65 -37.89
N CYS H 247 40.53 -31.22 -37.42
CA CYS H 247 39.58 -32.23 -36.97
C CYS H 247 39.34 -33.17 -38.12
N VAL H 248 39.87 -34.40 -38.03
CA VAL H 248 39.98 -35.24 -39.21
C VAL H 248 38.63 -35.91 -39.49
N LEU H 249 38.17 -36.74 -38.57
CA LEU H 249 36.97 -37.52 -38.79
C LEU H 249 36.21 -37.64 -37.50
N SER H 250 34.95 -37.21 -37.54
CA SER H 250 34.11 -37.13 -36.35
C SER H 250 32.69 -37.53 -36.71
N SER H 251 31.99 -38.11 -35.75
CA SER H 251 30.61 -38.49 -35.97
C SER H 251 29.83 -38.33 -34.68
N ALA H 252 28.57 -37.92 -34.82
CA ALA H 252 27.68 -37.73 -33.66
C ALA H 252 27.02 -39.06 -33.33
N VAL H 253 27.85 -40.03 -32.94
CA VAL H 253 27.35 -41.38 -32.71
C VAL H 253 26.38 -41.41 -31.54
N HIS H 254 26.62 -40.59 -30.52
CA HIS H 254 25.78 -40.58 -29.32
C HIS H 254 25.09 -39.25 -29.16
N SER H 255 23.88 -39.30 -28.61
CA SER H 255 23.13 -38.07 -28.34
C SER H 255 23.42 -37.49 -26.97
N GLN H 256 24.41 -38.02 -26.25
CA GLN H 256 24.83 -37.50 -24.96
C GLN H 256 26.28 -37.82 -24.71
N CYS H 257 26.84 -37.17 -23.68
CA CYS H 257 28.25 -37.22 -23.36
C CYS H 257 28.87 -38.58 -23.64
N VAL H 258 30.01 -38.58 -24.32
CA VAL H 258 30.77 -39.79 -24.57
C VAL H 258 31.66 -40.07 -23.37
N THR H 259 31.30 -41.07 -22.56
CA THR H 259 32.00 -41.29 -21.30
C THR H 259 33.34 -41.99 -21.49
N GLY H 260 33.49 -42.81 -22.50
CA GLY H 260 34.75 -43.51 -22.65
C GLY H 260 34.94 -44.06 -24.04
N LEU H 261 36.20 -44.22 -24.41
CA LEU H 261 36.56 -44.80 -25.70
C LEU H 261 37.72 -45.76 -25.47
N VAL H 262 37.62 -46.96 -26.03
CA VAL H 262 38.60 -48.01 -25.78
C VAL H 262 38.76 -48.84 -27.04
N PHE H 263 39.95 -48.78 -27.64
CA PHE H 263 40.19 -49.43 -28.92
C PHE H 263 40.22 -50.94 -28.75
N SER H 264 40.12 -51.66 -29.87
CA SER H 264 40.09 -53.11 -29.86
C SER H 264 41.48 -53.68 -30.08
N PRO H 265 41.71 -54.92 -29.64
CA PRO H 265 43.03 -55.55 -29.83
C PRO H 265 43.31 -56.02 -31.25
N HIS H 266 42.34 -55.96 -32.15
CA HIS H 266 42.58 -56.32 -33.54
C HIS H 266 43.62 -55.39 -34.16
N SER H 267 44.46 -55.97 -35.01
CA SER H 267 45.54 -55.20 -35.61
C SER H 267 45.02 -53.89 -36.18
N VAL H 268 43.91 -53.96 -36.92
CA VAL H 268 43.14 -52.78 -37.30
C VAL H 268 41.99 -52.65 -36.30
N PRO H 269 42.13 -51.85 -35.26
CA PRO H 269 41.20 -51.94 -34.14
C PRO H 269 39.94 -51.12 -34.34
N PHE H 270 38.87 -51.55 -33.66
CA PHE H 270 37.65 -50.79 -33.59
C PHE H 270 37.64 -49.96 -32.31
N LEU H 271 36.76 -48.97 -32.26
CA LEU H 271 36.68 -48.04 -31.13
C LEU H 271 35.33 -48.18 -30.48
N ALA H 272 35.31 -48.43 -29.18
CA ALA H 272 34.07 -48.60 -28.43
C ALA H 272 33.61 -47.25 -27.91
N SER H 273 32.31 -47.00 -27.94
CA SER H 273 31.78 -45.67 -27.71
C SER H 273 30.55 -45.77 -26.82
N LEU H 274 30.72 -45.48 -25.54
CA LEU H 274 29.66 -45.59 -24.55
C LEU H 274 29.39 -44.25 -23.89
N SER H 275 28.12 -43.87 -23.85
CA SER H 275 27.73 -42.52 -23.49
C SER H 275 26.68 -42.55 -22.39
N GLU H 276 26.37 -41.38 -21.88
CA GLU H 276 25.36 -41.22 -20.84
C GLU H 276 23.98 -41.63 -21.31
N ASP H 277 23.80 -41.78 -22.61
CA ASP H 277 22.52 -42.20 -23.20
C ASP H 277 22.18 -43.63 -22.83
N CYS H 278 23.12 -44.37 -22.24
CA CYS H 278 22.93 -45.79 -21.97
C CYS H 278 23.04 -46.60 -23.25
N SER H 279 23.92 -46.18 -24.15
CA SER H 279 24.07 -46.84 -25.44
C SER H 279 25.54 -47.03 -25.74
N LEU H 280 25.86 -48.18 -26.33
CA LEU H 280 27.21 -48.50 -26.73
C LEU H 280 27.25 -48.80 -28.22
N ALA H 281 28.32 -48.32 -28.87
CA ALA H 281 28.54 -48.55 -30.29
C ALA H 281 30.01 -48.83 -30.52
N VAL H 282 30.32 -49.41 -31.68
CA VAL H 282 31.70 -49.65 -32.08
C VAL H 282 31.97 -48.86 -33.34
N LEU H 283 33.12 -48.19 -33.38
CA LEU H 283 33.46 -47.27 -34.45
C LEU H 283 34.73 -47.73 -35.14
N ASP H 284 34.79 -47.48 -36.45
CA ASP H 284 35.94 -47.85 -37.27
C ASP H 284 36.78 -46.61 -37.60
N SER H 285 37.75 -46.79 -38.50
CA SER H 285 38.59 -45.69 -38.96
C SER H 285 37.82 -44.65 -39.76
N SER H 286 36.64 -44.99 -40.27
CA SER H 286 35.77 -44.02 -40.92
C SER H 286 34.64 -43.56 -40.00
N LEU H 287 34.69 -43.94 -38.73
CA LEU H 287 33.60 -43.68 -37.79
C LEU H 287 32.27 -44.17 -38.36
N SER H 288 32.30 -45.36 -38.97
CA SER H 288 31.11 -46.04 -39.41
C SER H 288 30.65 -47.02 -38.34
N GLU H 289 29.39 -46.89 -37.95
CA GLU H 289 28.84 -47.70 -36.87
C GLU H 289 28.87 -49.18 -37.27
N LEU H 290 29.35 -50.02 -36.37
CA LEU H 290 29.22 -51.46 -36.51
C LEU H 290 28.12 -52.01 -35.62
N PHE H 291 28.22 -51.77 -34.31
CA PHE H 291 27.36 -52.37 -33.33
C PHE H 291 26.77 -51.31 -32.41
N ARG H 292 25.50 -51.50 -32.06
CA ARG H 292 24.82 -50.58 -31.15
C ARG H 292 23.97 -51.40 -30.20
N SER H 293 24.30 -51.36 -28.92
CA SER H 293 23.61 -52.16 -27.91
C SER H 293 22.96 -51.23 -26.90
N GLN H 294 21.66 -51.41 -26.68
CA GLN H 294 20.96 -50.76 -25.59
C GLN H 294 20.85 -51.66 -24.38
N ALA H 295 21.74 -52.63 -24.23
CA ALA H 295 21.66 -53.64 -23.20
C ALA H 295 21.54 -52.99 -21.82
N HIS H 296 22.18 -51.85 -21.63
CA HIS H 296 22.20 -51.19 -20.34
C HIS H 296 21.03 -50.25 -20.17
N ARG H 297 20.39 -50.32 -19.00
CA ARG H 297 19.27 -49.46 -18.66
C ARG H 297 19.67 -48.31 -17.76
N ASP H 298 20.94 -47.92 -17.77
CA ASP H 298 21.38 -46.67 -17.16
C ASP H 298 22.77 -46.36 -17.69
N PHE H 299 23.46 -45.43 -17.06
CA PHE H 299 24.75 -45.00 -17.58
C PHE H 299 25.67 -46.19 -17.81
N VAL H 300 26.08 -46.38 -19.05
CA VAL H 300 27.19 -47.27 -19.35
C VAL H 300 28.45 -46.54 -18.91
N ARG H 301 29.23 -47.18 -18.04
CA ARG H 301 30.31 -46.48 -17.35
C ARG H 301 31.71 -46.87 -17.78
N ASP H 302 31.93 -48.06 -18.30
CA ASP H 302 33.18 -48.27 -19.00
C ASP H 302 33.20 -49.70 -19.53
N ALA H 303 33.98 -49.91 -20.59
CA ALA H 303 33.95 -51.15 -21.33
C ALA H 303 35.37 -51.69 -21.44
N THR H 304 35.49 -52.93 -21.92
CA THR H 304 36.79 -53.50 -22.21
C THR H 304 36.61 -54.68 -23.15
N TRP H 305 37.65 -54.98 -23.93
CA TRP H 305 37.59 -56.07 -24.89
C TRP H 305 38.22 -57.33 -24.29
N SER H 306 37.83 -58.47 -24.84
CA SER H 306 38.32 -59.73 -24.31
C SER H 306 39.78 -59.93 -24.66
N PRO H 307 40.67 -60.08 -23.69
CA PRO H 307 42.05 -60.47 -24.00
C PRO H 307 42.16 -61.91 -24.46
N LEU H 308 41.06 -62.66 -24.47
CA LEU H 308 41.06 -64.01 -25.04
C LEU H 308 40.28 -64.04 -26.36
N ASN H 309 39.02 -63.63 -26.33
CA ASN H 309 38.16 -63.70 -27.50
C ASN H 309 37.97 -62.29 -28.04
N HIS H 310 38.67 -61.96 -29.13
CA HIS H 310 38.66 -60.60 -29.63
C HIS H 310 37.30 -60.18 -30.18
N SER H 311 36.37 -61.11 -30.34
CA SER H 311 34.99 -60.77 -30.66
C SER H 311 34.15 -60.53 -29.41
N LEU H 312 34.76 -60.60 -28.23
CA LEU H 312 34.03 -60.55 -26.97
C LEU H 312 34.37 -59.27 -26.20
N LEU H 313 33.35 -58.49 -25.90
CA LEU H 313 33.49 -57.20 -25.21
C LEU H 313 32.68 -57.25 -23.93
N THR H 314 33.20 -56.63 -22.86
CA THR H 314 32.51 -56.59 -21.58
C THR H 314 32.19 -55.14 -21.22
N THR H 315 30.97 -54.89 -20.80
CA THR H 315 30.51 -53.56 -20.43
C THR H 315 29.97 -53.59 -19.02
N VAL H 316 30.25 -52.54 -18.26
CA VAL H 316 29.75 -52.40 -16.89
C VAL H 316 29.10 -51.04 -16.74
N GLY H 317 27.94 -51.02 -16.10
CA GLY H 317 27.15 -49.81 -15.98
C GLY H 317 26.53 -49.66 -14.60
N TRP H 318 25.78 -48.58 -14.45
CA TRP H 318 25.11 -48.28 -13.19
C TRP H 318 23.74 -48.93 -13.09
N ASP H 319 23.36 -49.74 -14.07
CA ASP H 319 22.27 -50.68 -13.87
C ASP H 319 22.75 -52.00 -13.27
N HIS H 320 23.96 -52.00 -12.72
CA HIS H 320 24.59 -53.14 -12.06
C HIS H 320 24.77 -54.33 -12.99
N GLN H 321 24.41 -54.19 -14.25
CA GLN H 321 24.56 -55.29 -15.20
C GLN H 321 26.00 -55.33 -15.71
N VAL H 322 26.45 -56.52 -16.06
CA VAL H 322 27.69 -56.71 -16.79
C VAL H 322 27.34 -57.54 -18.02
N VAL H 323 27.00 -56.87 -19.10
CA VAL H 323 26.49 -57.54 -20.30
C VAL H 323 27.65 -57.79 -21.25
N HIS H 324 27.82 -59.05 -21.62
CA HIS H 324 28.87 -59.46 -22.55
C HIS H 324 28.35 -59.35 -23.96
N HIS H 325 29.08 -58.65 -24.80
CA HIS H 325 28.68 -58.40 -26.17
C HIS H 325 29.54 -59.21 -27.12
N VAL H 326 28.91 -59.85 -28.09
CA VAL H 326 29.60 -60.43 -29.23
C VAL H 326 29.49 -59.44 -30.37
N VAL H 327 30.61 -58.85 -30.76
CA VAL H 327 30.64 -57.78 -31.75
C VAL H 327 30.96 -58.42 -33.11
N PRO H 328 30.43 -57.89 -34.22
CA PRO H 328 30.75 -58.38 -35.56
C PRO H 328 32.24 -58.24 -35.89
#